data_5NDF
#
_entry.id   5NDF
#
_cell.length_a   116.980
_cell.length_b   123.111
_cell.length_c   248.152
_cell.angle_alpha   90.00
_cell.angle_beta   90.00
_cell.angle_gamma   90.00
#
_symmetry.space_group_name_H-M   'P 21 21 21'
#
loop_
_entity.id
_entity.type
_entity.pdbx_description
1 polymer 'Polypeptide N-acetylgalactosaminyltransferase 2'
2 non-polymer 'MANGANESE (II) ION'
3 non-polymer "URIDINE-5'-DIPHOSPHATE"
4 non-polymer 1,2-ETHANEDIOL
5 non-polymer 2-(3,4-dihydroxyphenyl)-5,7-dihydroxy-4H-chromen-4-one
6 water water
#
_entity_poly.entity_id   1
_entity_poly.type   'polypeptide(L)'
_entity_poly.pdbx_seq_one_letter_code
;MRRRSRMLLCFAFLWVLGIAYYMYSGGGSALAGGAGGGAGRKEDWNEIDPIKKKDLHHSNGEEKAQSMETLPPGKVRWPD
FNQEAYVGGTMVRSGQDPYARNKFNQVESDKLRMDRAIPDTRHDQCQRKQWRVDLPATSVVITFHNEARSALLRTVVSVL
KKSPPHLIKEIILVDDYSNDPEDGALLGKIEKVRVLRNDRREGLMRSRVRGADAAQAKVLTFLDSHCECNEHWLEPLLER
VAEDRTRVVSPIIDVINMDNFQYVGASADLKGGFDWNLVFKWDYMTPEQRRSRQGNPVAPIKTPMIAGGLFVMDKFYFEE
LGKYDMMMDVWGGENLEISFRVWQCGGSLEIIPCSRVGHVFRKQHPYTFPGGSGTVFARNTRRAAEVWMDEYKNFYYAAV
PSARNVPYGNIQSRLELRKKLSCKPFKWYLENVYPELRVPDHQDIAFGALQQGTNCLDTLGHFADGVVGVYECHNAGGNQ
EWALTKEKSVKHMDLCLTVVDRAPGSLIKLQGCREDDSRQKWEQIEGNSKLRHVGSNLCLDSRTAKSGGLSVEVCGPALS
QQWKFTLNLQQ
;
_entity_poly.pdbx_strand_id   A,B,C,D,E,F
#
loop_
_chem_comp.id
_chem_comp.type
_chem_comp.name
_chem_comp.formula
EDO non-polymer 1,2-ETHANEDIOL 'C2 H6 O2'
LU2 non-polymer 2-(3,4-dihydroxyphenyl)-5,7-dihydroxy-4H-chromen-4-one 'C15 H10 O6'
MN non-polymer 'MANGANESE (II) ION' 'Mn 2'
UDP RNA linking URIDINE-5'-DIPHOSPHATE 'C9 H14 N2 O12 P2'
#
# COMPACT_ATOMS: atom_id res chain seq x y z
N LYS A 75 0.59 18.95 19.11
CA LYS A 75 0.01 17.87 18.24
C LYS A 75 0.46 16.48 18.74
N VAL A 76 -0.47 15.53 18.77
CA VAL A 76 -0.36 14.25 19.44
C VAL A 76 -0.26 13.10 18.41
N ARG A 77 0.68 12.17 18.60
CA ARG A 77 0.76 10.98 17.75
C ARG A 77 -0.46 10.13 18.01
N TRP A 78 -0.94 9.44 16.97
CA TRP A 78 -2.26 8.80 17.10
C TRP A 78 -2.35 7.81 18.25
N PRO A 79 -1.29 7.02 18.53
CA PRO A 79 -1.42 6.08 19.66
C PRO A 79 -1.59 6.71 21.04
N ASP A 80 -1.16 7.97 21.18
CA ASP A 80 -1.25 8.72 22.44
C ASP A 80 -2.59 9.45 22.54
N PHE A 81 -3.49 9.31 21.56
CA PHE A 81 -4.77 9.99 21.62
C PHE A 81 -5.72 9.21 22.54
N ASN A 82 -6.42 9.92 23.40
CA ASN A 82 -7.29 9.32 24.39
C ASN A 82 -8.65 9.05 23.80
N GLN A 83 -8.81 7.84 23.28
CA GLN A 83 -10.08 7.42 22.68
CA GLN A 83 -10.07 7.41 22.69
C GLN A 83 -11.24 7.49 23.67
N GLU A 84 -11.02 6.99 24.89
CA GLU A 84 -12.12 6.89 25.88
C GLU A 84 -12.67 8.29 26.19
N ALA A 85 -11.78 9.27 26.34
CA ALA A 85 -12.16 10.67 26.60
C ALA A 85 -12.90 11.32 25.43
N TYR A 86 -12.47 11.03 24.21
CA TYR A 86 -13.11 11.55 23.01
C TYR A 86 -14.53 10.94 22.81
N VAL A 87 -14.61 9.62 22.85
CA VAL A 87 -15.86 8.91 22.50
C VAL A 87 -16.86 9.01 23.65
N GLY A 88 -16.37 8.79 24.89
CA GLY A 88 -17.18 8.90 26.11
C GLY A 88 -17.76 10.30 26.23
N GLY A 89 -18.99 10.40 26.71
CA GLY A 89 -19.72 11.69 26.68
C GLY A 89 -20.78 11.70 25.60
N THR A 90 -20.44 11.23 24.39
CA THR A 90 -21.45 11.00 23.32
C THR A 90 -22.01 9.55 23.21
N MET A 91 -21.78 8.72 24.23
CA MET A 91 -22.22 7.28 24.19
C MET A 91 -23.75 7.12 24.24
N VAL A 92 -24.21 5.95 23.78
CA VAL A 92 -25.63 5.63 23.74
C VAL A 92 -26.13 5.48 25.17
N ARG A 93 -27.11 6.31 25.50
CA ARG A 93 -27.56 6.50 26.87
C ARG A 93 -28.31 5.24 27.33
N SER A 94 -28.04 4.82 28.56
CA SER A 94 -28.64 3.60 29.15
C SER A 94 -30.10 3.36 28.70
N GLY A 95 -30.33 2.26 27.98
CA GLY A 95 -31.66 1.86 27.50
C GLY A 95 -32.20 2.46 26.19
N GLN A 96 -31.48 3.40 25.55
CA GLN A 96 -31.93 4.04 24.28
C GLN A 96 -31.68 3.21 23.01
N ASP A 97 -32.25 3.64 21.88
CA ASP A 97 -32.09 2.95 20.59
C ASP A 97 -30.67 3.19 20.00
N PRO A 98 -29.88 2.10 19.85
CA PRO A 98 -28.50 2.30 19.39
C PRO A 98 -28.32 2.67 17.90
N TYR A 99 -29.39 2.61 17.11
CA TYR A 99 -29.43 2.94 15.69
C TYR A 99 -29.94 4.34 15.33
N ALA A 100 -30.61 5.05 16.22
CA ALA A 100 -31.37 6.26 15.82
C ALA A 100 -30.42 7.39 15.35
N ARG A 101 -29.32 7.54 16.05
CA ARG A 101 -28.37 8.61 15.81
C ARG A 101 -27.65 8.48 14.45
N ASN A 102 -27.15 7.29 14.13
CA ASN A 102 -26.34 7.05 12.92
C ASN A 102 -26.90 6.10 11.87
N LYS A 103 -28.03 5.43 12.15
CA LYS A 103 -28.57 4.35 11.32
C LYS A 103 -27.57 3.22 11.11
N PHE A 104 -26.66 3.09 12.09
CA PHE A 104 -25.87 1.91 12.31
C PHE A 104 -25.70 1.78 13.83
N ASN A 105 -25.21 0.63 14.28
CA ASN A 105 -25.21 0.31 15.70
C ASN A 105 -24.08 1.02 16.40
N GLN A 106 -24.39 2.13 17.06
CA GLN A 106 -23.37 2.89 17.78
C GLN A 106 -22.76 2.15 18.95
N VAL A 107 -23.50 1.24 19.58
CA VAL A 107 -22.94 0.52 20.74
C VAL A 107 -21.81 -0.37 20.27
N GLU A 108 -22.04 -1.07 19.18
CA GLU A 108 -21.00 -1.93 18.60
C GLU A 108 -19.81 -1.12 18.06
N SER A 109 -20.06 0.04 17.45
CA SER A 109 -18.95 0.91 17.02
C SER A 109 -18.14 1.40 18.21
N ASP A 110 -18.82 1.81 19.29
CA ASP A 110 -18.13 2.37 20.46
C ASP A 110 -17.28 1.35 21.26
N LYS A 111 -17.63 0.06 21.20
CA LYS A 111 -16.83 -1.00 21.84
C LYS A 111 -15.45 -1.22 21.22
N LEU A 112 -15.28 -0.79 19.98
CA LEU A 112 -14.04 -1.08 19.23
C LEU A 112 -12.89 -0.16 19.60
N ARG A 113 -11.71 -0.71 19.69
CA ARG A 113 -10.50 0.11 19.76
C ARG A 113 -10.30 0.92 18.46
N MET A 114 -9.72 2.10 18.64
CA MET A 114 -9.50 2.99 17.50
C MET A 114 -8.60 2.39 16.44
N ASP A 115 -7.68 1.51 16.85
CA ASP A 115 -6.81 0.80 15.92
C ASP A 115 -7.09 -0.69 15.91
N ARG A 116 -8.35 -1.10 16.09
CA ARG A 116 -8.67 -2.53 16.12
C ARG A 116 -8.15 -3.27 14.90
N ALA A 117 -7.78 -4.50 15.14
CA ALA A 117 -7.21 -5.37 14.12
C ALA A 117 -8.37 -5.79 13.23
N ILE A 118 -8.07 -5.91 11.94
CA ILE A 118 -9.05 -6.33 10.97
C ILE A 118 -8.39 -7.38 10.10
N PRO A 119 -9.18 -8.30 9.54
CA PRO A 119 -8.52 -9.28 8.68
C PRO A 119 -7.95 -8.67 7.40
N ASP A 120 -6.87 -9.28 6.93
CA ASP A 120 -6.25 -8.96 5.66
C ASP A 120 -7.04 -9.68 4.57
N THR A 121 -7.85 -8.91 3.82
CA THR A 121 -8.78 -9.46 2.84
C THR A 121 -8.20 -9.43 1.45
N ARG A 122 -6.94 -9.07 1.32
CA ARG A 122 -6.31 -8.97 0.01
C ARG A 122 -6.00 -10.33 -0.54
N HIS A 123 -6.04 -10.42 -1.86
CA HIS A 123 -5.56 -11.62 -2.58
C HIS A 123 -4.12 -11.93 -2.16
N ASP A 124 -3.78 -13.20 -2.19
CA ASP A 124 -2.44 -13.66 -1.81
C ASP A 124 -1.25 -12.98 -2.54
N GLN A 125 -1.37 -12.81 -3.84
CA GLN A 125 -0.40 -12.03 -4.64
C GLN A 125 -0.14 -10.60 -4.16
N CYS A 126 -1.15 -9.94 -3.59
CA CYS A 126 -0.94 -8.59 -3.06
C CYS A 126 0.00 -8.64 -1.89
N GLN A 127 -0.14 -9.67 -1.08
CA GLN A 127 0.56 -9.77 0.20
C GLN A 127 2.07 -9.89 0.03
N ARG A 128 2.53 -10.48 -1.07
CA ARG A 128 3.96 -10.67 -1.32
C ARG A 128 4.61 -9.57 -2.11
N LYS A 129 3.81 -8.87 -2.93
CA LYS A 129 4.26 -7.64 -3.57
C LYS A 129 4.89 -6.67 -2.56
N GLN A 130 6.02 -6.10 -2.95
CA GLN A 130 6.68 -5.02 -2.19
C GLN A 130 6.40 -3.74 -2.96
N TRP A 131 5.87 -2.72 -2.25
CA TRP A 131 5.25 -1.60 -2.91
C TRP A 131 6.23 -0.47 -3.08
N ARG A 132 6.19 0.19 -4.22
CA ARG A 132 6.88 1.44 -4.39
C ARG A 132 6.37 2.36 -3.30
N VAL A 133 7.27 3.18 -2.83
CA VAL A 133 7.07 4.20 -1.84
C VAL A 133 7.62 5.52 -2.40
N ASP A 134 8.26 5.51 -3.57
CA ASP A 134 8.69 6.76 -4.28
C ASP A 134 7.54 7.30 -5.13
N LEU A 135 6.51 7.73 -4.40
CA LEU A 135 5.19 8.04 -4.92
C LEU A 135 4.84 9.41 -4.41
N PRO A 136 3.97 10.10 -5.12
CA PRO A 136 3.54 11.38 -4.59
C PRO A 136 2.69 11.16 -3.36
N ALA A 137 2.85 12.06 -2.39
CA ALA A 137 2.05 12.10 -1.21
C ALA A 137 0.60 12.52 -1.52
N THR A 138 -0.33 12.17 -0.64
CA THR A 138 -1.74 12.54 -0.82
C THR A 138 -2.26 13.38 0.31
N SER A 139 -3.29 14.15 -0.01
CA SER A 139 -4.09 14.86 0.96
C SER A 139 -5.38 14.07 1.03
N VAL A 140 -5.67 13.55 2.22
CA VAL A 140 -6.83 12.77 2.45
C VAL A 140 -7.95 13.72 2.90
N VAL A 141 -9.07 13.71 2.18
CA VAL A 141 -10.20 14.54 2.53
C VAL A 141 -11.33 13.65 3.03
N ILE A 142 -11.79 13.95 4.23
CA ILE A 142 -12.87 13.23 4.86
C ILE A 142 -13.89 14.27 5.29
N THR A 143 -15.07 14.26 4.69
CA THR A 143 -16.12 15.15 5.10
C THR A 143 -17.06 14.38 5.99
N PHE A 144 -17.71 15.08 6.89
CA PHE A 144 -18.67 14.45 7.78
C PHE A 144 -19.72 15.41 8.33
N HIS A 145 -20.89 14.86 8.57
CA HIS A 145 -21.95 15.57 9.22
C HIS A 145 -22.55 14.66 10.28
N ASN A 146 -22.32 15.00 11.55
CA ASN A 146 -22.84 14.23 12.69
C ASN A 146 -22.45 12.76 12.62
N GLU A 147 -21.16 12.51 12.42
CA GLU A 147 -20.65 11.18 12.41
C GLU A 147 -20.51 10.75 13.86
N ALA A 148 -20.67 9.45 14.11
CA ALA A 148 -20.28 8.86 15.39
C ALA A 148 -18.80 9.04 15.62
N ARG A 149 -18.46 9.53 16.79
CA ARG A 149 -17.10 9.81 17.14
C ARG A 149 -16.20 8.62 17.00
N SER A 150 -16.66 7.47 17.44
CA SER A 150 -15.80 6.27 17.39
C SER A 150 -15.48 5.93 15.93
N ALA A 151 -16.44 6.08 15.03
CA ALA A 151 -16.24 5.73 13.63
C ALA A 151 -15.29 6.71 12.94
N LEU A 152 -15.44 7.98 13.29
CA LEU A 152 -14.66 9.05 12.69
C LEU A 152 -13.20 8.93 13.12
N LEU A 153 -12.99 8.75 14.42
CA LEU A 153 -11.64 8.50 14.94
C LEU A 153 -10.96 7.31 14.31
N ARG A 154 -11.72 6.23 14.21
CA ARG A 154 -11.20 4.97 13.67
C ARG A 154 -10.80 5.14 12.17
N THR A 155 -11.58 5.91 11.44
CA THR A 155 -11.23 6.23 10.07
C THR A 155 -9.87 6.95 10.03
N VAL A 156 -9.75 8.00 10.82
CA VAL A 156 -8.52 8.76 10.90
C VAL A 156 -7.35 7.90 11.30
N VAL A 157 -7.51 7.11 12.35
CA VAL A 157 -6.36 6.31 12.76
C VAL A 157 -6.03 5.21 11.75
N SER A 158 -7.04 4.63 11.08
CA SER A 158 -6.68 3.63 10.08
C SER A 158 -5.83 4.28 8.96
N VAL A 159 -6.11 5.53 8.60
CA VAL A 159 -5.27 6.20 7.60
C VAL A 159 -3.84 6.36 8.13
N LEU A 160 -3.72 6.85 9.36
CA LEU A 160 -2.41 7.12 9.90
C LEU A 160 -1.62 5.85 10.15
N LYS A 161 -2.28 4.82 10.65
CA LYS A 161 -1.59 3.60 11.00
C LYS A 161 -1.20 2.79 9.77
N LYS A 162 -2.03 2.77 8.72
CA LYS A 162 -1.82 1.84 7.63
C LYS A 162 -1.11 2.42 6.42
N SER A 163 -0.75 3.71 6.46
CA SER A 163 -0.16 4.38 5.31
C SER A 163 1.26 4.75 5.65
N PRO A 164 2.18 4.62 4.70
CA PRO A 164 3.56 5.15 4.96
C PRO A 164 3.50 6.62 5.32
N PRO A 165 4.09 7.02 6.44
CA PRO A 165 3.87 8.42 6.86
C PRO A 165 4.25 9.47 5.84
N HIS A 166 5.29 9.25 5.06
CA HIS A 166 5.73 10.28 4.08
C HIS A 166 4.74 10.48 2.92
N LEU A 167 3.83 9.52 2.72
CA LEU A 167 2.76 9.62 1.70
C LEU A 167 1.46 10.26 2.19
N ILE A 168 1.37 10.53 3.48
CA ILE A 168 0.26 11.28 4.02
C ILE A 168 0.74 12.69 4.32
N LYS A 169 0.42 13.61 3.42
CA LYS A 169 0.73 14.99 3.59
C LYS A 169 -0.06 15.59 4.75
N GLU A 170 -1.35 15.28 4.76
CA GLU A 170 -2.30 15.79 5.73
C GLU A 170 -3.60 15.00 5.60
N ILE A 171 -4.41 15.09 6.66
CA ILE A 171 -5.76 14.58 6.67
C ILE A 171 -6.62 15.81 6.92
N ILE A 172 -7.46 16.15 5.96
CA ILE A 172 -8.30 17.31 6.06
C ILE A 172 -9.69 16.80 6.39
N LEU A 173 -10.19 17.17 7.56
CA LEU A 173 -11.51 16.81 7.97
C LEU A 173 -12.41 17.99 7.69
N VAL A 174 -13.40 17.81 6.85
CA VAL A 174 -14.33 18.89 6.57
C VAL A 174 -15.60 18.66 7.38
N ASP A 175 -15.75 19.41 8.47
CA ASP A 175 -16.90 19.30 9.36
C ASP A 175 -18.03 20.03 8.71
N ASP A 176 -18.96 19.29 8.13
CA ASP A 176 -20.06 19.90 7.44
C ASP A 176 -21.20 20.23 8.39
N TYR A 177 -20.96 21.24 9.23
CA TYR A 177 -21.97 21.81 10.12
C TYR A 177 -22.59 20.76 11.02
N SER A 178 -21.74 19.97 11.68
CA SER A 178 -22.18 18.99 12.67
C SER A 178 -22.79 19.74 13.86
N ASN A 179 -23.75 19.15 14.57
CA ASN A 179 -24.38 19.81 15.72
C ASN A 179 -23.31 20.25 16.71
N ASP A 180 -22.36 19.37 17.01
CA ASP A 180 -21.30 19.67 17.95
C ASP A 180 -19.94 19.91 17.21
N PRO A 181 -19.44 21.15 17.18
CA PRO A 181 -18.14 21.40 16.55
C PRO A 181 -16.96 20.66 17.17
N GLU A 182 -17.11 20.17 18.39
CA GLU A 182 -16.04 19.43 19.05
C GLU A 182 -15.71 18.07 18.42
N ASP A 183 -16.68 17.43 17.74
CA ASP A 183 -16.45 16.12 17.09
C ASP A 183 -15.19 16.26 16.21
N GLY A 184 -15.18 17.31 15.40
CA GLY A 184 -14.01 17.60 14.59
C GLY A 184 -12.85 18.23 15.33
N ALA A 185 -13.11 19.33 16.05
CA ALA A 185 -12.05 20.11 16.67
C ALA A 185 -11.16 19.30 17.59
N LEU A 186 -11.73 18.36 18.36
CA LEU A 186 -10.90 17.55 19.25
C LEU A 186 -9.89 16.68 18.50
N LEU A 187 -10.26 16.23 17.27
CA LEU A 187 -9.36 15.47 16.43
C LEU A 187 -8.23 16.29 15.80
N GLY A 188 -8.39 17.60 15.78
CA GLY A 188 -7.33 18.51 15.33
C GLY A 188 -6.04 18.45 16.09
N LYS A 189 -6.06 17.86 17.29
CA LYS A 189 -4.84 17.68 18.06
C LYS A 189 -4.00 16.55 17.53
N ILE A 190 -4.58 15.65 16.73
CA ILE A 190 -3.85 14.50 16.20
C ILE A 190 -2.93 14.95 15.06
N GLU A 191 -1.72 14.39 15.05
CA GLU A 191 -0.73 14.60 14.02
C GLU A 191 -1.38 14.57 12.64
N LYS A 192 -1.03 15.55 11.82
CA LYS A 192 -1.43 15.64 10.43
C LYS A 192 -2.88 15.99 10.15
N VAL A 193 -3.72 16.09 11.18
CA VAL A 193 -5.12 16.37 11.02
C VAL A 193 -5.35 17.88 11.05
N ARG A 194 -6.05 18.37 10.02
CA ARG A 194 -6.48 19.75 9.92
C ARG A 194 -7.95 19.73 9.84
N VAL A 195 -8.63 20.57 10.61
CA VAL A 195 -10.09 20.59 10.50
C VAL A 195 -10.63 21.91 10.01
N LEU A 196 -11.58 21.79 9.09
CA LEU A 196 -12.22 22.89 8.44
C LEU A 196 -13.70 22.72 8.73
N ARG A 197 -14.32 23.71 9.35
CA ARG A 197 -15.73 23.66 9.69
C ARG A 197 -16.53 24.54 8.74
N ASN A 198 -17.56 23.99 8.11
CA ASN A 198 -18.49 24.75 7.32
C ASN A 198 -19.41 25.53 8.31
N ASP A 199 -19.60 26.83 8.04
CA ASP A 199 -20.44 27.73 8.81
C ASP A 199 -21.95 27.40 8.73
N ARG A 200 -22.31 26.71 7.66
CA ARG A 200 -23.66 26.23 7.45
C ARG A 200 -23.56 24.90 6.73
N ARG A 201 -24.66 24.16 6.68
CA ARG A 201 -24.73 22.90 5.98
C ARG A 201 -24.49 23.11 4.49
N GLU A 202 -23.52 22.38 3.93
CA GLU A 202 -23.15 22.46 2.51
C GLU A 202 -23.33 21.20 1.72
N GLY A 203 -23.39 20.05 2.40
CA GLY A 203 -23.46 18.77 1.70
C GLY A 203 -22.09 18.22 1.32
N LEU A 204 -22.09 16.96 0.86
CA LEU A 204 -20.83 16.27 0.62
C LEU A 204 -20.13 16.80 -0.60
N MET A 205 -20.88 17.24 -1.62
CA MET A 205 -20.21 17.69 -2.86
C MET A 205 -19.44 18.96 -2.62
N ARG A 206 -20.09 19.95 -2.03
CA ARG A 206 -19.43 21.23 -1.74
C ARG A 206 -18.37 21.06 -0.65
N SER A 207 -18.64 20.21 0.33
CA SER A 207 -17.64 19.91 1.36
C SER A 207 -16.36 19.30 0.77
N ARG A 208 -16.49 18.39 -0.18
CA ARG A 208 -15.34 17.75 -0.78
C ARG A 208 -14.53 18.75 -1.57
N VAL A 209 -15.20 19.65 -2.27
CA VAL A 209 -14.53 20.65 -3.06
C VAL A 209 -13.76 21.59 -2.14
N ARG A 210 -14.36 21.95 -1.02
CA ARG A 210 -13.66 22.77 -0.05
C ARG A 210 -12.37 22.08 0.42
N GLY A 211 -12.46 20.78 0.71
CA GLY A 211 -11.29 20.04 1.13
C GLY A 211 -10.26 19.96 0.02
N ALA A 212 -10.72 19.68 -1.20
CA ALA A 212 -9.82 19.61 -2.31
C ALA A 212 -9.10 20.95 -2.55
N ASP A 213 -9.83 22.05 -2.43
CA ASP A 213 -9.28 23.39 -2.61
C ASP A 213 -8.24 23.74 -1.52
N ALA A 214 -8.39 23.16 -0.34
CA ALA A 214 -7.41 23.34 0.74
C ALA A 214 -6.23 22.43 0.65
N ALA A 215 -6.30 21.41 -0.19
CA ALA A 215 -5.25 20.38 -0.21
C ALA A 215 -3.91 20.93 -0.72
N GLN A 216 -2.82 20.48 -0.11
CA GLN A 216 -1.48 20.90 -0.49
C GLN A 216 -0.76 19.89 -1.39
N ALA A 217 -1.17 18.62 -1.34
CA ALA A 217 -0.52 17.58 -2.09
C ALA A 217 -0.97 17.52 -3.53
N LYS A 218 -0.17 16.80 -4.33
CA LYS A 218 -0.44 16.54 -5.73
C LYS A 218 -1.67 15.63 -5.96
N VAL A 219 -1.95 14.76 -5.00
CA VAL A 219 -2.99 13.73 -5.17
C VAL A 219 -4.03 13.80 -4.04
N LEU A 220 -5.29 13.67 -4.43
CA LEU A 220 -6.40 13.70 -3.49
C LEU A 220 -6.86 12.30 -3.22
N THR A 221 -7.14 12.01 -1.96
CA THR A 221 -7.81 10.78 -1.57
C THR A 221 -9.09 11.19 -0.86
N PHE A 222 -10.24 10.70 -1.31
CA PHE A 222 -11.50 10.97 -0.61
C PHE A 222 -11.94 9.70 0.09
N LEU A 223 -12.28 9.82 1.37
CA LEU A 223 -12.82 8.73 2.15
C LEU A 223 -14.01 9.23 2.91
N ASP A 224 -14.99 8.33 3.13
CA ASP A 224 -16.08 8.62 4.03
C ASP A 224 -15.59 8.57 5.46
N SER A 225 -16.40 9.09 6.37
CA SER A 225 -16.03 9.20 7.79
C SER A 225 -16.32 7.95 8.64
N HIS A 226 -16.56 6.84 7.99
CA HIS A 226 -16.76 5.54 8.66
C HIS A 226 -16.12 4.47 7.79
N CYS A 227 -14.81 4.58 7.60
CA CYS A 227 -14.03 3.61 6.83
C CYS A 227 -12.87 3.08 7.67
N GLU A 228 -12.32 1.95 7.26
CA GLU A 228 -11.15 1.40 7.88
C GLU A 228 -10.22 0.88 6.81
N CYS A 229 -9.10 1.55 6.64
CA CYS A 229 -8.08 1.12 5.69
C CYS A 229 -7.42 -0.16 6.08
N ASN A 230 -7.15 -1.01 5.10
CA ASN A 230 -6.45 -2.29 5.30
C ASN A 230 -4.95 -2.17 4.95
N GLU A 231 -4.23 -3.27 5.07
CA GLU A 231 -2.78 -3.28 4.85
C GLU A 231 -2.42 -2.80 3.44
N HIS A 232 -1.42 -1.93 3.35
CA HIS A 232 -0.90 -1.42 2.07
C HIS A 232 -2.05 -1.02 1.10
N TRP A 233 -3.03 -0.31 1.64
CA TRP A 233 -4.16 0.18 0.85
C TRP A 233 -3.77 1.30 -0.08
N LEU A 234 -2.81 2.12 0.32
CA LEU A 234 -2.57 3.38 -0.36
C LEU A 234 -1.67 3.26 -1.57
N GLU A 235 -0.58 2.52 -1.42
CA GLU A 235 0.46 2.44 -2.47
C GLU A 235 -0.10 1.98 -3.82
N PRO A 236 -0.95 0.91 -3.83
CA PRO A 236 -1.48 0.49 -5.11
C PRO A 236 -2.30 1.56 -5.80
N LEU A 237 -2.94 2.43 -5.05
CA LEU A 237 -3.76 3.48 -5.64
C LEU A 237 -2.87 4.58 -6.19
N LEU A 238 -1.90 5.02 -5.38
CA LEU A 238 -1.02 6.10 -5.81
C LEU A 238 -0.16 5.73 -7.00
N GLU A 239 0.32 4.49 -7.02
CA GLU A 239 1.05 3.92 -8.16
C GLU A 239 0.29 4.19 -9.46
N ARG A 240 -1.04 3.99 -9.47
CA ARG A 240 -1.80 4.14 -10.70
C ARG A 240 -1.82 5.57 -11.18
N VAL A 241 -2.08 6.51 -10.27
CA VAL A 241 -2.25 7.89 -10.69
C VAL A 241 -0.90 8.58 -10.94
N ALA A 242 0.13 8.12 -10.27
CA ALA A 242 1.48 8.60 -10.53
C ALA A 242 1.92 8.22 -11.94
N GLU A 243 1.59 7.01 -12.39
CA GLU A 243 1.88 6.55 -13.74
C GLU A 243 1.03 7.23 -14.86
N ASP A 244 -0.23 7.56 -14.57
CA ASP A 244 -1.11 8.23 -15.54
C ASP A 244 -2.15 9.02 -14.75
N ARG A 245 -1.98 10.34 -14.76
CA ARG A 245 -2.81 11.27 -14.02
C ARG A 245 -4.29 11.30 -14.41
N THR A 246 -4.68 10.67 -15.50
CA THR A 246 -6.08 10.67 -15.94
C THR A 246 -6.86 9.49 -15.34
N ARG A 247 -6.18 8.62 -14.60
CA ARG A 247 -6.86 7.54 -13.92
C ARG A 247 -7.42 7.99 -12.57
N VAL A 248 -8.69 7.72 -12.37
CA VAL A 248 -9.36 7.91 -11.10
C VAL A 248 -9.60 6.50 -10.55
N VAL A 249 -9.07 6.22 -9.36
CA VAL A 249 -8.97 4.87 -8.89
C VAL A 249 -9.59 4.68 -7.51
N SER A 250 -10.09 3.48 -7.30
CA SER A 250 -10.84 3.09 -6.10
CA SER A 250 -10.84 3.09 -6.11
C SER A 250 -10.31 1.81 -5.53
N PRO A 251 -10.38 1.67 -4.22
CA PRO A 251 -10.15 0.34 -3.66
C PRO A 251 -11.36 -0.55 -3.86
N ILE A 252 -11.14 -1.85 -3.63
CA ILE A 252 -12.22 -2.74 -3.31
C ILE A 252 -12.75 -2.31 -1.98
N ILE A 253 -14.07 -2.13 -1.91
CA ILE A 253 -14.66 -1.62 -0.71
C ILE A 253 -15.21 -2.78 0.10
N ASP A 254 -14.51 -3.13 1.18
CA ASP A 254 -14.96 -4.16 2.10
C ASP A 254 -16.14 -3.64 2.91
N VAL A 255 -16.88 -4.55 3.52
CA VAL A 255 -18.08 -4.23 4.27
C VAL A 255 -17.79 -4.25 5.76
N ILE A 256 -18.12 -3.15 6.42
CA ILE A 256 -18.16 -3.12 7.86
C ILE A 256 -19.64 -3.21 8.21
N ASN A 257 -20.03 -4.31 8.82
CA ASN A 257 -21.46 -4.61 9.03
C ASN A 257 -22.11 -3.56 9.94
N MET A 258 -23.17 -2.95 9.48
CA MET A 258 -23.88 -1.92 10.26
C MET A 258 -24.50 -2.36 11.59
N ASP A 259 -24.71 -3.68 11.78
CA ASP A 259 -25.30 -4.17 13.02
C ASP A 259 -24.23 -4.59 14.02
N ASN A 260 -23.24 -5.36 13.58
CA ASN A 260 -22.21 -5.94 14.49
C ASN A 260 -20.77 -5.40 14.30
N PHE A 261 -20.55 -4.57 13.28
CA PHE A 261 -19.22 -3.96 12.98
C PHE A 261 -18.10 -4.94 12.68
N GLN A 262 -18.47 -6.13 12.24
CA GLN A 262 -17.48 -7.04 11.71
C GLN A 262 -17.02 -6.54 10.37
N TYR A 263 -15.74 -6.75 10.10
CA TYR A 263 -15.11 -6.36 8.86
C TYR A 263 -15.11 -7.59 7.98
N VAL A 264 -15.77 -7.48 6.83
CA VAL A 264 -16.04 -8.57 5.93
C VAL A 264 -15.45 -8.30 4.55
N GLY A 265 -14.68 -9.25 4.04
CA GLY A 265 -14.05 -9.11 2.73
C GLY A 265 -15.08 -9.14 1.63
N ALA A 266 -15.01 -8.19 0.74
CA ALA A 266 -15.93 -8.13 -0.41
C ALA A 266 -15.42 -9.02 -1.53
N SER A 267 -16.29 -9.25 -2.50
CA SER A 267 -15.86 -9.86 -3.74
C SER A 267 -14.95 -8.93 -4.52
N ALA A 268 -13.92 -9.49 -5.15
CA ALA A 268 -13.04 -8.81 -6.10
C ALA A 268 -13.50 -8.94 -7.54
N ASP A 269 -14.60 -9.65 -7.79
CA ASP A 269 -15.09 -9.89 -9.15
C ASP A 269 -16.21 -8.94 -9.55
N LEU A 270 -16.27 -7.75 -8.94
CA LEU A 270 -17.32 -6.80 -9.25
C LEU A 270 -16.80 -5.59 -10.02
N LYS A 271 -17.70 -4.97 -10.77
CA LYS A 271 -17.54 -3.69 -11.41
C LYS A 271 -18.76 -2.90 -10.95
N GLY A 272 -18.64 -1.59 -10.99
CA GLY A 272 -19.76 -0.72 -10.73
C GLY A 272 -20.60 -0.57 -11.99
N GLY A 273 -21.85 -0.20 -11.80
CA GLY A 273 -22.75 0.04 -12.92
C GLY A 273 -24.05 0.63 -12.45
N PHE A 274 -25.08 0.51 -13.28
CA PHE A 274 -26.39 1.13 -12.96
C PHE A 274 -27.43 0.64 -13.95
N ASP A 275 -28.69 0.70 -13.52
CA ASP A 275 -29.81 0.48 -14.41
C ASP A 275 -30.31 1.82 -14.85
N TRP A 276 -31.31 1.82 -15.74
CA TRP A 276 -31.80 3.05 -16.32
C TRP A 276 -32.42 4.01 -15.30
N ASN A 277 -32.79 3.52 -14.13
CA ASN A 277 -33.16 4.39 -13.03
C ASN A 277 -32.01 5.18 -12.42
N LEU A 278 -30.79 4.96 -12.94
CA LEU A 278 -29.58 5.67 -12.52
C LEU A 278 -29.23 5.51 -11.06
N VAL A 279 -29.55 4.34 -10.52
CA VAL A 279 -29.20 3.97 -9.16
C VAL A 279 -27.98 3.05 -9.27
N PHE A 280 -26.91 3.43 -8.58
CA PHE A 280 -25.67 2.66 -8.58
C PHE A 280 -25.94 1.20 -8.16
N LYS A 281 -25.31 0.26 -8.85
CA LYS A 281 -25.35 -1.14 -8.45
C LYS A 281 -24.06 -1.85 -8.81
N TRP A 282 -23.79 -2.94 -8.09
CA TRP A 282 -22.64 -3.77 -8.37
C TRP A 282 -23.05 -4.88 -9.31
N ASP A 283 -22.26 -5.09 -10.36
CA ASP A 283 -22.44 -6.15 -11.35
C ASP A 283 -21.28 -7.13 -11.13
N TYR A 284 -21.53 -8.42 -11.29
CA TYR A 284 -20.45 -9.37 -11.45
C TYR A 284 -19.87 -9.14 -12.84
N MET A 285 -18.56 -9.29 -12.97
CA MET A 285 -17.93 -9.43 -14.27
C MET A 285 -18.55 -10.59 -15.01
N THR A 286 -18.49 -10.52 -16.34
CA THR A 286 -18.93 -11.63 -17.19
C THR A 286 -17.97 -12.81 -17.05
N PRO A 287 -18.45 -14.02 -17.35
CA PRO A 287 -17.50 -15.15 -17.37
C PRO A 287 -16.28 -14.90 -18.27
N GLU A 288 -16.45 -14.21 -19.41
CA GLU A 288 -15.31 -13.95 -20.30
C GLU A 288 -14.33 -12.91 -19.72
N GLN A 289 -14.87 -11.90 -19.02
CA GLN A 289 -13.99 -10.95 -18.27
C GLN A 289 -13.17 -11.69 -17.22
N ARG A 290 -13.82 -12.56 -16.44
CA ARG A 290 -13.14 -13.34 -15.41
C ARG A 290 -12.04 -14.25 -15.98
N ARG A 291 -12.33 -14.95 -17.09
CA ARG A 291 -11.32 -15.82 -17.71
C ARG A 291 -10.10 -15.03 -18.20
N SER A 292 -10.34 -13.85 -18.79
CA SER A 292 -9.25 -13.00 -19.32
C SER A 292 -8.33 -12.46 -18.21
N ARG A 293 -8.78 -12.53 -16.97
CA ARG A 293 -8.00 -12.10 -15.83
C ARG A 293 -7.28 -13.23 -15.10
N GLN A 294 -7.55 -14.50 -15.45
CA GLN A 294 -6.90 -15.66 -14.77
C GLN A 294 -5.37 -15.55 -14.73
N GLY A 295 -4.76 -14.94 -15.74
CA GLY A 295 -3.31 -14.71 -15.80
C GLY A 295 -2.73 -13.58 -14.93
N ASN A 296 -3.54 -12.59 -14.55
CA ASN A 296 -3.17 -11.63 -13.47
C ASN A 296 -4.40 -11.20 -12.68
N PRO A 297 -4.79 -12.00 -11.64
CA PRO A 297 -6.08 -11.71 -10.98
C PRO A 297 -6.15 -10.45 -10.14
N VAL A 298 -5.02 -9.75 -9.94
CA VAL A 298 -5.03 -8.50 -9.20
C VAL A 298 -4.73 -7.30 -10.08
N ALA A 299 -4.96 -7.45 -11.37
CA ALA A 299 -4.77 -6.33 -12.29
C ALA A 299 -5.91 -5.33 -12.04
N PRO A 300 -5.69 -4.07 -12.39
CA PRO A 300 -6.76 -3.11 -12.36
C PRO A 300 -7.98 -3.61 -13.11
N ILE A 301 -9.16 -3.19 -12.63
CA ILE A 301 -10.42 -3.48 -13.23
C ILE A 301 -11.02 -2.16 -13.67
N LYS A 302 -11.21 -1.98 -14.97
CA LYS A 302 -11.89 -0.80 -15.48
C LYS A 302 -13.36 -0.88 -15.14
N THR A 303 -13.90 0.22 -14.65
CA THR A 303 -15.28 0.22 -14.17
C THR A 303 -16.06 1.37 -14.76
N PRO A 304 -17.30 1.13 -15.22
CA PRO A 304 -18.10 2.23 -15.78
C PRO A 304 -18.46 3.27 -14.78
N MET A 305 -18.47 2.88 -13.53
CA MET A 305 -18.89 3.77 -12.50
C MET A 305 -18.23 3.43 -11.17
N ILE A 306 -17.87 4.45 -10.41
CA ILE A 306 -17.33 4.23 -9.07
C ILE A 306 -18.43 4.40 -8.09
N ALA A 307 -18.29 3.73 -6.94
CA ALA A 307 -19.22 3.91 -5.80
C ALA A 307 -19.31 5.35 -5.41
N GLY A 308 -18.15 6.00 -5.28
CA GLY A 308 -18.06 7.47 -5.22
C GLY A 308 -17.51 8.01 -3.92
N GLY A 309 -17.66 7.25 -2.84
CA GLY A 309 -17.14 7.65 -1.57
C GLY A 309 -15.62 7.55 -1.47
N LEU A 310 -15.03 6.52 -2.06
CA LEU A 310 -13.66 6.22 -1.79
C LEU A 310 -12.93 6.23 -3.09
N PHE A 311 -12.14 7.28 -3.34
CA PHE A 311 -11.31 7.28 -4.54
C PHE A 311 -10.12 8.20 -4.44
N VAL A 312 -9.22 8.00 -5.38
CA VAL A 312 -7.99 8.73 -5.43
C VAL A 312 -7.91 9.34 -6.82
N MET A 313 -7.53 10.59 -6.88
CA MET A 313 -7.50 11.33 -8.13
C MET A 313 -6.41 12.38 -8.06
N ASP A 314 -5.64 12.54 -9.14
CA ASP A 314 -4.68 13.63 -9.25
C ASP A 314 -5.39 14.95 -9.01
N LYS A 315 -4.82 15.81 -8.14
CA LYS A 315 -5.54 17.02 -7.72
C LYS A 315 -5.78 17.98 -8.87
N PHE A 316 -4.77 18.10 -9.74
CA PHE A 316 -4.89 19.05 -10.85
C PHE A 316 -5.88 18.49 -11.86
N TYR A 317 -5.86 17.18 -12.08
CA TYR A 317 -6.86 16.55 -12.93
C TYR A 317 -8.26 16.80 -12.40
N PHE A 318 -8.45 16.64 -11.09
CA PHE A 318 -9.74 16.94 -10.48
C PHE A 318 -10.18 18.38 -10.77
N GLU A 319 -9.26 19.33 -10.63
CA GLU A 319 -9.53 20.76 -10.90
C GLU A 319 -9.86 21.02 -12.38
N GLU A 320 -9.03 20.49 -13.24
CA GLU A 320 -9.16 20.65 -14.68
C GLU A 320 -10.42 20.02 -15.26
N LEU A 321 -10.86 18.88 -14.71
CA LEU A 321 -12.13 18.28 -15.14
C LEU A 321 -13.38 18.94 -14.58
N GLY A 322 -13.26 19.92 -13.69
CA GLY A 322 -14.45 20.64 -13.18
C GLY A 322 -14.88 20.20 -11.79
N LYS A 323 -13.96 19.65 -11.00
CA LYS A 323 -14.22 19.38 -9.58
C LYS A 323 -15.48 18.53 -9.43
N TYR A 324 -16.48 19.01 -8.68
CA TYR A 324 -17.86 18.50 -8.75
C TYR A 324 -18.78 19.63 -9.16
N ASP A 325 -19.98 19.25 -9.60
CA ASP A 325 -21.06 20.19 -9.86
C ASP A 325 -21.48 20.80 -8.54
N MET A 326 -21.14 22.07 -8.35
CA MET A 326 -21.35 22.78 -7.07
C MET A 326 -22.81 23.00 -6.66
N MET A 327 -23.74 22.76 -7.59
CA MET A 327 -25.18 22.90 -7.29
C MET A 327 -25.85 21.58 -6.80
N MET A 328 -25.11 20.48 -6.76
CA MET A 328 -25.65 19.27 -6.14
C MET A 328 -25.70 19.41 -4.63
N ASP A 329 -26.77 18.89 -4.01
CA ASP A 329 -27.05 19.11 -2.61
C ASP A 329 -27.02 17.83 -1.79
N VAL A 330 -26.60 18.01 -0.53
CA VAL A 330 -26.41 16.97 0.48
C VAL A 330 -25.80 15.60 0.08
N TRP A 331 -26.49 14.83 -0.77
CA TRP A 331 -26.08 13.45 -1.10
C TRP A 331 -26.73 12.95 -2.41
N GLY A 332 -26.00 12.09 -3.11
CA GLY A 332 -26.55 11.30 -4.20
C GLY A 332 -26.24 11.92 -5.54
N GLY A 333 -25.88 11.08 -6.51
CA GLY A 333 -25.78 11.47 -7.90
C GLY A 333 -24.45 12.01 -8.38
N GLU A 334 -23.61 12.45 -7.44
CA GLU A 334 -22.30 13.04 -7.80
C GLU A 334 -21.36 11.98 -8.37
N ASN A 335 -21.52 10.74 -7.89
CA ASN A 335 -20.82 9.58 -8.42
C ASN A 335 -21.16 9.27 -9.88
N LEU A 336 -22.43 9.44 -10.26
CA LEU A 336 -22.87 9.36 -11.66
C LEU A 336 -22.11 10.35 -12.48
N GLU A 337 -22.20 11.59 -12.02
CA GLU A 337 -21.75 12.74 -12.77
C GLU A 337 -20.24 12.67 -13.01
N ILE A 338 -19.47 12.43 -11.94
CA ILE A 338 -18.03 12.34 -12.10
C ILE A 338 -17.62 11.14 -12.95
N SER A 339 -18.33 10.04 -12.84
CA SER A 339 -18.02 8.86 -13.62
C SER A 339 -18.23 9.08 -15.11
N PHE A 340 -19.37 9.64 -15.48
CA PHE A 340 -19.63 9.96 -16.87
C PHE A 340 -18.61 10.96 -17.40
N ARG A 341 -18.37 12.01 -16.61
CA ARG A 341 -17.47 13.06 -16.99
C ARG A 341 -16.07 12.53 -17.20
N VAL A 342 -15.57 11.74 -16.27
CA VAL A 342 -14.20 11.23 -16.43
C VAL A 342 -14.07 10.41 -17.70
N TRP A 343 -15.03 9.50 -17.92
CA TRP A 343 -14.92 8.60 -19.07
C TRP A 343 -15.10 9.34 -20.40
N GLN A 344 -16.14 10.15 -20.47
CA GLN A 344 -16.47 10.86 -21.71
C GLN A 344 -15.38 11.89 -22.07
N CYS A 345 -14.74 12.46 -21.07
CA CYS A 345 -13.76 13.52 -21.29
C CYS A 345 -12.31 13.05 -21.30
N GLY A 346 -12.05 11.76 -21.45
CA GLY A 346 -10.70 11.28 -21.76
C GLY A 346 -9.99 10.47 -20.69
N GLY A 347 -10.54 10.43 -19.48
CA GLY A 347 -9.93 9.69 -18.39
C GLY A 347 -10.41 8.25 -18.31
N SER A 348 -10.09 7.61 -17.18
CA SER A 348 -10.61 6.26 -16.88
C SER A 348 -10.86 6.09 -15.38
N LEU A 349 -11.60 5.04 -15.07
CA LEU A 349 -12.04 4.71 -13.71
C LEU A 349 -11.58 3.32 -13.46
N GLU A 350 -10.96 3.07 -12.31
CA GLU A 350 -10.46 1.73 -11.99
C GLU A 350 -10.81 1.33 -10.55
N ILE A 351 -10.89 0.02 -10.35
CA ILE A 351 -10.94 -0.61 -9.06
C ILE A 351 -9.64 -1.40 -8.96
N ILE A 352 -8.95 -1.25 -7.84
CA ILE A 352 -7.59 -1.77 -7.66
C ILE A 352 -7.64 -2.85 -6.58
N PRO A 353 -7.61 -4.13 -6.98
CA PRO A 353 -7.90 -5.16 -6.02
C PRO A 353 -6.95 -5.25 -4.83
N CYS A 354 -5.71 -4.81 -4.99
CA CYS A 354 -4.76 -4.86 -3.90
C CYS A 354 -5.02 -3.82 -2.83
N SER A 355 -5.86 -2.82 -3.14
CA SER A 355 -6.26 -1.82 -2.20
C SER A 355 -7.61 -2.21 -1.58
N ARG A 356 -7.61 -2.34 -0.26
CA ARG A 356 -8.81 -2.74 0.47
C ARG A 356 -9.12 -1.72 1.55
N VAL A 357 -10.34 -1.20 1.55
CA VAL A 357 -10.82 -0.31 2.58
C VAL A 357 -12.25 -0.70 2.96
N GLY A 358 -12.50 -0.87 4.25
CA GLY A 358 -13.83 -1.17 4.76
C GLY A 358 -14.69 0.08 4.85
N HIS A 359 -15.98 -0.07 4.65
CA HIS A 359 -16.94 1.03 4.72
C HIS A 359 -18.22 0.50 5.43
N VAL A 360 -18.78 1.31 6.31
CA VAL A 360 -20.05 0.97 6.96
C VAL A 360 -21.18 1.25 5.97
N PHE A 361 -21.63 0.25 5.28
CA PHE A 361 -22.82 0.41 4.42
C PHE A 361 -24.07 0.49 5.28
N ARG A 362 -24.94 1.43 4.97
CA ARG A 362 -26.22 1.51 5.68
C ARG A 362 -27.40 1.62 4.72
N LYS A 363 -28.58 1.31 5.22
CA LYS A 363 -29.81 1.27 4.41
C LYS A 363 -30.55 2.60 4.39
N GLN A 364 -30.39 3.39 5.47
CA GLN A 364 -31.03 4.73 5.58
C GLN A 364 -30.01 5.82 5.94
N HIS A 365 -30.34 7.05 5.54
CA HIS A 365 -29.55 8.23 5.93
C HIS A 365 -29.93 8.70 7.35
N PRO A 366 -28.94 8.98 8.23
CA PRO A 366 -29.27 9.54 9.56
C PRO A 366 -29.50 11.06 9.61
N TYR A 367 -29.29 11.79 8.50
CA TYR A 367 -29.25 13.25 8.50
C TYR A 367 -30.38 13.90 7.66
N THR A 368 -30.56 15.20 7.84
CA THR A 368 -31.61 15.97 7.19
C THR A 368 -31.33 16.20 5.70
N PHE A 369 -32.41 16.27 4.92
CA PHE A 369 -32.38 16.75 3.54
C PHE A 369 -33.34 17.94 3.44
N PRO A 370 -32.83 19.18 3.22
CA PRO A 370 -33.69 20.27 2.77
C PRO A 370 -34.56 19.93 1.53
N GLY A 371 -35.82 19.55 1.79
CA GLY A 371 -36.79 19.19 0.73
C GLY A 371 -37.08 17.71 0.53
N GLY A 372 -36.63 16.84 1.44
CA GLY A 372 -36.79 15.38 1.32
C GLY A 372 -35.71 14.71 0.47
N SER A 373 -35.28 13.51 0.85
CA SER A 373 -34.20 12.79 0.15
C SER A 373 -34.57 12.27 -1.25
N GLY A 374 -35.84 11.86 -1.44
CA GLY A 374 -36.34 11.51 -2.76
C GLY A 374 -36.12 12.62 -3.77
N THR A 375 -36.44 13.85 -3.37
CA THR A 375 -36.35 15.03 -4.24
C THR A 375 -34.91 15.47 -4.51
N VAL A 376 -34.06 15.49 -3.47
CA VAL A 376 -32.65 15.90 -3.63
C VAL A 376 -31.90 14.92 -4.55
N PHE A 377 -32.07 13.61 -4.32
CA PHE A 377 -31.48 12.56 -5.18
C PHE A 377 -31.91 12.75 -6.64
N ALA A 378 -33.20 13.03 -6.85
CA ALA A 378 -33.71 13.21 -8.22
C ALA A 378 -33.13 14.46 -8.91
N ARG A 379 -33.05 15.56 -8.18
CA ARG A 379 -32.46 16.81 -8.68
C ARG A 379 -31.01 16.60 -9.10
N ASN A 380 -30.20 16.03 -8.20
CA ASN A 380 -28.79 15.77 -8.48
C ASN A 380 -28.65 14.87 -9.69
N THR A 381 -29.45 13.80 -9.71
CA THR A 381 -29.43 12.83 -10.82
C THR A 381 -29.82 13.48 -12.14
N ARG A 382 -30.87 14.31 -12.14
CA ARG A 382 -31.25 15.04 -13.34
C ARG A 382 -30.14 15.93 -13.84
N ARG A 383 -29.47 16.63 -12.94
CA ARG A 383 -28.35 17.50 -13.34
C ARG A 383 -27.27 16.67 -14.04
N ALA A 384 -27.03 15.46 -13.56
CA ALA A 384 -26.12 14.54 -14.25
C ALA A 384 -26.66 14.15 -15.62
N ALA A 385 -27.91 13.73 -15.65
CA ALA A 385 -28.50 13.22 -16.90
C ALA A 385 -28.61 14.25 -18.00
N GLU A 386 -29.05 15.45 -17.64
CA GLU A 386 -29.25 16.52 -18.63
C GLU A 386 -27.93 16.99 -19.25
N VAL A 387 -26.86 16.90 -18.48
CA VAL A 387 -25.55 17.35 -18.96
C VAL A 387 -24.86 16.30 -19.79
N TRP A 388 -24.92 15.04 -19.36
CA TRP A 388 -24.01 14.00 -19.87
C TRP A 388 -24.64 12.96 -20.81
N MET A 389 -25.94 12.71 -20.64
CA MET A 389 -26.56 11.52 -21.23
C MET A 389 -27.13 11.71 -22.63
N ASP A 390 -27.11 12.95 -23.16
CA ASP A 390 -27.72 13.25 -24.46
C ASP A 390 -29.17 12.74 -24.46
N GLU A 391 -29.60 12.03 -25.50
CA GLU A 391 -31.00 11.57 -25.63
C GLU A 391 -31.30 10.39 -24.71
N TYR A 392 -30.24 9.70 -24.26
CA TYR A 392 -30.39 8.54 -23.42
C TYR A 392 -30.96 8.92 -22.07
N LYS A 393 -30.98 10.21 -21.74
CA LYS A 393 -31.73 10.69 -20.57
C LYS A 393 -33.21 10.24 -20.58
N ASN A 394 -33.78 10.10 -21.75
CA ASN A 394 -35.19 9.70 -21.88
C ASN A 394 -35.46 8.29 -21.35
N PHE A 395 -34.45 7.42 -21.41
CA PHE A 395 -34.57 6.09 -20.78
C PHE A 395 -34.59 6.21 -19.27
N TYR A 396 -33.85 7.16 -18.69
CA TYR A 396 -33.96 7.45 -17.24
C TYR A 396 -35.37 7.91 -16.89
N TYR A 397 -35.88 8.86 -17.68
CA TYR A 397 -37.24 9.39 -17.49
C TYR A 397 -38.33 8.32 -17.74
N ALA A 398 -38.10 7.43 -18.70
CA ALA A 398 -38.96 6.24 -18.87
C ALA A 398 -38.99 5.30 -17.65
N ALA A 399 -37.88 5.19 -16.92
CA ALA A 399 -37.84 4.38 -15.69
C ALA A 399 -38.34 5.11 -14.47
N VAL A 400 -38.16 6.42 -14.45
CA VAL A 400 -38.59 7.24 -13.28
C VAL A 400 -39.36 8.44 -13.83
N PRO A 401 -40.63 8.24 -14.25
CA PRO A 401 -41.36 9.37 -14.85
C PRO A 401 -41.58 10.51 -13.84
N SER A 402 -41.68 10.20 -12.54
CA SER A 402 -41.78 11.24 -11.50
C SER A 402 -40.66 12.30 -11.55
N ALA A 403 -39.50 11.91 -12.04
CA ALA A 403 -38.36 12.81 -12.19
C ALA A 403 -38.54 13.95 -13.19
N ARG A 404 -39.38 13.80 -14.22
CA ARG A 404 -39.59 14.92 -15.18
C ARG A 404 -40.14 16.21 -14.53
N ASN A 405 -40.77 16.07 -13.36
CA ASN A 405 -41.36 17.19 -12.60
C ASN A 405 -40.48 17.79 -11.51
N VAL A 406 -39.29 17.24 -11.27
CA VAL A 406 -38.40 17.77 -10.23
C VAL A 406 -37.53 18.86 -10.88
N PRO A 407 -37.65 20.12 -10.39
CA PRO A 407 -36.84 21.17 -11.03
C PRO A 407 -35.37 21.00 -10.64
N TYR A 408 -34.49 21.30 -11.59
CA TYR A 408 -33.07 21.03 -11.38
C TYR A 408 -32.11 22.20 -11.38
N GLY A 409 -32.57 23.40 -11.76
CA GLY A 409 -31.73 24.60 -11.73
C GLY A 409 -30.94 24.79 -13.03
N ASN A 410 -30.10 25.81 -12.99
CA ASN A 410 -29.28 26.18 -14.15
C ASN A 410 -28.12 25.19 -14.28
N ILE A 411 -27.85 24.74 -15.51
CA ILE A 411 -26.78 23.78 -15.78
C ILE A 411 -25.79 24.30 -16.81
N GLN A 412 -25.79 25.60 -17.03
CA GLN A 412 -25.08 26.18 -18.15
C GLN A 412 -23.57 26.04 -18.01
N SER A 413 -23.05 26.31 -16.79
CA SER A 413 -21.59 26.18 -16.53
C SER A 413 -21.09 24.76 -16.81
N ARG A 414 -21.90 23.77 -16.43
CA ARG A 414 -21.61 22.35 -16.68
C ARG A 414 -21.63 22.02 -18.16
N LEU A 415 -22.65 22.49 -18.87
CA LEU A 415 -22.71 22.30 -20.32
C LEU A 415 -21.50 22.89 -21.06
N GLU A 416 -21.07 24.08 -20.66
CA GLU A 416 -19.89 24.72 -21.28
C GLU A 416 -18.59 24.02 -20.91
N LEU A 417 -18.55 23.52 -19.67
CA LEU A 417 -17.45 22.64 -19.24
C LEU A 417 -17.34 21.45 -20.15
N ARG A 418 -18.46 20.81 -20.45
CA ARG A 418 -18.45 19.73 -21.44
C ARG A 418 -17.87 20.14 -22.80
N LYS A 419 -18.26 21.32 -23.28
CA LYS A 419 -17.81 21.84 -24.58
C LYS A 419 -16.33 22.12 -24.52
N LYS A 420 -15.91 22.90 -23.52
CA LYS A 420 -14.49 23.22 -23.28
C LYS A 420 -13.57 21.98 -23.31
N LEU A 421 -14.02 20.86 -22.75
CA LEU A 421 -13.22 19.63 -22.63
C LEU A 421 -13.26 18.67 -23.83
N SER A 422 -14.10 18.92 -24.83
CA SER A 422 -14.18 18.03 -26.01
C SER A 422 -14.61 16.61 -25.67
N CYS A 423 -15.64 16.53 -24.85
CA CYS A 423 -16.09 15.24 -24.33
C CYS A 423 -16.87 14.48 -25.40
N LYS A 424 -16.73 13.16 -25.38
CA LYS A 424 -17.41 12.27 -26.33
C LYS A 424 -18.88 12.11 -25.96
N PRO A 425 -19.73 11.70 -26.92
CA PRO A 425 -21.17 11.60 -26.61
C PRO A 425 -21.50 10.38 -25.74
N PHE A 426 -22.66 10.41 -25.09
CA PHE A 426 -23.06 9.31 -24.22
C PHE A 426 -23.15 7.99 -24.96
N LYS A 427 -23.50 8.03 -26.23
CA LYS A 427 -23.46 6.85 -27.09
C LYS A 427 -22.09 6.19 -27.08
N TRP A 428 -21.03 7.00 -27.16
CA TRP A 428 -19.67 6.44 -27.09
C TRP A 428 -19.44 5.71 -25.76
N TYR A 429 -19.93 6.30 -24.66
CA TYR A 429 -19.79 5.74 -23.32
C TYR A 429 -20.43 4.36 -23.27
N LEU A 430 -21.64 4.27 -23.81
CA LEU A 430 -22.35 3.00 -23.82
C LEU A 430 -21.66 1.96 -24.64
N GLU A 431 -21.08 2.32 -25.79
CA GLU A 431 -20.44 1.30 -26.65
C GLU A 431 -19.10 0.85 -26.12
N ASN A 432 -18.34 1.76 -25.56
CA ASN A 432 -16.93 1.50 -25.21
C ASN A 432 -16.64 1.25 -23.73
N VAL A 433 -17.46 1.82 -22.85
CA VAL A 433 -17.27 1.73 -21.40
C VAL A 433 -18.25 0.79 -20.76
N TYR A 434 -19.54 0.96 -21.06
CA TYR A 434 -20.59 0.14 -20.44
C TYR A 434 -21.48 -0.61 -21.45
N PRO A 435 -20.88 -1.45 -22.31
CA PRO A 435 -21.68 -2.15 -23.34
C PRO A 435 -22.66 -3.19 -22.80
N GLU A 436 -22.46 -3.65 -21.58
CA GLU A 436 -23.34 -4.66 -20.99
C GLU A 436 -24.61 -4.06 -20.38
N LEU A 437 -24.76 -2.73 -20.43
CA LEU A 437 -26.01 -2.09 -20.07
C LEU A 437 -26.94 -2.24 -21.27
N ARG A 438 -28.05 -2.95 -21.08
CA ARG A 438 -28.94 -3.27 -22.19
C ARG A 438 -29.76 -2.03 -22.53
N VAL A 439 -29.66 -1.65 -23.79
CA VAL A 439 -30.19 -0.38 -24.27
C VAL A 439 -31.42 -0.68 -25.16
N PRO A 440 -32.57 -0.04 -24.88
CA PRO A 440 -33.72 -0.26 -25.78
C PRO A 440 -33.45 0.18 -27.21
N ASP A 441 -34.08 -0.51 -28.15
CA ASP A 441 -34.19 -0.04 -29.51
C ASP A 441 -34.97 1.29 -29.47
N HIS A 442 -34.47 2.29 -30.20
CA HIS A 442 -35.11 3.62 -30.30
C HIS A 442 -36.65 3.60 -30.49
N GLN A 443 -37.18 2.60 -31.19
CA GLN A 443 -38.64 2.48 -31.45
C GLN A 443 -39.42 1.54 -30.52
N ASP A 444 -38.76 0.92 -29.53
CA ASP A 444 -39.45 0.06 -28.58
C ASP A 444 -40.49 0.90 -27.82
N ILE A 445 -41.63 0.30 -27.55
CA ILE A 445 -42.70 0.94 -26.82
C ILE A 445 -42.45 0.85 -25.32
N ALA A 446 -42.07 -0.35 -24.88
CA ALA A 446 -41.78 -0.61 -23.47
C ALA A 446 -40.60 -1.56 -23.38
N PHE A 447 -40.03 -1.71 -22.19
CA PHE A 447 -38.73 -2.38 -22.04
C PHE A 447 -38.44 -2.75 -20.62
N GLY A 448 -37.65 -3.81 -20.46
CA GLY A 448 -37.12 -4.20 -19.16
C GLY A 448 -37.69 -5.49 -18.69
N ALA A 449 -38.07 -5.53 -17.43
CA ALA A 449 -38.75 -6.66 -16.84
C ALA A 449 -40.23 -6.40 -16.99
N LEU A 450 -41.03 -7.46 -17.01
CA LEU A 450 -42.48 -7.34 -17.05
C LEU A 450 -42.95 -7.87 -15.71
N GLN A 451 -43.40 -6.96 -14.85
CA GLN A 451 -43.58 -7.24 -13.41
C GLN A 451 -45.02 -7.46 -13.06
N GLN A 452 -45.25 -8.40 -12.15
CA GLN A 452 -46.53 -8.64 -11.53
C GLN A 452 -46.22 -8.87 -10.06
N GLY A 453 -46.59 -7.90 -9.21
CA GLY A 453 -46.23 -7.92 -7.80
C GLY A 453 -44.71 -7.90 -7.70
N THR A 454 -44.15 -8.89 -7.00
CA THR A 454 -42.71 -9.06 -6.92
C THR A 454 -42.21 -10.13 -7.90
N ASN A 455 -43.12 -10.65 -8.74
CA ASN A 455 -42.76 -11.62 -9.78
C ASN A 455 -42.51 -10.95 -11.12
N CYS A 456 -41.73 -11.63 -11.96
CA CYS A 456 -41.30 -11.15 -13.29
C CYS A 456 -41.54 -12.23 -14.36
N LEU A 457 -42.06 -11.83 -15.51
CA LEU A 457 -42.15 -12.71 -16.70
C LEU A 457 -40.78 -13.35 -16.95
N ASP A 458 -40.76 -14.67 -17.09
CA ASP A 458 -39.52 -15.41 -17.18
C ASP A 458 -39.63 -16.52 -18.25
N THR A 459 -38.63 -16.62 -19.10
CA THR A 459 -38.59 -17.69 -20.09
C THR A 459 -38.44 -19.07 -19.48
N LEU A 460 -37.98 -19.14 -18.22
CA LEU A 460 -37.70 -20.42 -17.56
C LEU A 460 -36.60 -21.21 -18.29
N GLY A 461 -35.69 -20.52 -18.97
CA GLY A 461 -34.67 -21.14 -19.81
C GLY A 461 -35.18 -21.84 -21.06
N HIS A 462 -36.45 -21.61 -21.42
CA HIS A 462 -37.08 -22.30 -22.53
C HIS A 462 -36.68 -21.65 -23.85
N PHE A 463 -36.93 -22.38 -24.92
CA PHE A 463 -36.60 -21.94 -26.30
C PHE A 463 -37.87 -22.00 -27.12
N ALA A 464 -37.74 -21.97 -28.45
CA ALA A 464 -38.93 -21.99 -29.29
C ALA A 464 -39.78 -23.22 -29.01
N ASP A 465 -41.11 -23.01 -29.06
CA ASP A 465 -42.12 -24.00 -28.71
C ASP A 465 -42.23 -24.28 -27.20
N GLY A 466 -41.57 -23.50 -26.39
CA GLY A 466 -41.60 -23.66 -24.93
C GLY A 466 -42.60 -22.70 -24.30
N VAL A 467 -43.07 -23.10 -23.12
CA VAL A 467 -43.89 -22.26 -22.29
C VAL A 467 -43.10 -21.22 -21.56
N VAL A 468 -43.82 -20.28 -20.99
CA VAL A 468 -43.23 -19.15 -20.31
C VAL A 468 -43.86 -19.12 -18.92
N GLY A 469 -43.21 -18.44 -17.98
CA GLY A 469 -43.69 -18.41 -16.60
C GLY A 469 -43.28 -17.14 -15.84
N VAL A 470 -43.21 -17.30 -14.53
CA VAL A 470 -42.71 -16.24 -13.63
C VAL A 470 -41.77 -16.82 -12.58
N TYR A 471 -40.82 -15.99 -12.16
CA TYR A 471 -40.02 -16.19 -10.95
C TYR A 471 -39.94 -14.82 -10.30
N GLU A 472 -39.47 -14.79 -9.05
CA GLU A 472 -39.21 -13.53 -8.34
C GLU A 472 -38.24 -12.65 -9.14
N CYS A 473 -38.53 -11.35 -9.25
CA CYS A 473 -37.68 -10.41 -9.97
C CYS A 473 -36.32 -10.31 -9.35
N HIS A 474 -35.27 -10.51 -10.13
CA HIS A 474 -33.91 -10.42 -9.64
C HIS A 474 -33.15 -9.17 -10.17
N ASN A 475 -33.77 -8.35 -11.04
CA ASN A 475 -33.15 -7.12 -11.58
C ASN A 475 -31.76 -7.31 -12.22
N ALA A 476 -31.52 -8.53 -12.73
CA ALA A 476 -30.25 -8.96 -13.27
C ALA A 476 -30.35 -9.34 -14.77
N GLY A 477 -31.45 -8.94 -15.43
CA GLY A 477 -31.65 -9.23 -16.86
C GLY A 477 -31.91 -10.70 -17.16
N GLY A 478 -31.13 -11.27 -18.09
CA GLY A 478 -31.15 -12.72 -18.37
C GLY A 478 -32.53 -13.08 -18.91
N ASN A 479 -33.12 -14.11 -18.31
CA ASN A 479 -34.43 -14.61 -18.70
C ASN A 479 -35.63 -13.74 -18.34
N GLN A 480 -35.40 -12.60 -17.68
CA GLN A 480 -36.45 -11.63 -17.37
C GLN A 480 -36.33 -10.36 -18.19
N GLU A 481 -35.49 -10.37 -19.21
CA GLU A 481 -35.36 -9.25 -20.15
C GLU A 481 -36.40 -9.36 -21.28
N TRP A 482 -37.22 -8.32 -21.42
CA TRP A 482 -38.22 -8.28 -22.47
C TRP A 482 -38.29 -6.92 -23.05
N ALA A 483 -38.97 -6.83 -24.18
CA ALA A 483 -39.32 -5.56 -24.80
C ALA A 483 -40.71 -5.69 -25.40
N LEU A 484 -41.42 -4.57 -25.49
CA LEU A 484 -42.61 -4.45 -26.31
C LEU A 484 -42.16 -3.62 -27.51
N THR A 485 -42.20 -4.22 -28.69
CA THR A 485 -41.56 -3.64 -29.86
C THR A 485 -42.49 -2.70 -30.64
N LYS A 486 -41.91 -1.96 -31.61
CA LYS A 486 -42.66 -1.20 -32.63
C LYS A 486 -43.71 -2.09 -33.31
N GLU A 487 -43.37 -3.37 -33.52
CA GLU A 487 -44.27 -4.35 -34.14
C GLU A 487 -45.31 -4.95 -33.17
N LYS A 488 -45.39 -4.45 -31.94
CA LYS A 488 -46.41 -4.87 -30.93
C LYS A 488 -46.14 -6.28 -30.36
N SER A 489 -44.92 -6.80 -30.47
CA SER A 489 -44.57 -8.11 -29.94
C SER A 489 -43.84 -7.99 -28.60
N VAL A 490 -43.98 -9.01 -27.76
CA VAL A 490 -43.30 -9.05 -26.49
C VAL A 490 -42.15 -10.01 -26.68
N LYS A 491 -40.95 -9.48 -26.92
CA LYS A 491 -39.80 -10.31 -27.27
C LYS A 491 -38.71 -10.44 -26.21
N HIS A 492 -38.11 -11.61 -26.19
CA HIS A 492 -36.86 -11.89 -25.50
C HIS A 492 -35.94 -12.45 -26.58
N MET A 493 -34.80 -11.82 -26.79
CA MET A 493 -33.85 -12.21 -27.86
C MET A 493 -34.62 -12.10 -29.20
N ASP A 494 -34.79 -13.20 -29.92
CA ASP A 494 -35.55 -13.25 -31.16
C ASP A 494 -36.78 -14.17 -31.01
N LEU A 495 -37.21 -14.40 -29.77
CA LEU A 495 -38.41 -15.17 -29.48
C LEU A 495 -39.50 -14.22 -28.94
N CYS A 496 -40.75 -14.55 -29.27
CA CYS A 496 -41.87 -13.67 -29.05
C CYS A 496 -43.00 -14.47 -28.42
N LEU A 497 -43.73 -13.82 -27.51
CA LEU A 497 -44.86 -14.48 -26.87
C LEU A 497 -45.91 -14.66 -27.94
N THR A 498 -46.36 -15.91 -28.09
CA THR A 498 -47.22 -16.29 -29.20
C THR A 498 -48.48 -16.96 -28.72
N VAL A 499 -49.62 -16.41 -29.17
CA VAL A 499 -50.93 -17.00 -28.85
C VAL A 499 -51.20 -18.11 -29.88
N VAL A 500 -50.90 -19.32 -29.46
CA VAL A 500 -51.02 -20.51 -30.28
C VAL A 500 -52.46 -20.96 -30.40
N ASP A 501 -53.27 -20.65 -29.39
CA ASP A 501 -54.64 -21.15 -29.29
C ASP A 501 -55.40 -20.11 -28.48
N ARG A 502 -56.54 -19.67 -28.99
CA ARG A 502 -57.30 -18.56 -28.39
C ARG A 502 -58.32 -19.02 -27.35
N ALA A 503 -58.53 -20.32 -27.22
CA ALA A 503 -59.43 -20.84 -26.20
C ALA A 503 -58.89 -20.37 -24.82
N PRO A 504 -59.76 -19.74 -24.01
CA PRO A 504 -59.33 -19.32 -22.69
C PRO A 504 -58.67 -20.45 -21.91
N GLY A 505 -57.60 -20.12 -21.19
CA GLY A 505 -56.83 -21.09 -20.44
C GLY A 505 -55.70 -21.74 -21.24
N SER A 506 -55.60 -21.45 -22.53
CA SER A 506 -54.55 -22.04 -23.35
C SER A 506 -53.20 -21.42 -23.03
N LEU A 507 -52.19 -22.27 -22.96
CA LEU A 507 -50.84 -21.82 -22.69
C LEU A 507 -50.30 -21.02 -23.86
N ILE A 508 -49.56 -19.96 -23.57
CA ILE A 508 -48.85 -19.26 -24.62
C ILE A 508 -47.47 -19.88 -24.81
N LYS A 509 -46.86 -19.62 -25.95
CA LYS A 509 -45.61 -20.24 -26.34
C LYS A 509 -44.64 -19.22 -26.90
N LEU A 510 -43.38 -19.51 -26.66
CA LEU A 510 -42.27 -18.81 -27.27
C LEU A 510 -42.13 -19.33 -28.72
N GLN A 511 -42.10 -18.43 -29.70
CA GLN A 511 -41.75 -18.77 -31.06
C GLN A 511 -40.95 -17.64 -31.70
N GLY A 512 -40.21 -17.99 -32.75
CA GLY A 512 -39.40 -17.02 -33.49
C GLY A 512 -40.25 -15.85 -33.90
N CYS A 513 -39.75 -14.64 -33.69
CA CYS A 513 -40.51 -13.43 -34.02
C CYS A 513 -40.68 -13.27 -35.52
N ARG A 514 -41.90 -12.90 -35.93
CA ARG A 514 -42.23 -12.53 -37.33
C ARG A 514 -43.14 -11.31 -37.27
N GLU A 515 -42.80 -10.26 -38.03
CA GLU A 515 -43.62 -9.02 -38.09
C GLU A 515 -45.06 -9.31 -38.56
N ASP A 516 -45.25 -10.25 -39.48
CA ASP A 516 -46.58 -10.58 -40.04
C ASP A 516 -47.53 -11.43 -39.15
N ASP A 517 -47.00 -12.07 -38.12
CA ASP A 517 -47.77 -13.05 -37.32
C ASP A 517 -48.72 -12.36 -36.32
N SER A 518 -50.00 -12.32 -36.65
CA SER A 518 -51.00 -11.66 -35.80
C SER A 518 -51.07 -12.31 -34.40
N ARG A 519 -50.68 -13.57 -34.29
CA ARG A 519 -50.70 -14.28 -33.01
C ARG A 519 -49.66 -13.77 -31.99
N GLN A 520 -48.76 -12.89 -32.44
CA GLN A 520 -47.70 -12.34 -31.62
C GLN A 520 -47.92 -10.87 -31.24
N LYS A 521 -49.12 -10.33 -31.49
CA LYS A 521 -49.42 -8.90 -31.23
C LYS A 521 -50.09 -8.69 -29.88
N TRP A 522 -49.55 -7.74 -29.14
CA TRP A 522 -49.98 -7.42 -27.80
C TRP A 522 -50.04 -5.91 -27.63
N GLU A 523 -50.88 -5.46 -26.72
CA GLU A 523 -51.02 -4.04 -26.45
C GLU A 523 -51.26 -3.84 -24.97
N GLN A 524 -50.71 -2.75 -24.45
CA GLN A 524 -50.92 -2.36 -23.07
C GLN A 524 -52.30 -1.69 -22.96
N ILE A 525 -53.00 -1.97 -21.87
CA ILE A 525 -54.31 -1.36 -21.63
C ILE A 525 -54.45 -0.99 -20.16
N GLU A 526 -55.53 -0.26 -19.85
CA GLU A 526 -55.89 0.13 -18.49
C GLU A 526 -54.72 0.82 -17.81
N GLY A 527 -54.21 1.86 -18.47
CA GLY A 527 -53.08 2.66 -17.96
C GLY A 527 -51.79 1.88 -17.80
N ASN A 528 -51.42 1.16 -18.87
CA ASN A 528 -50.21 0.32 -18.91
C ASN A 528 -50.07 -0.66 -17.73
N SER A 529 -51.21 -1.26 -17.33
CA SER A 529 -51.26 -2.21 -16.20
C SER A 529 -51.57 -3.66 -16.60
N LYS A 530 -51.94 -3.90 -17.86
CA LYS A 530 -52.26 -5.23 -18.37
C LYS A 530 -51.76 -5.38 -19.81
N LEU A 531 -51.81 -6.62 -20.32
CA LEU A 531 -51.45 -6.91 -21.71
C LEU A 531 -52.52 -7.72 -22.38
N ARG A 532 -53.09 -7.15 -23.41
CA ARG A 532 -54.17 -7.78 -24.14
C ARG A 532 -53.63 -8.22 -25.49
N HIS A 533 -54.07 -9.41 -25.92
CA HIS A 533 -53.78 -9.88 -27.26
C HIS A 533 -54.62 -9.06 -28.27
N VAL A 534 -53.93 -8.38 -29.19
CA VAL A 534 -54.58 -7.46 -30.13
C VAL A 534 -55.62 -8.17 -30.99
N GLY A 535 -56.79 -7.53 -31.12
CA GLY A 535 -57.91 -8.07 -31.87
C GLY A 535 -58.61 -9.19 -31.15
N SER A 536 -58.57 -9.20 -29.83
CA SER A 536 -59.23 -10.23 -29.04
C SER A 536 -59.66 -9.61 -27.72
N ASN A 537 -60.37 -10.38 -26.90
CA ASN A 537 -60.60 -9.98 -25.51
C ASN A 537 -59.86 -10.93 -24.56
N LEU A 538 -58.65 -11.32 -24.97
CA LEU A 538 -57.79 -12.17 -24.18
C LEU A 538 -56.63 -11.37 -23.59
N CYS A 539 -56.30 -11.67 -22.34
CA CYS A 539 -55.25 -10.96 -21.59
C CYS A 539 -54.23 -11.96 -21.06
N LEU A 540 -52.98 -11.53 -20.97
CA LEU A 540 -51.94 -12.35 -20.40
C LEU A 540 -52.25 -12.64 -18.93
N ASP A 541 -52.16 -13.90 -18.52
CA ASP A 541 -52.60 -14.32 -17.20
C ASP A 541 -51.69 -15.35 -16.53
N SER A 542 -51.44 -15.21 -15.24
CA SER A 542 -50.52 -16.08 -14.47
C SER A 542 -51.21 -17.14 -13.62
N ARG A 543 -52.54 -17.22 -13.66
CA ARG A 543 -53.22 -18.16 -12.74
C ARG A 543 -52.85 -19.63 -13.00
N THR A 544 -52.45 -19.94 -14.24
CA THR A 544 -52.03 -21.25 -14.69
C THR A 544 -50.50 -21.47 -14.64
N ALA A 545 -49.73 -20.47 -14.11
CA ALA A 545 -48.30 -20.57 -13.98
C ALA A 545 -47.79 -21.85 -13.23
N LYS A 546 -48.54 -22.32 -12.25
CA LYS A 546 -48.20 -23.47 -11.47
C LYS A 546 -48.89 -24.75 -12.00
N SER A 547 -49.59 -24.66 -13.13
CA SER A 547 -50.17 -25.80 -13.81
C SER A 547 -49.85 -25.79 -15.34
N GLY A 548 -48.65 -25.34 -15.72
CA GLY A 548 -48.23 -25.37 -17.08
C GLY A 548 -47.50 -24.16 -17.64
N GLY A 549 -47.85 -22.97 -17.15
CA GLY A 549 -47.26 -21.72 -17.63
C GLY A 549 -48.25 -20.61 -17.87
N LEU A 550 -47.79 -19.46 -18.36
CA LEU A 550 -48.67 -18.35 -18.58
C LEU A 550 -49.66 -18.68 -19.68
N SER A 551 -50.83 -18.07 -19.54
CA SER A 551 -51.92 -18.39 -20.39
C SER A 551 -52.62 -17.13 -20.87
N VAL A 552 -53.54 -17.36 -21.77
CA VAL A 552 -54.37 -16.33 -22.29
C VAL A 552 -55.74 -16.63 -21.60
N GLU A 553 -56.36 -15.60 -21.05
CA GLU A 553 -57.66 -15.69 -20.37
C GLU A 553 -58.52 -14.51 -20.76
N VAL A 554 -59.83 -14.63 -20.56
CA VAL A 554 -60.71 -13.52 -20.87
C VAL A 554 -60.37 -12.34 -19.94
N CYS A 555 -60.25 -11.14 -20.52
CA CYS A 555 -59.80 -9.95 -19.78
C CYS A 555 -60.83 -9.64 -18.69
N GLY A 556 -60.33 -9.53 -17.48
CA GLY A 556 -61.15 -9.29 -16.33
C GLY A 556 -60.35 -8.75 -15.15
N PRO A 557 -61.05 -8.36 -14.07
CA PRO A 557 -60.40 -7.67 -12.94
C PRO A 557 -59.38 -8.43 -12.06
N ALA A 558 -58.89 -9.59 -12.46
CA ALA A 558 -58.00 -10.38 -11.59
C ALA A 558 -56.55 -9.81 -11.48
N LEU A 559 -55.93 -10.04 -10.32
CA LEU A 559 -54.54 -9.71 -10.03
C LEU A 559 -53.54 -10.43 -10.94
N SER A 560 -53.90 -11.65 -11.30
CA SER A 560 -53.12 -12.49 -12.20
C SER A 560 -52.98 -11.94 -13.65
N GLN A 561 -53.74 -10.89 -14.01
CA GLN A 561 -53.61 -10.21 -15.30
C GLN A 561 -52.93 -8.84 -15.24
N GLN A 562 -52.34 -8.49 -14.09
CA GLN A 562 -51.59 -7.23 -13.93
C GLN A 562 -50.13 -7.45 -14.34
N TRP A 563 -49.67 -6.62 -15.27
CA TRP A 563 -48.31 -6.66 -15.79
C TRP A 563 -47.87 -5.25 -16.16
N LYS A 564 -46.69 -4.86 -15.68
CA LYS A 564 -46.12 -3.54 -15.95
C LYS A 564 -44.65 -3.68 -16.37
N PHE A 565 -44.30 -3.04 -17.46
CA PHE A 565 -42.90 -2.94 -17.88
C PHE A 565 -42.18 -1.92 -16.99
N THR A 566 -40.91 -2.17 -16.67
CA THR A 566 -40.12 -1.21 -15.86
C THR A 566 -39.83 0.10 -16.61
N LEU A 567 -39.69 0.05 -17.95
CA LEU A 567 -39.61 1.31 -18.74
C LEU A 567 -40.76 1.39 -19.74
N ASN A 568 -41.46 2.54 -19.73
CA ASN A 568 -42.48 2.82 -20.74
C ASN A 568 -42.10 4.11 -21.43
N LEU A 569 -41.93 4.06 -22.75
CA LEU A 569 -41.49 5.24 -23.50
C LEU A 569 -42.62 6.24 -23.74
N LYS B 75 -39.46 -45.95 -62.23
CA LYS B 75 -39.30 -44.93 -61.13
C LYS B 75 -40.29 -43.76 -61.34
N VAL B 76 -40.91 -43.31 -60.26
CA VAL B 76 -42.08 -42.43 -60.24
C VAL B 76 -41.70 -41.06 -59.69
N ARG B 77 -42.16 -39.98 -60.33
CA ARG B 77 -41.93 -38.61 -59.81
C ARG B 77 -42.72 -38.49 -58.50
N TRP B 78 -42.22 -37.73 -57.54
CA TRP B 78 -42.84 -37.74 -56.22
C TRP B 78 -44.32 -37.34 -56.25
N PRO B 79 -44.72 -36.36 -57.06
CA PRO B 79 -46.15 -36.02 -57.06
C PRO B 79 -47.09 -37.13 -57.60
N ASP B 80 -46.57 -38.07 -58.38
CA ASP B 80 -47.36 -39.24 -58.82
C ASP B 80 -47.35 -40.40 -57.84
N PHE B 81 -46.71 -40.25 -56.70
CA PHE B 81 -46.68 -41.32 -55.69
C PHE B 81 -47.99 -41.28 -54.92
N ASN B 82 -48.56 -42.45 -54.69
CA ASN B 82 -49.84 -42.56 -54.00
C ASN B 82 -49.67 -42.53 -52.50
N GLN B 83 -49.75 -41.35 -51.93
CA GLN B 83 -49.60 -41.14 -50.49
C GLN B 83 -50.67 -41.93 -49.72
N GLU B 84 -51.94 -41.84 -50.16
CA GLU B 84 -53.04 -42.46 -49.41
C GLU B 84 -52.83 -43.99 -49.30
N ALA B 85 -52.40 -44.61 -50.40
CA ALA B 85 -52.11 -46.05 -50.42
C ALA B 85 -50.91 -46.46 -49.57
N TYR B 86 -49.88 -45.62 -49.56
CA TYR B 86 -48.69 -45.88 -48.74
C TYR B 86 -49.00 -45.74 -47.25
N VAL B 87 -49.60 -44.61 -46.84
CA VAL B 87 -49.81 -44.32 -45.43
C VAL B 87 -50.95 -45.14 -44.87
N GLY B 88 -52.07 -45.23 -45.62
CA GLY B 88 -53.23 -46.05 -45.26
C GLY B 88 -52.83 -47.51 -45.13
N GLY B 89 -53.42 -48.21 -44.17
CA GLY B 89 -52.97 -49.57 -43.84
C GLY B 89 -52.15 -49.61 -42.55
N THR B 90 -51.21 -48.66 -42.39
CA THR B 90 -50.51 -48.44 -41.10
C THR B 90 -51.14 -47.36 -40.17
N MET B 91 -52.36 -46.90 -40.47
CA MET B 91 -53.02 -45.81 -39.70
C MET B 91 -53.38 -46.23 -38.26
N VAL B 92 -53.58 -45.23 -37.40
CA VAL B 92 -53.92 -45.43 -36.00
C VAL B 92 -55.33 -46.00 -35.95
N ARG B 93 -55.42 -47.20 -35.37
CA ARG B 93 -56.63 -48.01 -35.41
C ARG B 93 -57.69 -47.35 -34.51
N SER B 94 -58.93 -47.32 -35.00
CA SER B 94 -60.05 -46.67 -34.29
C SER B 94 -59.98 -46.87 -32.75
N GLY B 95 -59.84 -45.77 -32.01
CA GLY B 95 -59.79 -45.78 -30.54
C GLY B 95 -58.46 -46.08 -29.83
N GLN B 96 -57.37 -46.39 -30.57
CA GLN B 96 -56.03 -46.65 -29.98
C GLN B 96 -55.24 -45.37 -29.62
N ASP B 97 -54.12 -45.57 -28.89
CA ASP B 97 -53.25 -44.48 -28.47
C ASP B 97 -52.41 -43.92 -29.63
N PRO B 98 -52.62 -42.65 -30.01
CA PRO B 98 -51.89 -42.14 -31.19
C PRO B 98 -50.38 -41.85 -30.98
N TYR B 99 -49.89 -41.95 -29.75
CA TYR B 99 -48.48 -41.75 -29.39
C TYR B 99 -47.64 -43.02 -29.19
N ALA B 100 -48.24 -44.18 -29.05
CA ALA B 100 -47.49 -45.38 -28.58
C ALA B 100 -46.44 -45.83 -29.59
N ARG B 101 -46.82 -45.78 -30.88
CA ARG B 101 -45.97 -46.31 -31.94
C ARG B 101 -44.69 -45.46 -32.15
N ASN B 102 -44.84 -44.13 -32.18
CA ASN B 102 -43.73 -43.22 -32.50
C ASN B 102 -43.30 -42.24 -31.40
N LYS B 103 -44.02 -42.17 -30.29
CA LYS B 103 -43.84 -41.11 -29.27
C LYS B 103 -43.98 -39.71 -29.84
N PHE B 104 -44.75 -39.63 -30.91
CA PHE B 104 -45.34 -38.38 -31.41
C PHE B 104 -46.71 -38.72 -31.97
N ASN B 105 -47.52 -37.71 -32.23
CA ASN B 105 -48.91 -37.92 -32.56
C ASN B 105 -49.06 -38.36 -34.00
N GLN B 106 -49.24 -39.67 -34.19
CA GLN B 106 -49.39 -40.22 -35.54
C GLN B 106 -50.64 -39.75 -36.26
N VAL B 107 -51.72 -39.45 -35.54
CA VAL B 107 -52.96 -39.01 -36.21
C VAL B 107 -52.71 -37.66 -36.86
N GLU B 108 -52.06 -36.76 -36.15
CA GLU B 108 -51.75 -35.45 -36.69
C GLU B 108 -50.73 -35.53 -37.85
N SER B 109 -49.73 -36.42 -37.73
CA SER B 109 -48.79 -36.63 -38.84
C SER B 109 -49.51 -37.18 -40.07
N ASP B 110 -50.40 -38.15 -39.89
CA ASP B 110 -51.10 -38.79 -41.02
C ASP B 110 -52.10 -37.88 -41.76
N LYS B 111 -52.65 -36.87 -41.09
CA LYS B 111 -53.56 -35.89 -41.73
C LYS B 111 -52.86 -35.00 -42.76
N LEU B 112 -51.54 -34.87 -42.65
CA LEU B 112 -50.79 -33.94 -43.48
C LEU B 112 -50.52 -34.48 -44.88
N ARG B 113 -50.61 -33.59 -45.85
CA ARG B 113 -50.12 -33.88 -47.18
C ARG B 113 -48.60 -34.07 -47.19
N MET B 114 -48.14 -34.94 -48.07
CA MET B 114 -46.73 -35.24 -48.18
C MET B 114 -45.89 -34.01 -48.50
N ASP B 115 -46.47 -33.05 -49.22
CA ASP B 115 -45.81 -31.78 -49.54
C ASP B 115 -46.48 -30.58 -48.87
N ARG B 116 -47.01 -30.76 -47.65
CA ARG B 116 -47.69 -29.64 -46.98
C ARG B 116 -46.82 -28.39 -46.90
N ALA B 117 -47.50 -27.26 -47.00
CA ALA B 117 -46.84 -25.96 -46.97
C ALA B 117 -46.42 -25.71 -45.53
N ILE B 118 -45.27 -25.07 -45.38
CA ILE B 118 -44.77 -24.69 -44.07
C ILE B 118 -44.31 -23.25 -44.14
N PRO B 119 -44.34 -22.53 -43.02
CA PRO B 119 -43.86 -21.16 -43.12
C PRO B 119 -42.37 -21.03 -43.40
N ASP B 120 -42.01 -19.98 -44.09
CA ASP B 120 -40.63 -19.56 -44.31
C ASP B 120 -40.11 -18.86 -43.06
N THR B 121 -39.28 -19.57 -42.31
CA THR B 121 -38.78 -19.09 -41.02
C THR B 121 -37.43 -18.41 -41.12
N ARG B 122 -36.96 -18.21 -42.34
CA ARG B 122 -35.65 -17.62 -42.54
C ARG B 122 -35.66 -16.15 -42.29
N HIS B 123 -34.54 -15.63 -41.83
CA HIS B 123 -34.27 -14.20 -41.81
C HIS B 123 -34.50 -13.57 -43.19
N ASP B 124 -34.94 -12.33 -43.18
CA ASP B 124 -35.27 -11.60 -44.40
C ASP B 124 -34.12 -11.51 -45.44
N GLN B 125 -32.91 -11.25 -44.98
CA GLN B 125 -31.71 -11.30 -45.82
C GLN B 125 -31.48 -12.61 -46.58
N CYS B 126 -31.89 -13.75 -46.01
CA CYS B 126 -31.74 -15.02 -46.67
C CYS B 126 -32.59 -15.07 -47.90
N GLN B 127 -33.78 -14.47 -47.84
CA GLN B 127 -34.72 -14.55 -48.94
C GLN B 127 -34.24 -13.94 -50.27
N ARG B 128 -33.38 -12.97 -50.20
CA ARG B 128 -32.85 -12.29 -51.43
C ARG B 128 -31.54 -12.88 -51.96
N LYS B 129 -30.77 -13.42 -51.04
CA LYS B 129 -29.51 -14.09 -51.35
C LYS B 129 -29.62 -15.11 -52.51
N GLN B 130 -28.73 -15.04 -53.47
CA GLN B 130 -28.82 -15.83 -54.71
C GLN B 130 -27.67 -16.79 -54.76
N TRP B 131 -27.89 -18.03 -55.11
CA TRP B 131 -26.88 -19.11 -54.82
C TRP B 131 -26.16 -19.41 -56.10
N ARG B 132 -24.85 -19.53 -56.06
CA ARG B 132 -24.12 -20.11 -57.19
C ARG B 132 -24.73 -21.47 -57.47
N VAL B 133 -24.71 -21.85 -58.71
CA VAL B 133 -25.46 -22.97 -59.23
C VAL B 133 -24.55 -24.16 -59.68
N ASP B 134 -23.23 -23.91 -59.74
CA ASP B 134 -22.23 -24.97 -59.84
C ASP B 134 -21.87 -25.54 -58.43
N LEU B 135 -22.80 -25.81 -57.57
CA LEU B 135 -22.40 -26.38 -56.30
C LEU B 135 -22.29 -27.86 -56.46
N PRO B 136 -21.50 -28.51 -55.63
CA PRO B 136 -21.47 -29.96 -55.75
C PRO B 136 -22.78 -30.54 -55.28
N ALA B 137 -23.23 -31.59 -55.98
CA ALA B 137 -24.41 -32.33 -55.61
C ALA B 137 -24.17 -33.14 -54.33
N THR B 138 -25.24 -33.51 -53.64
CA THR B 138 -25.14 -34.31 -52.42
C THR B 138 -25.90 -35.61 -52.49
N SER B 139 -25.44 -36.55 -51.68
CA SER B 139 -26.14 -37.78 -51.42
C SER B 139 -26.76 -37.61 -50.05
N VAL B 140 -28.08 -37.69 -49.99
CA VAL B 140 -28.80 -37.52 -48.78
C VAL B 140 -29.00 -38.89 -48.13
N VAL B 141 -28.54 -39.04 -46.90
CA VAL B 141 -28.69 -40.31 -46.19
C VAL B 141 -29.67 -40.15 -45.05
N ILE B 142 -30.69 -40.97 -45.04
CA ILE B 142 -31.74 -40.97 -44.04
C ILE B 142 -31.85 -42.40 -43.54
N THR B 143 -31.52 -42.63 -42.27
CA THR B 143 -31.70 -43.93 -41.67
C THR B 143 -32.96 -43.89 -40.88
N PHE B 144 -33.60 -45.05 -40.72
CA PHE B 144 -34.81 -45.12 -39.94
C PHE B 144 -35.08 -46.51 -39.39
N HIS B 145 -35.72 -46.53 -38.22
CA HIS B 145 -36.18 -47.77 -37.65
C HIS B 145 -37.60 -47.56 -37.17
N ASN B 146 -38.55 -48.21 -37.83
CA ASN B 146 -39.98 -48.10 -37.48
C ASN B 146 -40.46 -46.66 -37.46
N GLU B 147 -40.17 -45.94 -38.52
CA GLU B 147 -40.64 -44.59 -38.65
C GLU B 147 -42.08 -44.67 -39.09
N ALA B 148 -42.88 -43.68 -38.70
CA ALA B 148 -44.21 -43.47 -39.26
C ALA B 148 -44.08 -43.18 -40.75
N ARG B 149 -44.86 -43.88 -41.53
CA ARG B 149 -44.80 -43.76 -42.97
C ARG B 149 -45.07 -42.34 -43.44
N SER B 150 -46.03 -41.66 -42.82
CA SER B 150 -46.35 -40.31 -43.26
C SER B 150 -45.14 -39.39 -43.05
N ALA B 151 -44.43 -39.55 -41.93
CA ALA B 151 -43.30 -38.70 -41.62
C ALA B 151 -42.12 -38.97 -42.53
N LEU B 152 -41.90 -40.23 -42.83
CA LEU B 152 -40.79 -40.67 -43.65
C LEU B 152 -40.98 -40.17 -45.07
N LEU B 153 -42.17 -40.38 -45.62
CA LEU B 153 -42.51 -39.87 -46.96
C LEU B 153 -42.34 -38.38 -47.06
N ARG B 154 -42.84 -37.68 -46.05
CA ARG B 154 -42.78 -36.25 -46.02
C ARG B 154 -41.35 -35.72 -45.97
N THR B 155 -40.49 -36.41 -45.24
CA THR B 155 -39.07 -36.09 -45.22
C THR B 155 -38.50 -36.19 -46.65
N VAL B 156 -38.73 -37.33 -47.29
CA VAL B 156 -38.25 -37.57 -48.64
C VAL B 156 -38.80 -36.54 -49.59
N VAL B 157 -40.10 -36.28 -49.56
CA VAL B 157 -40.59 -35.29 -50.51
C VAL B 157 -40.12 -33.89 -50.19
N SER B 158 -39.94 -33.52 -48.93
CA SER B 158 -39.42 -32.19 -48.65
C SER B 158 -38.02 -32.05 -49.25
N VAL B 159 -37.21 -33.11 -49.24
CA VAL B 159 -35.91 -33.03 -49.90
C VAL B 159 -36.08 -32.81 -51.40
N LEU B 160 -36.93 -33.61 -52.02
CA LEU B 160 -37.10 -33.56 -53.46
C LEU B 160 -37.74 -32.26 -53.90
N LYS B 161 -38.72 -31.80 -53.16
CA LYS B 161 -39.45 -30.61 -53.58
C LYS B 161 -38.66 -29.32 -53.29
N LYS B 162 -37.90 -29.27 -52.22
CA LYS B 162 -37.23 -28.01 -51.82
C LYS B 162 -35.80 -27.83 -52.23
N SER B 163 -35.25 -28.82 -52.93
CA SER B 163 -33.84 -28.79 -53.33
C SER B 163 -33.79 -28.69 -54.82
N PRO B 164 -32.87 -27.87 -55.36
CA PRO B 164 -32.67 -27.93 -56.82
C PRO B 164 -32.36 -29.35 -57.28
N PRO B 165 -33.10 -29.87 -58.27
CA PRO B 165 -32.89 -31.27 -58.60
C PRO B 165 -31.46 -31.66 -58.95
N HIS B 166 -30.68 -30.75 -59.60
CA HIS B 166 -29.33 -31.10 -59.99
C HIS B 166 -28.36 -31.29 -58.80
N LEU B 167 -28.74 -30.78 -57.62
CA LEU B 167 -27.97 -30.94 -56.40
C LEU B 167 -28.32 -32.15 -55.56
N ILE B 168 -29.35 -32.87 -55.94
CA ILE B 168 -29.69 -34.13 -55.28
C ILE B 168 -29.30 -35.26 -56.21
N LYS B 169 -28.15 -35.85 -55.92
CA LYS B 169 -27.67 -36.98 -56.65
C LYS B 169 -28.60 -38.19 -56.42
N GLU B 170 -28.94 -38.41 -55.16
CA GLU B 170 -29.73 -39.52 -54.71
C GLU B 170 -30.15 -39.32 -53.25
N ILE B 171 -31.14 -40.08 -52.82
CA ILE B 171 -31.59 -40.13 -51.46
C ILE B 171 -31.48 -41.58 -51.06
N ILE B 172 -30.61 -41.87 -50.10
CA ILE B 172 -30.34 -43.21 -49.68
C ILE B 172 -31.05 -43.42 -48.37
N LEU B 173 -32.01 -44.32 -48.35
CA LEU B 173 -32.78 -44.65 -47.19
C LEU B 173 -32.20 -45.91 -46.59
N VAL B 174 -31.67 -45.83 -45.38
CA VAL B 174 -31.17 -47.03 -44.72
C VAL B 174 -32.19 -47.56 -43.75
N ASP B 175 -32.90 -48.62 -44.14
CA ASP B 175 -33.92 -49.24 -43.30
C ASP B 175 -33.21 -50.08 -42.26
N ASP B 176 -33.15 -49.56 -41.05
CA ASP B 176 -32.45 -50.27 -39.99
C ASP B 176 -33.37 -51.28 -39.31
N TYR B 177 -33.66 -52.36 -40.05
CA TYR B 177 -34.39 -53.51 -39.52
C TYR B 177 -35.75 -53.12 -38.95
N SER B 178 -36.51 -52.36 -39.72
CA SER B 178 -37.90 -52.01 -39.35
C SER B 178 -38.73 -53.29 -39.32
N ASN B 179 -39.78 -53.35 -38.50
CA ASN B 179 -40.68 -54.52 -38.46
C ASN B 179 -41.17 -54.87 -39.85
N ASP B 180 -41.62 -53.86 -40.59
CA ASP B 180 -42.13 -54.06 -41.95
C ASP B 180 -41.14 -53.56 -43.03
N PRO B 181 -40.51 -54.48 -43.78
CA PRO B 181 -39.61 -54.02 -44.86
C PRO B 181 -40.25 -53.18 -45.95
N GLU B 182 -41.57 -53.22 -46.04
CA GLU B 182 -42.27 -52.41 -47.05
C GLU B 182 -42.22 -50.89 -46.81
N ASP B 183 -42.06 -50.44 -45.56
CA ASP B 183 -41.98 -49.00 -45.26
C ASP B 183 -40.94 -48.36 -46.18
N GLY B 184 -39.77 -48.98 -46.23
CA GLY B 184 -38.71 -48.55 -47.10
C GLY B 184 -38.88 -48.95 -48.55
N ALA B 185 -39.12 -50.24 -48.79
CA ALA B 185 -39.16 -50.76 -50.18
C ALA B 185 -40.16 -50.03 -51.06
N LEU B 186 -41.33 -49.70 -50.52
CA LEU B 186 -42.33 -49.00 -51.35
C LEU B 186 -41.86 -47.61 -51.82
N LEU B 187 -41.04 -46.93 -50.99
CA LEU B 187 -40.46 -45.65 -51.36
C LEU B 187 -39.35 -45.74 -52.42
N GLY B 188 -38.79 -46.93 -52.61
CA GLY B 188 -37.82 -47.18 -53.67
C GLY B 188 -38.31 -46.93 -55.07
N LYS B 189 -39.63 -46.83 -55.26
CA LYS B 189 -40.16 -46.52 -56.58
C LYS B 189 -40.03 -45.03 -56.89
N ILE B 190 -39.82 -44.19 -55.87
CA ILE B 190 -39.71 -42.74 -56.07
C ILE B 190 -38.38 -42.37 -56.67
N GLU B 191 -38.42 -41.44 -57.63
CA GLU B 191 -37.24 -40.83 -58.27
C GLU B 191 -36.16 -40.58 -57.23
N LYS B 192 -34.95 -41.00 -57.59
CA LYS B 192 -33.74 -40.78 -56.83
C LYS B 192 -33.58 -41.52 -55.52
N VAL B 193 -34.59 -42.28 -55.10
CA VAL B 193 -34.57 -42.99 -53.84
C VAL B 193 -33.98 -44.36 -54.02
N ARG B 194 -32.98 -44.68 -53.21
CA ARG B 194 -32.30 -45.99 -53.19
CA ARG B 194 -32.30 -45.98 -53.18
C ARG B 194 -32.50 -46.50 -51.77
N VAL B 195 -32.93 -47.75 -51.61
CA VAL B 195 -33.10 -48.28 -50.28
C VAL B 195 -32.18 -49.44 -49.95
N LEU B 196 -31.65 -49.39 -48.75
CA LEU B 196 -30.71 -50.34 -48.22
C LEU B 196 -31.37 -50.85 -46.95
N ARG B 197 -31.62 -52.16 -46.85
CA ARG B 197 -32.19 -52.72 -45.63
C ARG B 197 -31.11 -53.48 -44.84
N ASN B 198 -30.96 -53.16 -43.57
CA ASN B 198 -30.10 -53.93 -42.68
C ASN B 198 -30.82 -55.25 -42.33
N ASP B 199 -30.11 -56.36 -42.41
CA ASP B 199 -30.63 -57.71 -42.11
C ASP B 199 -30.91 -57.94 -40.61
N ARG B 200 -30.27 -57.13 -39.78
CA ARG B 200 -30.50 -57.12 -38.35
C ARG B 200 -30.36 -55.69 -37.87
N ARG B 201 -30.80 -55.43 -36.65
CA ARG B 201 -30.69 -54.11 -36.05
C ARG B 201 -29.24 -53.70 -35.90
N GLU B 202 -28.88 -52.54 -36.46
CA GLU B 202 -27.49 -52.05 -36.46
C GLU B 202 -27.31 -50.72 -35.71
N GLY B 203 -28.39 -49.96 -35.53
CA GLY B 203 -28.30 -48.65 -34.99
C GLY B 203 -27.93 -47.56 -35.95
N LEU B 204 -28.07 -46.32 -35.51
CA LEU B 204 -27.97 -45.18 -36.40
C LEU B 204 -26.55 -44.94 -36.84
N MET B 205 -25.56 -45.23 -36.02
CA MET B 205 -24.16 -44.95 -36.38
C MET B 205 -23.72 -45.87 -37.51
N ARG B 206 -23.93 -47.17 -37.35
CA ARG B 206 -23.56 -48.13 -38.37
C ARG B 206 -24.45 -47.96 -39.64
N SER B 207 -25.73 -47.66 -39.43
CA SER B 207 -26.62 -47.39 -40.54
C SER B 207 -26.16 -46.19 -41.39
N ARG B 208 -25.70 -45.12 -40.74
CA ARG B 208 -25.25 -43.95 -41.46
C ARG B 208 -24.02 -44.24 -42.27
N VAL B 209 -23.12 -45.02 -41.70
CA VAL B 209 -21.89 -45.36 -42.38
C VAL B 209 -22.22 -46.21 -43.60
N ARG B 210 -23.15 -47.13 -43.46
CA ARG B 210 -23.57 -47.92 -44.62
C ARG B 210 -24.09 -47.01 -45.75
N GLY B 211 -24.90 -46.03 -45.39
CA GLY B 211 -25.40 -45.08 -46.37
C GLY B 211 -24.29 -44.25 -46.99
N ALA B 212 -23.40 -43.77 -46.14
CA ALA B 212 -22.27 -42.98 -46.61
C ALA B 212 -21.39 -43.80 -47.56
N ASP B 213 -21.16 -45.06 -47.24
CA ASP B 213 -20.34 -45.96 -48.09
C ASP B 213 -20.99 -46.21 -49.44
N ALA B 214 -22.32 -46.18 -49.50
CA ALA B 214 -23.02 -46.34 -50.75
C ALA B 214 -23.11 -45.04 -51.57
N ALA B 215 -22.82 -43.90 -50.97
CA ALA B 215 -23.02 -42.63 -51.62
C ALA B 215 -22.09 -42.41 -52.81
N GLN B 216 -22.60 -41.80 -53.86
CA GLN B 216 -21.86 -41.52 -55.08
C GLN B 216 -21.40 -40.09 -55.19
N ALA B 217 -22.02 -39.17 -54.46
CA ALA B 217 -21.69 -37.75 -54.58
C ALA B 217 -20.49 -37.38 -53.73
N LYS B 218 -19.98 -36.19 -54.01
CA LYS B 218 -18.87 -35.57 -53.30
C LYS B 218 -19.23 -35.18 -51.86
N VAL B 219 -20.51 -34.87 -51.61
CA VAL B 219 -20.96 -34.34 -50.33
C VAL B 219 -22.10 -35.17 -49.74
N LEU B 220 -22.02 -35.41 -48.43
CA LEU B 220 -23.03 -36.18 -47.72
C LEU B 220 -23.93 -35.19 -46.97
N THR B 221 -25.22 -35.47 -46.99
CA THR B 221 -26.17 -34.81 -46.15
C THR B 221 -26.86 -35.87 -45.31
N PHE B 222 -26.86 -35.72 -43.98
CA PHE B 222 -27.58 -36.64 -43.11
C PHE B 222 -28.82 -35.95 -42.57
N LEU B 223 -29.96 -36.62 -42.66
CA LEU B 223 -31.20 -36.14 -42.09
C LEU B 223 -31.87 -37.26 -41.36
N ASP B 224 -32.62 -36.90 -40.31
CA ASP B 224 -33.49 -37.86 -39.64
C ASP B 224 -34.69 -38.11 -40.52
N SER B 225 -35.44 -39.17 -40.19
CA SER B 225 -36.59 -39.60 -40.97
C SER B 225 -37.90 -38.94 -40.60
N HIS B 226 -37.84 -37.82 -39.89
CA HIS B 226 -39.03 -37.00 -39.56
C HIS B 226 -38.62 -35.55 -39.59
N CYS B 227 -38.17 -35.10 -40.76
CA CYS B 227 -37.78 -33.70 -40.98
C CYS B 227 -38.55 -33.11 -42.14
N GLU B 228 -38.57 -31.78 -42.20
CA GLU B 228 -39.15 -31.08 -43.32
C GLU B 228 -38.25 -29.94 -43.68
N CYS B 229 -37.63 -30.05 -44.84
CA CYS B 229 -36.78 -29.01 -45.36
C CYS B 229 -37.54 -27.76 -45.75
N ASN B 230 -36.99 -26.59 -45.46
CA ASN B 230 -37.59 -25.32 -45.80
C ASN B 230 -36.97 -24.73 -47.09
N GLU B 231 -37.43 -23.57 -47.51
CA GLU B 231 -36.97 -22.91 -48.73
C GLU B 231 -35.47 -22.74 -48.76
N HIS B 232 -34.84 -23.12 -49.89
CA HIS B 232 -33.42 -22.94 -50.12
C HIS B 232 -32.58 -23.36 -48.90
N TRP B 233 -32.92 -24.52 -48.34
CA TRP B 233 -32.20 -25.08 -47.21
C TRP B 233 -30.83 -25.59 -47.59
N LEU B 234 -30.68 -26.08 -48.81
CA LEU B 234 -29.50 -26.87 -49.14
C LEU B 234 -28.32 -26.01 -49.59
N GLU B 235 -28.59 -25.03 -50.44
CA GLU B 235 -27.53 -24.24 -51.07
C GLU B 235 -26.61 -23.55 -50.05
N PRO B 236 -27.18 -22.95 -48.99
CA PRO B 236 -26.26 -22.33 -48.01
C PRO B 236 -25.36 -23.32 -47.32
N LEU B 237 -25.78 -24.57 -47.19
CA LEU B 237 -24.96 -25.58 -46.56
C LEU B 237 -23.85 -26.01 -47.53
N LEU B 238 -24.21 -26.30 -48.76
CA LEU B 238 -23.24 -26.77 -49.75
C LEU B 238 -22.18 -25.69 -50.07
N GLU B 239 -22.61 -24.45 -50.13
CA GLU B 239 -21.73 -23.30 -50.31
C GLU B 239 -20.56 -23.38 -49.28
N ARG B 240 -20.87 -23.68 -48.02
CA ARG B 240 -19.84 -23.69 -46.99
C ARG B 240 -18.81 -24.78 -47.23
N VAL B 241 -19.27 -25.99 -47.53
CA VAL B 241 -18.35 -27.10 -47.65
C VAL B 241 -17.61 -27.10 -49.00
N ALA B 242 -18.22 -26.53 -50.01
CA ALA B 242 -17.56 -26.35 -51.29
C ALA B 242 -16.38 -25.39 -51.15
N GLU B 243 -16.55 -24.33 -50.37
CA GLU B 243 -15.48 -23.35 -50.09
C GLU B 243 -14.35 -23.90 -49.17
N ASP B 244 -14.69 -24.77 -48.21
CA ASP B 244 -13.69 -25.36 -47.30
C ASP B 244 -14.24 -26.68 -46.83
N ARG B 245 -13.64 -27.75 -47.36
CA ARG B 245 -14.06 -29.11 -47.09
C ARG B 245 -13.96 -29.58 -45.63
N THR B 246 -13.32 -28.81 -44.76
CA THR B 246 -13.17 -29.20 -43.37
C THR B 246 -14.30 -28.68 -42.50
N ARG B 247 -15.22 -27.91 -43.09
CA ARG B 247 -16.40 -27.47 -42.37
C ARG B 247 -17.50 -28.53 -42.42
N VAL B 248 -18.01 -28.85 -41.24
CA VAL B 248 -19.18 -29.68 -41.06
C VAL B 248 -20.30 -28.75 -40.61
N VAL B 249 -21.39 -28.70 -41.38
CA VAL B 249 -22.35 -27.66 -41.23
C VAL B 249 -23.77 -28.17 -41.05
N SER B 250 -24.55 -27.39 -40.31
CA SER B 250 -25.90 -27.74 -39.87
C SER B 250 -26.85 -26.63 -40.13
N PRO B 251 -28.11 -26.97 -40.41
CA PRO B 251 -29.11 -25.91 -40.43
C PRO B 251 -29.51 -25.51 -39.01
N ILE B 252 -30.22 -24.39 -38.94
CA ILE B 252 -31.05 -24.11 -37.79
C ILE B 252 -32.16 -25.13 -37.84
N ILE B 253 -32.38 -25.79 -36.71
CA ILE B 253 -33.34 -26.85 -36.67
C ILE B 253 -34.65 -26.31 -36.09
N ASP B 254 -35.63 -26.10 -36.96
CA ASP B 254 -36.96 -25.68 -36.55
C ASP B 254 -37.66 -26.85 -35.87
N VAL B 255 -38.72 -26.52 -35.11
CA VAL B 255 -39.46 -27.49 -34.32
C VAL B 255 -40.74 -27.87 -35.03
N ILE B 256 -40.92 -29.17 -35.22
CA ILE B 256 -42.20 -29.67 -35.65
C ILE B 256 -42.79 -30.26 -34.37
N ASN B 257 -43.88 -29.67 -33.91
CA ASN B 257 -44.42 -30.01 -32.59
C ASN B 257 -44.90 -31.47 -32.58
N MET B 258 -44.42 -32.24 -31.63
CA MET B 258 -44.81 -33.66 -31.54
C MET B 258 -46.29 -33.94 -31.25
N ASP B 259 -47.05 -32.95 -30.76
CA ASP B 259 -48.47 -33.15 -30.47
C ASP B 259 -49.34 -32.74 -31.62
N ASN B 260 -49.11 -31.56 -32.20
CA ASN B 260 -49.98 -30.99 -33.25
C ASN B 260 -49.35 -30.84 -34.64
N PHE B 261 -48.03 -31.13 -34.77
CA PHE B 261 -47.29 -31.06 -36.03
C PHE B 261 -47.21 -29.69 -36.67
N GLN B 262 -47.41 -28.65 -35.89
CA GLN B 262 -47.17 -27.31 -36.37
C GLN B 262 -45.66 -27.12 -36.49
N TYR B 263 -45.30 -26.34 -37.50
CA TYR B 263 -43.93 -26.05 -37.83
C TYR B 263 -43.66 -24.71 -37.25
N VAL B 264 -42.69 -24.67 -36.32
CA VAL B 264 -42.39 -23.51 -35.50
C VAL B 264 -40.94 -23.07 -35.72
N GLY B 265 -40.76 -21.80 -36.02
CA GLY B 265 -39.43 -21.25 -36.25
C GLY B 265 -38.64 -21.20 -34.96
N ALA B 266 -37.41 -21.75 -34.98
CA ALA B 266 -36.56 -21.75 -33.83
C ALA B 266 -35.81 -20.43 -33.71
N SER B 267 -35.21 -20.25 -32.54
CA SER B 267 -34.28 -19.18 -32.36
C SER B 267 -33.02 -19.40 -33.20
N ALA B 268 -32.51 -18.32 -33.76
CA ALA B 268 -31.22 -18.30 -34.47
C ALA B 268 -30.07 -17.88 -33.58
N ASP B 269 -30.32 -17.63 -32.31
CA ASP B 269 -29.28 -17.13 -31.38
C ASP B 269 -28.72 -18.27 -30.52
N LEU B 270 -28.75 -19.51 -30.99
CA LEU B 270 -28.25 -20.63 -30.17
C LEU B 270 -26.98 -21.23 -30.73
N LYS B 271 -26.21 -21.84 -29.84
CA LYS B 271 -25.08 -22.67 -30.17
C LYS B 271 -25.34 -23.99 -29.44
N GLY B 272 -24.76 -25.06 -29.92
CA GLY B 272 -24.81 -26.33 -29.24
C GLY B 272 -23.77 -26.39 -28.15
N GLY B 273 -24.00 -27.25 -27.17
CA GLY B 273 -23.05 -27.46 -26.09
C GLY B 273 -23.45 -28.62 -25.21
N PHE B 274 -22.95 -28.66 -23.99
CA PHE B 274 -23.17 -29.80 -23.09
C PHE B 274 -22.67 -29.49 -21.69
N ASP B 275 -23.22 -30.18 -20.70
CA ASP B 275 -22.71 -30.16 -19.34
C ASP B 275 -21.83 -31.36 -19.16
N TRP B 276 -21.20 -31.47 -18.00
CA TRP B 276 -20.24 -32.53 -17.77
C TRP B 276 -20.87 -33.92 -17.77
N ASN B 277 -22.19 -34.02 -17.62
CA ASN B 277 -22.85 -35.28 -17.87
C ASN B 277 -22.89 -35.71 -19.37
N LEU B 278 -22.31 -34.88 -20.23
CA LEU B 278 -22.18 -35.15 -21.65
C LEU B 278 -23.52 -35.30 -22.40
N VAL B 279 -24.54 -34.61 -21.92
CA VAL B 279 -25.85 -34.57 -22.54
C VAL B 279 -25.95 -33.27 -23.34
N PHE B 280 -26.21 -33.39 -24.63
CA PHE B 280 -26.35 -32.24 -25.52
C PHE B 280 -27.37 -31.23 -24.98
N LYS B 281 -27.05 -29.95 -25.07
CA LYS B 281 -28.01 -28.89 -24.77
C LYS B 281 -27.74 -27.67 -25.62
N TRP B 282 -28.78 -26.85 -25.79
CA TRP B 282 -28.67 -25.58 -26.49
C TRP B 282 -28.38 -24.49 -25.49
N ASP B 283 -27.40 -23.65 -25.81
CA ASP B 283 -26.99 -22.47 -25.03
C ASP B 283 -27.42 -21.27 -25.88
N TYR B 284 -27.90 -20.21 -25.24
CA TYR B 284 -27.96 -18.91 -25.92
C TYR B 284 -26.53 -18.41 -26.09
N MET B 285 -26.27 -17.75 -27.20
CA MET B 285 -25.06 -16.93 -27.34
C MET B 285 -25.02 -15.92 -26.21
N THR B 286 -23.81 -15.49 -25.87
CA THR B 286 -23.62 -14.41 -24.90
C THR B 286 -24.11 -13.09 -25.50
N PRO B 287 -24.44 -12.11 -24.64
CA PRO B 287 -24.74 -10.79 -25.19
C PRO B 287 -23.64 -10.22 -26.10
N GLU B 288 -22.37 -10.48 -25.79
CA GLU B 288 -21.26 -9.96 -26.62
C GLU B 288 -21.16 -10.71 -27.97
N GLN B 289 -21.43 -12.02 -27.97
CA GLN B 289 -21.53 -12.77 -29.25
C GLN B 289 -22.64 -12.20 -30.13
N ARG B 290 -23.81 -11.97 -29.54
CA ARG B 290 -24.94 -11.40 -30.27
C ARG B 290 -24.64 -10.00 -30.85
N ARG B 291 -24.03 -9.12 -30.05
CA ARG B 291 -23.68 -7.77 -30.53
CA ARG B 291 -23.68 -7.77 -30.53
C ARG B 291 -22.69 -7.83 -31.71
N SER B 292 -21.70 -8.73 -31.64
CA SER B 292 -20.69 -8.86 -32.71
C SER B 292 -21.27 -9.36 -34.03
N ARG B 293 -22.49 -9.89 -34.01
CA ARG B 293 -23.16 -10.34 -35.20
C ARG B 293 -24.20 -9.35 -35.74
N GLN B 294 -24.48 -8.25 -35.02
CA GLN B 294 -25.53 -7.29 -35.43
C GLN B 294 -25.34 -6.79 -36.89
N GLY B 295 -24.08 -6.67 -37.32
CA GLY B 295 -23.73 -6.27 -38.69
C GLY B 295 -23.87 -7.32 -39.80
N ASN B 296 -23.87 -8.62 -39.47
CA ASN B 296 -24.32 -9.68 -40.40
C ASN B 296 -25.04 -10.81 -39.67
N PRO B 297 -26.36 -10.65 -39.43
CA PRO B 297 -27.06 -11.62 -38.58
C PRO B 297 -27.26 -13.03 -39.16
N VAL B 298 -26.90 -13.24 -40.43
CA VAL B 298 -27.00 -14.55 -41.04
C VAL B 298 -25.66 -15.16 -41.33
N ALA B 299 -24.62 -14.68 -40.67
CA ALA B 299 -23.30 -15.25 -40.85
C ALA B 299 -23.29 -16.62 -40.17
N PRO B 300 -22.40 -17.51 -40.62
CA PRO B 300 -22.21 -18.75 -39.93
C PRO B 300 -21.96 -18.53 -38.44
N ILE B 301 -22.39 -19.51 -37.64
CA ILE B 301 -22.20 -19.53 -36.22
C ILE B 301 -21.35 -20.76 -35.92
N LYS B 302 -20.15 -20.54 -35.39
CA LYS B 302 -19.31 -21.65 -34.96
C LYS B 302 -19.90 -22.25 -33.70
N THR B 303 -19.95 -23.57 -33.65
CA THR B 303 -20.62 -24.25 -32.54
C THR B 303 -19.74 -25.36 -31.99
N PRO B 304 -19.63 -25.49 -30.67
CA PRO B 304 -18.80 -26.55 -30.08
C PRO B 304 -19.32 -27.92 -30.37
N MET B 305 -20.61 -28.01 -30.63
CA MET B 305 -21.22 -29.29 -30.81
C MET B 305 -22.43 -29.17 -31.73
N ILE B 306 -22.63 -30.18 -32.56
CA ILE B 306 -23.82 -30.22 -33.41
C ILE B 306 -24.82 -31.12 -32.74
N ALA B 307 -26.11 -30.88 -33.02
CA ALA B 307 -27.20 -31.76 -32.57
C ALA B 307 -26.95 -33.19 -33.00
N GLY B 308 -26.60 -33.34 -34.29
CA GLY B 308 -26.01 -34.59 -34.79
C GLY B 308 -26.84 -35.27 -35.85
N GLY B 309 -28.14 -35.06 -35.82
CA GLY B 309 -29.03 -35.59 -36.81
C GLY B 309 -28.93 -34.94 -38.16
N LEU B 310 -28.73 -33.64 -38.22
CA LEU B 310 -28.89 -32.95 -39.49
C LEU B 310 -27.60 -32.24 -39.78
N PHE B 311 -26.82 -32.76 -40.72
CA PHE B 311 -25.62 -32.05 -41.13
C PHE B 311 -25.12 -32.42 -42.50
N VAL B 312 -24.22 -31.61 -43.00
CA VAL B 312 -23.65 -31.76 -44.29
C VAL B 312 -22.13 -31.78 -44.10
N MET B 313 -21.49 -32.72 -44.79
CA MET B 313 -20.07 -32.91 -44.67
C MET B 313 -19.51 -33.44 -45.98
N ASP B 314 -18.38 -32.92 -46.43
CA ASP B 314 -17.64 -33.49 -47.55
C ASP B 314 -17.42 -34.96 -47.35
N LYS B 315 -17.73 -35.78 -48.37
CA LYS B 315 -17.74 -37.23 -48.19
C LYS B 315 -16.33 -37.77 -47.91
N PHE B 316 -15.35 -37.19 -48.58
CA PHE B 316 -13.97 -37.68 -48.41
C PHE B 316 -13.46 -37.24 -47.05
N TYR B 317 -13.81 -36.03 -46.62
CA TYR B 317 -13.50 -35.58 -45.27
C TYR B 317 -14.11 -36.52 -44.24
N PHE B 318 -15.37 -36.89 -44.43
CA PHE B 318 -16.03 -37.84 -43.53
C PHE B 318 -15.24 -39.14 -43.44
N GLU B 319 -14.81 -39.67 -44.58
CA GLU B 319 -14.02 -40.92 -44.64
C GLU B 319 -12.65 -40.79 -43.96
N GLU B 320 -11.96 -39.71 -44.31
CA GLU B 320 -10.62 -39.42 -43.80
C GLU B 320 -10.59 -39.17 -42.30
N LEU B 321 -11.62 -38.52 -41.75
CA LEU B 321 -11.70 -38.33 -40.30
C LEU B 321 -12.16 -39.56 -39.51
N GLY B 322 -12.53 -40.65 -40.16
CA GLY B 322 -12.89 -41.88 -39.43
C GLY B 322 -14.38 -42.13 -39.34
N LYS B 323 -15.16 -41.57 -40.26
CA LYS B 323 -16.56 -41.91 -40.40
C LYS B 323 -17.29 -41.71 -39.06
N TYR B 324 -17.90 -42.76 -38.49
CA TYR B 324 -18.29 -42.82 -37.09
C TYR B 324 -17.58 -44.01 -36.44
N ASP B 325 -17.53 -43.98 -35.11
CA ASP B 325 -17.07 -45.11 -34.32
C ASP B 325 -18.09 -46.25 -34.50
N MET B 326 -17.68 -47.27 -35.25
CA MET B 326 -18.54 -48.39 -35.64
C MET B 326 -19.05 -49.28 -34.49
N MET B 327 -18.46 -49.12 -33.30
CA MET B 327 -18.87 -49.90 -32.12
C MET B 327 -19.94 -49.20 -31.25
N MET B 328 -20.34 -47.98 -31.60
CA MET B 328 -21.49 -47.37 -30.95
C MET B 328 -22.79 -48.02 -31.37
N ASP B 329 -23.72 -48.18 -30.43
CA ASP B 329 -24.96 -48.94 -30.63
C ASP B 329 -26.22 -48.07 -30.50
N VAL B 330 -27.22 -48.47 -31.26
CA VAL B 330 -28.53 -47.82 -31.44
C VAL B 330 -28.62 -46.26 -31.50
N TRP B 331 -28.25 -45.58 -30.41
CA TRP B 331 -28.44 -44.12 -30.29
C TRP B 331 -27.58 -43.53 -29.16
N GLY B 332 -27.17 -42.28 -29.36
CA GLY B 332 -26.61 -41.43 -28.31
C GLY B 332 -25.12 -41.44 -28.40
N GLY B 333 -24.54 -40.25 -28.20
CA GLY B 333 -23.10 -40.07 -28.04
C GLY B 333 -22.28 -39.87 -29.28
N GLU B 334 -22.82 -40.25 -30.45
CA GLU B 334 -22.05 -40.14 -31.72
C GLU B 334 -21.84 -38.67 -32.11
N ASN B 335 -22.80 -37.84 -31.74
CA ASN B 335 -22.71 -36.39 -31.90
C ASN B 335 -21.60 -35.77 -31.06
N LEU B 336 -21.39 -36.27 -29.84
CA LEU B 336 -20.23 -35.92 -29.02
C LEU B 336 -18.96 -36.20 -29.74
N GLU B 337 -18.88 -37.45 -30.16
CA GLU B 337 -17.65 -38.01 -30.69
C GLU B 337 -17.25 -37.30 -31.97
N ILE B 338 -18.18 -37.15 -32.91
CA ILE B 338 -17.85 -36.45 -34.15
C ILE B 338 -17.50 -34.99 -33.92
N SER B 339 -18.18 -34.36 -32.97
CA SER B 339 -17.93 -32.95 -32.71
C SER B 339 -16.55 -32.73 -32.14
N PHE B 340 -16.17 -33.53 -31.16
CA PHE B 340 -14.81 -33.45 -30.58
C PHE B 340 -13.77 -33.74 -31.64
N ARG B 341 -14.00 -34.80 -32.39
CA ARG B 341 -13.07 -35.23 -33.41
C ARG B 341 -12.88 -34.16 -34.45
N VAL B 342 -13.96 -33.59 -34.96
CA VAL B 342 -13.82 -32.58 -36.01
C VAL B 342 -13.01 -31.40 -35.51
N TRP B 343 -13.34 -30.92 -34.32
CA TRP B 343 -12.68 -29.72 -33.82
C TRP B 343 -11.21 -29.98 -33.47
N GLN B 344 -10.98 -31.05 -32.72
CA GLN B 344 -9.62 -31.37 -32.26
C GLN B 344 -8.70 -31.70 -33.44
N CYS B 345 -9.25 -32.30 -34.50
CA CYS B 345 -8.44 -32.76 -35.63
C CYS B 345 -8.39 -31.78 -36.80
N GLY B 346 -8.77 -30.53 -36.61
CA GLY B 346 -8.46 -29.48 -37.60
C GLY B 346 -9.65 -28.91 -38.37
N GLY B 347 -10.83 -29.50 -38.22
CA GLY B 347 -12.03 -28.99 -38.86
C GLY B 347 -12.77 -27.94 -38.05
N SER B 348 -14.01 -27.64 -38.47
CA SER B 348 -14.92 -26.80 -37.72
C SER B 348 -16.37 -27.26 -37.89
N LEU B 349 -17.21 -26.73 -37.01
CA LEU B 349 -18.63 -27.07 -36.93
C LEU B 349 -19.35 -25.78 -37.02
N GLU B 350 -20.39 -25.71 -37.87
CA GLU B 350 -21.14 -24.46 -38.03
C GLU B 350 -22.64 -24.72 -38.05
N ILE B 351 -23.39 -23.70 -37.65
CA ILE B 351 -24.81 -23.60 -37.83
C ILE B 351 -25.02 -22.46 -38.80
N ILE B 352 -25.86 -22.70 -39.83
CA ILE B 352 -26.00 -21.79 -40.97
C ILE B 352 -27.41 -21.23 -40.94
N PRO B 353 -27.57 -19.98 -40.52
CA PRO B 353 -28.93 -19.52 -40.26
C PRO B 353 -29.85 -19.47 -41.45
N CYS B 354 -29.31 -19.34 -42.66
CA CYS B 354 -30.14 -19.33 -43.86
C CYS B 354 -30.71 -20.69 -44.21
N SER B 355 -30.17 -21.74 -43.61
CA SER B 355 -30.66 -23.08 -43.81
C SER B 355 -31.60 -23.46 -42.67
N ARG B 356 -32.83 -23.79 -43.04
CA ARG B 356 -33.85 -24.14 -42.05
C ARG B 356 -34.45 -25.47 -42.39
N VAL B 357 -34.45 -26.37 -41.40
CA VAL B 357 -35.08 -27.67 -41.53
C VAL B 357 -35.83 -27.97 -40.23
N GLY B 358 -37.09 -28.39 -40.35
CA GLY B 358 -37.89 -28.76 -39.20
C GLY B 358 -37.61 -30.19 -38.81
N HIS B 359 -37.73 -30.47 -37.51
CA HIS B 359 -37.50 -31.80 -36.96
C HIS B 359 -38.54 -32.06 -35.88
N VAL B 360 -39.08 -33.26 -35.86
CA VAL B 360 -40.02 -33.65 -34.81
C VAL B 360 -39.21 -34.00 -33.55
N PHE B 361 -39.08 -33.03 -32.65
CA PHE B 361 -38.45 -33.33 -31.37
C PHE B 361 -39.40 -34.14 -30.50
N ARG B 362 -38.88 -35.17 -29.85
CA ARG B 362 -39.68 -35.93 -28.90
C ARG B 362 -38.98 -36.13 -27.56
N LYS B 363 -39.77 -36.48 -26.54
CA LYS B 363 -39.26 -36.60 -25.17
C LYS B 363 -38.74 -38.01 -24.84
N GLN B 364 -39.30 -39.02 -25.51
CA GLN B 364 -38.91 -40.43 -25.33
C GLN B 364 -38.56 -41.12 -26.67
N HIS B 365 -37.77 -42.18 -26.60
CA HIS B 365 -37.52 -43.05 -27.74
C HIS B 365 -38.67 -44.06 -27.93
N PRO B 366 -39.17 -44.24 -29.19
CA PRO B 366 -40.18 -45.30 -29.42
C PRO B 366 -39.62 -46.72 -29.63
N TYR B 367 -38.30 -46.89 -29.68
CA TYR B 367 -37.68 -48.15 -30.14
C TYR B 367 -36.86 -48.85 -29.03
N THR B 368 -36.52 -50.11 -29.28
CA THR B 368 -35.80 -50.96 -28.33
C THR B 368 -34.32 -50.58 -28.23
N PHE B 369 -33.74 -50.80 -27.05
CA PHE B 369 -32.30 -50.76 -26.81
C PHE B 369 -31.86 -52.13 -26.28
N PRO B 370 -31.07 -52.90 -27.05
CA PRO B 370 -30.39 -54.07 -26.47
C PRO B 370 -29.57 -53.76 -25.19
N GLY B 371 -30.17 -54.00 -24.02
CA GLY B 371 -29.54 -53.76 -22.70
C GLY B 371 -29.99 -52.52 -21.93
N GLY B 372 -31.08 -51.87 -22.37
CA GLY B 372 -31.58 -50.62 -21.74
C GLY B 372 -30.90 -49.36 -22.28
N SER B 373 -31.65 -48.27 -22.39
CA SER B 373 -31.12 -47.01 -22.99
C SER B 373 -30.11 -46.27 -22.09
N GLY B 374 -30.29 -46.35 -20.77
CA GLY B 374 -29.30 -45.82 -19.83
C GLY B 374 -27.90 -46.39 -20.10
N THR B 375 -27.84 -47.71 -20.28
CA THR B 375 -26.58 -48.44 -20.48
C THR B 375 -25.95 -48.20 -21.85
N VAL B 376 -26.76 -48.20 -22.92
CA VAL B 376 -26.24 -47.99 -24.29
C VAL B 376 -25.66 -46.56 -24.42
N PHE B 377 -26.42 -45.56 -23.93
CA PHE B 377 -25.97 -44.15 -23.92
C PHE B 377 -24.65 -44.03 -23.17
N ALA B 378 -24.53 -44.69 -22.03
CA ALA B 378 -23.29 -44.64 -21.23
C ALA B 378 -22.09 -45.24 -21.94
N ARG B 379 -22.30 -46.41 -22.55
CA ARG B 379 -21.25 -47.09 -23.32
C ARG B 379 -20.73 -46.20 -24.46
N ASN B 380 -21.66 -45.68 -25.27
CA ASN B 380 -21.32 -44.82 -26.40
C ASN B 380 -20.57 -43.60 -25.93
N THR B 381 -21.10 -42.98 -24.88
CA THR B 381 -20.50 -41.77 -24.28
C THR B 381 -19.11 -42.05 -23.74
N ARG B 382 -18.93 -43.16 -23.04
CA ARG B 382 -17.60 -43.56 -22.56
C ARG B 382 -16.61 -43.71 -23.69
N ARG B 383 -17.04 -44.35 -24.78
CA ARG B 383 -16.15 -44.53 -25.93
C ARG B 383 -15.70 -43.18 -26.47
N ALA B 384 -16.60 -42.20 -26.45
CA ALA B 384 -16.22 -40.84 -26.83
C ALA B 384 -15.25 -40.26 -25.82
N ALA B 385 -15.58 -40.37 -24.54
CA ALA B 385 -14.77 -39.74 -23.48
C ALA B 385 -13.36 -40.29 -23.38
N GLU B 386 -13.25 -41.61 -23.44
CA GLU B 386 -11.93 -42.27 -23.30
C GLU B 386 -10.99 -41.93 -24.46
N VAL B 387 -11.56 -41.70 -25.64
CA VAL B 387 -10.75 -41.41 -26.81
C VAL B 387 -10.35 -39.96 -26.88
N TRP B 388 -11.28 -39.07 -26.58
CA TRP B 388 -11.13 -37.64 -26.93
C TRP B 388 -10.83 -36.67 -25.79
N MET B 389 -11.30 -37.02 -24.60
CA MET B 389 -11.37 -36.05 -23.49
C MET B 389 -10.13 -35.96 -22.61
N ASP B 390 -9.13 -36.83 -22.82
CA ASP B 390 -7.94 -36.90 -21.99
C ASP B 390 -8.37 -37.02 -20.52
N GLU B 391 -7.80 -36.21 -19.59
CA GLU B 391 -8.15 -36.34 -18.17
C GLU B 391 -9.51 -35.78 -17.81
N TYR B 392 -10.02 -34.93 -18.70
CA TYR B 392 -11.30 -34.28 -18.48
C TYR B 392 -12.43 -35.28 -18.51
N LYS B 393 -12.17 -36.51 -18.97
CA LYS B 393 -13.12 -37.62 -18.80
C LYS B 393 -13.56 -37.80 -17.36
N ASN B 394 -12.65 -37.52 -16.41
CA ASN B 394 -12.95 -37.71 -15.00
C ASN B 394 -14.07 -36.80 -14.51
N PHE B 395 -14.24 -35.62 -15.13
CA PHE B 395 -15.37 -34.76 -14.82
C PHE B 395 -16.68 -35.37 -15.29
N TYR B 396 -16.69 -36.08 -16.43
CA TYR B 396 -17.88 -36.86 -16.84
C TYR B 396 -18.20 -37.94 -15.80
N TYR B 397 -17.17 -38.70 -15.41
CA TYR B 397 -17.32 -39.76 -14.40
C TYR B 397 -17.72 -39.22 -13.02
N ALA B 398 -17.21 -38.03 -12.67
CA ALA B 398 -17.68 -37.31 -11.47
C ALA B 398 -19.16 -36.93 -11.51
N ALA B 399 -19.70 -36.62 -12.69
CA ALA B 399 -21.14 -36.32 -12.84
C ALA B 399 -22.00 -37.55 -12.96
N VAL B 400 -21.45 -38.62 -13.55
CA VAL B 400 -22.21 -39.86 -13.75
C VAL B 400 -21.33 -41.02 -13.25
N PRO B 401 -21.24 -41.20 -11.93
CA PRO B 401 -20.34 -42.26 -11.42
C PRO B 401 -20.79 -43.65 -11.85
N SER B 402 -22.10 -43.87 -12.06
CA SER B 402 -22.60 -45.15 -12.58
C SER B 402 -21.92 -45.60 -13.89
N ALA B 403 -21.46 -44.64 -14.70
CA ALA B 403 -20.76 -44.93 -15.93
C ALA B 403 -19.41 -45.63 -15.79
N ARG B 404 -18.69 -45.48 -14.68
CA ARG B 404 -17.38 -46.19 -14.50
C ARG B 404 -17.51 -47.73 -14.56
N ASN B 405 -18.71 -48.25 -14.29
CA ASN B 405 -19.00 -49.70 -14.31
C ASN B 405 -19.57 -50.26 -15.62
N VAL B 406 -19.83 -49.40 -16.61
CA VAL B 406 -20.38 -49.86 -17.88
C VAL B 406 -19.21 -50.23 -18.79
N PRO B 407 -19.13 -51.52 -19.21
CA PRO B 407 -18.00 -51.87 -20.07
C PRO B 407 -18.19 -51.28 -21.46
N TYR B 408 -17.09 -50.85 -22.07
CA TYR B 408 -17.18 -50.10 -23.31
C TYR B 408 -16.53 -50.72 -24.56
N GLY B 409 -15.77 -51.80 -24.40
CA GLY B 409 -15.17 -52.51 -25.54
C GLY B 409 -13.82 -51.94 -25.93
N ASN B 410 -13.27 -52.47 -27.01
CA ASN B 410 -11.97 -52.08 -27.51
C ASN B 410 -12.07 -50.73 -28.21
N ILE B 411 -11.12 -49.84 -27.94
CA ILE B 411 -11.11 -48.50 -28.55
C ILE B 411 -9.81 -48.21 -29.30
N GLN B 412 -9.07 -49.26 -29.63
CA GLN B 412 -7.71 -49.10 -30.12
C GLN B 412 -7.68 -48.45 -31.49
N SER B 413 -8.57 -48.88 -32.40
CA SER B 413 -8.63 -48.28 -33.77
C SER B 413 -8.90 -46.77 -33.71
N ARG B 414 -9.78 -46.38 -32.80
CA ARG B 414 -10.10 -44.95 -32.56
C ARG B 414 -8.91 -44.18 -31.99
N LEU B 415 -8.23 -44.76 -31.01
CA LEU B 415 -7.01 -44.16 -30.46
C LEU B 415 -5.92 -43.93 -31.51
N GLU B 416 -5.71 -44.91 -32.38
CA GLU B 416 -4.70 -44.79 -33.46
C GLU B 416 -5.12 -43.79 -34.53
N LEU B 417 -6.44 -43.76 -34.79
CA LEU B 417 -7.03 -42.73 -35.64
C LEU B 417 -6.68 -41.34 -35.10
N ARG B 418 -6.85 -41.14 -33.80
CA ARG B 418 -6.45 -39.87 -33.19
C ARG B 418 -4.96 -39.54 -33.43
N LYS B 419 -4.09 -40.55 -33.29
CA LYS B 419 -2.64 -40.37 -33.46
C LYS B 419 -2.34 -40.05 -34.90
N LYS B 420 -2.85 -40.88 -35.81
CA LYS B 420 -2.69 -40.67 -37.27
C LYS B 420 -3.05 -39.24 -37.72
N LEU B 421 -4.10 -38.66 -37.15
CA LEU B 421 -4.59 -37.33 -37.53
C LEU B 421 -3.92 -36.12 -36.85
N SER B 422 -3.08 -36.33 -35.86
CA SER B 422 -2.39 -35.20 -35.15
C SER B 422 -3.38 -34.27 -34.46
N CYS B 423 -4.31 -34.87 -33.75
CA CYS B 423 -5.38 -34.11 -33.12
C CYS B 423 -4.85 -33.39 -31.87
N LYS B 424 -5.39 -32.22 -31.62
CA LYS B 424 -5.04 -31.40 -30.45
C LYS B 424 -5.69 -31.96 -29.19
N PRO B 425 -5.15 -31.60 -28.01
CA PRO B 425 -5.69 -32.19 -26.77
C PRO B 425 -7.04 -31.58 -26.37
N PHE B 426 -7.78 -32.27 -25.53
CA PHE B 426 -9.09 -31.79 -25.11
C PHE B 426 -9.01 -30.43 -24.41
N LYS B 427 -7.91 -30.18 -23.72
CA LYS B 427 -7.65 -28.87 -23.14
C LYS B 427 -7.71 -27.76 -24.18
N TRP B 428 -7.13 -28.01 -25.35
CA TRP B 428 -7.21 -27.04 -26.43
C TRP B 428 -8.67 -26.76 -26.85
N TYR B 429 -9.48 -27.83 -26.90
CA TYR B 429 -10.90 -27.74 -27.27
C TYR B 429 -11.61 -26.83 -26.31
N LEU B 430 -11.37 -27.05 -25.01
CA LEU B 430 -12.01 -26.25 -23.99
C LEU B 430 -11.62 -24.78 -24.06
N GLU B 431 -10.35 -24.50 -24.35
CA GLU B 431 -9.91 -23.09 -24.36
C GLU B 431 -10.32 -22.34 -25.59
N ASN B 432 -10.32 -23.01 -26.74
CA ASN B 432 -10.51 -22.35 -28.03
C ASN B 432 -11.90 -22.52 -28.65
N VAL B 433 -12.58 -23.62 -28.35
CA VAL B 433 -13.88 -23.95 -28.95
C VAL B 433 -15.01 -23.75 -27.98
N TYR B 434 -14.90 -24.31 -26.79
CA TYR B 434 -15.96 -24.20 -25.78
C TYR B 434 -15.52 -23.58 -24.43
N PRO B 435 -14.99 -22.35 -24.46
CA PRO B 435 -14.51 -21.72 -23.21
C PRO B 435 -15.59 -21.39 -22.19
N GLU B 436 -16.84 -21.31 -22.60
CA GLU B 436 -17.92 -21.00 -21.69
C GLU B 436 -18.43 -22.23 -20.91
N LEU B 437 -17.84 -23.39 -21.15
CA LEU B 437 -18.11 -24.57 -20.31
C LEU B 437 -17.29 -24.41 -19.04
N ARG B 438 -17.96 -24.32 -17.90
CA ARG B 438 -17.29 -24.06 -16.64
C ARG B 438 -16.55 -25.30 -16.17
N VAL B 439 -15.24 -25.14 -15.99
CA VAL B 439 -14.36 -26.28 -15.79
C VAL B 439 -13.87 -26.23 -14.32
N PRO B 440 -14.02 -27.34 -13.55
CA PRO B 440 -13.48 -27.31 -12.19
C PRO B 440 -11.97 -27.08 -12.16
N ASP B 441 -11.51 -26.41 -11.09
CA ASP B 441 -10.11 -26.35 -10.76
C ASP B 441 -9.64 -27.81 -10.51
N HIS B 442 -8.48 -28.15 -11.05
CA HIS B 442 -7.88 -29.49 -10.90
C HIS B 442 -7.93 -30.07 -9.44
N GLN B 443 -7.83 -29.20 -8.43
CA GLN B 443 -7.85 -29.63 -7.02
C GLN B 443 -9.20 -29.53 -6.27
N ASP B 444 -10.25 -29.09 -6.96
CA ASP B 444 -11.57 -29.02 -6.36
C ASP B 444 -12.01 -30.42 -5.94
N ILE B 445 -12.66 -30.49 -4.78
CA ILE B 445 -13.15 -31.75 -4.24
C ILE B 445 -14.49 -32.07 -4.87
N ALA B 446 -15.36 -31.06 -4.96
CA ALA B 446 -16.69 -31.22 -5.53
C ALA B 446 -17.04 -29.96 -6.31
N PHE B 447 -18.12 -29.98 -7.09
CA PHE B 447 -18.37 -28.93 -8.07
C PHE B 447 -19.77 -28.99 -8.62
N GLY B 448 -20.27 -27.84 -9.03
CA GLY B 448 -21.53 -27.73 -9.75
C GLY B 448 -22.59 -27.06 -8.93
N ALA B 449 -23.79 -27.63 -8.96
CA ALA B 449 -24.89 -27.18 -8.13
C ALA B 449 -24.84 -27.98 -6.85
N LEU B 450 -25.39 -27.42 -5.77
CA LEU B 450 -25.45 -28.12 -4.50
C LEU B 450 -26.95 -28.34 -4.28
N GLN B 451 -27.39 -29.60 -4.42
CA GLN B 451 -28.79 -29.93 -4.57
C GLN B 451 -29.38 -30.48 -3.29
N GLN B 452 -30.62 -30.08 -3.02
CA GLN B 452 -31.43 -30.66 -1.97
C GLN B 452 -32.80 -30.83 -2.59
N GLY B 453 -33.18 -32.10 -2.83
CA GLY B 453 -34.39 -32.42 -3.58
C GLY B 453 -34.28 -31.81 -4.97
N THR B 454 -35.26 -31.00 -5.33
CA THR B 454 -35.23 -30.26 -6.59
C THR B 454 -34.78 -28.81 -6.38
N ASN B 455 -34.39 -28.47 -5.15
CA ASN B 455 -33.84 -27.16 -4.85
C ASN B 455 -32.31 -27.14 -4.92
N CYS B 456 -31.77 -25.95 -5.18
CA CYS B 456 -30.32 -25.72 -5.34
C CYS B 456 -29.84 -24.55 -4.48
N LEU B 457 -28.70 -24.70 -3.83
CA LEU B 457 -28.05 -23.59 -3.09
C LEU B 457 -27.93 -22.38 -4.04
N ASP B 458 -28.37 -21.22 -3.59
CA ASP B 458 -28.44 -20.05 -4.43
C ASP B 458 -27.99 -18.79 -3.65
N THR B 459 -27.14 -17.98 -4.27
CA THR B 459 -26.72 -16.73 -3.64
C THR B 459 -27.85 -15.73 -3.51
N LEU B 460 -28.95 -15.93 -4.25
CA LEU B 460 -30.06 -14.96 -4.26
C LEU B 460 -29.62 -13.59 -4.81
N GLY B 461 -28.58 -13.55 -5.65
CA GLY B 461 -27.99 -12.30 -6.11
C GLY B 461 -27.26 -11.47 -5.05
N HIS B 462 -26.99 -12.08 -3.89
CA HIS B 462 -26.39 -11.38 -2.77
C HIS B 462 -24.89 -11.33 -2.97
N PHE B 463 -24.25 -10.45 -2.23
CA PHE B 463 -22.79 -10.26 -2.27
C PHE B 463 -22.25 -10.43 -0.86
N ALA B 464 -21.04 -9.98 -0.59
CA ALA B 464 -20.47 -10.17 0.73
C ALA B 464 -21.33 -9.58 1.82
N ASP B 465 -21.41 -10.30 2.94
CA ASP B 465 -22.27 -9.99 4.09
C ASP B 465 -23.74 -10.26 3.84
N GLY B 466 -24.06 -10.94 2.74
CA GLY B 466 -25.44 -11.34 2.45
C GLY B 466 -25.72 -12.77 2.86
N VAL B 467 -27.00 -13.05 3.07
CA VAL B 467 -27.48 -14.40 3.34
C VAL B 467 -27.59 -15.17 2.02
N VAL B 468 -27.80 -16.45 2.15
CA VAL B 468 -27.80 -17.37 1.06
C VAL B 468 -29.11 -18.18 1.22
N GLY B 469 -29.55 -18.81 0.14
CA GLY B 469 -30.82 -19.52 0.14
C GLY B 469 -30.90 -20.63 -0.88
N VAL B 470 -32.14 -20.96 -1.26
CA VAL B 470 -32.38 -21.95 -2.33
C VAL B 470 -33.45 -21.45 -3.29
N TYR B 471 -33.33 -21.87 -4.53
CA TYR B 471 -34.40 -21.78 -5.53
C TYR B 471 -34.39 -23.12 -6.27
N GLU B 472 -35.42 -23.37 -7.06
CA GLU B 472 -35.48 -24.56 -7.91
C GLU B 472 -34.26 -24.63 -8.84
N CYS B 473 -33.66 -25.82 -8.97
CA CYS B 473 -32.47 -26.01 -9.81
C CYS B 473 -32.81 -25.73 -11.27
N HIS B 474 -32.05 -24.87 -11.91
CA HIS B 474 -32.27 -24.55 -13.32
C HIS B 474 -31.17 -25.08 -14.27
N ASN B 475 -30.13 -25.74 -13.74
CA ASN B 475 -29.01 -26.30 -14.57
C ASN B 475 -28.36 -25.31 -15.56
N ALA B 476 -28.40 -24.03 -15.19
CA ALA B 476 -27.93 -22.93 -16.02
C ALA B 476 -26.77 -22.16 -15.37
N GLY B 477 -26.15 -22.72 -14.34
CA GLY B 477 -25.03 -22.07 -13.64
C GLY B 477 -25.44 -20.83 -12.83
N GLY B 478 -24.74 -19.71 -13.07
CA GLY B 478 -25.06 -18.41 -12.48
C GLY B 478 -24.97 -18.50 -10.98
N ASN B 479 -26.01 -18.08 -10.28
CA ASN B 479 -26.08 -18.07 -8.82
C ASN B 479 -26.19 -19.44 -8.14
N GLN B 480 -26.26 -20.52 -8.92
CA GLN B 480 -26.26 -21.87 -8.38
C GLN B 480 -24.96 -22.62 -8.69
N GLU B 481 -23.94 -21.89 -9.14
CA GLU B 481 -22.59 -22.46 -9.35
C GLU B 481 -21.79 -22.41 -8.04
N TRP B 482 -21.32 -23.56 -7.61
CA TRP B 482 -20.50 -23.66 -6.41
C TRP B 482 -19.40 -24.64 -6.64
N ALA B 483 -18.43 -24.60 -5.74
CA ALA B 483 -17.38 -25.58 -5.68
C ALA B 483 -17.08 -25.88 -4.21
N LEU B 484 -16.58 -27.08 -3.94
CA LEU B 484 -15.95 -27.40 -2.67
C LEU B 484 -14.47 -27.47 -2.97
N THR B 485 -13.69 -26.57 -2.40
CA THR B 485 -12.31 -26.37 -2.83
C THR B 485 -11.32 -27.25 -2.06
N LYS B 486 -10.06 -27.27 -2.55
CA LYS B 486 -8.90 -27.85 -1.84
C LYS B 486 -8.82 -27.26 -0.41
N GLU B 487 -9.16 -25.97 -0.26
CA GLU B 487 -9.15 -25.28 1.03
C GLU B 487 -10.41 -25.56 1.91
N LYS B 488 -11.28 -26.48 1.48
CA LYS B 488 -12.46 -26.90 2.23
C LYS B 488 -13.57 -25.86 2.30
N SER B 489 -13.56 -24.87 1.39
CA SER B 489 -14.59 -23.83 1.36
C SER B 489 -15.64 -24.13 0.29
N VAL B 490 -16.84 -23.66 0.53
CA VAL B 490 -17.92 -23.80 -0.45
C VAL B 490 -18.04 -22.42 -1.09
N LYS B 491 -17.44 -22.28 -2.28
CA LYS B 491 -17.33 -20.99 -2.93
C LYS B 491 -18.17 -20.78 -4.18
N HIS B 492 -18.63 -19.56 -4.35
CA HIS B 492 -19.20 -19.03 -5.56
C HIS B 492 -18.35 -17.82 -5.92
N MET B 493 -17.72 -17.82 -7.09
CA MET B 493 -16.80 -16.73 -7.48
C MET B 493 -15.67 -16.70 -6.44
N ASP B 494 -15.50 -15.59 -5.71
CA ASP B 494 -14.54 -15.49 -4.62
C ASP B 494 -15.26 -15.23 -3.29
N LEU B 495 -16.52 -15.62 -3.21
CA LEU B 495 -17.31 -15.58 -1.97
C LEU B 495 -17.53 -16.99 -1.42
N CYS B 496 -17.55 -17.12 -0.11
CA CYS B 496 -17.50 -18.42 0.57
C CYS B 496 -18.55 -18.44 1.66
N LEU B 497 -19.16 -19.60 1.84
CA LEU B 497 -20.14 -19.76 2.88
C LEU B 497 -19.41 -19.67 4.21
N THR B 498 -19.87 -18.75 5.06
CA THR B 498 -19.16 -18.39 6.28
C THR B 498 -20.04 -18.55 7.53
N VAL B 499 -19.55 -19.32 8.51
CA VAL B 499 -20.24 -19.49 9.77
C VAL B 499 -19.88 -18.34 10.70
N VAL B 500 -20.73 -17.35 10.71
CA VAL B 500 -20.52 -16.09 11.42
C VAL B 500 -20.78 -16.26 12.92
N ASP B 501 -21.64 -17.20 13.25
CA ASP B 501 -22.09 -17.42 14.62
C ASP B 501 -22.44 -18.91 14.73
N ARG B 502 -21.88 -19.56 15.75
CA ARG B 502 -21.99 -21.02 15.89
C ARG B 502 -23.23 -21.46 16.67
N ALA B 503 -23.95 -20.52 17.26
CA ALA B 503 -25.18 -20.86 17.96
C ALA B 503 -26.14 -21.51 16.95
N PRO B 504 -26.67 -22.71 17.26
CA PRO B 504 -27.60 -23.36 16.35
C PRO B 504 -28.74 -22.43 15.94
N GLY B 505 -29.13 -22.47 14.67
CA GLY B 505 -30.15 -21.59 14.14
C GLY B 505 -29.62 -20.29 13.55
N SER B 506 -28.34 -19.99 13.75
CA SER B 506 -27.75 -18.77 13.22
C SER B 506 -27.63 -18.81 11.71
N LEU B 507 -27.95 -17.70 11.07
CA LEU B 507 -27.80 -17.59 9.62
C LEU B 507 -26.34 -17.63 9.22
N ILE B 508 -26.02 -18.30 8.12
CA ILE B 508 -24.72 -18.19 7.52
C ILE B 508 -24.66 -16.98 6.57
N LYS B 509 -23.45 -16.56 6.22
CA LYS B 509 -23.24 -15.42 5.36
C LYS B 509 -22.21 -15.71 4.29
N LEU B 510 -22.39 -15.04 3.18
CA LEU B 510 -21.38 -14.91 2.14
C LEU B 510 -20.30 -13.93 2.58
N GLN B 511 -19.05 -14.33 2.53
CA GLN B 511 -17.93 -13.39 2.71
C GLN B 511 -16.78 -13.76 1.79
N GLY B 512 -15.91 -12.81 1.52
CA GLY B 512 -14.71 -13.03 0.72
C GLY B 512 -13.94 -14.21 1.22
N CYS B 513 -13.54 -15.11 0.33
CA CYS B 513 -12.79 -16.31 0.71
C CYS B 513 -11.41 -15.97 1.22
N ARG B 514 -11.02 -16.61 2.33
CA ARG B 514 -9.68 -16.52 2.93
C ARG B 514 -9.29 -17.91 3.38
N GLU B 515 -8.09 -18.38 3.01
CA GLU B 515 -7.57 -19.70 3.42
C GLU B 515 -7.51 -19.83 4.96
N ASP B 516 -7.16 -18.72 5.66
CA ASP B 516 -6.98 -18.71 7.10
C ASP B 516 -8.27 -18.73 7.99
N ASP B 517 -9.43 -18.40 7.38
CA ASP B 517 -10.67 -18.27 8.11
C ASP B 517 -11.31 -19.64 8.41
N SER B 518 -11.16 -20.11 9.64
CA SER B 518 -11.73 -21.41 10.04
C SER B 518 -13.25 -21.43 9.91
N ARG B 519 -13.90 -20.26 9.97
CA ARG B 519 -15.35 -20.15 9.84
C ARG B 519 -15.88 -20.50 8.44
N GLN B 520 -14.98 -20.70 7.47
CA GLN B 520 -15.34 -21.03 6.10
C GLN B 520 -15.05 -22.47 5.71
N LYS B 521 -14.74 -23.33 6.69
CA LYS B 521 -14.34 -24.73 6.39
C LYS B 521 -15.52 -25.68 6.54
N TRP B 522 -15.68 -26.51 5.52
CA TRP B 522 -16.77 -27.45 5.41
C TRP B 522 -16.24 -28.79 4.91
N GLU B 523 -16.96 -29.85 5.24
CA GLU B 523 -16.59 -31.18 4.83
C GLU B 523 -17.85 -31.96 4.53
N GLN B 524 -17.75 -32.83 3.52
CA GLN B 524 -18.84 -33.74 3.18
C GLN B 524 -18.83 -34.90 4.17
N ILE B 525 -20.01 -35.35 4.58
CA ILE B 525 -20.11 -36.51 5.46
C ILE B 525 -21.28 -37.39 5.04
N GLU B 526 -21.36 -38.57 5.67
CA GLU B 526 -22.46 -39.50 5.46
C GLU B 526 -22.63 -39.83 3.98
N GLY B 527 -21.52 -40.25 3.37
CA GLY B 527 -21.52 -40.63 1.94
C GLY B 527 -21.83 -39.47 1.00
N ASN B 528 -21.14 -38.34 1.23
CA ASN B 528 -21.32 -37.12 0.44
C ASN B 528 -22.78 -36.65 0.29
N SER B 529 -23.54 -36.75 1.39
CA SER B 529 -24.96 -36.39 1.42
C SER B 529 -25.28 -35.17 2.31
N LYS B 530 -24.29 -34.68 3.08
CA LYS B 530 -24.47 -33.52 3.96
C LYS B 530 -23.18 -32.70 3.98
N LEU B 531 -23.26 -31.52 4.60
CA LEU B 531 -22.12 -30.63 4.78
C LEU B 531 -22.01 -30.18 6.22
N ARG B 532 -20.90 -30.55 6.85
CA ARG B 532 -20.65 -30.21 8.21
C ARG B 532 -19.58 -29.15 8.29
N HIS B 533 -19.77 -28.19 9.20
CA HIS B 533 -18.76 -27.20 9.50
C HIS B 533 -17.61 -27.87 10.27
N VAL B 534 -16.42 -27.81 9.70
CA VAL B 534 -15.23 -28.51 10.23
C VAL B 534 -14.91 -28.06 11.65
N GLY B 535 -14.64 -29.04 12.52
CA GLY B 535 -14.35 -28.78 13.93
C GLY B 535 -15.59 -28.42 14.73
N SER B 536 -16.76 -28.87 14.30
CA SER B 536 -18.00 -28.60 15.01
C SER B 536 -18.95 -29.76 14.80
N ASN B 537 -20.11 -29.72 15.45
CA ASN B 537 -21.19 -30.65 15.03
C ASN B 537 -22.36 -29.85 14.49
N LEU B 538 -22.02 -28.87 13.66
CA LEU B 538 -22.99 -28.05 12.93
C LEU B 538 -23.03 -28.44 11.46
N CYS B 539 -24.23 -28.48 10.90
CA CYS B 539 -24.46 -28.89 9.52
C CYS B 539 -25.22 -27.78 8.77
N LEU B 540 -24.98 -27.67 7.47
CA LEU B 540 -25.70 -26.71 6.66
C LEU B 540 -27.15 -27.12 6.61
N ASP B 541 -28.05 -26.17 6.81
CA ASP B 541 -29.47 -26.47 6.98
C ASP B 541 -30.40 -25.45 6.29
N SER B 542 -31.47 -25.92 5.66
CA SER B 542 -32.42 -25.08 4.89
C SER B 542 -33.70 -24.76 5.59
N ARG B 543 -33.88 -25.19 6.83
CA ARG B 543 -35.22 -25.02 7.45
C ARG B 543 -35.73 -23.58 7.52
N THR B 544 -34.80 -22.62 7.61
CA THR B 544 -35.13 -21.16 7.64
C THR B 544 -34.92 -20.47 6.28
N ALA B 545 -34.66 -21.23 5.24
CA ALA B 545 -34.29 -20.69 3.90
C ALA B 545 -35.19 -19.60 3.32
N LYS B 546 -36.49 -19.72 3.53
CA LYS B 546 -37.44 -18.72 3.00
C LYS B 546 -37.84 -17.72 4.06
N SER B 547 -37.24 -17.81 5.24
CA SER B 547 -37.56 -16.91 6.37
C SER B 547 -36.29 -16.36 7.06
N GLY B 548 -35.29 -16.02 6.26
CA GLY B 548 -34.00 -15.51 6.79
C GLY B 548 -32.83 -15.94 5.91
N GLY B 549 -32.77 -17.23 5.62
CA GLY B 549 -31.69 -17.82 4.82
C GLY B 549 -31.19 -19.13 5.41
N LEU B 550 -30.18 -19.71 4.76
CA LEU B 550 -29.59 -20.93 5.24
C LEU B 550 -28.92 -20.71 6.56
N SER B 551 -28.90 -21.77 7.36
CA SER B 551 -28.43 -21.68 8.72
C SER B 551 -27.51 -22.85 9.04
N VAL B 552 -26.94 -22.74 10.20
CA VAL B 552 -26.11 -23.77 10.74
C VAL B 552 -27.03 -24.37 11.86
N GLU B 553 -27.14 -25.69 11.89
CA GLU B 553 -27.93 -26.41 12.90
C GLU B 553 -27.15 -27.61 13.39
N VAL B 554 -27.54 -28.13 14.55
CA VAL B 554 -26.87 -29.32 15.06
C VAL B 554 -27.16 -30.49 14.10
N CYS B 555 -26.10 -31.22 13.73
CA CYS B 555 -26.17 -32.29 12.73
C CYS B 555 -27.12 -33.37 13.24
N GLY B 556 -28.07 -33.70 12.39
CA GLY B 556 -29.04 -34.72 12.72
C GLY B 556 -29.76 -35.25 11.51
N PRO B 557 -30.69 -36.16 11.73
CA PRO B 557 -31.42 -36.85 10.65
C PRO B 557 -32.34 -36.02 9.70
N ALA B 558 -32.37 -34.70 9.79
CA ALA B 558 -33.35 -33.91 9.04
C ALA B 558 -33.10 -33.84 7.53
N LEU B 559 -34.19 -33.77 6.76
CA LEU B 559 -34.13 -33.64 5.27
C LEU B 559 -33.52 -32.31 4.83
N SER B 560 -33.76 -31.29 5.66
CA SER B 560 -33.21 -29.95 5.47
C SER B 560 -31.67 -29.87 5.56
N GLN B 561 -30.99 -30.92 5.99
CA GLN B 561 -29.51 -31.00 5.99
C GLN B 561 -28.91 -31.89 4.91
N GLN B 562 -29.73 -32.33 3.95
CA GLN B 562 -29.24 -33.14 2.80
C GLN B 562 -28.79 -32.20 1.68
N TRP B 563 -27.55 -32.37 1.24
CA TRP B 563 -26.96 -31.58 0.17
C TRP B 563 -25.97 -32.45 -0.60
N LYS B 564 -26.11 -32.45 -1.92
CA LYS B 564 -25.21 -33.23 -2.81
C LYS B 564 -24.75 -32.33 -3.95
N PHE B 565 -23.44 -32.32 -4.18
CA PHE B 565 -22.85 -31.68 -5.34
C PHE B 565 -23.12 -32.53 -6.58
N THR B 566 -23.38 -31.91 -7.73
CA THR B 566 -23.58 -32.65 -8.98
C THR B 566 -22.29 -33.34 -9.48
N LEU B 567 -21.11 -32.79 -9.19
CA LEU B 567 -19.84 -33.49 -9.42
C LEU B 567 -19.06 -33.73 -8.13
N ASN B 568 -18.66 -34.97 -7.88
CA ASN B 568 -17.78 -35.30 -6.78
C ASN B 568 -16.55 -36.01 -7.31
N LEU B 569 -15.37 -35.48 -7.06
CA LEU B 569 -14.14 -36.05 -7.63
C LEU B 569 -13.67 -37.34 -6.92
N LYS C 75 12.42 21.95 0.69
CA LYS C 75 12.84 21.01 -0.40
C LYS C 75 11.78 19.89 -0.58
N VAL C 76 11.51 19.53 -1.83
CA VAL C 76 10.42 18.66 -2.25
C VAL C 76 10.95 17.31 -2.73
N ARG C 77 10.34 16.20 -2.29
CA ARG C 77 10.72 14.85 -2.79
C ARG C 77 10.34 14.80 -4.27
N TRP C 78 11.12 14.09 -5.09
CA TRP C 78 10.92 14.19 -6.52
C TRP C 78 9.51 13.81 -6.96
N PRO C 79 8.89 12.77 -6.36
CA PRO C 79 7.53 12.44 -6.83
C PRO C 79 6.46 13.52 -6.52
N ASP C 80 6.71 14.42 -5.58
CA ASP C 80 5.83 15.55 -5.31
C ASP C 80 6.09 16.77 -6.17
N PHE C 81 7.04 16.68 -7.09
CA PHE C 81 7.35 17.80 -7.97
C PHE C 81 6.33 17.83 -9.10
N ASN C 82 5.84 19.02 -9.40
CA ASN C 82 4.78 19.18 -10.39
C ASN C 82 5.41 19.30 -11.77
N GLN C 83 5.51 18.16 -12.45
CA GLN C 83 6.10 18.11 -13.78
CA GLN C 83 6.07 18.11 -13.77
C GLN C 83 5.30 18.97 -14.76
N GLU C 84 3.96 18.87 -14.73
CA GLU C 84 3.14 19.56 -15.74
C GLU C 84 3.35 21.07 -15.63
N ALA C 85 3.42 21.60 -14.40
CA ALA C 85 3.67 23.04 -14.18
C ALA C 85 5.06 23.50 -14.61
N TYR C 86 6.07 22.65 -14.39
CA TYR C 86 7.45 22.94 -14.80
C TYR C 86 7.58 22.94 -16.33
N VAL C 87 7.12 21.87 -16.98
CA VAL C 87 7.34 21.68 -18.41
C VAL C 87 6.39 22.57 -19.21
N GLY C 88 5.11 22.61 -18.81
CA GLY C 88 4.09 23.47 -19.41
C GLY C 88 4.50 24.92 -19.32
N GLY C 89 4.21 25.70 -20.35
CA GLY C 89 4.72 27.08 -20.45
C GLY C 89 5.88 27.21 -21.42
N THR C 90 6.83 26.25 -21.39
CA THR C 90 7.87 26.12 -22.43
C THR C 90 7.53 25.13 -23.59
N MET C 91 6.28 24.66 -23.68
CA MET C 91 5.88 23.67 -24.69
C MET C 91 5.90 24.20 -26.13
N VAL C 92 5.98 23.26 -27.08
CA VAL C 92 6.04 23.60 -28.50
C VAL C 92 4.70 24.20 -28.91
N ARG C 93 4.77 25.44 -29.38
CA ARG C 93 3.59 26.25 -29.63
C ARG C 93 2.85 25.70 -30.85
N SER C 94 1.52 25.65 -30.77
CA SER C 94 0.65 25.24 -31.88
C SER C 94 1.21 25.61 -33.28
N GLY C 95 1.54 24.59 -34.08
CA GLY C 95 2.05 24.76 -35.45
C GLY C 95 3.54 24.98 -35.65
N GLN C 96 4.35 25.15 -34.59
CA GLN C 96 5.81 25.43 -34.71
C GLN C 96 6.67 24.17 -34.93
N ASP C 97 7.94 24.38 -35.27
CA ASP C 97 8.88 23.28 -35.53
C ASP C 97 9.35 22.60 -34.23
N PRO C 98 9.02 21.31 -34.03
CA PRO C 98 9.40 20.68 -32.75
C PRO C 98 10.89 20.37 -32.55
N TYR C 99 11.71 20.54 -33.59
CA TYR C 99 13.17 20.33 -33.56
C TYR C 99 14.04 21.60 -33.41
N ALA C 100 13.50 22.78 -33.62
CA ALA C 100 14.34 23.99 -33.76
C ALA C 100 15.07 24.34 -32.47
N ARG C 101 14.37 24.23 -31.36
CA ARG C 101 14.87 24.67 -30.06
C ARG C 101 16.03 23.75 -29.57
N ASN C 102 15.86 22.42 -29.68
CA ASN C 102 16.83 21.47 -29.14
C ASN C 102 17.56 20.56 -30.14
N LYS C 103 17.19 20.59 -31.41
CA LYS C 103 17.63 19.60 -32.41
C LYS C 103 17.35 18.16 -32.02
N PHE C 104 16.30 18.01 -31.20
CA PHE C 104 15.61 16.75 -30.99
C PHE C 104 14.12 17.08 -30.84
N ASN C 105 13.27 16.06 -30.88
CA ASN C 105 11.84 16.28 -30.94
C ASN C 105 11.29 16.63 -29.57
N GLN C 106 11.08 17.91 -29.34
CA GLN C 106 10.55 18.35 -28.05
C GLN C 106 9.14 17.86 -27.74
N VAL C 107 8.31 17.65 -28.76
CA VAL C 107 6.93 17.20 -28.50
C VAL C 107 6.98 15.79 -27.91
N GLU C 108 7.81 14.94 -28.49
CA GLU C 108 7.95 13.58 -27.96
C GLU C 108 8.60 13.55 -26.57
N SER C 109 9.59 14.42 -26.33
CA SER C 109 10.18 14.53 -24.98
C SER C 109 9.13 14.99 -23.96
N ASP C 110 8.32 16.00 -24.32
CA ASP C 110 7.34 16.57 -23.39
C ASP C 110 6.17 15.63 -23.04
N LYS C 111 5.84 14.69 -23.92
CA LYS C 111 4.79 13.67 -23.65
C LYS C 111 5.15 12.69 -22.54
N LEU C 112 6.44 12.54 -22.26
CA LEU C 112 6.93 11.52 -21.33
C LEU C 112 6.76 11.94 -19.87
N ARG C 113 6.40 11.00 -19.04
CA ARG C 113 6.53 11.17 -17.60
C ARG C 113 7.97 11.37 -17.15
N MET C 114 8.13 12.15 -16.10
CA MET C 114 9.45 12.44 -15.57
C MET C 114 10.19 11.19 -15.10
N ASP C 115 9.44 10.19 -14.66
CA ASP C 115 10.02 8.91 -14.25
C ASP C 115 9.59 7.77 -15.16
N ARG C 116 9.39 8.03 -16.45
CA ARG C 116 8.92 6.99 -17.37
C ARG C 116 9.76 5.72 -17.31
N ALA C 117 9.06 4.60 -17.49
CA ALA C 117 9.69 3.29 -17.41
C ALA C 117 10.52 3.12 -18.67
N ILE C 118 11.66 2.46 -18.51
CA ILE C 118 12.53 2.20 -19.65
C ILE C 118 12.98 0.76 -19.57
N PRO C 119 13.27 0.15 -20.70
CA PRO C 119 13.70 -1.26 -20.59
C PRO C 119 15.03 -1.44 -19.92
N ASP C 120 15.18 -2.57 -19.21
CA ASP C 120 16.42 -2.96 -18.57
C ASP C 120 17.29 -3.61 -19.68
N THR C 121 18.31 -2.86 -20.11
CA THR C 121 19.13 -3.24 -21.24
C THR C 121 20.41 -3.92 -20.78
N ARG C 122 20.54 -4.19 -19.49
CA ARG C 122 21.73 -4.81 -18.96
C ARG C 122 21.76 -6.28 -19.35
N HIS C 123 22.97 -6.79 -19.51
CA HIS C 123 23.17 -8.22 -19.66
C HIS C 123 22.57 -8.97 -18.47
N ASP C 124 22.13 -10.19 -18.71
CA ASP C 124 21.49 -10.99 -17.68
C ASP C 124 22.31 -11.24 -16.39
N GLN C 125 23.58 -11.49 -16.54
CA GLN C 125 24.54 -11.52 -15.40
C GLN C 125 24.57 -10.28 -14.50
N CYS C 126 24.35 -9.10 -15.08
CA CYS C 126 24.29 -7.88 -14.26
C CYS C 126 23.13 -7.90 -13.32
N GLN C 127 22.03 -8.46 -13.81
CA GLN C 127 20.75 -8.38 -13.10
C GLN C 127 20.79 -9.09 -11.73
N ARG C 128 21.62 -10.17 -11.65
CA ARG C 128 22.00 -10.72 -10.36
C ARG C 128 23.48 -10.40 -10.23
N LYS C 129 23.79 -9.29 -9.55
CA LYS C 129 25.17 -8.97 -9.17
C LYS C 129 25.27 -8.03 -7.94
N GLN C 130 26.15 -8.38 -6.99
CA GLN C 130 26.42 -7.60 -5.82
C GLN C 130 27.87 -7.00 -6.05
N TRP C 131 28.01 -5.83 -5.48
CA TRP C 131 29.23 -5.08 -5.28
C TRP C 131 29.44 -5.00 -3.78
N ARG C 132 30.57 -4.39 -3.45
CA ARG C 132 30.81 -4.02 -2.00
C ARG C 132 29.79 -3.47 -1.01
N VAL C 133 29.22 -2.27 -1.12
CA VAL C 133 27.99 -1.79 -0.45
C VAL C 133 28.33 -0.62 0.50
N ASP C 134 29.53 -0.60 1.09
CA ASP C 134 30.16 0.58 1.71
C ASP C 134 30.81 1.47 0.60
N LEU C 135 30.00 1.96 -0.31
CA LEU C 135 30.62 2.66 -1.42
C LEU C 135 30.63 4.12 -1.09
N PRO C 136 31.62 4.85 -1.61
CA PRO C 136 31.58 6.27 -1.39
C PRO C 136 30.42 6.91 -2.16
N ALA C 137 29.80 7.88 -1.55
CA ALA C 137 28.76 8.70 -2.17
C ALA C 137 29.36 9.59 -3.27
N THR C 138 28.52 10.02 -4.22
CA THR C 138 28.97 10.89 -5.31
C THR C 138 28.22 12.20 -5.36
N SER C 139 28.89 13.18 -5.95
CA SER C 139 28.30 14.44 -6.31
C SER C 139 28.09 14.37 -7.81
N VAL C 140 26.84 14.48 -8.23
CA VAL C 140 26.50 14.43 -9.62
C VAL C 140 26.52 15.84 -10.19
N VAL C 141 27.30 16.08 -11.22
CA VAL C 141 27.36 17.36 -11.88
C VAL C 141 26.72 17.28 -13.26
N ILE C 142 25.75 18.13 -13.49
CA ILE C 142 25.04 18.20 -14.75
C ILE C 142 25.09 19.66 -15.19
N THR C 143 25.78 19.95 -16.30
CA THR C 143 25.77 21.29 -16.82
C THR C 143 24.77 21.33 -17.94
N PHE C 144 24.20 22.50 -18.19
CA PHE C 144 23.27 22.68 -19.28
C PHE C 144 23.17 24.10 -19.78
N HIS C 145 22.89 24.23 -21.06
CA HIS C 145 22.59 25.50 -21.67
C HIS C 145 21.37 25.33 -22.54
N ASN C 146 20.28 25.94 -22.14
CA ASN C 146 18.99 25.88 -22.88
C ASN C 146 18.55 24.48 -23.15
N GLU C 147 18.51 23.67 -22.10
CA GLU C 147 18.04 22.32 -22.23
C GLU C 147 16.52 22.37 -22.24
N ALA C 148 15.90 21.44 -22.94
CA ALA C 148 14.46 21.19 -22.78
C ALA C 148 14.15 20.79 -21.36
N ARG C 149 13.16 21.46 -20.79
CA ARG C 149 12.82 21.22 -19.40
C ARG C 149 12.45 19.79 -19.14
N SER C 150 11.70 19.16 -20.04
CA SER C 150 11.28 17.79 -19.80
C SER C 150 12.51 16.87 -19.74
N ALA C 151 13.50 17.11 -20.60
CA ALA C 151 14.69 16.25 -20.63
C ALA C 151 15.56 16.46 -19.38
N LEU C 152 15.66 17.69 -18.95
CA LEU C 152 16.47 18.07 -17.81
C LEU C 152 15.89 17.49 -16.54
N LEU C 153 14.59 17.67 -16.35
CA LEU C 153 13.88 17.07 -15.22
C LEU C 153 14.02 15.58 -15.16
N ARG C 154 13.84 14.96 -16.32
CA ARG C 154 13.91 13.52 -16.43
C ARG C 154 15.32 12.99 -16.08
N THR C 155 16.34 13.72 -16.48
CA THR C 155 17.71 13.38 -16.08
C THR C 155 17.83 13.38 -14.57
N VAL C 156 17.41 14.49 -13.96
CA VAL C 156 17.48 14.63 -12.51
C VAL C 156 16.69 13.54 -11.83
N VAL C 157 15.44 13.29 -12.26
CA VAL C 157 14.70 12.28 -11.54
C VAL C 157 15.25 10.88 -11.81
N SER C 158 15.79 10.60 -12.99
CA SER C 158 16.37 9.28 -13.18
C SER C 158 17.54 9.07 -12.20
N VAL C 159 18.31 10.10 -11.91
CA VAL C 159 19.36 9.97 -10.91
C VAL C 159 18.77 9.66 -9.52
N LEU C 160 17.75 10.44 -9.14
CA LEU C 160 17.18 10.29 -7.81
C LEU C 160 16.44 8.98 -7.66
N LYS C 161 15.72 8.57 -8.69
CA LYS C 161 14.93 7.37 -8.59
C LYS C 161 15.77 6.09 -8.68
N LYS C 162 16.83 6.10 -9.49
CA LYS C 162 17.57 4.85 -9.77
C LYS C 162 18.81 4.63 -8.94
N SER C 163 19.13 5.56 -8.04
CA SER C 163 20.37 5.49 -7.27
C SER C 163 20.02 5.31 -5.83
N PRO C 164 20.78 4.47 -5.09
CA PRO C 164 20.55 4.40 -3.64
C PRO C 164 20.68 5.79 -3.01
N PRO C 165 19.68 6.24 -2.23
CA PRO C 165 19.77 7.60 -1.74
C PRO C 165 21.06 7.95 -1.00
N HIS C 166 21.62 7.01 -0.23
CA HIS C 166 22.81 7.34 0.57
C HIS C 166 24.09 7.57 -0.30
N LEU C 167 24.06 7.12 -1.55
CA LEU C 167 25.14 7.33 -2.50
C LEU C 167 25.03 8.61 -3.34
N ILE C 168 23.92 9.32 -3.22
CA ILE C 168 23.77 10.61 -3.85
C ILE C 168 23.89 11.68 -2.79
N LYS C 169 25.08 12.26 -2.71
CA LYS C 169 25.32 13.36 -1.81
C LYS C 169 24.52 14.58 -2.20
N GLU C 170 24.55 14.89 -3.50
CA GLU C 170 23.92 16.07 -4.07
C GLU C 170 23.93 15.96 -5.61
N ILE C 171 23.11 16.77 -6.24
CA ILE C 171 23.06 16.91 -7.67
C ILE C 171 23.30 18.38 -7.90
N ILE C 172 24.40 18.72 -8.56
CA ILE C 172 24.76 20.10 -8.80
C ILE C 172 24.46 20.38 -10.24
N LEU C 173 23.53 21.29 -10.46
CA LEU C 173 23.14 21.70 -11.81
C LEU C 173 23.87 22.97 -12.10
N VAL C 174 24.71 22.97 -13.13
CA VAL C 174 25.39 24.19 -13.52
C VAL C 174 24.68 24.79 -14.72
N ASP C 175 23.90 25.84 -14.46
CA ASP C 175 23.15 26.52 -15.51
C ASP C 175 24.12 27.43 -16.25
N ASP C 176 24.53 27.00 -17.43
CA ASP C 176 25.49 27.74 -18.20
C ASP C 176 24.80 28.82 -19.03
N TYR C 177 24.30 29.85 -18.34
CA TYR C 177 23.75 31.04 -18.96
C TYR C 177 22.61 30.72 -19.93
N SER C 178 21.66 29.92 -19.46
CA SER C 178 20.45 29.61 -20.23
C SER C 178 19.63 30.89 -20.39
N ASN C 179 18.87 31.02 -21.47
CA ASN C 179 18.02 32.22 -21.68
C ASN C 179 17.16 32.48 -20.47
N ASP C 180 16.51 31.43 -19.98
CA ASP C 180 15.63 31.53 -18.82
C ASP C 180 16.27 30.92 -17.55
N PRO C 181 16.65 31.77 -16.57
CA PRO C 181 17.21 31.21 -15.33
C PRO C 181 16.26 30.28 -14.54
N GLU C 182 14.98 30.34 -14.83
CA GLU C 182 14.01 29.48 -14.14
C GLU C 182 14.14 27.97 -14.48
N ASP C 183 14.67 27.62 -15.66
CA ASP C 183 14.85 26.22 -16.05
C ASP C 183 15.59 25.50 -14.92
N GLY C 184 16.69 26.12 -14.49
CA GLY C 184 17.43 25.57 -13.35
C GLY C 184 16.83 25.87 -11.99
N ALA C 185 16.54 27.15 -11.73
CA ALA C 185 16.08 27.57 -10.39
C ALA C 185 14.87 26.80 -9.90
N LEU C 186 13.92 26.53 -10.78
CA LEU C 186 12.72 25.77 -10.34
C LEU C 186 13.05 24.34 -9.86
N LEU C 187 14.08 23.73 -10.44
CA LEU C 187 14.55 22.42 -10.01
C LEU C 187 15.30 22.44 -8.67
N GLY C 188 15.78 23.60 -8.25
CA GLY C 188 16.37 23.78 -6.94
C GLY C 188 15.50 23.45 -5.76
N LYS C 189 14.20 23.37 -5.96
CA LYS C 189 13.28 22.96 -4.90
C LYS C 189 13.33 21.46 -4.65
N ILE C 190 13.84 20.69 -5.62
CA ILE C 190 13.87 19.24 -5.49
C ILE C 190 14.99 18.80 -4.54
N GLU C 191 14.69 17.82 -3.70
CA GLU C 191 15.63 17.17 -2.80
C GLU C 191 16.97 16.97 -3.48
N LYS C 192 18.02 17.36 -2.76
CA LYS C 192 19.41 17.13 -3.16
C LYS C 192 19.94 18.00 -4.31
N VAL C 193 19.08 18.79 -4.95
CA VAL C 193 19.48 19.58 -6.09
C VAL C 193 19.97 20.94 -5.64
N ARG C 194 21.16 21.32 -6.10
CA ARG C 194 21.74 22.64 -5.85
CA ARG C 194 21.73 22.65 -5.86
C ARG C 194 21.99 23.24 -7.22
N VAL C 195 21.63 24.51 -7.43
CA VAL C 195 21.90 25.11 -8.72
C VAL C 195 22.86 26.29 -8.68
N LEU C 196 23.76 26.27 -9.63
CA LEU C 196 24.79 27.27 -9.81
C LEU C 196 24.57 27.86 -11.19
N ARG C 197 24.37 29.17 -11.29
CA ARG C 197 24.15 29.82 -12.57
C ARG C 197 25.41 30.61 -12.97
N ASN C 198 25.92 30.36 -14.17
CA ASN C 198 26.99 31.18 -14.73
C ASN C 198 26.38 32.54 -15.18
N ASP C 199 27.03 33.64 -14.81
CA ASP C 199 26.60 34.99 -15.18
C ASP C 199 26.80 35.33 -16.66
N ARG C 200 27.64 34.57 -17.32
CA ARG C 200 27.81 34.66 -18.77
C ARG C 200 28.07 33.24 -19.27
N ARG C 201 28.00 33.08 -20.59
CA ARG C 201 28.26 31.79 -21.23
C ARG C 201 29.71 31.37 -20.99
N GLU C 202 29.90 30.17 -20.45
CA GLU C 202 31.23 29.64 -20.14
C GLU C 202 31.60 28.37 -20.89
N GLY C 203 30.61 27.63 -21.39
CA GLY C 203 30.86 26.33 -22.02
C GLY C 203 30.94 25.18 -21.05
N LEU C 204 30.92 23.97 -21.60
CA LEU C 204 30.79 22.77 -20.79
C LEU C 204 32.04 22.51 -19.97
N MET C 205 33.23 22.85 -20.50
CA MET C 205 34.46 22.54 -19.78
C MET C 205 34.57 23.37 -18.49
N ARG C 206 34.41 24.67 -18.62
CA ARG C 206 34.48 25.56 -17.47
C ARG C 206 33.28 25.33 -16.52
N SER C 207 32.12 25.06 -17.09
CA SER C 207 30.95 24.74 -16.28
C SER C 207 31.15 23.49 -15.42
N ARG C 208 31.76 22.45 -15.99
CA ARG C 208 31.99 21.22 -15.24
C ARG C 208 32.94 21.45 -14.10
N VAL C 209 33.98 22.25 -14.35
CA VAL C 209 34.97 22.51 -13.34
C VAL C 209 34.32 23.28 -12.20
N ARG C 210 33.46 24.24 -12.53
CA ARG C 210 32.75 24.96 -11.48
C ARG C 210 31.92 23.99 -10.60
N GLY C 211 31.24 23.06 -11.23
CA GLY C 211 30.47 22.07 -10.50
C GLY C 211 31.37 21.17 -9.66
N ALA C 212 32.46 20.73 -10.26
CA ALA C 212 33.41 19.87 -9.55
C ALA C 212 34.00 20.60 -8.34
N ASP C 213 34.32 21.89 -8.50
CA ASP C 213 34.87 22.68 -7.41
C ASP C 213 33.87 22.86 -6.27
N ALA C 214 32.58 22.86 -6.58
CA ALA C 214 31.56 22.96 -5.55
C ALA C 214 31.22 21.63 -4.90
N ALA C 215 31.66 20.52 -5.46
CA ALA C 215 31.26 19.21 -4.98
C ALA C 215 31.81 18.89 -3.61
N GLN C 216 31.01 18.23 -2.77
CA GLN C 216 31.38 17.88 -1.40
C GLN C 216 31.78 16.44 -1.24
N ALA C 217 31.37 15.58 -2.17
CA ALA C 217 31.67 14.15 -2.05
C ALA C 217 33.05 13.82 -2.56
N LYS C 218 33.47 12.60 -2.23
CA LYS C 218 34.76 12.03 -2.63
C LYS C 218 34.81 11.75 -4.15
N VAL C 219 33.64 11.45 -4.75
CA VAL C 219 33.57 11.00 -6.12
C VAL C 219 32.65 11.87 -6.97
N LEU C 220 33.10 12.20 -8.18
CA LEU C 220 32.32 13.02 -9.09
C LEU C 220 31.68 12.12 -10.11
N THR C 221 30.44 12.44 -10.44
CA THR C 221 29.75 11.84 -11.57
C THR C 221 29.34 12.97 -12.50
N PHE C 222 29.71 12.90 -13.77
CA PHE C 222 29.27 13.91 -14.76
C PHE C 222 28.26 13.26 -15.68
N LEU C 223 27.14 13.95 -15.88
CA LEU C 223 26.10 13.52 -16.81
C LEU C 223 25.69 14.68 -17.65
N ASP C 224 25.28 14.41 -18.88
CA ASP C 224 24.63 15.43 -19.71
C ASP C 224 23.22 15.64 -19.20
N SER C 225 22.61 16.73 -19.66
CA SER C 225 21.29 17.15 -19.21
C SER C 225 20.12 16.51 -19.98
N HIS C 226 20.40 15.45 -20.73
CA HIS C 226 19.38 14.69 -21.44
C HIS C 226 19.75 13.22 -21.41
N CYS C 227 19.83 12.68 -20.18
CA CYS C 227 20.14 11.27 -19.96
C CYS C 227 19.07 10.63 -19.13
N GLU C 228 19.02 9.30 -19.15
CA GLU C 228 18.15 8.54 -18.29
C GLU C 228 18.91 7.37 -17.76
N CYS C 229 19.18 7.39 -16.47
CA CYS C 229 19.81 6.29 -15.79
C CYS C 229 18.95 5.05 -15.73
N ASN C 230 19.56 3.89 -15.92
CA ASN C 230 18.89 2.60 -15.86
C ASN C 230 19.14 1.92 -14.51
N GLU C 231 18.57 0.74 -14.32
CA GLU C 231 18.63 0.04 -13.03
C GLU C 231 20.06 -0.17 -12.57
N HIS C 232 20.33 0.10 -11.29
CA HIS C 232 21.63 -0.12 -10.67
C HIS C 232 22.80 0.37 -11.57
N TRP C 233 22.64 1.56 -12.12
CA TRP C 233 23.66 2.18 -12.94
C TRP C 233 24.85 2.64 -12.15
N LEU C 234 24.64 3.06 -10.91
CA LEU C 234 25.66 3.80 -10.19
C LEU C 234 26.67 2.89 -9.48
N GLU C 235 26.17 1.86 -8.82
CA GLU C 235 27.01 1.02 -7.95
C GLU C 235 28.20 0.39 -8.71
N PRO C 236 27.96 -0.16 -9.91
CA PRO C 236 29.08 -0.71 -10.65
C PRO C 236 30.17 0.31 -10.98
N LEU C 237 29.81 1.57 -11.13
CA LEU C 237 30.79 2.61 -11.42
C LEU C 237 31.56 2.96 -10.19
N LEU C 238 30.86 3.16 -9.08
CA LEU C 238 31.53 3.55 -7.83
C LEU C 238 32.44 2.44 -7.31
N GLU C 239 32.01 1.20 -7.44
CA GLU C 239 32.82 0.02 -7.12
C GLU C 239 34.21 0.14 -7.76
N ARG C 240 34.28 0.57 -9.02
CA ARG C 240 35.57 0.60 -9.71
C ARG C 240 36.48 1.64 -9.13
N VAL C 241 35.97 2.83 -8.86
CA VAL C 241 36.84 3.91 -8.40
C VAL C 241 37.16 3.78 -6.91
N ALA C 242 36.27 3.16 -6.15
CA ALA C 242 36.54 2.87 -4.76
C ALA C 242 37.71 1.87 -4.65
N GLU C 243 37.76 0.88 -5.53
CA GLU C 243 38.85 -0.10 -5.56
C GLU C 243 40.21 0.48 -6.09
N ASP C 244 40.17 1.43 -7.03
CA ASP C 244 41.38 2.06 -7.55
C ASP C 244 41.00 3.46 -8.05
N ARG C 245 41.41 4.47 -7.31
CA ARG C 245 41.08 5.85 -7.59
C ARG C 245 41.61 6.42 -8.93
N THR C 246 42.48 5.69 -9.62
CA THR C 246 43.01 6.19 -10.90
C THR C 246 42.15 5.74 -12.08
N ARG C 247 41.11 4.97 -11.83
CA ARG C 247 40.18 4.59 -12.88
C ARG C 247 39.12 5.67 -13.07
N VAL C 248 38.97 6.08 -14.33
CA VAL C 248 37.90 6.94 -14.79
C VAL C 248 36.95 6.05 -15.59
N VAL C 249 35.70 5.99 -15.17
CA VAL C 249 34.81 4.96 -15.66
C VAL C 249 33.50 5.51 -16.20
N SER C 250 32.97 4.80 -17.17
CA SER C 250 31.81 5.18 -17.95
C SER C 250 30.81 4.07 -18.02
N PRO C 251 29.54 4.43 -18.09
CA PRO C 251 28.56 3.41 -18.48
C PRO C 251 28.59 3.11 -19.95
N ILE C 252 27.95 2.00 -20.32
CA ILE C 252 27.50 1.81 -21.67
C ILE C 252 26.41 2.86 -21.88
N ILE C 253 26.52 3.57 -22.97
CA ILE C 253 25.63 4.66 -23.24
C ILE C 253 24.56 4.18 -24.22
N ASP C 254 23.36 3.94 -23.68
CA ASP C 254 22.21 3.57 -24.50
C ASP C 254 21.73 4.79 -25.27
N VAL C 255 20.93 4.54 -26.31
CA VAL C 255 20.46 5.58 -27.22
C VAL C 255 19.02 5.92 -26.89
N ILE C 256 18.77 7.20 -26.68
CA ILE C 256 17.44 7.72 -26.62
C ILE C 256 17.24 8.39 -27.97
N ASN C 257 16.33 7.84 -28.78
CA ASN C 257 16.16 8.30 -30.15
C ASN C 257 15.70 9.76 -30.21
N MET C 258 16.43 10.59 -30.94
CA MET C 258 16.09 12.00 -31.04
C MET C 258 14.74 12.34 -31.71
N ASP C 259 14.16 11.41 -32.47
CA ASP C 259 12.89 11.65 -33.14
C ASP C 259 11.70 11.18 -32.31
N ASN C 260 11.77 9.96 -31.76
CA ASN C 260 10.64 9.34 -31.05
C ASN C 260 10.86 9.09 -29.55
N PHE C 261 12.08 9.33 -29.04
CA PHE C 261 12.42 9.18 -27.63
C PHE C 261 12.32 7.77 -27.07
N GLN C 262 12.35 6.78 -27.95
CA GLN C 262 12.45 5.41 -27.50
C GLN C 262 13.88 5.19 -26.96
N TYR C 263 13.95 4.37 -25.94
CA TYR C 263 15.15 4.03 -25.26
C TYR C 263 15.59 2.70 -25.85
N VAL C 264 16.77 2.70 -26.44
CA VAL C 264 17.31 1.59 -27.22
C VAL C 264 18.63 1.11 -26.63
N GLY C 265 18.73 -0.19 -26.38
CA GLY C 265 19.96 -0.76 -25.81
C GLY C 265 21.09 -0.72 -26.81
N ALA C 266 22.24 -0.22 -26.37
CA ALA C 266 23.44 -0.17 -27.22
C ALA C 266 24.16 -1.51 -27.19
N SER C 267 25.10 -1.65 -28.13
CA SER C 267 26.00 -2.78 -28.09
C SER C 267 26.94 -2.67 -26.92
N ALA C 268 27.24 -3.80 -26.29
CA ALA C 268 28.26 -3.90 -25.23
C ALA C 268 29.63 -4.31 -25.76
N ASP C 269 29.76 -4.53 -27.07
CA ASP C 269 31.01 -5.04 -27.63
C ASP C 269 31.91 -3.94 -28.21
N LEU C 270 31.75 -2.70 -27.75
CA LEU C 270 32.45 -1.57 -28.31
C LEU C 270 33.48 -1.00 -27.36
N LYS C 271 34.47 -0.35 -27.95
CA LYS C 271 35.44 0.48 -27.26
C LYS C 271 35.42 1.79 -28.00
N GLY C 272 35.81 2.86 -27.30
CA GLY C 272 35.93 4.14 -27.90
C GLY C 272 37.27 4.24 -28.64
N GLY C 273 37.33 5.16 -29.58
CA GLY C 273 38.53 5.38 -30.34
C GLY C 273 38.38 6.56 -31.25
N PHE C 274 39.24 6.63 -32.27
CA PHE C 274 39.26 7.80 -33.15
C PHE C 274 40.15 7.53 -34.35
N ASP C 275 39.90 8.26 -35.42
CA ASP C 275 40.79 8.28 -36.57
C ASP C 275 41.68 9.49 -36.44
N TRP C 276 42.62 9.63 -37.36
CA TRP C 276 43.59 10.70 -37.26
C TRP C 276 42.97 12.10 -37.37
N ASN C 277 41.76 12.22 -37.87
CA ASN C 277 41.02 13.47 -37.78
C ASN C 277 40.56 13.84 -36.35
N LEU C 278 40.87 12.96 -35.38
CA LEU C 278 40.59 13.17 -33.97
C LEU C 278 39.08 13.31 -33.66
N VAL C 279 38.26 12.63 -34.44
CA VAL C 279 36.83 12.61 -34.23
C VAL C 279 36.51 11.28 -33.56
N PHE C 280 35.87 11.35 -32.40
CA PHE C 280 35.46 10.17 -31.64
C PHE C 280 34.67 9.19 -32.51
N LYS C 281 34.97 7.90 -32.37
CA LYS C 281 34.19 6.86 -33.02
C LYS C 281 34.20 5.59 -32.18
N TRP C 282 33.18 4.77 -32.39
CA TRP C 282 33.08 3.48 -31.73
C TRP C 282 33.68 2.42 -32.63
N ASP C 283 34.52 1.56 -32.07
CA ASP C 283 35.16 0.41 -32.75
C ASP C 283 34.54 -0.83 -32.11
N TYR C 284 34.32 -1.90 -32.88
CA TYR C 284 34.08 -3.21 -32.26
C TYR C 284 35.40 -3.69 -31.68
N MET C 285 35.34 -4.37 -30.54
CA MET C 285 36.47 -5.14 -30.06
C MET C 285 36.91 -6.12 -31.14
N THR C 286 38.19 -6.51 -31.06
CA THR C 286 38.71 -7.54 -31.96
C THR C 286 38.12 -8.90 -31.58
N PRO C 287 38.11 -9.85 -32.54
CA PRO C 287 37.70 -11.20 -32.16
C PRO C 287 38.51 -11.78 -30.99
N GLU C 288 39.81 -11.47 -30.89
CA GLU C 288 40.63 -11.99 -29.77
C GLU C 288 40.27 -11.32 -28.42
N GLN C 289 39.95 -10.02 -28.44
CA GLN C 289 39.43 -9.34 -27.24
C GLN C 289 38.13 -10.00 -26.77
N ARG C 290 37.20 -10.24 -27.70
CA ARG C 290 35.93 -10.88 -27.37
C ARG C 290 36.11 -12.29 -26.80
N ARG C 291 36.97 -13.11 -27.39
CA ARG C 291 37.24 -14.47 -26.88
C ARG C 291 37.81 -14.44 -25.46
N SER C 292 38.72 -13.51 -25.19
CA SER C 292 39.36 -13.40 -23.84
C SER C 292 38.36 -12.99 -22.75
N ARG C 293 37.19 -12.51 -23.15
CA ARG C 293 36.15 -12.15 -22.21
C ARG C 293 35.05 -13.21 -22.06
N GLN C 294 35.07 -14.29 -22.85
CA GLN C 294 34.00 -15.31 -22.84
C GLN C 294 33.69 -15.84 -21.41
N GLY C 295 34.72 -15.90 -20.54
CA GLY C 295 34.56 -16.30 -19.15
C GLY C 295 33.95 -15.29 -18.17
N ASN C 296 34.00 -13.98 -18.48
CA ASN C 296 33.20 -12.97 -17.77
C ASN C 296 32.75 -11.85 -18.74
N PRO C 297 31.62 -12.05 -19.43
CA PRO C 297 31.24 -11.08 -20.48
C PRO C 297 30.80 -9.67 -20.00
N VAL C 298 30.66 -9.48 -18.70
CA VAL C 298 30.36 -8.14 -18.17
C VAL C 298 31.49 -7.53 -17.39
N ALA C 299 32.69 -7.97 -17.68
CA ALA C 299 33.87 -7.40 -17.04
C ALA C 299 34.09 -6.00 -17.60
N PRO C 300 34.76 -5.15 -16.85
CA PRO C 300 35.20 -3.87 -17.38
C PRO C 300 35.91 -4.02 -18.72
N ILE C 301 35.74 -2.99 -19.55
CA ILE C 301 36.36 -2.90 -20.85
C ILE C 301 37.26 -1.68 -20.81
N LYS C 302 38.57 -1.89 -20.95
CA LYS C 302 39.50 -0.76 -21.02
C LYS C 302 39.33 -0.09 -22.38
N THR C 303 39.29 1.23 -22.37
CA THR C 303 38.98 1.97 -23.59
C THR C 303 39.98 3.10 -23.81
N PRO C 304 40.47 3.28 -25.04
CA PRO C 304 41.43 4.37 -25.31
C PRO C 304 40.84 5.71 -25.14
N MET C 305 39.52 5.80 -25.29
CA MET C 305 38.88 7.07 -25.23
C MET C 305 37.45 6.91 -24.72
N ILE C 306 37.01 7.88 -23.91
CA ILE C 306 35.62 7.88 -23.46
C ILE C 306 34.83 8.80 -24.36
N ALA C 307 33.53 8.55 -24.49
CA ALA C 307 32.62 9.47 -25.22
C ALA C 307 32.71 10.87 -24.58
N GLY C 308 32.64 10.94 -23.25
CA GLY C 308 33.11 12.13 -22.51
C GLY C 308 32.05 12.84 -21.69
N GLY C 309 30.80 12.65 -22.09
CA GLY C 309 29.71 13.20 -21.34
C GLY C 309 29.43 12.51 -20.01
N LEU C 310 29.57 11.20 -19.96
CA LEU C 310 29.06 10.45 -18.82
C LEU C 310 30.20 9.70 -18.24
N PHE C 311 30.69 10.15 -17.09
CA PHE C 311 31.74 9.40 -16.41
C PHE C 311 31.82 9.70 -14.93
N VAL C 312 32.57 8.82 -14.25
CA VAL C 312 32.73 8.91 -12.84
C VAL C 312 34.22 8.90 -12.58
N MET C 313 34.65 9.76 -11.66
CA MET C 313 36.05 9.95 -11.37
C MET C 313 36.21 10.39 -9.95
N ASP C 314 37.20 9.83 -9.25
CA ASP C 314 37.57 10.30 -7.90
C ASP C 314 37.83 11.79 -7.95
N LYS C 315 37.25 12.54 -7.01
CA LYS C 315 37.29 14.00 -7.09
C LYS C 315 38.71 14.55 -6.94
N PHE C 316 39.48 13.93 -6.06
CA PHE C 316 40.84 14.39 -5.82
C PHE C 316 41.70 14.04 -7.03
N TYR C 317 41.49 12.86 -7.60
CA TYR C 317 42.17 12.49 -8.82
C TYR C 317 41.87 13.49 -9.94
N PHE C 318 40.59 13.87 -10.08
CA PHE C 318 40.23 14.88 -11.07
C PHE C 318 41.00 16.17 -10.86
N GLU C 319 41.09 16.62 -9.61
CA GLU C 319 41.83 17.87 -9.26
C GLU C 319 43.33 17.75 -9.55
N GLU C 320 43.91 16.65 -9.08
CA GLU C 320 45.34 16.38 -9.20
C GLU C 320 45.80 16.21 -10.64
N LEU C 321 44.96 15.61 -11.50
CA LEU C 321 45.30 15.50 -12.92
C LEU C 321 45.08 16.76 -13.73
N GLY C 322 44.54 17.82 -13.16
CA GLY C 322 44.40 19.09 -13.89
C GLY C 322 43.00 19.36 -14.39
N LYS C 323 41.98 18.77 -13.74
CA LYS C 323 40.60 19.13 -14.00
C LYS C 323 40.28 19.03 -15.49
N TYR C 324 39.86 20.12 -16.15
CA TYR C 324 39.90 20.25 -17.60
C TYR C 324 40.75 21.46 -17.97
N ASP C 325 41.17 21.49 -19.23
CA ASP C 325 41.83 22.66 -19.81
C ASP C 325 40.83 23.80 -19.85
N MET C 326 41.02 24.78 -18.96
CA MET C 326 40.07 25.91 -18.78
C MET C 326 39.92 26.85 -19.96
N MET C 327 40.81 26.75 -20.96
CA MET C 327 40.72 27.58 -22.17
C MET C 327 39.95 26.93 -23.33
N MET C 328 39.47 25.69 -23.17
CA MET C 328 38.59 25.11 -24.17
C MET C 328 37.21 25.77 -24.08
N ASP C 329 36.58 25.99 -25.24
CA ASP C 329 35.34 26.76 -25.33
C ASP C 329 34.17 25.93 -25.83
N VAL C 330 33.00 26.30 -25.31
CA VAL C 330 31.69 25.67 -25.53
C VAL C 330 31.59 24.12 -25.59
N TRP C 331 32.22 23.49 -26.59
CA TRP C 331 32.06 22.04 -26.86
C TRP C 331 33.18 21.49 -27.73
N GLY C 332 33.50 20.23 -27.50
CA GLY C 332 34.33 19.42 -28.41
C GLY C 332 35.72 19.36 -27.91
N GLY C 333 36.33 18.17 -28.02
CA GLY C 333 37.76 18.00 -27.79
C GLY C 333 38.20 17.72 -26.38
N GLU C 334 37.36 18.04 -25.38
CA GLU C 334 37.74 17.87 -23.96
C GLU C 334 37.83 16.36 -23.63
N ASN C 335 37.00 15.56 -24.30
CA ASN C 335 37.06 14.11 -24.22
C ASN C 335 38.39 13.51 -24.74
N LEU C 336 38.92 14.08 -25.82
CA LEU C 336 40.27 13.76 -26.31
C LEU C 336 41.29 14.00 -25.23
N GLU C 337 41.23 15.22 -24.72
CA GLU C 337 42.26 15.73 -23.85
C GLU C 337 42.30 14.96 -22.54
N ILE C 338 41.14 14.76 -21.91
CA ILE C 338 41.10 14.02 -20.66
C ILE C 338 41.49 12.56 -20.87
N SER C 339 41.12 11.98 -22.01
CA SER C 339 41.45 10.60 -22.26
C SER C 339 42.95 10.38 -22.41
N PHE C 340 43.59 11.24 -23.20
CA PHE C 340 45.05 11.16 -23.37
C PHE C 340 45.74 11.39 -22.03
N ARG C 341 45.30 12.42 -21.33
CA ARG C 341 45.91 12.81 -20.08
C ARG C 341 45.79 11.70 -19.06
N VAL C 342 44.61 11.11 -18.92
CA VAL C 342 44.44 10.05 -17.92
C VAL C 342 45.37 8.89 -18.21
N TRP C 343 45.41 8.47 -19.47
CA TRP C 343 46.19 7.30 -19.83
C TRP C 343 47.69 7.56 -19.71
N GLN C 344 48.14 8.66 -20.30
CA GLN C 344 49.55 8.99 -20.34
C GLN C 344 50.10 9.26 -18.93
N CYS C 345 49.27 9.80 -18.05
CA CYS C 345 49.70 10.19 -16.71
C CYS C 345 49.42 9.16 -15.62
N GLY C 346 49.14 7.92 -15.98
CA GLY C 346 49.16 6.82 -15.01
C GLY C 346 47.83 6.17 -14.70
N GLY C 347 46.71 6.77 -15.16
CA GLY C 347 45.39 6.24 -14.90
C GLY C 347 44.90 5.27 -15.95
N SER C 348 43.60 4.98 -15.90
CA SER C 348 42.93 4.19 -16.92
C SER C 348 41.50 4.65 -17.15
N LEU C 349 40.92 4.19 -18.24
CA LEU C 349 39.60 4.55 -18.71
C LEU C 349 38.87 3.27 -18.91
N GLU C 350 37.63 3.19 -18.42
CA GLU C 350 36.86 1.96 -18.57
C GLU C 350 35.41 2.23 -18.97
N ILE C 351 34.82 1.24 -19.63
CA ILE C 351 33.41 1.15 -19.86
C ILE C 351 32.94 -0.04 -19.05
N ILE C 352 31.84 0.16 -18.32
CA ILE C 352 31.36 -0.81 -17.32
C ILE C 352 30.02 -1.33 -17.80
N PRO C 353 29.98 -2.55 -18.36
CA PRO C 353 28.76 -2.96 -19.03
C PRO C 353 27.51 -3.05 -18.15
N CYS C 354 27.69 -3.25 -16.86
CA CYS C 354 26.57 -3.33 -15.94
C CYS C 354 25.92 -1.99 -15.66
N SER C 355 26.62 -0.91 -16.00
CA SER C 355 26.10 0.42 -15.88
C SER C 355 25.53 0.88 -17.20
N ARG C 356 24.24 1.22 -17.20
CA ARG C 356 23.55 1.62 -18.41
C ARG C 356 22.89 2.95 -18.18
N VAL C 357 23.17 3.91 -19.07
CA VAL C 357 22.55 5.20 -19.06
C VAL C 357 22.21 5.59 -20.50
N GLY C 358 20.97 6.02 -20.72
CA GLY C 358 20.54 6.49 -22.03
C GLY C 358 20.92 7.92 -22.23
N HIS C 359 21.19 8.30 -23.48
CA HIS C 359 21.57 9.65 -23.84
C HIS C 359 20.88 10.00 -25.17
N VAL C 360 20.37 11.22 -25.27
CA VAL C 360 19.77 11.69 -26.50
C VAL C 360 20.90 12.10 -27.45
N PHE C 361 21.28 11.21 -28.34
CA PHE C 361 22.25 11.54 -29.37
C PHE C 361 21.55 12.42 -30.42
N ARG C 362 22.23 13.48 -30.84
CA ARG C 362 21.73 14.31 -31.92
C ARG C 362 22.79 14.56 -33.00
N LYS C 363 22.33 14.97 -34.17
CA LYS C 363 23.20 15.19 -35.33
C LYS C 363 23.76 16.63 -35.38
N GLN C 364 23.02 17.59 -34.84
CA GLN C 364 23.41 19.01 -34.80
C GLN C 364 23.34 19.62 -33.40
N HIS C 365 24.15 20.65 -33.17
CA HIS C 365 24.08 21.43 -31.93
C HIS C 365 22.96 22.47 -31.98
N PRO C 366 22.13 22.57 -30.91
CA PRO C 366 21.10 23.64 -30.87
C PRO C 366 21.58 25.04 -30.43
N TYR C 367 22.83 25.17 -30.00
CA TYR C 367 23.32 26.39 -29.30
C TYR C 367 24.42 27.12 -30.08
N THR C 368 24.70 28.35 -29.66
CA THR C 368 25.69 29.23 -30.31
C THR C 368 27.13 28.80 -30.03
N PHE C 369 27.99 29.04 -31.02
CA PHE C 369 29.45 28.95 -30.86
C PHE C 369 30.03 30.31 -31.23
N PRO C 370 30.62 31.05 -30.25
CA PRO C 370 31.44 32.21 -30.61
C PRO C 370 32.57 31.92 -31.63
N GLY C 371 32.30 32.20 -32.90
CA GLY C 371 33.24 31.99 -34.03
C GLY C 371 32.97 30.78 -34.93
N GLY C 372 31.79 30.15 -34.82
CA GLY C 372 31.45 28.94 -35.59
C GLY C 372 31.93 27.64 -34.95
N SER C 373 31.15 26.58 -35.07
CA SER C 373 31.48 25.28 -34.43
C SER C 373 32.67 24.54 -35.05
N GLY C 374 32.86 24.66 -36.37
CA GLY C 374 34.05 24.12 -37.04
C GLY C 374 35.33 24.64 -36.39
N THR C 375 35.38 25.96 -36.14
CA THR C 375 36.55 26.64 -35.58
C THR C 375 36.78 26.33 -34.09
N VAL C 376 35.72 26.33 -33.29
CA VAL C 376 35.83 26.04 -31.84
C VAL C 376 36.32 24.59 -31.61
N PHE C 377 35.70 23.64 -32.32
CA PHE C 377 36.13 22.21 -32.28
C PHE C 377 37.61 22.08 -32.66
N ALA C 378 38.03 22.80 -33.70
CA ALA C 378 39.44 22.74 -34.14
C ALA C 378 40.41 23.29 -33.11
N ARG C 379 40.05 24.43 -32.52
CA ARG C 379 40.86 25.08 -31.47
C ARG C 379 41.05 24.13 -30.28
N ASN C 380 39.93 23.60 -29.77
CA ASN C 380 39.95 22.68 -28.63
C ASN C 380 40.78 21.47 -28.95
N THR C 381 40.56 20.90 -30.12
CA THR C 381 41.31 19.73 -30.59
C THR C 381 42.81 20.01 -30.71
N ARG C 382 43.16 21.16 -31.28
CA ARG C 382 44.57 21.56 -31.36
C ARG C 382 45.20 21.67 -29.98
N ARG C 383 44.49 22.26 -29.04
CA ARG C 383 45.02 22.39 -27.67
C ARG C 383 45.31 20.99 -27.09
N ALA C 384 44.46 20.03 -27.41
CA ALA C 384 44.73 18.64 -27.02
C ALA C 384 45.96 18.10 -27.75
N ALA C 385 46.00 18.28 -29.05
CA ALA C 385 47.06 17.71 -29.87
C ALA C 385 48.44 18.26 -29.55
N GLU C 386 48.53 19.57 -29.40
CA GLU C 386 49.83 20.23 -29.14
C GLU C 386 50.40 19.84 -27.79
N VAL C 387 49.52 19.57 -26.82
CA VAL C 387 49.98 19.22 -25.48
C VAL C 387 50.36 17.77 -25.36
N TRP C 388 49.55 16.89 -25.96
CA TRP C 388 49.61 15.45 -25.63
C TRP C 388 50.22 14.53 -26.68
N MET C 389 50.11 14.93 -27.94
CA MET C 389 50.37 14.03 -29.06
C MET C 389 51.81 13.96 -29.56
N ASP C 390 52.69 14.82 -29.03
CA ASP C 390 54.08 14.92 -29.51
C ASP C 390 54.07 15.09 -31.04
N GLU C 391 54.89 14.33 -31.78
CA GLU C 391 54.98 14.49 -33.24
C GLU C 391 53.77 13.96 -33.98
N TYR C 392 53.02 13.08 -33.31
CA TYR C 392 51.88 12.44 -33.92
C TYR C 392 50.79 13.43 -34.19
N LYS C 393 50.88 14.64 -33.63
CA LYS C 393 50.00 15.74 -34.03
C LYS C 393 50.00 16.00 -35.53
N ASN C 394 51.14 15.76 -36.18
CA ASN C 394 51.29 16.00 -37.62
C ASN C 394 50.36 15.10 -38.45
N PHE C 395 50.03 13.91 -37.93
CA PHE C 395 49.05 13.04 -38.60
C PHE C 395 47.65 13.63 -38.51
N TYR C 396 47.32 14.28 -37.39
CA TYR C 396 46.04 15.05 -37.30
C TYR C 396 46.01 16.16 -38.35
N TYR C 397 47.10 16.93 -38.41
CA TYR C 397 47.22 18.04 -39.39
C TYR C 397 47.24 17.53 -40.84
N ALA C 398 47.84 16.37 -41.08
CA ALA C 398 47.73 15.70 -42.38
C ALA C 398 46.31 15.31 -42.77
N ALA C 399 45.46 14.96 -41.79
CA ALA C 399 44.04 14.64 -42.07
C ALA C 399 43.16 15.87 -42.12
N VAL C 400 43.51 16.91 -41.38
CA VAL C 400 42.71 18.15 -41.35
C VAL C 400 43.68 19.33 -41.53
N PRO C 401 44.13 19.56 -42.79
CA PRO C 401 45.11 20.64 -42.98
C PRO C 401 44.55 22.02 -42.62
N SER C 402 43.23 22.23 -42.77
CA SER C 402 42.59 23.48 -42.34
C SER C 402 42.88 23.88 -40.88
N ALA C 403 43.11 22.89 -40.03
CA ALA C 403 43.42 23.11 -38.63
C ALA C 403 44.76 23.82 -38.35
N ARG C 404 45.76 23.71 -39.23
CA ARG C 404 47.05 24.43 -38.98
C ARG C 404 46.90 25.95 -38.88
N ASN C 405 45.82 26.50 -39.45
CA ASN C 405 45.54 27.94 -39.45
C ASN C 405 44.61 28.44 -38.33
N VAL C 406 44.10 27.54 -37.49
CA VAL C 406 43.21 27.95 -36.41
C VAL C 406 44.07 28.28 -35.19
N PRO C 407 44.03 29.56 -34.71
CA PRO C 407 44.87 29.87 -33.55
C PRO C 407 44.30 29.21 -32.29
N TYR C 408 45.19 28.77 -31.41
CA TYR C 408 44.77 28.00 -30.25
C TYR C 408 45.05 28.59 -28.87
N GLY C 409 45.84 29.66 -28.79
CA GLY C 409 46.09 30.32 -27.50
C GLY C 409 47.28 29.74 -26.75
N ASN C 410 47.48 30.23 -25.53
CA ASN C 410 48.60 29.83 -24.69
C ASN C 410 48.31 28.45 -24.10
N ILE C 411 49.29 27.55 -24.12
CA ILE C 411 49.14 26.20 -23.59
C ILE C 411 50.17 25.87 -22.51
N GLN C 412 50.78 26.89 -21.95
CA GLN C 412 51.95 26.71 -21.10
C GLN C 412 51.60 26.00 -19.80
N SER C 413 50.50 26.39 -19.16
CA SER C 413 50.06 25.74 -17.89
C SER C 413 49.82 24.24 -18.08
N ARG C 414 49.24 23.88 -19.23
CA ARG C 414 49.01 22.47 -19.61
C ARG C 414 50.31 21.72 -19.85
N LEU C 415 51.22 22.34 -20.58
CA LEU C 415 52.56 21.74 -20.80
C LEU C 415 53.30 21.47 -19.49
N GLU C 416 53.25 22.41 -18.55
CA GLU C 416 53.93 22.23 -17.24
C GLU C 416 53.21 21.21 -16.38
N LEU C 417 51.89 21.17 -16.50
CA LEU C 417 51.08 20.11 -15.89
C LEU C 417 51.58 18.74 -16.35
N ARG C 418 51.77 18.60 -17.65
CA ARG C 418 52.35 17.36 -18.18
C ARG C 418 53.70 17.00 -17.54
N LYS C 419 54.57 18.01 -17.40
CA LYS C 419 55.92 17.83 -16.83
C LYS C 419 55.81 17.44 -15.37
N LYS C 420 55.06 18.24 -14.61
CA LYS C 420 54.81 17.99 -13.19
C LYS C 420 54.35 16.54 -12.90
N LEU C 421 53.50 15.98 -13.76
CA LEU C 421 52.92 14.65 -13.57
C LEU C 421 53.74 13.46 -14.10
N SER C 422 54.85 13.71 -14.81
CA SER C 422 55.70 12.61 -15.35
C SER C 422 54.96 11.73 -16.34
N CYS C 423 54.23 12.36 -17.24
CA CYS C 423 53.36 11.65 -18.16
C CYS C 423 54.22 11.02 -19.27
N LYS C 424 53.78 9.85 -19.72
CA LYS C 424 54.49 9.10 -20.75
C LYS C 424 54.23 9.70 -22.14
N PRO C 425 55.09 9.40 -23.12
CA PRO C 425 54.92 10.02 -24.44
C PRO C 425 53.75 9.43 -25.23
N PHE C 426 53.27 10.17 -26.23
CA PHE C 426 52.14 9.70 -27.04
C PHE C 426 52.43 8.37 -27.72
N LYS C 427 53.69 8.14 -28.08
CA LYS C 427 54.12 6.86 -28.61
C LYS C 427 53.75 5.72 -27.66
N TRP C 428 53.97 5.92 -26.37
CA TRP C 428 53.59 4.91 -25.38
C TRP C 428 52.09 4.62 -25.41
N TYR C 429 51.29 5.69 -25.56
CA TYR C 429 49.82 5.60 -25.61
C TYR C 429 49.43 4.72 -26.78
N LEU C 430 50.02 4.97 -27.93
CA LEU C 430 49.72 4.21 -29.13
C LEU C 430 50.10 2.74 -28.99
N GLU C 431 51.22 2.45 -28.35
CA GLU C 431 51.66 1.04 -28.26
C GLU C 431 50.89 0.25 -27.21
N ASN C 432 50.56 0.88 -26.11
CA ASN C 432 50.00 0.19 -24.94
C ASN C 432 48.50 0.34 -24.74
N VAL C 433 47.93 1.47 -25.19
CA VAL C 433 46.51 1.78 -24.98
C VAL C 433 45.71 1.60 -26.26
N TYR C 434 46.17 2.20 -27.35
CA TYR C 434 45.45 2.12 -28.63
C TYR C 434 46.27 1.54 -29.79
N PRO C 435 46.77 0.30 -29.64
CA PRO C 435 47.60 -0.30 -30.71
C PRO C 435 46.88 -0.60 -32.01
N GLU C 436 45.56 -0.68 -31.99
CA GLU C 436 44.79 -0.99 -33.18
C GLU C 436 44.50 0.25 -34.02
N LEU C 437 44.98 1.43 -33.60
CA LEU C 437 44.94 2.62 -34.43
C LEU C 437 46.12 2.50 -35.36
N ARG C 438 45.84 2.44 -36.69
CA ARG C 438 46.90 2.26 -37.66
C ARG C 438 47.72 3.53 -37.80
N VAL C 439 49.02 3.42 -37.54
CA VAL C 439 49.89 4.57 -37.44
C VAL C 439 50.79 4.60 -38.68
N PRO C 440 50.85 5.74 -39.42
CA PRO C 440 51.79 5.77 -40.53
C PRO C 440 53.23 5.65 -40.07
N ASP C 441 54.06 5.05 -40.92
CA ASP C 441 55.50 5.13 -40.79
C ASP C 441 55.88 6.62 -40.89
N HIS C 442 56.76 7.07 -40.00
CA HIS C 442 57.25 8.47 -39.98
C HIS C 442 57.61 9.06 -41.36
N GLN C 443 58.12 8.23 -42.28
CA GLN C 443 58.50 8.69 -43.64
C GLN C 443 57.49 8.44 -44.77
N ASP C 444 56.31 7.90 -44.45
CA ASP C 444 55.26 7.70 -45.44
C ASP C 444 54.86 9.04 -46.05
N ILE C 445 54.60 9.03 -47.34
CA ILE C 445 54.18 10.23 -48.06
C ILE C 445 52.68 10.42 -47.89
N ALA C 446 51.92 9.35 -48.04
CA ALA C 446 50.46 9.38 -47.94
C ALA C 446 49.97 8.10 -47.27
N PHE C 447 48.71 8.06 -46.88
CA PHE C 447 48.23 6.98 -46.01
C PHE C 447 46.73 6.92 -45.93
N GLY C 448 46.22 5.73 -45.64
CA GLY C 448 44.80 5.55 -45.36
C GLY C 448 44.09 4.77 -46.46
N ALA C 449 42.92 5.22 -46.84
CA ALA C 449 42.20 4.68 -47.97
C ALA C 449 42.63 5.45 -49.22
N LEU C 450 42.51 4.83 -50.38
CA LEU C 450 42.77 5.51 -51.64
C LEU C 450 41.42 5.58 -52.33
N GLN C 451 40.86 6.79 -52.40
CA GLN C 451 39.44 6.98 -52.72
C GLN C 451 39.26 7.45 -54.15
N GLN C 452 38.22 6.95 -54.78
CA GLN C 452 37.75 7.45 -56.08
C GLN C 452 36.25 7.52 -55.96
N GLY C 453 35.72 8.74 -55.91
CA GLY C 453 34.30 8.97 -55.62
C GLY C 453 33.97 8.36 -54.26
N THR C 454 33.00 7.47 -54.23
CA THR C 454 32.64 6.73 -53.03
C THR C 454 33.27 5.33 -53.01
N ASN C 455 34.09 5.02 -54.02
CA ASN C 455 34.81 3.76 -54.08
C ASN C 455 36.22 3.88 -53.50
N CYS C 456 36.76 2.74 -53.05
CA CYS C 456 38.08 2.65 -52.41
C CYS C 456 38.93 1.52 -53.02
N LEU C 457 40.20 1.78 -53.26
CA LEU C 457 41.16 0.73 -53.68
C LEU C 457 41.06 -0.45 -52.71
N ASP C 458 40.90 -1.64 -53.24
CA ASP C 458 40.63 -2.83 -52.44
C ASP C 458 41.43 -4.03 -52.98
N THR C 459 42.09 -4.75 -52.08
CA THR C 459 42.80 -5.97 -52.48
C THR C 459 41.87 -7.07 -52.96
N LEU C 460 40.59 -6.98 -52.65
CA LEU C 460 39.63 -8.06 -52.97
C LEU C 460 39.96 -9.36 -52.26
N GLY C 461 40.63 -9.28 -51.11
CA GLY C 461 41.13 -10.48 -50.41
C GLY C 461 42.26 -11.23 -51.12
N HIS C 462 42.84 -10.62 -52.15
CA HIS C 462 43.86 -11.28 -52.95
C HIS C 462 45.20 -11.12 -52.25
N PHE C 463 46.14 -11.99 -52.65
CA PHE C 463 47.50 -11.98 -52.14
C PHE C 463 48.47 -11.84 -53.30
N ALA C 464 49.73 -12.20 -53.13
CA ALA C 464 50.71 -11.97 -54.20
C ALA C 464 50.28 -12.66 -55.49
N ASP C 465 50.55 -11.96 -56.59
CA ASP C 465 50.16 -12.33 -57.95
C ASP C 465 48.66 -12.16 -58.23
N GLY C 466 47.96 -11.49 -57.31
CA GLY C 466 46.55 -11.24 -57.50
C GLY C 466 46.29 -9.85 -58.04
N VAL C 467 45.14 -9.72 -58.71
CA VAL C 467 44.64 -8.43 -59.15
C VAL C 467 44.04 -7.66 -58.00
N VAL C 468 43.80 -6.40 -58.27
CA VAL C 468 43.33 -5.47 -57.28
C VAL C 468 42.08 -4.81 -57.88
N GLY C 469 41.25 -4.22 -57.04
CA GLY C 469 40.00 -3.63 -57.50
C GLY C 469 39.50 -2.48 -56.63
N VAL C 470 38.18 -2.27 -56.71
CA VAL C 470 37.50 -1.31 -55.83
C VAL C 470 36.22 -1.91 -55.28
N TYR C 471 35.86 -1.47 -54.08
CA TYR C 471 34.53 -1.66 -53.51
C TYR C 471 34.17 -0.33 -52.87
N GLU C 472 32.91 -0.18 -52.50
CA GLU C 472 32.46 1.02 -51.75
C GLU C 472 33.27 1.17 -50.46
N CYS C 473 33.68 2.41 -50.16
CA CYS C 473 34.50 2.70 -48.97
C CYS C 473 33.68 2.39 -47.73
N HIS C 474 34.25 1.59 -46.83
CA HIS C 474 33.58 1.23 -45.59
C HIS C 474 34.23 1.88 -44.34
N ASN C 475 35.34 2.62 -44.51
CA ASN C 475 36.05 3.32 -43.41
C ASN C 475 36.42 2.43 -42.21
N ALA C 476 36.62 1.14 -42.50
CA ALA C 476 36.86 0.11 -41.50
C ALA C 476 38.26 -0.54 -41.69
N GLY C 477 39.14 0.07 -42.49
CA GLY C 477 40.48 -0.47 -42.74
C GLY C 477 40.48 -1.74 -43.57
N GLY C 478 41.15 -2.80 -43.07
CA GLY C 478 41.14 -4.13 -43.70
C GLY C 478 41.78 -4.02 -45.08
N ASN C 479 41.05 -4.53 -46.06
CA ASN C 479 41.51 -4.55 -47.46
C ASN C 479 41.55 -3.20 -48.19
N GLN C 480 41.14 -2.12 -47.51
CA GLN C 480 41.19 -0.78 -48.06
C GLN C 480 42.24 0.09 -47.37
N GLU C 481 43.10 -0.54 -46.56
CA GLU C 481 44.25 0.15 -45.93
C GLU C 481 45.46 0.16 -46.86
N TRP C 482 45.97 1.35 -47.17
CA TRP C 482 47.15 1.49 -48.01
C TRP C 482 48.04 2.56 -47.48
N ALA C 483 49.25 2.61 -48.02
CA ALA C 483 50.18 3.69 -47.76
C ALA C 483 50.94 3.99 -49.04
N LEU C 484 51.40 5.22 -49.21
CA LEU C 484 52.39 5.57 -50.21
C LEU C 484 53.67 5.80 -49.44
N THR C 485 54.67 4.96 -49.68
CA THR C 485 55.85 4.91 -48.83
C THR C 485 56.97 5.86 -49.22
N LYS C 486 57.99 5.99 -48.35
CA LYS C 486 59.28 6.64 -48.68
C LYS C 486 59.85 6.12 -49.97
N GLU C 487 59.69 4.81 -50.21
CA GLU C 487 60.18 4.13 -51.43
C GLU C 487 59.26 4.32 -52.66
N LYS C 488 58.21 5.14 -52.55
CA LYS C 488 57.30 5.47 -53.65
C LYS C 488 56.38 4.29 -54.05
N SER C 489 56.18 3.30 -53.16
CA SER C 489 55.31 2.18 -53.43
C SER C 489 53.94 2.35 -52.77
N VAL C 490 52.93 1.73 -53.34
CA VAL C 490 51.59 1.77 -52.80
C VAL C 490 51.38 0.41 -52.16
N LYS C 491 51.55 0.35 -50.83
CA LYS C 491 51.53 -0.92 -50.11
C LYS C 491 50.32 -1.20 -49.23
N HIS C 492 49.95 -2.46 -49.19
CA HIS C 492 49.03 -3.02 -48.22
C HIS C 492 49.81 -4.18 -47.58
N MET C 493 49.99 -4.13 -46.26
CA MET C 493 50.80 -5.12 -45.56
C MET C 493 52.21 -5.07 -46.14
N ASP C 494 52.70 -6.17 -46.74
CA ASP C 494 54.00 -6.20 -47.40
C ASP C 494 53.84 -6.49 -48.90
N LEU C 495 52.65 -6.20 -49.43
CA LEU C 495 52.37 -6.31 -50.87
C LEU C 495 52.22 -4.91 -51.47
N CYS C 496 52.65 -4.79 -52.72
CA CYS C 496 52.81 -3.50 -53.38
C CYS C 496 52.17 -3.59 -54.75
N LEU C 497 51.54 -2.49 -55.17
CA LEU C 497 50.95 -2.43 -56.50
C LEU C 497 52.10 -2.47 -57.49
N THR C 498 52.03 -3.41 -58.43
CA THR C 498 53.15 -3.71 -59.31
C THR C 498 52.73 -3.65 -60.78
N VAL C 499 53.45 -2.86 -61.57
CA VAL C 499 53.22 -2.75 -63.00
C VAL C 499 53.98 -3.89 -63.70
N VAL C 500 53.24 -4.94 -63.99
CA VAL C 500 53.77 -6.16 -64.56
C VAL C 500 54.07 -6.00 -66.05
N ASP C 501 53.34 -5.12 -66.70
CA ASP C 501 53.32 -4.99 -68.15
C ASP C 501 52.89 -3.55 -68.44
N ARG C 502 53.64 -2.86 -69.29
CA ARG C 502 53.43 -1.43 -69.53
C ARG C 502 52.44 -1.14 -70.66
N ALA C 503 52.04 -2.18 -71.40
CA ALA C 503 51.05 -2.01 -72.46
C ALA C 503 49.76 -1.45 -71.81
N PRO C 504 49.24 -0.34 -72.35
CA PRO C 504 47.98 0.20 -71.83
C PRO C 504 46.89 -0.86 -71.74
N GLY C 505 46.13 -0.83 -70.64
CA GLY C 505 45.09 -1.81 -70.41
C GLY C 505 45.56 -3.04 -69.64
N SER C 506 46.86 -3.16 -69.38
CA SER C 506 47.39 -4.30 -68.64
C SER C 506 47.00 -4.23 -67.19
N LEU C 507 46.58 -5.37 -66.64
CA LEU C 507 46.21 -5.44 -65.23
C LEU C 507 47.43 -5.25 -64.35
N ILE C 508 47.27 -4.51 -63.25
CA ILE C 508 48.34 -4.45 -62.27
C ILE C 508 48.16 -5.59 -61.27
N LYS C 509 49.24 -5.91 -60.56
CA LYS C 509 49.26 -7.04 -59.66
C LYS C 509 49.88 -6.67 -58.32
N LEU C 510 49.39 -7.37 -57.32
CA LEU C 510 50.00 -7.36 -56.00
C LEU C 510 51.24 -8.26 -56.03
N GLN C 511 52.37 -7.73 -55.60
CA GLN C 511 53.56 -8.55 -55.37
C GLN C 511 54.30 -8.06 -54.14
N GLY C 512 55.12 -8.95 -53.56
CA GLY C 512 55.93 -8.62 -52.41
C GLY C 512 56.73 -7.36 -52.67
N CYS C 513 56.72 -6.44 -51.71
CA CYS C 513 57.44 -5.17 -51.88
C CYS C 513 58.94 -5.38 -51.89
N ARG C 514 59.62 -4.70 -52.82
CA ARG C 514 61.08 -4.65 -52.94
C ARG C 514 61.48 -3.21 -53.26
N GLU C 515 62.40 -2.64 -52.49
CA GLU C 515 62.86 -1.24 -52.71
C GLU C 515 63.47 -1.04 -54.11
N ASP C 516 64.15 -2.06 -54.64
CA ASP C 516 64.81 -1.99 -55.97
C ASP C 516 63.90 -2.10 -57.22
N ASP C 517 62.67 -2.58 -57.05
CA ASP C 517 61.78 -2.89 -58.18
C ASP C 517 61.13 -1.62 -58.74
N SER C 518 61.64 -1.15 -59.88
CA SER C 518 61.11 0.06 -60.51
C SER C 518 59.63 -0.09 -60.90
N ARG C 519 59.18 -1.31 -61.12
CA ARG C 519 57.78 -1.57 -61.47
C ARG C 519 56.77 -1.29 -60.34
N GLN C 520 57.26 -1.01 -59.15
CA GLN C 520 56.44 -0.71 -57.99
C GLN C 520 56.44 0.77 -57.59
N LYS C 521 56.98 1.65 -58.42
CA LYS C 521 57.11 3.09 -58.09
C LYS C 521 55.94 3.91 -58.67
N TRP C 522 55.37 4.73 -57.79
CA TRP C 522 54.21 5.54 -58.08
C TRP C 522 54.41 6.93 -57.49
N GLU C 523 53.74 7.91 -58.08
CA GLU C 523 53.83 9.28 -57.63
C GLU C 523 52.50 9.95 -57.81
N GLN C 524 52.17 10.83 -56.86
CA GLN C 524 50.94 11.61 -56.94
CA GLN C 524 50.94 11.61 -56.93
C GLN C 524 51.18 12.78 -57.89
N ILE C 525 50.17 13.11 -58.69
CA ILE C 525 50.27 14.25 -59.60
C ILE C 525 48.96 15.02 -59.64
N GLU C 526 48.98 16.17 -60.31
CA GLU C 526 47.79 17.00 -60.54
C GLU C 526 47.10 17.33 -59.21
N GLY C 527 47.90 17.86 -58.28
CA GLY C 527 47.44 18.26 -56.95
C GLY C 527 46.93 17.09 -56.11
N ASN C 528 47.75 16.03 -56.05
CA ASN C 528 47.42 14.80 -55.30
C ASN C 528 46.04 14.18 -55.65
N SER C 529 45.68 14.22 -56.93
CA SER C 529 44.39 13.70 -57.42
C SER C 529 44.50 12.46 -58.32
N LYS C 530 45.72 12.05 -58.70
CA LYS C 530 45.94 10.85 -59.54
C LYS C 530 47.23 10.16 -59.11
N LEU C 531 47.45 8.96 -59.67
CA LEU C 531 48.67 8.19 -59.41
C LEU C 531 49.31 7.72 -60.70
N ARG C 532 50.52 8.17 -60.93
CA ARG C 532 51.24 7.87 -62.14
C ARG C 532 52.36 6.91 -61.81
N HIS C 533 52.57 5.94 -62.70
CA HIS C 533 53.72 5.05 -62.59
C HIS C 533 54.99 5.84 -62.97
N VAL C 534 55.94 5.92 -62.03
CA VAL C 534 57.14 6.74 -62.18
C VAL C 534 57.95 6.32 -63.41
N GLY C 535 58.38 7.33 -64.17
CA GLY C 535 59.16 7.12 -65.40
C GLY C 535 58.31 6.60 -66.55
N SER C 536 57.02 6.91 -66.54
CA SER C 536 56.12 6.49 -67.61
C SER C 536 55.04 7.54 -67.77
N ASN C 537 54.17 7.37 -68.76
CA ASN C 537 52.95 8.16 -68.84
C ASN C 537 51.72 7.26 -68.63
N LEU C 538 51.87 6.32 -67.69
CA LEU C 538 50.80 5.43 -67.29
C LEU C 538 50.23 5.81 -65.92
N CYS C 539 48.92 5.74 -65.79
CA CYS C 539 48.22 6.14 -64.58
C CYS C 539 47.34 5.00 -64.08
N LEU C 540 47.16 4.92 -62.76
CA LEU C 540 46.29 3.91 -62.19
C LEU C 540 44.86 4.16 -62.64
N ASP C 541 44.17 3.12 -63.10
CA ASP C 541 42.86 3.29 -63.71
C ASP C 541 41.86 2.19 -63.33
N SER C 542 40.60 2.57 -63.09
CA SER C 542 39.53 1.65 -62.64
C SER C 542 38.58 1.17 -63.70
N ARG C 543 38.76 1.59 -64.95
CA ARG C 543 37.74 1.27 -65.96
C ARG C 543 37.46 -0.21 -66.15
N THR C 544 38.45 -1.07 -65.90
CA THR C 544 38.30 -2.55 -66.01
C THR C 544 38.11 -3.23 -64.65
N ALA C 545 37.93 -2.46 -63.60
CA ALA C 545 37.86 -2.98 -62.21
C ALA C 545 36.91 -4.15 -61.95
N LYS C 546 35.76 -4.12 -62.60
CA LYS C 546 34.76 -5.19 -62.40
C LYS C 546 34.82 -6.22 -63.51
N SER C 547 35.80 -6.09 -64.42
CA SER C 547 35.97 -7.04 -65.54
C SER C 547 37.44 -7.46 -65.70
N GLY C 548 38.13 -7.68 -64.57
CA GLY C 548 39.54 -8.11 -64.60
C GLY C 548 40.37 -7.52 -63.47
N GLY C 549 40.22 -6.22 -63.23
CA GLY C 549 40.89 -5.53 -62.12
C GLY C 549 41.44 -4.18 -62.55
N LEU C 550 42.09 -3.47 -61.63
CA LEU C 550 42.71 -2.22 -61.93
C LEU C 550 43.82 -2.40 -62.91
N SER C 551 44.00 -1.35 -63.70
CA SER C 551 44.91 -1.40 -64.80
C SER C 551 45.75 -0.15 -64.86
N VAL C 552 46.70 -0.21 -65.76
CA VAL C 552 47.55 0.90 -66.05
C VAL C 552 47.01 1.36 -67.43
N GLU C 553 46.79 2.67 -67.56
CA GLU C 553 46.30 3.29 -68.79
C GLU C 553 47.06 4.56 -69.05
N VAL C 554 47.02 5.02 -70.30
CA VAL C 554 47.70 6.27 -70.62
C VAL C 554 47.01 7.40 -69.84
N CYS C 555 47.82 8.26 -69.19
CA CYS C 555 47.31 9.33 -68.33
C CYS C 555 46.49 10.28 -69.15
N GLY C 556 45.26 10.51 -68.70
CA GLY C 556 44.31 11.36 -69.38
C GLY C 556 43.23 11.83 -68.44
N PRO C 557 42.39 12.76 -68.92
CA PRO C 557 41.33 13.36 -68.11
C PRO C 557 40.17 12.49 -67.60
N ALA C 558 40.24 11.16 -67.67
CA ALA C 558 39.11 10.31 -67.23
C ALA C 558 38.90 10.26 -65.71
N LEU C 559 37.63 10.10 -65.30
CA LEU C 559 37.25 9.98 -63.88
C LEU C 559 37.80 8.72 -63.23
N SER C 560 37.93 7.67 -64.04
CA SER C 560 38.51 6.40 -63.62
C SER C 560 40.01 6.46 -63.23
N GLN C 561 40.69 7.58 -63.45
CA GLN C 561 42.08 7.79 -62.99
C GLN C 561 42.22 8.75 -61.82
N GLN C 562 41.10 9.14 -61.18
CA GLN C 562 41.12 10.00 -59.97
C GLN C 562 41.26 9.15 -58.72
N TRP C 563 42.28 9.44 -57.92
CA TRP C 563 42.56 8.74 -56.67
C TRP C 563 43.17 9.70 -55.67
N LYS C 564 42.62 9.70 -54.45
CA LYS C 564 43.10 10.57 -53.37
C LYS C 564 43.27 9.74 -52.08
N PHE C 565 44.43 9.86 -51.46
CA PHE C 565 44.67 9.30 -50.14
C PHE C 565 43.96 10.15 -49.09
N THR C 566 43.41 9.51 -48.05
CA THR C 566 42.73 10.26 -46.98
C THR C 566 43.73 11.07 -46.12
N LEU C 567 44.97 10.61 -45.95
CA LEU C 567 46.02 11.46 -45.37
C LEU C 567 47.18 11.72 -46.31
N ASN C 568 47.57 12.99 -46.45
CA ASN C 568 48.73 13.39 -47.23
C ASN C 568 49.64 14.18 -46.29
N LEU C 569 50.89 13.77 -46.17
CA LEU C 569 51.84 14.45 -45.27
C LEU C 569 52.35 15.79 -45.81
N LYS D 75 -31.59 35.87 7.12
CA LYS D 75 -30.83 37.05 6.58
C LYS D 75 -31.41 38.37 7.11
N VAL D 76 -30.52 39.29 7.49
CA VAL D 76 -30.84 40.48 8.28
C VAL D 76 -30.67 41.74 7.42
N ARG D 77 -31.62 42.67 7.45
CA ARG D 77 -31.45 43.96 6.75
C ARG D 77 -30.38 44.74 7.47
N TRP D 78 -29.60 45.54 6.75
CA TRP D 78 -28.42 46.12 7.35
C TRP D 78 -28.70 46.95 8.60
N PRO D 79 -29.81 47.72 8.64
CA PRO D 79 -30.03 48.50 9.87
C PRO D 79 -30.32 47.68 11.13
N ASP D 80 -30.75 46.43 10.96
CA ASP D 80 -31.02 45.51 12.08
C ASP D 80 -29.76 44.74 12.48
N PHE D 81 -28.61 44.98 11.84
CA PHE D 81 -27.40 44.30 12.21
C PHE D 81 -26.80 44.95 13.45
N ASN D 82 -26.37 44.12 14.40
CA ASN D 82 -25.90 44.61 15.68
C ASN D 82 -24.40 44.90 15.57
N GLN D 83 -24.10 46.16 15.26
CA GLN D 83 -22.74 46.62 15.16
C GLN D 83 -21.93 46.40 16.43
N GLU D 84 -22.52 46.77 17.58
CA GLU D 84 -21.77 46.72 18.86
C GLU D 84 -21.35 45.29 19.16
N ALA D 85 -22.24 44.33 18.92
CA ALA D 85 -21.94 42.89 19.12
C ALA D 85 -20.87 42.35 18.16
N TYR D 86 -20.90 42.80 16.90
CA TYR D 86 -19.91 42.42 15.91
C TYR D 86 -18.52 43.01 16.25
N VAL D 87 -18.45 44.30 16.47
CA VAL D 87 -17.18 45.02 16.60
C VAL D 87 -16.58 44.77 17.98
N GLY D 88 -17.43 44.85 19.02
CA GLY D 88 -17.04 44.57 20.42
C GLY D 88 -16.50 43.16 20.55
N GLY D 89 -15.47 42.99 21.37
CA GLY D 89 -14.76 41.71 21.41
C GLY D 89 -13.41 41.79 20.71
N THR D 90 -13.37 42.41 19.52
CA THR D 90 -12.08 42.74 18.84
C THR D 90 -11.55 44.19 19.09
N MET D 91 -12.12 44.91 20.07
CA MET D 91 -11.72 46.31 20.36
C MET D 91 -10.29 46.45 20.91
N VAL D 92 -9.74 47.67 20.76
CA VAL D 92 -8.39 47.96 21.21
C VAL D 92 -8.38 47.93 22.73
N ARG D 93 -7.54 47.04 23.27
CA ARG D 93 -7.54 46.72 24.68
C ARG D 93 -6.99 47.90 25.48
N SER D 94 -7.64 48.21 26.60
CA SER D 94 -7.29 49.37 27.44
C SER D 94 -5.75 49.58 27.53
N GLY D 95 -5.28 50.73 27.03
CA GLY D 95 -3.86 51.10 27.08
C GLY D 95 -2.92 50.60 25.98
N GLN D 96 -3.39 49.76 25.03
CA GLN D 96 -2.56 49.26 23.90
C GLN D 96 -2.42 50.29 22.73
N ASP D 97 -1.54 49.97 21.78
CA ASP D 97 -1.30 50.80 20.60
C ASP D 97 -2.45 50.70 19.58
N PRO D 98 -3.17 51.81 19.33
CA PRO D 98 -4.34 51.72 18.43
C PRO D 98 -4.03 51.54 16.93
N TYR D 99 -2.75 51.65 16.54
CA TYR D 99 -2.28 51.49 15.15
C TYR D 99 -1.67 50.12 14.80
N ALA D 100 -1.30 49.30 15.78
CA ALA D 100 -0.45 48.13 15.50
C ALA D 100 -1.14 47.09 14.61
N ARG D 101 -2.41 46.86 14.86
CA ARG D 101 -3.20 45.85 14.19
C ARG D 101 -3.45 46.19 12.70
N ASN D 102 -3.84 47.42 12.40
CA ASN D 102 -4.26 47.82 11.04
C ASN D 102 -3.41 48.90 10.34
N LYS D 103 -2.44 49.49 11.05
CA LYS D 103 -1.71 50.67 10.59
C LYS D 103 -2.63 51.85 10.23
N PHE D 104 -3.78 51.85 10.89
CA PHE D 104 -4.64 53.01 11.01
C PHE D 104 -5.26 52.97 12.41
N ASN D 105 -5.87 54.07 12.83
CA ASN D 105 -6.31 54.22 14.20
C ASN D 105 -7.62 53.46 14.41
N GLN D 106 -7.50 52.27 15.00
CA GLN D 106 -8.67 51.45 15.26
C GLN D 106 -9.66 52.06 16.26
N VAL D 107 -9.18 52.86 17.19
CA VAL D 107 -10.07 53.45 18.20
C VAL D 107 -11.01 54.42 17.51
N GLU D 108 -10.45 55.26 16.63
CA GLU D 108 -11.27 56.20 15.87
C GLU D 108 -12.23 55.48 14.89
N SER D 109 -11.78 54.40 14.25
CA SER D 109 -12.67 53.62 13.39
C SER D 109 -13.81 53.00 14.19
N ASP D 110 -13.51 52.44 15.37
CA ASP D 110 -14.53 51.77 16.18
C ASP D 110 -15.59 52.69 16.79
N LYS D 111 -15.27 53.96 17.01
CA LYS D 111 -16.23 54.97 17.52
C LYS D 111 -17.35 55.31 16.52
N LEU D 112 -17.12 55.04 15.23
CA LEU D 112 -18.04 55.45 14.18
C LEU D 112 -19.22 54.51 14.04
N ARG D 113 -20.39 55.09 13.80
CA ARG D 113 -21.52 54.28 13.39
C ARG D 113 -21.29 53.62 12.02
N MET D 114 -21.86 52.44 11.84
CA MET D 114 -21.73 51.70 10.62
C MET D 114 -22.26 52.45 9.41
N ASP D 115 -23.26 53.31 9.62
CA ASP D 115 -23.81 54.16 8.57
C ASP D 115 -23.56 55.62 8.82
N ARG D 116 -22.42 55.97 9.44
CA ARG D 116 -22.14 57.39 9.76
C ARG D 116 -22.27 58.28 8.55
N ALA D 117 -22.74 59.49 8.82
CA ALA D 117 -22.93 60.50 7.78
C ALA D 117 -21.57 60.98 7.37
N ILE D 118 -21.44 61.29 6.09
CA ILE D 118 -20.19 61.81 5.54
C ILE D 118 -20.56 62.97 4.63
N PRO D 119 -19.67 63.93 4.47
CA PRO D 119 -20.01 65.01 3.57
C PRO D 119 -20.15 64.58 2.11
N ASP D 120 -21.06 65.27 1.41
CA ASP D 120 -21.23 65.14 -0.02
C ASP D 120 -20.13 65.96 -0.70
N THR D 121 -19.14 65.28 -1.25
CA THR D 121 -17.95 65.90 -1.83
C THR D 121 -18.09 66.05 -3.33
N ARG D 122 -19.25 65.74 -3.88
CA ARG D 122 -19.44 65.81 -5.32
C ARG D 122 -19.60 67.24 -5.74
N HIS D 123 -19.18 67.51 -6.97
CA HIS D 123 -19.43 68.78 -7.64
C HIS D 123 -20.94 69.04 -7.66
N ASP D 124 -21.29 70.32 -7.64
CA ASP D 124 -22.68 70.76 -7.61
C ASP D 124 -23.59 70.21 -8.73
N GLN D 125 -23.08 70.19 -9.96
CA GLN D 125 -23.75 69.55 -11.11
C GLN D 125 -24.12 68.08 -10.92
N CYS D 126 -23.34 67.33 -10.14
CA CYS D 126 -23.68 65.94 -9.87
C CYS D 126 -24.94 65.84 -9.08
N GLN D 127 -25.10 66.77 -8.15
CA GLN D 127 -26.19 66.70 -7.16
C GLN D 127 -27.56 66.88 -7.83
N ARG D 128 -27.65 67.58 -8.95
CA ARG D 128 -28.94 67.82 -9.61
C ARG D 128 -29.25 66.80 -10.72
N LYS D 129 -28.21 66.20 -11.30
CA LYS D 129 -28.36 65.11 -12.22
C LYS D 129 -29.28 64.00 -11.67
N GLN D 130 -30.19 63.55 -12.54
CA GLN D 130 -31.05 62.40 -12.26
C GLN D 130 -30.48 61.21 -13.01
N TRP D 131 -30.32 60.09 -12.28
CA TRP D 131 -29.53 58.97 -12.76
C TRP D 131 -30.39 57.95 -13.42
N ARG D 132 -29.93 57.41 -14.55
CA ARG D 132 -30.57 56.23 -15.13
C ARG D 132 -30.59 55.16 -14.05
N VAL D 133 -31.64 54.40 -14.11
CA VAL D 133 -31.85 53.26 -13.25
C VAL D 133 -32.04 51.97 -14.08
N ASP D 134 -32.16 52.10 -15.40
CA ASP D 134 -32.22 50.96 -16.32
C ASP D 134 -30.79 50.52 -16.71
N LEU D 135 -30.08 50.03 -15.69
CA LEU D 135 -28.66 49.77 -15.72
C LEU D 135 -28.46 48.36 -15.31
N PRO D 136 -27.38 47.74 -15.79
CA PRO D 136 -27.12 46.40 -15.31
C PRO D 136 -26.68 46.47 -13.85
N ALA D 137 -27.14 45.50 -13.07
CA ALA D 137 -26.77 45.34 -11.69
C ALA D 137 -25.31 44.91 -11.59
N THR D 138 -24.69 45.12 -10.42
CA THR D 138 -23.30 44.70 -10.20
C THR D 138 -23.15 43.72 -9.06
N SER D 139 -22.07 42.95 -9.15
CA SER D 139 -21.60 42.12 -8.08
C SER D 139 -20.41 42.86 -7.51
N VAL D 140 -20.51 43.22 -6.24
CA VAL D 140 -19.47 43.93 -5.57
C VAL D 140 -18.52 42.93 -4.93
N VAL D 141 -17.24 42.99 -5.26
CA VAL D 141 -16.26 42.10 -4.70
C VAL D 141 -15.33 42.85 -3.79
N ILE D 142 -15.26 42.40 -2.54
CA ILE D 142 -14.42 43.02 -1.53
C ILE D 142 -13.60 41.90 -0.94
N THR D 143 -12.29 41.94 -1.12
CA THR D 143 -11.40 40.98 -0.51
C THR D 143 -10.79 41.61 0.70
N PHE D 144 -10.43 40.79 1.68
CA PHE D 144 -9.83 41.30 2.90
C PHE D 144 -9.00 40.27 3.63
N HIS D 145 -7.96 40.75 4.30
CA HIS D 145 -7.16 39.94 5.16
C HIS D 145 -6.93 40.68 6.46
N ASN D 146 -7.53 40.18 7.54
CA ASN D 146 -7.43 40.80 8.87
C ASN D 146 -7.80 42.26 8.85
N GLU D 147 -8.96 42.56 8.29
CA GLU D 147 -9.45 43.91 8.30
C GLU D 147 -10.03 44.17 9.67
N ALA D 148 -9.98 45.42 10.11
CA ALA D 148 -10.75 45.83 11.29
C ALA D 148 -12.23 45.67 11.01
N ARG D 149 -12.91 45.04 11.95
CA ARG D 149 -14.31 44.75 11.80
C ARG D 149 -15.14 46.00 11.56
N SER D 150 -14.83 47.09 12.26
CA SER D 150 -15.66 48.29 12.10
C SER D 150 -15.53 48.83 10.66
N ALA D 151 -14.31 48.76 10.10
CA ALA D 151 -14.10 49.31 8.75
C ALA D 151 -14.77 48.43 7.69
N LEU D 152 -14.70 47.11 7.90
CA LEU D 152 -15.23 46.15 6.96
C LEU D 152 -16.76 46.27 6.93
N LEU D 153 -17.38 46.30 8.11
CA LEU D 153 -18.82 46.50 8.21
C LEU D 153 -19.28 47.79 7.57
N ARG D 154 -18.55 48.84 7.83
CA ARG D 154 -18.89 50.16 7.31
C ARG D 154 -18.79 50.18 5.77
N THR D 155 -17.81 49.49 5.22
CA THR D 155 -17.71 49.34 3.78
C THR D 155 -19.00 48.67 3.24
N VAL D 156 -19.35 47.55 3.81
CA VAL D 156 -20.52 46.80 3.41
C VAL D 156 -21.78 47.64 3.55
N VAL D 157 -21.96 48.30 4.69
CA VAL D 157 -23.17 49.07 4.81
C VAL D 157 -23.17 50.29 3.91
N SER D 158 -22.03 50.92 3.66
CA SER D 158 -22.05 52.04 2.74
C SER D 158 -22.52 51.57 1.34
N VAL D 159 -22.13 50.36 0.93
CA VAL D 159 -22.63 49.85 -0.34
C VAL D 159 -24.13 49.68 -0.32
N LEU D 160 -24.63 49.06 0.73
CA LEU D 160 -26.04 48.74 0.82
C LEU D 160 -26.88 50.00 0.96
N LYS D 161 -26.41 50.94 1.77
CA LYS D 161 -27.21 52.13 2.03
C LYS D 161 -27.19 53.11 0.86
N LYS D 162 -26.07 53.23 0.14
CA LYS D 162 -25.92 54.29 -0.85
C LYS D 162 -26.22 53.88 -2.29
N SER D 163 -26.56 52.62 -2.52
CA SER D 163 -26.74 52.10 -3.87
C SER D 163 -28.19 51.73 -4.04
N PRO D 164 -28.77 52.00 -5.23
CA PRO D 164 -30.13 51.48 -5.47
C PRO D 164 -30.18 49.98 -5.28
N PRO D 165 -31.12 49.47 -4.47
CA PRO D 165 -31.08 48.04 -4.21
C PRO D 165 -31.11 47.14 -5.43
N HIS D 166 -31.84 47.53 -6.49
CA HIS D 166 -31.94 46.63 -7.66
C HIS D 166 -30.61 46.52 -8.46
N LEU D 167 -29.69 47.47 -8.24
CA LEU D 167 -28.37 47.45 -8.86
C LEU D 167 -27.29 46.71 -8.07
N ILE D 168 -27.61 46.26 -6.86
CA ILE D 168 -26.72 45.42 -6.11
C ILE D 168 -27.25 44.00 -6.14
N LYS D 169 -26.66 43.20 -7.00
CA LYS D 169 -27.01 41.81 -7.10
C LYS D 169 -26.60 41.06 -5.85
N GLU D 170 -25.37 41.33 -5.41
CA GLU D 170 -24.75 40.66 -4.27
C GLU D 170 -23.48 41.42 -3.89
N ILE D 171 -23.02 41.16 -2.67
CA ILE D 171 -21.74 41.63 -2.19
C ILE D 171 -20.99 40.39 -1.81
N ILE D 172 -19.89 40.13 -2.51
CA ILE D 172 -19.11 38.92 -2.30
C ILE D 172 -17.90 39.34 -1.51
N LEU D 173 -17.78 38.83 -0.30
CA LEU D 173 -16.66 39.11 0.56
C LEU D 173 -15.71 37.95 0.43
N VAL D 174 -14.50 38.21 -0.04
CA VAL D 174 -13.52 37.14 -0.13
C VAL D 174 -12.58 37.25 1.06
N ASP D 175 -12.79 36.38 2.05
CA ASP D 175 -11.96 36.36 3.26
C ASP D 175 -10.66 35.67 2.91
N ASP D 176 -9.61 36.45 2.74
CA ASP D 176 -8.33 35.92 2.35
C ASP D 176 -7.55 35.44 3.57
N TYR D 177 -8.02 34.36 4.16
CA TYR D 177 -7.31 33.67 5.24
C TYR D 177 -7.04 34.59 6.43
N SER D 178 -8.07 35.31 6.87
CA SER D 178 -8.00 36.12 8.08
C SER D 178 -7.79 35.21 9.29
N ASN D 179 -7.12 35.68 10.34
CA ASN D 179 -6.88 34.87 11.55
C ASN D 179 -8.20 34.31 12.07
N ASP D 180 -9.21 35.17 12.17
CA ASP D 180 -10.52 34.78 12.65
C ASP D 180 -11.56 34.67 11.49
N PRO D 181 -11.98 33.44 11.14
CA PRO D 181 -13.02 33.30 10.10
C PRO D 181 -14.36 33.98 10.41
N GLU D 182 -14.60 34.31 11.66
CA GLU D 182 -15.85 34.99 12.03
C GLU D 182 -15.97 36.43 11.52
N ASP D 183 -14.84 37.13 11.28
CA ASP D 183 -14.89 38.51 10.76
C ASP D 183 -15.79 38.53 9.53
N GLY D 184 -15.53 37.60 8.62
CA GLY D 184 -16.37 37.45 7.44
C GLY D 184 -17.70 36.75 7.69
N ALA D 185 -17.66 35.58 8.30
CA ALA D 185 -18.86 34.74 8.46
C ALA D 185 -20.00 35.46 9.14
N LEU D 186 -19.72 36.25 10.18
CA LEU D 186 -20.80 36.99 10.85
C LEU D 186 -21.52 38.00 9.93
N LEU D 187 -20.80 38.57 8.97
CA LEU D 187 -21.38 39.47 7.98
C LEU D 187 -22.23 38.76 6.93
N GLY D 188 -22.05 37.46 6.77
CA GLY D 188 -22.88 36.62 5.92
C GLY D 188 -24.36 36.60 6.27
N LYS D 189 -24.72 37.03 7.44
CA LYS D 189 -26.11 37.12 7.84
C LYS D 189 -26.77 38.35 7.23
N ILE D 190 -25.99 39.33 6.79
CA ILE D 190 -26.54 40.56 6.21
C ILE D 190 -27.06 40.29 4.80
N GLU D 191 -28.22 40.89 4.51
CA GLU D 191 -28.85 40.86 3.18
C GLU D 191 -27.80 41.05 2.09
N LYS D 192 -27.87 40.19 1.09
CA LYS D 192 -27.05 40.25 -0.11
C LYS D 192 -25.58 39.91 0.02
N VAL D 193 -25.11 39.65 1.23
CA VAL D 193 -23.72 39.34 1.48
C VAL D 193 -23.47 37.84 1.38
N ARG D 194 -22.49 37.46 0.58
CA ARG D 194 -22.05 36.07 0.42
CA ARG D 194 -22.05 36.07 0.42
C ARG D 194 -20.59 36.07 0.81
N VAL D 195 -20.16 35.11 1.63
CA VAL D 195 -18.75 35.06 1.95
C VAL D 195 -18.06 33.80 1.46
N LEU D 196 -16.88 34.03 0.92
CA LEU D 196 -16.01 33.00 0.40
C LEU D 196 -14.73 33.10 1.21
N ARG D 197 -14.33 32.03 1.87
CA ARG D 197 -13.11 32.00 2.65
C ARG D 197 -12.03 31.22 1.93
N ASN D 198 -10.86 31.84 1.73
CA ASN D 198 -9.69 31.13 1.21
C ASN D 198 -9.11 30.29 2.36
N ASP D 199 -8.86 28.99 2.16
CA ASP D 199 -8.29 28.17 3.26
C ASP D 199 -6.78 28.31 3.34
N ARG D 200 -6.14 29.11 2.51
CA ARG D 200 -4.79 29.56 2.75
C ARG D 200 -4.68 30.98 2.20
N ARG D 201 -3.63 31.68 2.57
CA ARG D 201 -3.38 33.02 2.09
C ARG D 201 -3.14 32.99 0.58
N GLU D 202 -3.91 33.79 -0.17
CA GLU D 202 -3.84 33.84 -1.63
C GLU D 202 -3.45 35.20 -2.20
N GLY D 203 -3.63 36.26 -1.41
CA GLY D 203 -3.38 37.61 -1.91
C GLY D 203 -4.56 38.21 -2.64
N LEU D 204 -4.47 39.52 -2.91
CA LEU D 204 -5.59 40.27 -3.45
C LEU D 204 -5.87 39.89 -4.88
N MET D 205 -4.86 39.55 -5.67
CA MET D 205 -5.10 39.24 -7.08
C MET D 205 -5.91 37.98 -7.24
N ARG D 206 -5.45 36.91 -6.60
CA ARG D 206 -6.14 35.64 -6.68
C ARG D 206 -7.51 35.71 -5.96
N SER D 207 -7.56 36.44 -4.85
CA SER D 207 -8.82 36.64 -4.15
C SER D 207 -9.87 37.35 -5.02
N ARG D 208 -9.46 38.37 -5.76
CA ARG D 208 -10.39 39.10 -6.61
C ARG D 208 -10.91 38.24 -7.72
N VAL D 209 -10.04 37.41 -8.29
CA VAL D 209 -10.44 36.54 -9.36
C VAL D 209 -11.44 35.51 -8.85
N ARG D 210 -11.20 34.99 -7.65
CA ARG D 210 -12.16 34.08 -7.04
C ARG D 210 -13.53 34.75 -6.90
N GLY D 211 -13.55 35.99 -6.44
CA GLY D 211 -14.80 36.71 -6.28
C GLY D 211 -15.45 36.95 -7.65
N ALA D 212 -14.64 37.37 -8.62
CA ALA D 212 -15.14 37.61 -9.96
C ALA D 212 -15.73 36.35 -10.57
N ASP D 213 -15.07 35.22 -10.38
CA ASP D 213 -15.54 33.93 -10.92
C ASP D 213 -16.87 33.50 -10.27
N ALA D 214 -17.09 33.89 -9.03
CA ALA D 214 -18.34 33.58 -8.36
C ALA D 214 -19.45 34.57 -8.66
N ALA D 215 -19.13 35.70 -9.28
CA ALA D 215 -20.12 36.74 -9.50
C ALA D 215 -21.20 36.33 -10.49
N GLN D 216 -22.44 36.72 -10.21
CA GLN D 216 -23.58 36.35 -11.05
C GLN D 216 -24.01 37.48 -11.97
N ALA D 217 -23.66 38.73 -11.62
CA ALA D 217 -24.06 39.87 -12.41
C ALA D 217 -23.17 40.08 -13.62
N LYS D 218 -23.67 40.92 -14.52
CA LYS D 218 -22.97 41.34 -15.73
C LYS D 218 -21.75 42.22 -15.44
N VAL D 219 -21.78 42.96 -14.35
CA VAL D 219 -20.76 43.98 -14.04
C VAL D 219 -20.11 43.75 -12.67
N LEU D 220 -18.79 43.89 -12.64
CA LEU D 220 -18.03 43.70 -11.41
C LEU D 220 -17.69 45.06 -10.85
N THR D 221 -17.82 45.20 -9.53
CA THR D 221 -17.32 46.36 -8.83
C THR D 221 -16.32 45.85 -7.80
N PHE D 222 -15.08 46.37 -7.82
CA PHE D 222 -14.09 45.97 -6.81
C PHE D 222 -13.92 47.15 -5.85
N LEU D 223 -13.99 46.87 -4.55
CA LEU D 223 -13.71 47.83 -3.53
C LEU D 223 -12.79 47.21 -2.50
N ASP D 224 -11.95 48.02 -1.88
CA ASP D 224 -11.19 47.60 -0.72
C ASP D 224 -12.11 47.50 0.48
N SER D 225 -11.63 46.85 1.54
CA SER D 225 -12.41 46.58 2.73
C SER D 225 -12.42 47.69 3.79
N HIS D 226 -12.00 48.89 3.39
CA HIS D 226 -12.04 50.08 4.23
C HIS D 226 -12.38 51.26 3.36
N CYS D 227 -13.56 51.21 2.75
CA CYS D 227 -14.06 52.30 1.92
C CYS D 227 -15.43 52.73 2.41
N GLU D 228 -15.84 53.93 2.01
CA GLU D 228 -17.16 54.41 2.30
C GLU D 228 -17.70 55.09 1.05
N CYS D 229 -18.71 54.49 0.47
CA CYS D 229 -19.39 55.05 -0.67
C CYS D 229 -20.17 56.30 -0.34
N ASN D 230 -20.12 57.28 -1.25
CA ASN D 230 -20.86 58.54 -1.10
C ASN D 230 -22.17 58.50 -1.91
N GLU D 231 -22.93 59.57 -1.84
CA GLU D 231 -24.25 59.65 -2.51
C GLU D 231 -24.16 59.35 -4.00
N HIS D 232 -25.06 58.53 -4.51
CA HIS D 232 -25.15 58.20 -5.94
C HIS D 232 -23.78 57.91 -6.56
N TRP D 233 -22.99 57.10 -5.85
CA TRP D 233 -21.67 56.70 -6.33
C TRP D 233 -21.73 55.73 -7.47
N LEU D 234 -22.76 54.87 -7.48
CA LEU D 234 -22.74 53.72 -8.34
C LEU D 234 -23.25 53.99 -9.75
N GLU D 235 -24.35 54.73 -9.85
CA GLU D 235 -25.01 54.94 -11.15
C GLU D 235 -24.09 55.58 -12.19
N PRO D 236 -23.31 56.59 -11.82
CA PRO D 236 -22.40 57.16 -12.82
C PRO D 236 -21.38 56.19 -13.34
N LEU D 237 -21.00 55.20 -12.53
CA LEU D 237 -20.03 54.22 -12.99
C LEU D 237 -20.69 53.23 -13.90
N LEU D 238 -21.85 52.72 -13.50
CA LEU D 238 -22.55 51.71 -14.31
C LEU D 238 -23.01 52.27 -15.65
N GLU D 239 -23.46 53.50 -15.65
CA GLU D 239 -23.80 54.25 -16.88
C GLU D 239 -22.69 54.12 -17.90
N ARG D 240 -21.44 54.28 -17.47
CA ARG D 240 -20.32 54.25 -18.42
C ARG D 240 -20.14 52.89 -19.04
N VAL D 241 -20.18 51.84 -18.23
CA VAL D 241 -19.89 50.52 -18.77
C VAL D 241 -21.08 49.92 -19.51
N ALA D 242 -22.28 50.33 -19.12
CA ALA D 242 -23.48 49.94 -19.85
C ALA D 242 -23.46 50.51 -21.27
N GLU D 243 -23.00 51.75 -21.42
CA GLU D 243 -22.88 52.39 -22.73
C GLU D 243 -21.73 51.83 -23.62
N ASP D 244 -20.61 51.40 -23.01
CA ASP D 244 -19.48 50.83 -23.74
C ASP D 244 -18.74 49.91 -22.78
N ARG D 245 -18.88 48.63 -23.00
CA ARG D 245 -18.32 47.58 -22.17
C ARG D 245 -16.80 47.54 -22.09
N THR D 246 -16.09 48.29 -22.91
CA THR D 246 -14.64 48.31 -22.88
C THR D 246 -14.09 49.35 -21.94
N ARG D 247 -14.97 50.16 -21.33
CA ARG D 247 -14.51 51.12 -20.33
C ARG D 247 -14.39 50.48 -18.96
N VAL D 248 -13.23 50.69 -18.36
CA VAL D 248 -12.97 50.33 -16.97
C VAL D 248 -12.92 51.65 -16.19
N VAL D 249 -13.78 51.79 -15.21
CA VAL D 249 -14.04 53.08 -14.62
C VAL D 249 -13.88 53.09 -13.11
N SER D 250 -13.49 54.25 -12.60
CA SER D 250 -13.15 54.47 -11.22
C SER D 250 -13.82 55.69 -10.68
N PRO D 251 -14.17 55.67 -9.39
CA PRO D 251 -14.55 56.92 -8.76
C PRO D 251 -13.36 57.78 -8.46
N ILE D 252 -13.65 59.04 -8.16
CA ILE D 252 -12.72 59.87 -7.42
C ILE D 252 -12.63 59.26 -6.04
N ILE D 253 -11.41 59.04 -5.59
CA ILE D 253 -11.19 58.35 -4.34
C ILE D 253 -10.93 59.41 -3.26
N ASP D 254 -11.93 59.65 -2.42
CA ASP D 254 -11.80 60.56 -1.30
C ASP D 254 -10.91 59.92 -0.22
N VAL D 255 -10.41 60.74 0.69
CA VAL D 255 -9.48 60.31 1.72
C VAL D 255 -10.23 60.15 3.05
N ILE D 256 -10.12 58.97 3.64
CA ILE D 256 -10.52 58.77 5.00
C ILE D 256 -9.23 58.77 5.79
N ASN D 257 -9.07 59.78 6.64
CA ASN D 257 -7.80 60.00 7.33
C ASN D 257 -7.49 58.83 8.27
N MET D 258 -6.32 58.24 8.12
CA MET D 258 -5.91 57.11 8.94
C MET D 258 -5.75 57.38 10.44
N ASP D 259 -5.61 58.63 10.85
CA ASP D 259 -5.46 58.99 12.27
C ASP D 259 -6.78 59.30 12.92
N ASN D 260 -7.60 60.14 12.28
CA ASN D 260 -8.86 60.64 12.87
C ASN D 260 -10.16 60.19 12.17
N PHE D 261 -10.04 59.49 11.04
CA PHE D 261 -11.17 58.97 10.28
C PHE D 261 -12.14 60.00 9.72
N GLN D 262 -11.66 61.22 9.59
CA GLN D 262 -12.42 62.23 8.88
C GLN D 262 -12.41 61.89 7.41
N TYR D 263 -13.55 62.18 6.77
CA TYR D 263 -13.77 61.95 5.37
C TYR D 263 -13.51 63.29 4.72
N VAL D 264 -12.53 63.30 3.82
CA VAL D 264 -11.99 64.48 3.19
C VAL D 264 -12.13 64.38 1.67
N GLY D 265 -12.71 65.40 1.05
CA GLY D 265 -12.90 65.42 -0.39
C GLY D 265 -11.55 65.53 -1.10
N ALA D 266 -11.31 64.65 -2.08
CA ALA D 266 -10.11 64.71 -2.87
C ALA D 266 -10.25 65.73 -4.00
N SER D 267 -9.12 66.05 -4.61
CA SER D 267 -9.14 66.84 -5.83
C SER D 267 -9.73 66.01 -6.96
N ALA D 268 -10.52 66.67 -7.80
CA ALA D 268 -11.06 66.13 -9.04
C ALA D 268 -10.18 66.41 -10.25
N ASP D 269 -9.06 67.10 -10.06
CA ASP D 269 -8.21 67.49 -11.18
C ASP D 269 -7.01 66.56 -11.37
N LEU D 270 -7.12 65.31 -10.94
CA LEU D 270 -5.99 64.39 -11.05
C LEU D 270 -6.23 63.28 -12.04
N LYS D 271 -5.14 62.73 -12.55
CA LYS D 271 -5.11 61.54 -13.35
C LYS D 271 -4.08 60.66 -12.67
N GLY D 272 -4.18 59.36 -12.88
CA GLY D 272 -3.16 58.44 -12.46
C GLY D 272 -2.01 58.41 -13.41
N GLY D 273 -0.86 57.98 -12.94
CA GLY D 273 0.36 57.91 -13.77
C GLY D 273 1.46 57.20 -13.01
N PHE D 274 2.68 57.37 -13.47
CA PHE D 274 3.83 56.66 -12.88
C PHE D 274 5.13 57.18 -13.44
N ASP D 275 6.20 57.00 -12.69
CA ASP D 275 7.56 57.28 -13.18
C ASP D 275 8.13 55.97 -13.64
N TRP D 276 9.34 56.02 -14.20
CA TRP D 276 9.95 54.83 -14.76
C TRP D 276 10.24 53.74 -13.74
N ASN D 277 10.26 54.08 -12.45
CA ASN D 277 10.29 53.06 -11.41
C ASN D 277 8.99 52.26 -11.26
N LEU D 278 7.98 52.60 -12.08
CA LEU D 278 6.70 51.91 -12.13
C LEU D 278 5.92 51.93 -10.80
N VAL D 279 6.08 53.03 -10.07
CA VAL D 279 5.36 53.27 -8.83
C VAL D 279 4.23 54.22 -9.17
N PHE D 280 3.00 53.80 -8.86
CA PHE D 280 1.82 54.63 -9.09
C PHE D 280 1.95 56.00 -8.44
N LYS D 281 1.56 57.05 -9.16
CA LYS D 281 1.49 58.39 -8.60
C LYS D 281 0.36 59.18 -9.23
N TRP D 282 -0.12 60.19 -8.51
CA TRP D 282 -1.13 61.09 -9.00
C TRP D 282 -0.45 62.30 -9.63
N ASP D 283 -0.89 62.66 -10.85
CA ASP D 283 -0.44 63.83 -11.59
C ASP D 283 -1.63 64.80 -11.57
N TYR D 284 -1.37 66.10 -11.48
CA TYR D 284 -2.39 67.07 -11.86
C TYR D 284 -2.53 67.01 -13.38
N MET D 285 -3.75 67.19 -13.87
CA MET D 285 -3.96 67.50 -15.28
C MET D 285 -3.15 68.73 -15.65
N THR D 286 -2.81 68.82 -16.93
CA THR D 286 -2.15 70.01 -17.46
C THR D 286 -3.13 71.18 -17.49
N PRO D 287 -2.62 72.42 -17.48
CA PRO D 287 -3.52 73.56 -17.68
C PRO D 287 -4.40 73.44 -18.93
N GLU D 288 -3.88 72.87 -20.03
CA GLU D 288 -4.69 72.71 -21.26
C GLU D 288 -5.77 71.63 -21.12
N GLN D 289 -5.46 70.55 -20.40
CA GLN D 289 -6.50 69.54 -20.07
C GLN D 289 -7.63 70.17 -19.25
N ARG D 290 -7.26 70.94 -18.23
CA ARG D 290 -8.26 71.62 -17.38
C ARG D 290 -9.12 72.61 -18.17
N ARG D 291 -8.53 73.42 -19.04
CA ARG D 291 -9.30 74.37 -19.86
C ARG D 291 -10.29 73.66 -20.78
N SER D 292 -9.87 72.54 -21.38
CA SER D 292 -10.74 71.78 -22.29
C SER D 292 -11.95 71.15 -21.60
N ARG D 293 -11.93 71.10 -20.27
CA ARG D 293 -13.04 70.59 -19.49
C ARG D 293 -13.92 71.67 -18.89
N GLN D 294 -13.55 72.96 -19.00
CA GLN D 294 -14.27 74.06 -18.31
C GLN D 294 -15.78 74.05 -18.68
N GLY D 295 -16.12 73.62 -19.90
CA GLY D 295 -17.50 73.48 -20.36
C GLY D 295 -18.32 72.30 -19.87
N ASN D 296 -17.67 71.21 -19.41
CA ASN D 296 -18.34 70.15 -18.62
C ASN D 296 -17.39 69.58 -17.54
N PRO D 297 -17.34 70.22 -16.36
CA PRO D 297 -16.32 69.82 -15.37
C PRO D 297 -16.52 68.45 -14.70
N VAL D 298 -17.64 67.78 -14.95
CA VAL D 298 -17.87 66.44 -14.42
C VAL D 298 -17.84 65.37 -15.48
N ALA D 299 -17.23 65.67 -16.61
CA ALA D 299 -17.11 64.68 -17.67
C ALA D 299 -16.09 63.64 -17.22
N PRO D 300 -16.18 62.44 -17.77
CA PRO D 300 -15.14 61.46 -17.57
C PRO D 300 -13.75 62.01 -17.85
N ILE D 301 -12.77 61.51 -17.11
CA ILE D 301 -11.38 61.85 -17.27
C ILE D 301 -10.66 60.57 -17.66
N LYS D 302 -10.07 60.55 -18.86
CA LYS D 302 -9.26 59.39 -19.25
C LYS D 302 -7.97 59.38 -18.46
N THR D 303 -7.60 58.21 -17.98
CA THR D 303 -6.43 58.09 -17.11
C THR D 303 -5.50 57.00 -17.59
N PRO D 304 -4.19 57.25 -17.62
CA PRO D 304 -3.24 56.20 -18.07
C PRO D 304 -3.21 55.02 -17.16
N MET D 305 -3.56 55.24 -15.92
CA MET D 305 -3.48 54.21 -14.94
C MET D 305 -4.51 54.40 -13.84
N ILE D 306 -5.07 53.31 -13.34
CA ILE D 306 -6.01 53.40 -12.22
C ILE D 306 -5.22 53.09 -10.95
N ALA D 307 -5.70 53.63 -9.83
CA ALA D 307 -5.17 53.31 -8.50
C ALA D 307 -5.18 51.80 -8.28
N GLY D 308 -6.33 51.18 -8.57
CA GLY D 308 -6.45 49.73 -8.74
C GLY D 308 -7.37 49.08 -7.73
N GLY D 309 -7.55 49.70 -6.58
CA GLY D 309 -8.46 49.18 -5.60
C GLY D 309 -9.93 49.34 -5.95
N LEU D 310 -10.30 50.45 -6.57
CA LEU D 310 -11.70 50.77 -6.69
C LEU D 310 -11.99 50.92 -8.15
N PHE D 311 -12.65 49.95 -8.76
CA PHE D 311 -13.09 50.10 -10.13
C PHE D 311 -14.24 49.21 -10.51
N VAL D 312 -14.84 49.54 -11.64
CA VAL D 312 -15.97 48.85 -12.16
C VAL D 312 -15.63 48.43 -13.56
N MET D 313 -15.95 47.19 -13.90
CA MET D 313 -15.61 46.61 -15.18
C MET D 313 -16.67 45.59 -15.57
N ASP D 314 -17.09 45.61 -16.83
CA ASP D 314 -17.95 44.56 -17.36
C ASP D 314 -17.32 43.19 -17.11
N LYS D 315 -18.08 42.26 -16.57
CA LYS D 315 -17.53 40.99 -16.13
C LYS D 315 -17.00 40.16 -17.29
N PHE D 316 -17.71 40.19 -18.40
CA PHE D 316 -17.27 39.40 -19.57
C PHE D 316 -16.03 40.03 -20.17
N TYR D 317 -15.98 41.36 -20.20
CA TYR D 317 -14.79 42.06 -20.63
C TYR D 317 -13.59 41.68 -19.74
N PHE D 318 -13.80 41.66 -18.43
CA PHE D 318 -12.75 41.25 -17.51
C PHE D 318 -12.25 39.85 -17.84
N GLU D 319 -13.16 38.91 -18.10
CA GLU D 319 -12.80 37.52 -18.49
C GLU D 319 -12.05 37.45 -19.81
N GLU D 320 -12.58 38.12 -20.81
CA GLU D 320 -12.03 38.13 -22.15
C GLU D 320 -10.64 38.78 -22.23
N LEU D 321 -10.40 39.83 -21.43
CA LEU D 321 -9.08 40.43 -21.38
C LEU D 321 -8.05 39.66 -20.54
N GLY D 322 -8.42 38.59 -19.87
CA GLY D 322 -7.46 37.78 -19.09
C GLY D 322 -7.46 38.03 -17.59
N LYS D 323 -8.58 38.49 -17.08
CA LYS D 323 -8.80 38.57 -15.62
C LYS D 323 -7.65 39.35 -14.96
N TYR D 324 -6.93 38.74 -13.99
CA TYR D 324 -5.62 39.21 -13.58
C TYR D 324 -4.61 38.09 -13.84
N ASP D 325 -3.35 38.48 -13.84
CA ASP D 325 -2.24 37.54 -13.86
C ASP D 325 -2.24 36.79 -12.51
N MET D 326 -2.64 35.52 -12.56
CA MET D 326 -2.82 34.69 -11.37
C MET D 326 -1.55 34.37 -10.55
N MET D 327 -0.38 34.67 -11.13
CA MET D 327 0.90 34.45 -10.45
C MET D 327 1.41 35.67 -9.63
N MET D 328 0.69 36.79 -9.68
CA MET D 328 1.02 37.92 -8.82
C MET D 328 0.65 37.60 -7.36
N ASP D 329 1.49 38.02 -6.40
CA ASP D 329 1.33 37.65 -5.00
C ASP D 329 1.06 38.81 -4.07
N VAL D 330 0.27 38.51 -3.03
CA VAL D 330 -0.21 39.43 -1.98
C VAL D 330 -0.68 40.86 -2.40
N TRP D 331 0.23 41.69 -2.91
CA TRP D 331 -0.08 43.10 -3.22
C TRP D 331 0.94 43.72 -4.19
N GLY D 332 0.47 44.69 -4.97
CA GLY D 332 1.31 45.58 -5.75
C GLY D 332 1.44 45.08 -7.19
N GLY D 333 1.41 45.99 -8.15
CA GLY D 333 1.72 45.73 -9.53
C GLY D 333 0.58 45.30 -10.45
N GLU D 334 -0.50 44.80 -9.86
CA GLU D 334 -1.66 44.33 -10.66
C GLU D 334 -2.38 45.48 -11.37
N ASN D 335 -2.36 46.64 -10.71
CA ASN D 335 -2.86 47.88 -11.28
C ASN D 335 -2.08 48.35 -12.52
N LEU D 336 -0.76 48.16 -12.51
CA LEU D 336 0.09 48.42 -13.68
C LEU D 336 -0.38 47.56 -14.83
N GLU D 337 -0.45 46.26 -14.52
CA GLU D 337 -0.65 45.25 -15.53
C GLU D 337 -2.01 45.42 -16.19
N ILE D 338 -3.06 45.55 -15.39
CA ILE D 338 -4.39 45.71 -15.95
C ILE D 338 -4.52 47.03 -16.74
N SER D 339 -3.87 48.08 -16.27
CA SER D 339 -3.95 49.35 -16.95
C SER D 339 -3.31 49.31 -18.31
N PHE D 340 -2.11 48.75 -18.39
CA PHE D 340 -1.43 48.60 -19.68
C PHE D 340 -2.26 47.72 -20.63
N ARG D 341 -2.71 46.59 -20.08
CA ARG D 341 -3.46 45.63 -20.85
C ARG D 341 -4.74 46.25 -21.40
N VAL D 342 -5.50 46.94 -20.57
CA VAL D 342 -6.75 47.51 -21.03
C VAL D 342 -6.50 48.49 -22.16
N TRP D 343 -5.52 49.38 -21.98
CA TRP D 343 -5.30 50.42 -22.97
C TRP D 343 -4.74 49.85 -24.27
N GLN D 344 -3.71 49.03 -24.15
CA GLN D 344 -3.04 48.48 -25.33
C GLN D 344 -3.97 47.53 -26.12
N CYS D 345 -4.88 46.86 -25.43
CA CYS D 345 -5.76 45.88 -26.08
C CYS D 345 -7.14 46.41 -26.45
N GLY D 346 -7.32 47.72 -26.49
CA GLY D 346 -8.53 48.31 -27.12
C GLY D 346 -9.52 48.98 -26.20
N GLY D 347 -9.36 48.83 -24.88
CA GLY D 347 -10.24 49.46 -23.93
C GLY D 347 -9.84 50.87 -23.53
N SER D 348 -10.48 51.36 -22.46
CA SER D 348 -10.08 52.64 -21.85
C SER D 348 -10.27 52.60 -20.34
N LEU D 349 -9.66 53.57 -19.68
CA LEU D 349 -9.66 53.72 -18.22
C LEU D 349 -10.17 55.07 -17.94
N GLU D 350 -11.09 55.20 -17.00
CA GLU D 350 -11.67 56.53 -16.68
C GLU D 350 -11.79 56.74 -15.20
N ILE D 351 -11.76 58.02 -14.81
CA ILE D 351 -12.14 58.50 -13.49
C ILE D 351 -13.41 59.31 -13.68
N ILE D 352 -14.41 59.05 -12.86
CA ILE D 352 -15.77 59.59 -13.05
C ILE D 352 -16.07 60.53 -11.88
N PRO D 353 -16.00 61.83 -12.13
CA PRO D 353 -16.07 62.74 -10.98
C PRO D 353 -17.33 62.71 -10.15
N CYS D 354 -18.45 62.32 -10.75
CA CYS D 354 -19.69 62.23 -9.99
C CYS D 354 -19.74 61.07 -9.02
N SER D 355 -18.83 60.12 -9.18
CA SER D 355 -18.71 58.99 -8.29
C SER D 355 -17.63 59.26 -7.26
N ARG D 356 -18.02 59.23 -6.00
CA ARG D 356 -17.12 59.52 -4.89
C ARG D 356 -17.16 58.36 -3.91
N VAL D 357 -15.97 57.83 -3.59
CA VAL D 357 -15.83 56.79 -2.60
C VAL D 357 -14.60 57.10 -1.75
N GLY D 358 -14.77 57.08 -0.43
CA GLY D 358 -13.66 57.30 0.49
C GLY D 358 -12.88 56.04 0.70
N HIS D 359 -11.58 56.17 0.93
CA HIS D 359 -10.68 55.05 1.17
C HIS D 359 -9.69 55.45 2.30
N VAL D 360 -9.42 54.53 3.20
CA VAL D 360 -8.43 54.75 4.23
C VAL D 360 -7.05 54.56 3.63
N PHE D 361 -6.42 55.64 3.23
CA PHE D 361 -5.03 55.56 2.77
C PHE D 361 -4.11 55.36 3.98
N ARG D 362 -3.17 54.45 3.86
CA ARG D 362 -2.17 54.26 4.91
C ARG D 362 -0.75 54.23 4.36
N LYS D 363 0.20 54.47 5.25
CA LYS D 363 1.62 54.57 4.88
C LYS D 363 2.35 53.22 4.89
N GLN D 364 1.87 52.29 5.73
CA GLN D 364 2.43 50.93 5.82
C GLN D 364 1.35 49.83 5.65
N HIS D 365 1.78 48.66 5.21
CA HIS D 365 0.92 47.48 5.19
C HIS D 365 0.88 46.82 6.60
N PRO D 366 -0.33 46.46 7.11
CA PRO D 366 -0.40 45.73 8.40
C PRO D 366 -0.15 44.20 8.31
N TYR D 367 -0.01 43.64 7.12
CA TYR D 367 -0.01 42.19 6.88
C TYR D 367 1.34 41.66 6.36
N THR D 368 1.48 40.35 6.44
CA THR D 368 2.70 39.62 6.05
C THR D 368 2.86 39.55 4.53
N PHE D 369 4.12 39.53 4.09
CA PHE D 369 4.50 39.19 2.72
C PHE D 369 5.44 37.98 2.78
N PRO D 370 5.00 36.80 2.29
CA PRO D 370 5.95 35.70 2.03
C PRO D 370 7.17 36.12 1.15
N GLY D 371 8.29 36.42 1.82
CA GLY D 371 9.54 36.83 1.16
C GLY D 371 9.90 38.32 1.19
N GLY D 372 9.19 39.12 2.01
CA GLY D 372 9.40 40.58 2.07
C GLY D 372 8.63 41.36 1.00
N SER D 373 8.11 42.54 1.37
CA SER D 373 7.28 43.36 0.45
C SER D 373 8.08 43.99 -0.73
N GLY D 374 9.34 44.36 -0.48
CA GLY D 374 10.23 44.83 -1.54
C GLY D 374 10.31 43.83 -2.69
N THR D 375 10.49 42.55 -2.34
CA THR D 375 10.66 41.46 -3.32
C THR D 375 9.36 41.11 -4.07
N VAL D 376 8.25 41.02 -3.33
CA VAL D 376 6.95 40.68 -3.94
C VAL D 376 6.51 41.78 -4.96
N PHE D 377 6.63 43.05 -4.54
CA PHE D 377 6.31 44.20 -5.40
C PHE D 377 7.16 44.16 -6.69
N ALA D 378 8.45 43.85 -6.54
CA ALA D 378 9.36 43.80 -7.70
C ALA D 378 8.99 42.67 -8.68
N ARG D 379 8.70 41.49 -8.12
CA ARG D 379 8.28 40.35 -8.93
CA ARG D 379 8.28 40.33 -8.94
C ARG D 379 7.02 40.65 -9.76
N ASN D 380 5.99 41.15 -9.07
CA ASN D 380 4.71 41.49 -9.72
C ASN D 380 4.96 42.52 -10.81
N THR D 381 5.73 43.56 -10.47
CA THR D 381 6.06 44.64 -11.40
C THR D 381 6.82 44.12 -12.62
N ARG D 382 7.82 43.27 -12.40
CA ARG D 382 8.54 42.66 -13.51
C ARG D 382 7.63 41.89 -14.45
N ARG D 383 6.71 41.11 -13.87
CA ARG D 383 5.78 40.35 -14.70
C ARG D 383 4.96 41.30 -15.59
N ALA D 384 4.59 42.46 -15.06
CA ALA D 384 3.93 43.48 -15.86
C ALA D 384 4.85 44.01 -16.95
N ALA D 385 6.06 44.39 -16.56
CA ALA D 385 6.98 45.04 -17.50
C ALA D 385 7.41 44.13 -18.66
N GLU D 386 7.73 42.87 -18.33
CA GLU D 386 8.19 41.94 -19.34
C GLU D 386 7.12 41.60 -20.38
N VAL D 387 5.87 41.63 -19.97
CA VAL D 387 4.77 41.29 -20.86
C VAL D 387 4.38 42.48 -21.75
N TRP D 388 4.31 43.67 -21.16
CA TRP D 388 3.62 44.80 -21.78
C TRP D 388 4.49 45.92 -22.36
N MET D 389 5.69 46.09 -21.80
CA MET D 389 6.45 47.32 -22.04
C MET D 389 7.39 47.30 -23.24
N ASP D 390 7.53 46.16 -23.92
CA ASP D 390 8.49 45.98 -25.01
C ASP D 390 9.88 46.43 -24.52
N GLU D 391 10.60 47.23 -25.29
CA GLU D 391 11.98 47.61 -24.93
C GLU D 391 12.00 48.66 -23.81
N TYR D 392 10.86 49.34 -23.61
CA TYR D 392 10.78 50.37 -22.61
C TYR D 392 10.91 49.79 -21.21
N LYS D 393 10.81 48.48 -21.07
CA LYS D 393 11.17 47.81 -19.81
C LYS D 393 12.56 48.16 -19.32
N ASN D 394 13.49 48.42 -20.24
CA ASN D 394 14.87 48.77 -19.87
C ASN D 394 14.96 50.10 -19.09
N PHE D 395 14.02 51.01 -19.34
CA PHE D 395 13.93 52.24 -18.53
C PHE D 395 13.49 51.93 -17.12
N TYR D 396 12.59 50.96 -16.93
CA TYR D 396 12.25 50.48 -15.57
C TYR D 396 13.51 49.92 -14.86
N TYR D 397 14.22 49.05 -15.58
CA TYR D 397 15.45 48.43 -15.06
C TYR D 397 16.57 49.47 -14.83
N ALA D 398 16.64 50.48 -15.68
CA ALA D 398 17.52 51.65 -15.43
C ALA D 398 17.20 52.41 -14.16
N ALA D 399 15.92 52.50 -13.77
CA ALA D 399 15.52 53.16 -12.52
C ALA D 399 15.63 52.26 -11.32
N VAL D 400 15.43 50.96 -11.51
CA VAL D 400 15.49 49.99 -10.41
C VAL D 400 16.40 48.83 -10.85
N PRO D 401 17.73 49.03 -10.85
CA PRO D 401 18.61 47.95 -11.36
C PRO D 401 18.52 46.69 -10.47
N SER D 402 18.24 46.84 -9.18
CA SER D 402 18.02 45.71 -8.28
C SER D 402 16.96 44.71 -8.77
N ALA D 403 15.99 45.19 -9.53
CA ALA D 403 14.93 44.36 -10.12
C ALA D 403 15.41 43.33 -11.14
N ARG D 404 16.51 43.56 -11.86
CA ARG D 404 17.00 42.54 -12.84
C ARG D 404 17.32 41.16 -12.20
N ASN D 405 17.57 41.15 -10.89
CA ASN D 405 17.91 39.93 -10.12
C ASN D 405 16.74 39.27 -9.40
N VAL D 406 15.53 39.84 -9.47
CA VAL D 406 14.37 39.24 -8.80
C VAL D 406 13.73 38.27 -9.78
N PRO D 407 13.70 36.95 -9.44
CA PRO D 407 13.09 36.02 -10.41
C PRO D 407 11.58 36.20 -10.44
N TYR D 408 11.01 36.06 -11.63
CA TYR D 408 9.59 36.40 -11.81
C TYR D 408 8.64 35.27 -12.24
N GLY D 409 9.18 34.10 -12.61
CA GLY D 409 8.37 32.96 -13.00
C GLY D 409 7.99 32.96 -14.49
N ASN D 410 7.17 31.99 -14.85
CA ASN D 410 6.73 31.79 -16.22
C ASN D 410 5.69 32.85 -16.60
N ILE D 411 5.81 33.45 -17.77
CA ILE D 411 4.86 34.47 -18.22
C ILE D 411 4.24 34.12 -19.59
N GLN D 412 4.33 32.85 -19.97
CA GLN D 412 3.94 32.43 -21.29
C GLN D 412 2.45 32.63 -21.59
N SER D 413 1.60 32.25 -20.64
CA SER D 413 0.14 32.41 -20.83
C SER D 413 -0.25 33.89 -21.09
N ARG D 414 0.42 34.78 -20.35
CA ARG D 414 0.25 36.23 -20.50
C ARG D 414 0.73 36.73 -21.86
N LEU D 415 1.90 36.28 -22.27
CA LEU D 415 2.43 36.63 -23.60
C LEU D 415 1.51 36.20 -24.73
N GLU D 416 0.96 34.99 -24.66
CA GLU D 416 0.03 34.49 -25.70
C GLU D 416 -1.31 35.21 -25.65
N LEU D 417 -1.74 35.55 -24.43
CA LEU D 417 -2.90 36.43 -24.25
C LEU D 417 -2.71 37.73 -25.01
N ARG D 418 -1.54 38.35 -24.87
CA ARG D 418 -1.24 39.55 -25.65
C ARG D 418 -1.39 39.32 -27.17
N LYS D 419 -0.88 38.19 -27.66
CA LYS D 419 -0.89 37.85 -29.08
C LYS D 419 -2.34 37.63 -29.52
N LYS D 420 -3.04 36.76 -28.80
CA LYS D 420 -4.45 36.47 -29.05
C LYS D 420 -5.33 37.73 -29.19
N LEU D 421 -5.07 38.76 -28.37
CA LEU D 421 -5.87 39.99 -28.35
C LEU D 421 -5.48 41.08 -29.37
N SER D 422 -4.36 40.93 -30.07
CA SER D 422 -3.92 41.96 -31.06
C SER D 422 -3.64 43.31 -30.40
N CYS D 423 -2.93 43.26 -29.28
CA CYS D 423 -2.67 44.45 -28.51
C CYS D 423 -1.59 45.30 -29.19
N LYS D 424 -1.74 46.61 -29.05
CA LYS D 424 -0.82 47.59 -29.65
C LYS D 424 0.48 47.66 -28.83
N PRO D 425 1.57 48.16 -29.43
CA PRO D 425 2.86 48.15 -28.72
C PRO D 425 2.93 49.24 -27.64
N PHE D 426 3.86 49.07 -26.69
CA PHE D 426 3.98 50.04 -25.61
C PHE D 426 4.26 51.45 -26.11
N LYS D 427 4.96 51.55 -27.22
CA LYS D 427 5.17 52.84 -27.89
C LYS D 427 3.86 53.54 -28.18
N TRP D 428 2.87 52.79 -28.66
CA TRP D 428 1.55 53.37 -28.90
C TRP D 428 0.93 53.94 -27.61
N TYR D 429 1.11 53.19 -26.51
CA TYR D 429 0.58 53.59 -25.20
C TYR D 429 1.18 54.93 -24.79
N LEU D 430 2.48 55.03 -24.94
CA LEU D 430 3.18 56.26 -24.59
C LEU D 430 2.75 57.44 -25.43
N GLU D 431 2.53 57.24 -26.73
CA GLU D 431 2.17 58.38 -27.60
C GLU D 431 0.73 58.82 -27.42
N ASN D 432 -0.17 57.86 -27.22
CA ASN D 432 -1.61 58.15 -27.24
C ASN D 432 -2.30 58.23 -25.89
N VAL D 433 -1.77 57.53 -24.89
CA VAL D 433 -2.38 57.42 -23.56
C VAL D 433 -1.60 58.26 -22.56
N TYR D 434 -0.30 58.06 -22.50
CA TYR D 434 0.54 58.76 -21.50
C TYR D 434 1.70 59.57 -22.10
N PRO D 435 1.38 60.54 -22.98
CA PRO D 435 2.45 61.31 -23.65
C PRO D 435 3.26 62.22 -22.73
N GLU D 436 2.74 62.54 -21.56
CA GLU D 436 3.43 63.42 -20.64
C GLU D 436 4.50 62.69 -19.79
N LEU D 437 4.60 61.36 -19.96
CA LEU D 437 5.73 60.64 -19.39
C LEU D 437 7.00 60.86 -20.20
N ARG D 438 7.99 61.49 -19.60
CA ARG D 438 9.17 61.95 -20.35
C ARG D 438 10.07 60.72 -20.63
N VAL D 439 10.37 60.57 -21.89
CA VAL D 439 11.05 59.38 -22.39
C VAL D 439 12.52 59.71 -22.77
N PRO D 440 13.50 58.96 -22.23
CA PRO D 440 14.90 59.20 -22.66
C PRO D 440 15.11 58.97 -24.14
N ASP D 441 16.05 59.72 -24.70
CA ASP D 441 16.60 59.41 -26.02
C ASP D 441 17.24 58.00 -25.93
N HIS D 442 16.96 57.20 -26.95
CA HIS D 442 17.47 55.82 -27.07
C HIS D 442 18.98 55.65 -26.73
N GLN D 443 19.81 56.65 -27.02
CA GLN D 443 21.26 56.59 -26.77
C GLN D 443 21.76 57.26 -25.48
N ASP D 444 20.85 57.83 -24.67
CA ASP D 444 21.25 58.50 -23.44
C ASP D 444 21.95 57.51 -22.52
N ILE D 445 22.98 57.95 -21.83
CA ILE D 445 23.69 57.12 -20.87
C ILE D 445 22.97 57.13 -19.54
N ALA D 446 22.54 58.31 -19.11
CA ALA D 446 21.82 58.49 -17.86
C ALA D 446 20.73 59.54 -18.06
N PHE D 447 19.82 59.66 -17.11
CA PHE D 447 18.59 60.42 -17.32
C PHE D 447 17.87 60.69 -16.01
N GLY D 448 17.13 61.79 -15.98
CA GLY D 448 16.25 62.11 -14.89
C GLY D 448 16.69 63.30 -14.11
N ALA D 449 16.60 63.19 -12.79
CA ALA D 449 17.13 64.20 -11.90
C ALA D 449 18.57 63.83 -11.58
N LEU D 450 19.37 64.82 -11.23
CA LEU D 450 20.77 64.56 -10.82
C LEU D 450 20.79 64.94 -9.34
N GLN D 451 20.89 63.93 -8.48
CA GLN D 451 20.57 64.06 -7.06
C GLN D 451 21.81 64.12 -6.21
N GLN D 452 21.74 64.97 -5.19
CA GLN D 452 22.78 65.05 -4.17
C GLN D 452 22.01 65.18 -2.86
N GLY D 453 22.03 64.11 -2.05
CA GLY D 453 21.20 64.03 -0.84
C GLY D 453 19.75 64.15 -1.25
N THR D 454 19.04 65.12 -0.66
CA THR D 454 17.66 65.41 -1.02
C THR D 454 17.58 66.60 -1.99
N ASN D 455 18.73 67.11 -2.43
CA ASN D 455 18.78 68.19 -3.40
C ASN D 455 18.97 67.65 -4.83
N CYS D 456 18.54 68.46 -5.79
CA CYS D 456 18.58 68.12 -7.23
C CYS D 456 19.22 69.27 -8.04
N LEU D 457 20.06 68.92 -9.01
CA LEU D 457 20.59 69.89 -9.99
C LEU D 457 19.42 70.66 -10.60
N ASP D 458 19.50 71.98 -10.60
CA ASP D 458 18.41 72.82 -11.01
C ASP D 458 18.92 74.01 -11.85
N THR D 459 18.28 74.27 -12.97
CA THR D 459 18.64 75.43 -13.79
C THR D 459 18.34 76.75 -13.10
N LEU D 460 17.52 76.75 -12.06
CA LEU D 460 17.10 77.99 -11.40
C LEU D 460 16.33 78.93 -12.35
N GLY D 461 15.66 78.37 -13.37
CA GLY D 461 15.03 79.16 -14.42
C GLY D 461 15.94 79.91 -15.36
N HIS D 462 17.24 79.62 -15.30
CA HIS D 462 18.25 80.34 -16.09
C HIS D 462 18.29 79.73 -17.48
N PHE D 463 18.84 80.49 -18.41
CA PHE D 463 18.98 80.07 -19.81
C PHE D 463 20.44 80.20 -20.21
N ALA D 464 20.75 80.31 -21.50
CA ALA D 464 22.15 80.28 -21.92
C ALA D 464 22.94 81.40 -21.26
N ASP D 465 24.17 81.07 -20.89
CA ASP D 465 25.10 81.92 -20.15
C ASP D 465 24.72 82.13 -18.67
N GLY D 466 23.76 81.35 -18.19
CA GLY D 466 23.35 81.40 -16.80
C GLY D 466 24.01 80.35 -15.94
N VAL D 467 24.07 80.65 -14.65
CA VAL D 467 24.56 79.71 -13.66
C VAL D 467 23.49 78.68 -13.31
N VAL D 468 23.93 77.65 -12.61
CA VAL D 468 23.12 76.50 -12.33
C VAL D 468 23.25 76.28 -10.82
N GLY D 469 22.31 75.57 -10.23
CA GLY D 469 22.29 75.37 -8.79
C GLY D 469 21.56 74.12 -8.34
N VAL D 470 21.07 74.16 -7.10
CA VAL D 470 20.25 73.08 -6.53
C VAL D 470 19.05 73.63 -5.78
N TYR D 471 17.98 72.85 -5.80
CA TYR D 471 16.83 73.03 -4.91
C TYR D 471 16.44 71.62 -4.48
N GLU D 472 15.59 71.53 -3.46
CA GLU D 472 15.04 70.25 -3.03
C GLU D 472 14.34 69.51 -4.19
N CYS D 473 14.60 68.20 -4.31
CA CYS D 473 14.01 67.40 -5.40
C CYS D 473 12.50 67.37 -5.28
N HIS D 474 11.80 67.72 -6.35
CA HIS D 474 10.35 67.68 -6.37
C HIS D 474 9.76 66.55 -7.27
N ASN D 475 10.61 65.77 -7.95
CA ASN D 475 10.16 64.64 -8.82
C ASN D 475 9.09 65.01 -9.87
N ALA D 476 9.10 66.27 -10.28
CA ALA D 476 8.12 66.85 -11.18
C ALA D 476 8.74 67.34 -12.49
N GLY D 477 9.99 66.93 -12.78
CA GLY D 477 10.67 67.34 -14.01
C GLY D 477 11.06 68.82 -14.05
N GLY D 478 10.68 69.51 -15.14
CA GLY D 478 10.88 70.94 -15.31
C GLY D 478 12.37 71.26 -15.27
N ASN D 479 12.76 72.17 -14.39
CA ASN D 479 14.13 72.60 -14.21
C ASN D 479 15.10 71.60 -13.57
N GLN D 480 14.60 70.44 -13.16
CA GLN D 480 15.41 69.36 -12.61
C GLN D 480 15.51 68.17 -13.57
N GLU D 481 15.07 68.34 -14.80
CA GLU D 481 15.23 67.34 -15.86
C GLU D 481 16.59 67.45 -16.55
N TRP D 482 17.36 66.37 -16.52
CA TRP D 482 18.66 66.33 -17.16
C TRP D 482 18.87 65.01 -17.81
N ALA D 483 19.88 64.97 -18.67
CA ALA D 483 20.31 63.74 -19.31
C ALA D 483 21.84 63.77 -19.42
N LEU D 484 22.45 62.60 -19.41
CA LEU D 484 23.85 62.43 -19.79
C LEU D 484 23.81 61.77 -21.15
N THR D 485 24.29 62.45 -22.17
CA THR D 485 24.05 62.01 -23.56
C THR D 485 25.15 61.07 -24.06
N LYS D 486 24.90 60.46 -25.24
CA LYS D 486 25.91 59.69 -26.00
C LYS D 486 27.19 60.55 -26.19
N GLU D 487 27.00 61.87 -26.39
CA GLU D 487 28.11 62.81 -26.58
C GLU D 487 28.79 63.27 -25.25
N LYS D 488 28.42 62.67 -24.12
CA LYS D 488 29.03 62.94 -22.81
C LYS D 488 28.68 64.32 -22.22
N SER D 489 27.59 64.92 -22.68
CA SER D 489 27.13 66.21 -22.15
C SER D 489 26.00 66.05 -21.15
N VAL D 490 25.90 66.97 -20.20
CA VAL D 490 24.83 66.95 -19.22
C VAL D 490 23.87 68.03 -19.65
N LYS D 491 22.79 67.63 -20.32
CA LYS D 491 21.86 68.55 -20.95
C LYS D 491 20.50 68.70 -20.30
N HIS D 492 19.99 69.91 -20.35
CA HIS D 492 18.62 70.26 -20.08
C HIS D 492 18.13 70.95 -21.35
N MET D 493 17.08 70.40 -21.97
CA MET D 493 16.59 70.92 -23.26
C MET D 493 17.74 70.85 -24.27
N ASP D 494 18.19 72.00 -24.81
CA ASP D 494 19.34 72.06 -25.72
C ASP D 494 20.49 72.86 -25.10
N LEU D 495 20.50 72.98 -23.77
CA LEU D 495 21.57 73.62 -23.01
C LEU D 495 22.36 72.56 -22.25
N CYS D 496 23.65 72.80 -22.10
CA CYS D 496 24.60 71.83 -21.61
C CYS D 496 25.45 72.49 -20.52
N LEU D 497 25.79 71.73 -19.49
CA LEU D 497 26.68 72.22 -18.45
C LEU D 497 28.03 72.44 -19.10
N THR D 498 28.55 73.65 -18.97
CA THR D 498 29.73 74.07 -19.70
C THR D 498 30.80 74.62 -18.75
N VAL D 499 32.00 74.05 -18.87
CA VAL D 499 33.15 74.51 -18.07
C VAL D 499 33.78 75.71 -18.82
N VAL D 500 33.41 76.87 -18.36
CA VAL D 500 33.81 78.14 -18.96
C VAL D 500 35.24 78.49 -18.57
N ASP D 501 35.68 78.02 -17.41
CA ASP D 501 36.93 78.41 -16.81
C ASP D 501 37.36 77.24 -15.91
N ARG D 502 38.60 76.78 -16.08
CA ARG D 502 39.05 75.56 -15.40
C ARG D 502 39.67 75.82 -14.03
N ALA D 503 39.87 77.10 -13.69
CA ALA D 503 40.39 77.43 -12.37
C ALA D 503 39.42 76.88 -11.31
N PRO D 504 39.93 76.11 -10.34
CA PRO D 504 39.07 75.60 -9.28
C PRO D 504 38.26 76.71 -8.63
N GLY D 505 36.99 76.41 -8.34
CA GLY D 505 36.06 77.37 -7.77
C GLY D 505 35.30 78.18 -8.81
N SER D 506 35.62 78.03 -10.08
CA SER D 506 34.92 78.76 -11.15
C SER D 506 33.52 78.23 -11.34
N LEU D 507 32.56 79.14 -11.50
CA LEU D 507 31.19 78.76 -11.78
C LEU D 507 31.05 78.12 -13.15
N ILE D 508 30.24 77.07 -13.24
CA ILE D 508 29.91 76.53 -14.54
C ILE D 508 28.68 77.25 -15.10
N LYS D 509 28.44 77.11 -16.40
CA LYS D 509 27.39 77.83 -17.07
C LYS D 509 26.63 76.92 -18.02
N LEU D 510 25.37 77.27 -18.19
CA LEU D 510 24.53 76.72 -19.24
C LEU D 510 24.89 77.35 -20.57
N GLN D 511 25.19 76.57 -21.59
CA GLN D 511 25.35 77.07 -22.95
C GLN D 511 24.80 76.06 -23.96
N GLY D 512 24.49 76.55 -25.15
CA GLY D 512 23.94 75.70 -26.21
C GLY D 512 24.82 74.51 -26.44
N CYS D 513 24.23 73.32 -26.53
CA CYS D 513 25.01 72.10 -26.73
C CYS D 513 25.66 72.06 -28.12
N ARG D 514 26.94 71.67 -28.15
CA ARG D 514 27.71 71.45 -29.38
C ARG D 514 28.53 70.18 -29.19
N GLU D 515 28.46 69.24 -30.13
CA GLU D 515 29.21 67.95 -30.05
C GLU D 515 30.73 68.16 -29.95
N ASP D 516 31.24 69.17 -30.65
CA ASP D 516 32.69 69.48 -30.69
C ASP D 516 33.30 70.17 -29.45
N ASP D 517 32.47 70.75 -28.58
CA ASP D 517 32.93 71.58 -27.47
C ASP D 517 33.42 70.72 -26.30
N SER D 518 34.74 70.61 -26.17
CA SER D 518 35.34 69.80 -25.10
C SER D 518 34.96 70.30 -23.72
N ARG D 519 34.62 71.59 -23.60
CA ARG D 519 34.22 72.19 -22.32
C ARG D 519 32.87 71.66 -21.78
N GLN D 520 32.15 70.88 -22.58
CA GLN D 520 30.85 70.33 -22.21
C GLN D 520 30.88 68.83 -21.95
N LYS D 521 32.07 68.23 -21.85
CA LYS D 521 32.20 66.76 -21.67
C LYS D 521 32.35 66.39 -20.20
N TRP D 522 31.55 65.40 -19.81
CA TRP D 522 31.49 64.93 -18.44
C TRP D 522 31.43 63.41 -18.45
N GLU D 523 31.89 62.82 -17.36
CA GLU D 523 31.88 61.39 -17.19
C GLU D 523 31.56 61.05 -15.76
N GLN D 524 30.81 59.97 -15.59
CA GLN D 524 30.51 59.44 -14.26
C GLN D 524 31.73 58.66 -13.78
N ILE D 525 32.04 58.77 -12.50
CA ILE D 525 33.16 58.03 -11.91
C ILE D 525 32.76 57.54 -10.52
N GLU D 526 33.64 56.69 -9.94
CA GLU D 526 33.48 56.18 -8.59
C GLU D 526 32.11 55.52 -8.42
N GLY D 527 31.81 54.59 -9.32
CA GLY D 527 30.54 53.84 -9.29
C GLY D 527 29.32 54.72 -9.53
N ASN D 528 29.38 55.55 -10.57
CA ASN D 528 28.28 56.49 -10.91
C ASN D 528 27.80 57.38 -9.74
N SER D 529 28.75 57.84 -8.93
CA SER D 529 28.46 58.68 -7.75
C SER D 529 28.96 60.12 -7.86
N LYS D 530 29.75 60.45 -8.89
CA LYS D 530 30.29 61.78 -9.11
C LYS D 530 30.35 62.09 -10.61
N LEU D 531 30.65 63.36 -10.93
CA LEU D 531 30.78 63.81 -12.31
C LEU D 531 32.07 64.60 -12.50
N ARG D 532 32.94 64.06 -13.35
CA ARG D 532 34.21 64.65 -13.61
C ARG D 532 34.20 65.26 -15.00
N HIS D 533 34.81 66.43 -15.14
CA HIS D 533 35.01 67.05 -16.43
C HIS D 533 36.10 66.26 -17.18
N VAL D 534 35.76 65.74 -18.35
CA VAL D 534 36.63 64.85 -19.12
C VAL D 534 37.94 65.55 -19.49
N GLY D 535 39.05 64.82 -19.29
CA GLY D 535 40.38 65.34 -19.58
C GLY D 535 40.86 66.33 -18.54
N SER D 536 40.36 66.22 -17.31
CA SER D 536 40.76 67.13 -16.23
C SER D 536 40.68 66.36 -14.93
N ASN D 537 41.08 67.00 -13.84
CA ASN D 537 40.79 66.48 -12.51
C ASN D 537 39.83 67.42 -11.77
N LEU D 538 38.86 67.93 -12.52
CA LEU D 538 37.81 68.78 -11.99
C LEU D 538 36.49 68.03 -11.91
N CYS D 539 35.76 68.25 -10.81
CA CYS D 539 34.50 67.56 -10.54
C CYS D 539 33.40 68.58 -10.27
N LEU D 540 32.17 68.23 -10.63
CA LEU D 540 31.04 69.09 -10.36
C LEU D 540 30.85 69.22 -8.86
N ASP D 541 30.67 70.44 -8.36
CA ASP D 541 30.69 70.70 -6.92
C ASP D 541 29.66 71.74 -6.49
N SER D 542 28.98 71.49 -5.37
CA SER D 542 27.89 72.37 -4.85
C SER D 542 28.29 73.28 -3.71
N ARG D 543 29.56 73.26 -3.29
CA ARG D 543 29.92 74.05 -2.10
C ARG D 543 29.73 75.55 -2.31
N THR D 544 29.77 76.02 -3.57
CA THR D 544 29.57 77.39 -3.97
C THR D 544 28.13 77.73 -4.38
N ALA D 545 27.20 76.76 -4.25
CA ALA D 545 25.80 76.95 -4.58
C ALA D 545 25.12 78.19 -3.90
N LYS D 546 25.53 78.52 -2.70
CA LYS D 546 25.00 79.60 -1.93
C LYS D 546 25.90 80.86 -2.06
N SER D 547 26.92 80.83 -2.91
CA SER D 547 27.72 81.99 -3.24
C SER D 547 27.91 82.14 -4.77
N GLY D 548 26.89 81.81 -5.57
CA GLY D 548 26.95 81.98 -7.00
C GLY D 548 26.43 80.88 -7.90
N GLY D 549 26.54 79.64 -7.44
CA GLY D 549 26.11 78.48 -8.22
C GLY D 549 27.07 77.32 -8.25
N LEU D 550 26.79 76.27 -9.00
CA LEU D 550 27.64 75.12 -9.08
C LEU D 550 28.94 75.47 -9.73
N SER D 551 29.97 74.77 -9.27
CA SER D 551 31.31 75.08 -9.65
C SER D 551 32.07 73.84 -10.02
N VAL D 552 33.23 74.08 -10.54
CA VAL D 552 34.16 73.03 -10.86
C VAL D 552 35.22 73.15 -9.73
N GLU D 553 35.56 72.02 -9.12
CA GLU D 553 36.57 71.94 -8.06
C GLU D 553 37.46 70.74 -8.28
N VAL D 554 38.62 70.75 -7.63
CA VAL D 554 39.50 69.58 -7.74
C VAL D 554 38.80 68.37 -7.13
N CYS D 555 38.82 67.24 -7.84
CA CYS D 555 38.12 66.02 -7.41
C CYS D 555 38.70 65.53 -6.11
N GLY D 556 37.80 65.34 -5.14
CA GLY D 556 38.17 64.92 -3.82
C GLY D 556 37.00 64.30 -3.08
N PRO D 557 37.25 63.71 -1.90
CA PRO D 557 36.22 62.96 -1.17
C PRO D 557 35.00 63.72 -0.58
N ALA D 558 34.75 64.97 -0.95
CA ALA D 558 33.68 65.75 -0.35
C ALA D 558 32.26 65.34 -0.77
N LEU D 559 31.31 65.53 0.15
CA LEU D 559 29.86 65.29 -0.06
C LEU D 559 29.28 66.19 -1.15
N SER D 560 29.81 67.42 -1.25
CA SER D 560 29.41 68.38 -2.26
C SER D 560 29.73 67.98 -3.72
N GLN D 561 30.51 66.90 -3.93
CA GLN D 561 30.79 66.36 -5.26
C GLN D 561 30.06 65.05 -5.58
N GLN D 562 29.10 64.65 -4.74
CA GLN D 562 28.29 63.44 -4.97
C GLN D 562 27.07 63.82 -5.81
N TRP D 563 26.90 63.12 -6.93
CA TRP D 563 25.79 63.31 -7.85
C TRP D 563 25.42 61.98 -8.47
N LYS D 564 24.13 61.65 -8.45
CA LYS D 564 23.62 60.40 -9.03
C LYS D 564 22.37 60.70 -9.88
N PHE D 565 22.36 60.20 -11.10
CA PHE D 565 21.18 60.25 -11.96
C PHE D 565 20.15 59.21 -11.47
N THR D 566 18.87 59.55 -11.55
CA THR D 566 17.82 58.59 -11.16
C THR D 566 17.71 57.39 -12.12
N LEU D 567 18.02 57.58 -13.41
CA LEU D 567 18.17 56.43 -14.33
C LEU D 567 19.56 56.32 -14.93
N ASN D 568 20.18 55.16 -14.84
CA ASN D 568 21.45 54.86 -15.47
C ASN D 568 21.25 53.64 -16.35
N LEU D 569 21.49 53.76 -17.65
CA LEU D 569 21.19 52.72 -18.61
C LEU D 569 22.17 51.51 -18.58
N LYS E 75 -13.60 -20.83 29.24
CA LYS E 75 -12.77 -21.53 28.23
C LYS E 75 -13.08 -21.03 26.79
N VAL E 76 -12.03 -20.82 26.01
CA VAL E 76 -12.04 -20.12 24.73
C VAL E 76 -11.76 -21.10 23.59
N ARG E 77 -12.54 -21.05 22.49
CA ARG E 77 -12.26 -21.86 21.31
C ARG E 77 -10.96 -21.33 20.69
N TRP E 78 -10.18 -22.21 20.08
CA TRP E 78 -8.84 -21.81 19.66
C TRP E 78 -8.83 -20.60 18.71
N PRO E 79 -9.77 -20.50 17.78
CA PRO E 79 -9.70 -19.32 16.87
C PRO E 79 -9.92 -17.97 17.54
N ASP E 80 -10.60 -17.98 18.71
CA ASP E 80 -10.90 -16.77 19.47
C ASP E 80 -9.77 -16.43 20.42
N PHE E 81 -8.66 -17.20 20.43
CA PHE E 81 -7.56 -16.89 21.31
C PHE E 81 -6.73 -15.71 20.75
N ASN E 82 -6.39 -14.77 21.62
CA ASN E 82 -5.71 -13.56 21.21
C ASN E 82 -4.21 -13.80 21.16
N GLN E 83 -3.75 -14.19 19.98
CA GLN E 83 -2.35 -14.47 19.77
CA GLN E 83 -2.35 -14.49 19.77
C GLN E 83 -1.49 -13.25 20.02
N GLU E 84 -1.89 -12.10 19.50
CA GLU E 84 -1.07 -10.88 19.61
C GLU E 84 -0.82 -10.53 21.10
N ALA E 85 -1.85 -10.63 21.92
CA ALA E 85 -1.74 -10.38 23.37
C ALA E 85 -0.85 -11.41 24.11
N TYR E 86 -0.94 -12.66 23.71
CA TYR E 86 -0.14 -13.73 24.30
C TYR E 86 1.35 -13.58 23.92
N VAL E 87 1.61 -13.46 22.63
CA VAL E 87 3.00 -13.52 22.12
C VAL E 87 3.68 -12.17 22.35
N GLY E 88 2.97 -11.08 22.05
CA GLY E 88 3.48 -9.70 22.25
C GLY E 88 3.77 -9.50 23.75
N GLY E 89 4.84 -8.76 24.03
CA GLY E 89 5.33 -8.65 25.40
C GLY E 89 6.58 -9.49 25.64
N THR E 90 6.59 -10.74 25.15
CA THR E 90 7.80 -11.58 25.12
C THR E 90 8.62 -11.51 23.77
N MET E 91 8.30 -10.56 22.89
CA MET E 91 8.96 -10.46 21.58
C MET E 91 10.43 -10.05 21.64
N VAL E 92 11.16 -10.38 20.57
CA VAL E 92 12.60 -10.09 20.50
C VAL E 92 12.73 -8.56 20.35
N ARG E 93 13.41 -7.96 21.32
CA ARG E 93 13.47 -6.52 21.45
C ARG E 93 14.38 -5.98 20.33
N SER E 94 13.96 -4.88 19.72
CA SER E 94 14.73 -4.18 18.67
C SER E 94 16.26 -4.23 18.93
N GLY E 95 16.99 -4.88 18.00
CA GLY E 95 18.45 -5.01 18.07
C GLY E 95 19.06 -6.16 18.87
N GLN E 96 18.26 -6.95 19.59
CA GLN E 96 18.76 -8.14 20.37
C GLN E 96 18.92 -9.41 19.50
N ASP E 97 19.58 -10.42 20.04
CA ASP E 97 19.89 -11.65 19.28
C ASP E 97 18.65 -12.56 19.17
N PRO E 98 18.14 -12.80 17.96
CA PRO E 98 16.90 -13.61 17.86
C PRO E 98 17.01 -15.10 18.15
N TYR E 99 18.24 -15.62 18.28
CA TYR E 99 18.54 -17.03 18.58
C TYR E 99 18.86 -17.36 20.05
N ALA E 100 19.17 -16.37 20.88
CA ALA E 100 19.75 -16.65 22.22
C ALA E 100 18.77 -17.38 23.13
N ARG E 101 17.50 -16.96 23.08
CA ARG E 101 16.48 -17.47 23.99
C ARG E 101 16.14 -18.95 23.70
N ASN E 102 15.95 -19.30 22.42
CA ASN E 102 15.48 -20.63 22.03
C ASN E 102 16.42 -21.48 21.17
N LYS E 103 17.54 -20.92 20.72
CA LYS E 103 18.41 -21.55 19.72
C LYS E 103 17.68 -21.92 18.44
N PHE E 104 16.61 -21.15 18.17
CA PHE E 104 15.99 -21.04 16.87
C PHE E 104 15.54 -19.59 16.74
N ASN E 105 15.16 -19.20 15.52
CA ASN E 105 14.91 -17.81 15.23
C ASN E 105 13.54 -17.39 15.75
N GLN E 106 13.52 -16.74 16.92
CA GLN E 106 12.27 -16.30 17.51
C GLN E 106 11.53 -15.23 16.69
N VAL E 107 12.24 -14.41 15.93
CA VAL E 107 11.57 -13.36 15.15
C VAL E 107 10.73 -14.02 14.07
N GLU E 108 11.31 -15.02 13.38
CA GLU E 108 10.57 -15.75 12.37
C GLU E 108 9.41 -16.56 12.96
N SER E 109 9.61 -17.17 14.13
CA SER E 109 8.50 -17.88 14.80
C SER E 109 7.38 -16.92 15.16
N ASP E 110 7.72 -15.75 15.70
CA ASP E 110 6.70 -14.79 16.14
C ASP E 110 5.89 -14.12 15.03
N LYS E 111 6.44 -14.03 13.82
CA LYS E 111 5.71 -13.50 12.64
C LYS E 111 4.56 -14.42 12.18
N LEU E 112 4.59 -15.68 12.55
CA LEU E 112 3.63 -16.66 12.07
C LEU E 112 2.31 -16.60 12.81
N ARG E 113 1.23 -16.77 12.07
CA ARG E 113 -0.06 -17.01 12.67
C ARG E 113 -0.09 -18.33 13.44
N MET E 114 -0.86 -18.38 14.51
CA MET E 114 -0.98 -19.56 15.33
C MET E 114 -1.54 -20.76 14.56
N ASP E 115 -2.35 -20.51 13.54
CA ASP E 115 -2.85 -21.56 12.67
C ASP E 115 -2.33 -21.45 11.25
N ARG E 116 -1.10 -20.97 11.06
CA ARG E 116 -0.56 -20.76 9.70
C ARG E 116 -0.69 -22.02 8.85
N ALA E 117 -0.91 -21.79 7.57
CA ALA E 117 -1.06 -22.84 6.60
C ALA E 117 0.29 -23.48 6.35
N ILE E 118 0.28 -24.78 6.16
CA ILE E 118 1.51 -25.53 5.91
C ILE E 118 1.24 -26.46 4.75
N PRO E 119 2.27 -26.78 3.97
CA PRO E 119 2.00 -27.71 2.89
C PRO E 119 1.63 -29.12 3.36
N ASP E 120 0.79 -29.77 2.55
CA ASP E 120 0.42 -31.15 2.76
C ASP E 120 1.52 -32.04 2.18
N THR E 121 2.35 -32.62 3.07
CA THR E 121 3.52 -33.36 2.69
C THR E 121 3.27 -34.84 2.60
N ARG E 122 2.01 -35.26 2.74
CA ARG E 122 1.68 -36.67 2.74
C ARG E 122 1.76 -37.22 1.34
N HIS E 123 2.09 -38.50 1.25
CA HIS E 123 2.00 -39.24 -0.01
C HIS E 123 0.58 -39.12 -0.57
N ASP E 124 0.48 -39.16 -1.89
CA ASP E 124 -0.81 -39.00 -2.57
C ASP E 124 -1.92 -40.00 -2.15
N GLN E 125 -1.57 -41.27 -1.98
CA GLN E 125 -2.48 -42.28 -1.39
C GLN E 125 -3.06 -41.94 -0.03
N CYS E 126 -2.33 -41.22 0.81
CA CYS E 126 -2.87 -40.81 2.12
C CYS E 126 -4.00 -39.84 1.92
N GLN E 127 -3.84 -38.96 0.95
CA GLN E 127 -4.77 -37.85 0.74
C GLN E 127 -6.17 -38.30 0.34
N ARG E 128 -6.27 -39.44 -0.35
CA ARG E 128 -7.55 -39.98 -0.82
C ARG E 128 -8.19 -40.95 0.12
N LYS E 129 -7.41 -41.61 0.94
CA LYS E 129 -7.93 -42.38 2.07
C LYS E 129 -8.93 -41.55 2.91
N GLN E 130 -10.05 -42.17 3.25
CA GLN E 130 -11.02 -41.62 4.21
C GLN E 130 -10.79 -42.38 5.53
N TRP E 131 -10.62 -41.62 6.62
CA TRP E 131 -10.08 -42.18 7.84
C TRP E 131 -11.18 -42.61 8.76
N ARG E 132 -11.02 -43.77 9.39
CA ARG E 132 -11.85 -44.14 10.51
C ARG E 132 -11.71 -43.04 11.54
N VAL E 133 -12.80 -42.79 12.20
CA VAL E 133 -12.92 -41.86 13.29
C VAL E 133 -13.47 -42.58 14.53
N ASP E 134 -13.88 -43.84 14.39
CA ASP E 134 -14.37 -44.66 15.52
C ASP E 134 -13.19 -45.35 16.22
N LEU E 135 -12.40 -44.49 16.85
CA LEU E 135 -11.07 -44.77 17.39
C LEU E 135 -11.06 -44.28 18.81
N PRO E 136 -10.19 -44.83 19.63
CA PRO E 136 -10.12 -44.29 20.98
C PRO E 136 -9.53 -42.91 20.97
N ALA E 137 -10.05 -42.06 21.84
CA ALA E 137 -9.53 -40.72 22.05
C ALA E 137 -8.17 -40.75 22.71
N THR E 138 -7.39 -39.67 22.52
CA THR E 138 -6.07 -39.57 23.15
C THR E 138 -5.94 -38.38 24.07
N SER E 139 -5.02 -38.50 25.00
CA SER E 139 -4.57 -37.43 25.85
C SER E 139 -3.22 -37.03 25.29
N VAL E 140 -3.12 -35.78 24.87
CA VAL E 140 -1.92 -35.27 24.30
C VAL E 140 -1.08 -34.64 25.41
N VAL E 141 0.15 -35.10 25.60
CA VAL E 141 1.03 -34.57 26.62
C VAL E 141 2.17 -33.81 25.97
N ILE E 142 2.31 -32.57 26.34
CA ILE E 142 3.34 -31.69 25.80
C ILE E 142 4.06 -31.09 27.00
N THR E 143 5.33 -31.41 27.19
CA THR E 143 6.10 -30.81 28.24
C THR E 143 6.91 -29.69 27.65
N PHE E 144 7.22 -28.69 28.44
CA PHE E 144 8.05 -27.60 27.98
C PHE E 144 8.79 -26.87 29.11
N HIS E 145 9.96 -26.36 28.76
CA HIS E 145 10.71 -25.52 29.66
C HIS E 145 11.20 -24.33 28.85
N ASN E 146 10.65 -23.15 29.16
CA ASN E 146 11.02 -21.90 28.48
C ASN E 146 10.90 -22.00 26.98
N GLU E 147 9.74 -22.46 26.54
CA GLU E 147 9.47 -22.52 25.13
C GLU E 147 9.09 -21.13 24.69
N ALA E 148 9.39 -20.79 23.45
CA ALA E 148 8.83 -19.58 22.83
C ALA E 148 7.32 -19.69 22.77
N ARG E 149 6.66 -18.63 23.22
CA ARG E 149 5.24 -18.59 23.27
C ARG E 149 4.59 -18.88 21.92
N SER E 150 5.13 -18.29 20.86
CA SER E 150 4.52 -18.46 19.56
C SER E 150 4.58 -19.95 19.14
N ALA E 151 5.69 -20.62 19.44
CA ALA E 151 5.84 -22.02 19.05
C ALA E 151 4.91 -22.94 19.85
N LEU E 152 4.78 -22.64 21.13
CA LEU E 152 4.00 -23.43 22.04
C LEU E 152 2.53 -23.33 21.69
N LEU E 153 2.06 -22.10 21.49
CA LEU E 153 0.67 -21.87 21.04
C LEU E 153 0.37 -22.57 19.73
N ARG E 154 1.29 -22.45 18.80
CA ARG E 154 1.12 -23.04 17.48
C ARG E 154 1.03 -24.58 17.55
N THR E 155 1.83 -25.18 18.43
CA THR E 155 1.73 -26.60 18.67
C THR E 155 0.31 -26.96 19.14
N VAL E 156 -0.16 -26.27 20.16
CA VAL E 156 -1.45 -26.51 20.74
C VAL E 156 -2.55 -26.31 19.67
N VAL E 157 -2.50 -25.20 18.92
CA VAL E 157 -3.55 -25.03 17.98
C VAL E 157 -3.47 -26.02 16.81
N SER E 158 -2.27 -26.43 16.40
CA SER E 158 -2.21 -27.43 15.35
C SER E 158 -2.90 -28.73 15.81
N VAL E 159 -2.77 -29.09 17.08
CA VAL E 159 -3.46 -30.27 17.58
C VAL E 159 -4.97 -30.07 17.51
N LEU E 160 -5.44 -28.93 17.98
CA LEU E 160 -6.87 -28.68 18.03
C LEU E 160 -7.47 -28.54 16.65
N LYS E 161 -6.78 -27.86 15.76
CA LYS E 161 -7.33 -27.61 14.44
C LYS E 161 -7.31 -28.85 13.56
N LYS E 162 -6.26 -29.71 13.67
CA LYS E 162 -6.08 -30.76 12.69
C LYS E 162 -6.62 -32.12 13.14
N SER E 163 -7.20 -32.21 14.34
CA SER E 163 -7.62 -33.47 14.90
C SER E 163 -9.11 -33.47 15.02
N PRO E 164 -9.76 -34.61 14.73
CA PRO E 164 -11.22 -34.69 15.04
C PRO E 164 -11.48 -34.39 16.50
N PRO E 165 -12.36 -33.45 16.82
CA PRO E 165 -12.47 -33.06 18.25
C PRO E 165 -12.77 -34.18 19.20
N HIS E 166 -13.57 -35.16 18.81
CA HIS E 166 -13.93 -36.25 19.75
C HIS E 166 -12.74 -37.18 20.07
N LEU E 167 -11.67 -37.13 19.29
CA LEU E 167 -10.44 -37.89 19.55
C LEU E 167 -9.41 -37.18 20.39
N ILE E 168 -9.64 -35.91 20.68
CA ILE E 168 -8.80 -35.18 21.64
C ILE E 168 -9.56 -35.06 22.94
N LYS E 169 -9.23 -35.93 23.87
CA LYS E 169 -9.81 -35.90 25.18
C LYS E 169 -9.38 -34.62 25.94
N GLU E 170 -8.10 -34.33 25.85
CA GLU E 170 -7.47 -33.21 26.50
C GLU E 170 -6.06 -33.02 25.96
N ILE E 171 -5.50 -31.83 26.20
CA ILE E 171 -4.13 -31.51 25.93
C ILE E 171 -3.56 -31.12 27.28
N ILE E 172 -2.60 -31.90 27.77
CA ILE E 172 -2.00 -31.65 29.06
C ILE E 172 -0.65 -31.02 28.80
N LEU E 173 -0.49 -29.80 29.25
CA LEU E 173 0.76 -29.07 29.13
C LEU E 173 1.48 -29.21 30.44
N VAL E 174 2.66 -29.80 30.43
CA VAL E 174 3.45 -29.90 31.65
C VAL E 174 4.52 -28.81 31.64
N ASP E 175 4.28 -27.75 32.39
CA ASP E 175 5.22 -26.63 32.48
C ASP E 175 6.35 -27.05 33.39
N ASP E 176 7.48 -27.37 32.82
CA ASP E 176 8.60 -27.83 33.59
C ASP E 176 9.42 -26.65 34.11
N TYR E 177 8.85 -25.93 35.07
CA TYR E 177 9.53 -24.86 35.78
C TYR E 177 10.09 -23.79 34.84
N SER E 178 9.24 -23.32 33.94
CA SER E 178 9.58 -22.19 33.05
C SER E 178 9.78 -20.94 33.89
N ASN E 179 10.62 -20.01 33.46
CA ASN E 179 10.84 -18.75 34.19
C ASN E 179 9.53 -18.06 34.49
N ASP E 180 8.69 -17.95 33.47
CA ASP E 180 7.38 -17.30 33.61
C ASP E 180 6.23 -18.33 33.62
N PRO E 181 5.57 -18.54 34.79
CA PRO E 181 4.43 -19.47 34.80
C PRO E 181 3.26 -19.09 33.89
N GLU E 182 3.20 -17.83 33.45
CA GLU E 182 2.14 -17.40 32.55
C GLU E 182 2.20 -18.02 31.13
N ASP E 183 3.38 -18.44 30.66
CA ASP E 183 3.51 -19.05 29.32
C ASP E 183 2.48 -20.19 29.23
N GLY E 184 2.47 -21.04 30.25
CA GLY E 184 1.51 -22.10 30.31
C GLY E 184 0.12 -21.69 30.77
N ALA E 185 0.04 -20.99 31.89
CA ALA E 185 -1.26 -20.64 32.49
C ALA E 185 -2.19 -19.92 31.52
N LEU E 186 -1.65 -19.00 30.71
CA LEU E 186 -2.51 -18.27 29.75
C LEU E 186 -3.16 -19.19 28.71
N LEU E 187 -2.47 -20.27 28.34
CA LEU E 187 -3.01 -21.27 27.43
C LEU E 187 -4.08 -22.18 28.06
N GLY E 188 -4.13 -22.23 29.39
CA GLY E 188 -5.17 -22.92 30.10
C GLY E 188 -6.60 -22.45 29.83
N LYS E 189 -6.74 -21.26 29.27
CA LYS E 189 -8.05 -20.75 28.92
C LYS E 189 -8.55 -21.38 27.61
N ILE E 190 -7.66 -21.98 26.82
CA ILE E 190 -8.06 -22.61 25.56
C ILE E 190 -8.78 -23.94 25.83
N GLU E 191 -9.85 -24.16 25.06
CA GLU E 191 -10.61 -25.41 25.06
C GLU E 191 -9.67 -26.62 25.15
N LYS E 192 -9.99 -27.53 26.06
CA LYS E 192 -9.31 -28.79 26.22
C LYS E 192 -7.91 -28.79 26.80
N VAL E 193 -7.36 -27.60 27.05
CA VAL E 193 -6.01 -27.48 27.58
C VAL E 193 -6.04 -27.48 29.11
N ARG E 194 -5.23 -28.34 29.71
CA ARG E 194 -5.05 -28.41 31.17
CA ARG E 194 -5.03 -28.37 31.17
C ARG E 194 -3.57 -28.17 31.41
N VAL E 195 -3.22 -27.33 32.38
CA VAL E 195 -1.80 -27.15 32.65
C VAL E 195 -1.38 -27.59 34.03
N LEU E 196 -0.25 -28.25 34.06
CA LEU E 196 0.38 -28.76 35.25
C LEU E 196 1.74 -28.09 35.33
N ARG E 197 2.02 -27.40 36.42
CA ARG E 197 3.32 -26.75 36.60
C ARG E 197 4.18 -27.53 37.60
N ASN E 198 5.39 -27.89 37.21
CA ASN E 198 6.36 -28.46 38.13
C ASN E 198 6.91 -27.33 39.04
N ASP E 199 6.94 -27.56 40.35
CA ASP E 199 7.45 -26.57 41.33
C ASP E 199 8.97 -26.38 41.28
N ARG E 200 9.65 -27.33 40.68
CA ARG E 200 11.08 -27.23 40.43
C ARG E 200 11.36 -27.92 39.09
N ARG E 201 12.55 -27.71 38.56
CA ARG E 201 12.96 -28.34 37.32
C ARG E 201 13.04 -29.85 37.48
N GLU E 202 12.32 -30.57 36.61
CA GLU E 202 12.24 -32.04 36.64
C GLU E 202 12.80 -32.73 35.41
N GLY E 203 12.88 -32.02 34.29
CA GLY E 203 13.29 -32.62 33.02
C GLY E 203 12.16 -33.30 32.27
N LEU E 204 12.44 -33.67 31.03
CA LEU E 204 11.40 -34.15 30.14
C LEU E 204 10.90 -35.52 30.53
N MET E 205 11.76 -36.38 31.08
CA MET E 205 11.33 -37.75 31.42
C MET E 205 10.31 -37.73 32.55
N ARG E 206 10.65 -37.06 33.63
CA ARG E 206 9.75 -36.97 34.77
C ARG E 206 8.51 -36.13 34.43
N SER E 207 8.70 -35.08 33.64
CA SER E 207 7.57 -34.27 33.20
C SER E 207 6.56 -35.09 32.37
N ARG E 208 7.06 -35.95 31.49
CA ARG E 208 6.17 -36.76 30.65
C ARG E 208 5.39 -37.72 31.48
N VAL E 209 6.04 -38.31 32.48
CA VAL E 209 5.39 -39.28 33.33
C VAL E 209 4.29 -38.59 34.13
N ARG E 210 4.57 -37.38 34.61
CA ARG E 210 3.56 -36.64 35.32
C ARG E 210 2.33 -36.41 34.43
N GLY E 211 2.56 -36.03 33.18
CA GLY E 211 1.46 -35.84 32.25
C GLY E 211 0.72 -37.13 31.96
N ALA E 212 1.48 -38.20 31.75
CA ALA E 212 0.87 -39.49 31.51
C ALA E 212 0.02 -39.95 32.69
N ASP E 213 0.52 -39.73 33.90
CA ASP E 213 -0.22 -40.11 35.12
C ASP E 213 -1.52 -39.32 35.28
N ALA E 214 -1.55 -38.10 34.77
CA ALA E 214 -2.76 -37.30 34.81
C ALA E 214 -3.72 -37.57 33.68
N ALA E 215 -3.29 -38.31 32.67
CA ALA E 215 -4.12 -38.53 31.49
C ALA E 215 -5.35 -39.38 31.78
N GLN E 216 -6.48 -39.02 31.17
CA GLN E 216 -7.74 -39.71 31.36
C GLN E 216 -8.08 -40.68 30.24
N ALA E 217 -7.49 -40.49 29.07
CA ALA E 217 -7.81 -41.30 27.90
C ALA E 217 -7.07 -42.63 27.92
N LYS E 218 -7.53 -43.52 27.04
CA LYS E 218 -6.92 -44.82 26.82
C LYS E 218 -5.54 -44.73 26.15
N VAL E 219 -5.32 -43.69 25.35
CA VAL E 219 -4.11 -43.56 24.53
C VAL E 219 -3.36 -42.25 24.77
N LEU E 220 -2.05 -42.35 24.87
CA LEU E 220 -1.20 -41.19 25.08
C LEU E 220 -0.58 -40.78 23.77
N THR E 221 -0.54 -39.47 23.54
CA THR E 221 0.23 -38.90 22.46
C THR E 221 1.24 -37.94 23.09
N PHE E 222 2.52 -38.11 22.80
CA PHE E 222 3.54 -37.18 23.28
C PHE E 222 4.02 -36.34 22.11
N LEU E 223 4.04 -35.01 22.31
CA LEU E 223 4.56 -34.09 21.32
C LEU E 223 5.49 -33.12 22.02
N ASP E 224 6.50 -32.66 21.29
CA ASP E 224 7.32 -31.54 21.76
C ASP E 224 6.53 -30.26 21.64
N SER E 225 7.01 -29.22 22.29
CA SER E 225 6.35 -27.93 22.35
C SER E 225 6.65 -26.98 21.19
N HIS E 226 7.21 -27.52 20.11
CA HIS E 226 7.47 -26.76 18.89
C HIS E 226 7.21 -27.67 17.71
N CYS E 227 5.98 -28.15 17.60
CA CYS E 227 5.56 -29.02 16.49
C CYS E 227 4.35 -28.42 15.79
N GLU E 228 4.09 -28.88 14.57
CA GLU E 228 2.91 -28.51 13.84
C GLU E 228 2.36 -29.73 13.17
N CYS E 229 1.20 -30.18 13.64
CA CYS E 229 0.49 -31.28 13.03
C CYS E 229 -0.03 -30.96 11.66
N ASN E 230 0.09 -31.94 10.75
CA ASN E 230 -0.42 -31.81 9.38
C ASN E 230 -1.79 -32.49 9.25
N GLU E 231 -2.36 -32.45 8.05
CA GLU E 231 -3.70 -32.95 7.82
C GLU E 231 -3.83 -34.44 8.22
N HIS E 232 -4.90 -34.78 8.92
CA HIS E 232 -5.19 -36.18 9.28
C HIS E 232 -3.96 -36.92 9.83
N TRP E 233 -3.24 -36.24 10.71
CA TRP E 233 -2.07 -36.81 11.38
C TRP E 233 -2.45 -37.85 12.39
N LEU E 234 -3.59 -37.70 13.03
CA LEU E 234 -3.86 -38.48 14.24
C LEU E 234 -4.47 -39.85 13.94
N GLU E 235 -5.43 -39.90 13.03
CA GLU E 235 -6.19 -41.13 12.75
C GLU E 235 -5.28 -42.32 12.39
N PRO E 236 -4.30 -42.09 11.49
CA PRO E 236 -3.44 -43.22 11.15
C PRO E 236 -2.66 -43.76 12.35
N LEU E 237 -2.35 -42.93 13.32
CA LEU E 237 -1.61 -43.38 14.47
C LEU E 237 -2.52 -44.15 15.40
N LEU E 238 -3.70 -43.60 15.68
CA LEU E 238 -4.64 -44.25 16.60
C LEU E 238 -5.14 -45.59 16.06
N GLU E 239 -5.39 -45.64 14.76
CA GLU E 239 -5.72 -46.89 14.06
C GLU E 239 -4.74 -48.02 14.44
N ARG E 240 -3.46 -47.73 14.48
CA ARG E 240 -2.47 -48.77 14.76
C ARG E 240 -2.57 -49.29 16.15
N VAL E 241 -2.69 -48.38 17.14
CA VAL E 241 -2.67 -48.82 18.52
C VAL E 241 -4.01 -49.40 18.96
N ALA E 242 -5.09 -48.94 18.34
CA ALA E 242 -6.40 -49.52 18.57
C ALA E 242 -6.43 -50.97 18.12
N GLU E 243 -5.80 -51.29 16.98
CA GLU E 243 -5.70 -52.66 16.47
C GLU E 243 -4.75 -53.58 17.30
N ASP E 244 -3.67 -53.04 17.85
CA ASP E 244 -2.72 -53.82 18.65
C ASP E 244 -2.02 -52.86 19.60
N ARG E 245 -2.40 -52.95 20.86
CA ARG E 245 -1.92 -52.10 21.94
C ARG E 245 -0.42 -52.17 22.23
N THR E 246 0.31 -53.11 21.65
CA THR E 246 1.75 -53.22 21.90
C THR E 246 2.56 -52.44 20.86
N ARG E 247 1.88 -51.82 19.89
CA ARG E 247 2.57 -50.96 18.95
C ARG E 247 2.72 -49.55 19.50
N VAL E 248 3.94 -49.05 19.46
CA VAL E 248 4.28 -47.69 19.77
C VAL E 248 4.62 -47.03 18.43
N VAL E 249 3.89 -45.97 18.08
CA VAL E 249 3.92 -45.48 16.72
C VAL E 249 4.23 -44.00 16.66
N SER E 250 4.87 -43.62 15.57
CA SER E 250 5.40 -42.28 15.32
C SER E 250 4.97 -41.79 13.97
N PRO E 251 4.75 -40.48 13.86
CA PRO E 251 4.63 -39.92 12.52
C PRO E 251 5.99 -39.81 11.83
N ILE E 252 5.93 -39.58 10.52
CA ILE E 252 7.05 -39.00 9.83
C ILE E 252 7.21 -37.59 10.37
N ILE E 253 8.41 -37.25 10.75
CA ILE E 253 8.67 -35.98 11.36
C ILE E 253 9.21 -35.02 10.31
N ASP E 254 8.36 -34.11 9.86
CA ASP E 254 8.76 -33.08 8.93
C ASP E 254 9.64 -32.04 9.67
N VAL E 255 10.37 -31.25 8.88
CA VAL E 255 11.31 -30.29 9.41
C VAL E 255 10.72 -28.89 9.36
N ILE E 256 10.72 -28.23 10.51
CA ILE E 256 10.44 -26.82 10.57
C ILE E 256 11.80 -26.16 10.73
N ASN E 257 12.22 -25.42 9.71
CA ASN E 257 13.59 -24.87 9.67
C ASN E 257 13.83 -23.90 10.82
N MET E 258 14.88 -24.15 11.60
CA MET E 258 15.19 -23.28 12.74
C MET E 258 15.56 -21.82 12.41
N ASP E 259 15.94 -21.53 11.17
CA ASP E 259 16.30 -20.17 10.79
C ASP E 259 15.12 -19.39 10.22
N ASN E 260 14.40 -20.00 9.28
CA ASN E 260 13.30 -19.32 8.55
C ASN E 260 11.87 -19.85 8.82
N PHE E 261 11.75 -20.93 9.60
CA PHE E 261 10.47 -21.54 9.98
C PHE E 261 9.62 -22.06 8.84
N GLN E 262 10.26 -22.33 7.72
CA GLN E 262 9.56 -23.02 6.64
C GLN E 262 9.36 -24.46 7.06
N TYR E 263 8.23 -25.00 6.62
CA TYR E 263 7.82 -26.34 6.88
C TYR E 263 8.21 -27.12 5.65
N VAL E 264 9.08 -28.11 5.85
CA VAL E 264 9.71 -28.89 4.81
C VAL E 264 9.38 -30.37 4.97
N GLY E 265 8.91 -30.98 3.89
CA GLY E 265 8.55 -32.40 3.92
C GLY E 265 9.76 -33.26 4.03
N ALA E 266 9.75 -34.19 4.98
CA ALA E 266 10.87 -35.12 5.16
C ALA E 266 10.76 -36.28 4.18
N SER E 267 11.85 -37.02 4.08
CA SER E 267 11.81 -38.30 3.39
C SER E 267 10.94 -39.29 4.15
N ALA E 268 10.19 -40.09 3.40
CA ALA E 268 9.43 -41.24 3.94
C ALA E 268 10.21 -42.55 3.90
N ASP E 269 11.45 -42.52 3.39
CA ASP E 269 12.22 -43.75 3.17
C ASP E 269 13.24 -43.97 4.31
N LEU E 270 12.99 -43.45 5.51
CA LEU E 270 13.95 -43.57 6.60
C LEU E 270 13.45 -44.50 7.70
N LYS E 271 14.40 -45.04 8.44
CA LYS E 271 14.16 -45.76 9.69
C LYS E 271 15.09 -45.09 10.69
N GLY E 272 14.74 -45.18 11.96
CA GLY E 272 15.60 -44.71 13.02
C GLY E 272 16.66 -45.75 13.33
N GLY E 273 17.76 -45.31 13.91
CA GLY E 273 18.85 -46.20 14.29
C GLY E 273 19.89 -45.47 15.09
N PHE E 274 21.07 -46.05 15.16
CA PHE E 274 22.14 -45.46 16.01
C PHE E 274 23.46 -46.18 15.72
N ASP E 275 24.55 -45.48 16.01
CA ASP E 275 25.88 -46.08 16.01
C ASP E 275 26.21 -46.44 17.42
N TRP E 276 27.35 -47.08 17.61
CA TRP E 276 27.74 -47.59 18.93
C TRP E 276 27.95 -46.50 19.96
N ASN E 277 28.13 -45.25 19.52
CA ASN E 277 28.10 -44.13 20.46
C ASN E 277 26.70 -43.82 21.03
N LEU E 278 25.69 -44.59 20.60
CA LEU E 278 24.33 -44.50 21.08
C LEU E 278 23.66 -43.13 20.83
N VAL E 279 24.05 -42.50 19.74
CA VAL E 279 23.48 -41.24 19.30
C VAL E 279 22.49 -41.58 18.18
N PHE E 280 21.25 -41.16 18.36
CA PHE E 280 20.20 -41.39 17.36
C PHE E 280 20.61 -40.87 15.98
N LYS E 281 20.32 -41.65 14.94
CA LYS E 281 20.51 -41.19 13.57
C LYS E 281 19.47 -41.82 12.65
N TRP E 282 19.22 -41.15 11.53
CA TRP E 282 18.34 -41.65 10.51
C TRP E 282 19.15 -42.42 9.49
N ASP E 283 18.67 -43.62 9.12
CA ASP E 283 19.25 -44.49 8.08
CA ASP E 283 19.27 -44.32 7.97
C ASP E 283 18.25 -44.45 6.92
N TYR E 284 18.71 -44.47 5.66
CA TYR E 284 17.82 -44.84 4.58
C TYR E 284 17.53 -46.34 4.70
N MET E 285 16.32 -46.74 4.36
CA MET E 285 16.02 -48.13 4.07
C MET E 285 16.97 -48.62 2.99
N THR E 286 17.20 -49.94 2.99
CA THR E 286 17.98 -50.57 1.92
C THR E 286 17.16 -50.56 0.62
N PRO E 287 17.85 -50.66 -0.53
CA PRO E 287 17.10 -50.83 -1.77
C PRO E 287 16.11 -51.99 -1.74
N GLU E 288 16.44 -53.11 -1.07
CA GLU E 288 15.53 -54.26 -1.01
C GLU E 288 14.31 -53.99 -0.09
N GLN E 289 14.51 -53.25 1.00
CA GLN E 289 13.38 -52.80 1.84
C GLN E 289 12.43 -51.92 1.01
N ARG E 290 12.98 -50.96 0.28
CA ARG E 290 12.18 -50.07 -0.56
C ARG E 290 11.39 -50.82 -1.65
N ARG E 291 12.03 -51.78 -2.33
CA ARG E 291 11.34 -52.56 -3.37
C ARG E 291 10.18 -53.38 -2.78
N SER E 292 10.39 -53.97 -1.59
CA SER E 292 9.35 -54.80 -0.94
C SER E 292 8.11 -53.97 -0.52
N ARG E 293 8.24 -52.65 -0.50
CA ARG E 293 7.13 -51.78 -0.18
C ARG E 293 6.44 -51.17 -1.42
N GLN E 294 6.99 -51.36 -2.62
CA GLN E 294 6.43 -50.73 -3.85
C GLN E 294 4.93 -50.99 -4.04
N GLY E 295 4.42 -52.14 -3.59
CA GLY E 295 3.00 -52.48 -3.60
C GLY E 295 2.08 -51.82 -2.57
N ASN E 296 2.62 -51.34 -1.45
CA ASN E 296 1.90 -50.40 -0.54
C ASN E 296 2.87 -49.39 0.08
N PRO E 297 3.16 -48.28 -0.63
CA PRO E 297 4.23 -47.39 -0.14
C PRO E 297 3.94 -46.59 1.13
N VAL E 298 2.71 -46.66 1.64
CA VAL E 298 2.36 -45.98 2.88
C VAL E 298 2.07 -46.93 4.01
N ALA E 299 2.59 -48.16 3.89
CA ALA E 299 2.44 -49.14 4.96
C ALA E 299 3.31 -48.71 6.14
N PRO E 300 2.97 -49.13 7.33
CA PRO E 300 3.84 -48.95 8.47
C PRO E 300 5.27 -49.40 8.17
N ILE E 301 6.23 -48.72 8.79
CA ILE E 301 7.63 -49.03 8.70
C ILE E 301 8.08 -49.38 10.10
N LYS E 302 8.52 -50.62 10.30
CA LYS E 302 9.09 -51.02 11.59
C LYS E 302 10.45 -50.38 11.75
N THR E 303 10.70 -49.84 12.94
CA THR E 303 11.91 -49.07 13.16
C THR E 303 12.61 -49.53 14.45
N PRO E 304 13.93 -49.68 14.43
CA PRO E 304 14.65 -50.10 15.64
C PRO E 304 14.59 -49.10 16.74
N MET E 305 14.40 -47.85 16.36
CA MET E 305 14.43 -46.80 17.33
C MET E 305 13.53 -45.63 16.88
N ILE E 306 12.87 -45.00 17.83
CA ILE E 306 12.08 -43.82 17.53
C ILE E 306 12.91 -42.62 17.89
N ALA E 307 12.62 -41.48 17.23
CA ALA E 307 13.24 -40.20 17.56
C ALA E 307 13.02 -39.86 19.01
N GLY E 308 11.76 -40.01 19.44
CA GLY E 308 11.42 -40.06 20.89
C GLY E 308 10.53 -38.94 21.36
N GLY E 309 10.57 -37.82 20.67
CA GLY E 309 9.69 -36.73 20.99
C GLY E 309 8.25 -36.96 20.59
N LEU E 310 7.99 -37.61 19.47
CA LEU E 310 6.63 -37.60 18.94
C LEU E 310 6.21 -39.03 18.80
N PHE E 311 5.33 -39.49 19.68
CA PHE E 311 4.80 -40.84 19.54
C PHE E 311 3.48 -41.04 20.24
N VAL E 312 2.85 -42.15 19.88
CA VAL E 312 1.56 -42.51 20.41
C VAL E 312 1.69 -43.91 20.97
N MET E 313 1.12 -44.14 22.14
CA MET E 313 1.26 -45.39 22.85
C MET E 313 0.02 -45.60 23.71
N ASP E 314 -0.52 -46.82 23.72
CA ASP E 314 -1.58 -47.19 24.65
C ASP E 314 -1.17 -46.86 26.08
N LYS E 315 -2.03 -46.17 26.82
CA LYS E 315 -1.65 -45.66 28.15
C LYS E 315 -1.34 -46.77 29.13
N PHE E 316 -2.13 -47.85 29.07
CA PHE E 316 -1.92 -48.95 30.01
C PHE E 316 -0.65 -49.70 29.63
N TYR E 317 -0.40 -49.85 28.33
CA TYR E 317 0.86 -50.43 27.88
C TYR E 317 2.05 -49.61 28.38
N PHE E 318 1.95 -48.28 28.26
CA PHE E 318 3.01 -47.42 28.77
C PHE E 318 3.26 -47.65 30.25
N GLU E 319 2.19 -47.77 31.03
CA GLU E 319 2.29 -48.01 32.50
C GLU E 319 2.90 -49.40 32.80
N GLU E 320 2.37 -50.41 32.12
CA GLU E 320 2.80 -51.78 32.31
C GLU E 320 4.24 -52.04 31.90
N LEU E 321 4.73 -51.38 30.85
CA LEU E 321 6.14 -51.49 30.48
C LEU E 321 7.11 -50.67 31.33
N GLY E 322 6.64 -49.88 32.26
CA GLY E 322 7.55 -49.13 33.17
C GLY E 322 7.73 -47.67 32.82
N LYS E 323 6.75 -47.08 32.12
CA LYS E 323 6.72 -45.64 31.92
C LYS E 323 8.03 -45.14 31.31
N TYR E 324 8.75 -44.24 31.95
CA TYR E 324 10.17 -43.98 31.69
C TYR E 324 10.96 -44.22 32.97
N ASP E 325 12.27 -44.37 32.80
CA ASP E 325 13.21 -44.43 33.91
C ASP E 325 13.21 -43.06 34.60
N MET E 326 12.62 -43.01 35.79
CA MET E 326 12.43 -41.76 36.53
C MET E 326 13.70 -41.06 37.01
N MET E 327 14.84 -41.74 36.94
CA MET E 327 16.13 -41.15 37.33
C MET E 327 16.91 -40.50 36.17
N MET E 328 16.39 -40.56 34.96
CA MET E 328 17.00 -39.80 33.86
C MET E 328 16.68 -38.31 34.03
N ASP E 329 17.66 -37.46 33.70
CA ASP E 329 17.60 -36.03 33.96
C ASP E 329 17.61 -35.19 32.68
N VAL E 330 16.91 -34.07 32.78
CA VAL E 330 16.67 -33.07 31.72
C VAL E 330 16.40 -33.55 30.26
N TRP E 331 17.37 -34.22 29.63
CA TRP E 331 17.29 -34.58 28.20
C TRP E 331 18.29 -35.69 27.82
N GLY E 332 17.88 -36.51 26.84
CA GLY E 332 18.79 -37.42 26.15
C GLY E 332 18.66 -38.80 26.71
N GLY E 333 18.67 -39.80 25.80
CA GLY E 333 18.79 -41.19 26.16
C GLY E 333 17.51 -41.95 26.46
N GLU E 334 16.44 -41.24 26.75
CA GLU E 334 15.16 -41.88 27.11
C GLU E 334 14.55 -42.59 25.88
N ASN E 335 14.81 -42.04 24.70
CA ASN E 335 14.44 -42.65 23.43
C ASN E 335 15.14 -43.99 23.17
N LEU E 336 16.42 -44.09 23.56
CA LEU E 336 17.16 -45.37 23.55
C LEU E 336 16.45 -46.37 24.39
N GLU E 337 16.21 -45.96 25.63
CA GLU E 337 15.75 -46.83 26.68
C GLU E 337 14.35 -47.38 26.35
N ILE E 338 13.43 -46.49 25.98
CA ILE E 338 12.10 -46.95 25.64
C ILE E 338 12.09 -47.82 24.38
N SER E 339 12.94 -47.51 23.42
CA SER E 339 12.99 -48.29 22.19
C SER E 339 13.48 -49.71 22.45
N PHE E 340 14.57 -49.83 23.21
CA PHE E 340 15.08 -51.17 23.55
C PHE E 340 14.04 -51.94 24.36
N ARG E 341 13.47 -51.26 25.34
CA ARG E 341 12.51 -51.88 26.23
C ARG E 341 11.30 -52.38 25.46
N VAL E 342 10.75 -51.54 24.61
CA VAL E 342 9.55 -51.95 23.86
C VAL E 342 9.85 -53.19 23.02
N TRP E 343 10.96 -53.17 22.30
CA TRP E 343 11.26 -54.26 21.39
C TRP E 343 11.60 -55.55 22.15
N GLN E 344 12.51 -55.44 23.12
CA GLN E 344 12.97 -56.60 23.87
C GLN E 344 11.84 -57.24 24.69
N CYS E 345 10.88 -56.42 25.15
CA CYS E 345 9.81 -56.91 26.00
C CYS E 345 8.51 -57.23 25.28
N GLY E 346 8.53 -57.39 23.96
CA GLY E 346 7.39 -57.95 23.24
C GLY E 346 6.58 -57.02 22.35
N GLY E 347 6.85 -55.72 22.43
CA GLY E 347 6.15 -54.75 21.57
C GLY E 347 6.83 -54.50 20.23
N SER E 348 6.39 -53.44 19.55
CA SER E 348 7.01 -52.97 18.32
C SER E 348 6.97 -51.45 18.20
N LEU E 349 7.78 -50.93 17.30
CA LEU E 349 7.96 -49.51 17.07
C LEU E 349 7.69 -49.30 15.61
N GLU E 350 6.88 -48.30 15.26
CA GLU E 350 6.56 -48.03 13.86
C GLU E 350 6.63 -46.54 13.53
N ILE E 351 6.89 -46.27 12.26
CA ILE E 351 6.74 -44.96 11.65
C ILE E 351 5.61 -45.10 10.65
N ILE E 352 4.67 -44.16 10.69
CA ILE E 352 3.41 -44.27 9.94
C ILE E 352 3.39 -43.15 8.90
N PRO E 353 3.66 -43.49 7.64
CA PRO E 353 3.88 -42.43 6.68
C PRO E 353 2.73 -41.47 6.44
N CYS E 354 1.50 -41.93 6.66
CA CYS E 354 0.35 -41.06 6.47
C CYS E 354 0.20 -40.00 7.55
N SER E 355 0.91 -40.17 8.67
CA SER E 355 0.94 -39.22 9.73
C SER E 355 2.16 -38.31 9.59
N ARG E 356 1.91 -37.01 9.47
CA ARG E 356 2.97 -36.03 9.30
C ARG E 356 2.85 -34.96 10.36
N VAL E 357 3.96 -34.72 11.07
CA VAL E 357 4.05 -33.66 12.04
C VAL E 357 5.40 -32.97 11.91
N GLY E 358 5.39 -31.64 11.80
CA GLY E 358 6.61 -30.86 11.73
C GLY E 358 7.20 -30.65 13.11
N HIS E 359 8.53 -30.56 13.19
CA HIS E 359 9.25 -30.33 14.42
C HIS E 359 10.41 -29.33 14.13
N VAL E 360 10.62 -28.39 15.02
CA VAL E 360 11.74 -27.47 14.91
C VAL E 360 13.01 -28.20 15.38
N PHE E 361 13.76 -28.74 14.44
CA PHE E 361 15.04 -29.33 14.76
C PHE E 361 16.05 -28.23 15.06
N ARG E 362 16.82 -28.41 16.13
CA ARG E 362 17.88 -27.45 16.43
C ARG E 362 19.20 -28.16 16.72
N LYS E 363 20.29 -27.42 16.58
CA LYS E 363 21.65 -27.94 16.78
C LYS E 363 22.13 -27.83 18.23
N GLN E 364 21.61 -26.85 18.97
CA GLN E 364 21.98 -26.64 20.38
C GLN E 364 20.75 -26.56 21.32
N HIS E 365 20.95 -26.94 22.57
CA HIS E 365 19.92 -26.79 23.60
C HIS E 365 19.90 -25.36 24.16
N PRO E 366 18.71 -24.72 24.29
CA PRO E 366 18.63 -23.39 24.90
C PRO E 366 18.61 -23.33 26.45
N TYR E 367 18.54 -24.49 27.11
CA TYR E 367 18.25 -24.57 28.56
C TYR E 367 19.42 -25.15 29.37
N THR E 368 19.34 -24.99 30.69
CA THR E 368 20.39 -25.42 31.62
C THR E 368 20.40 -26.95 31.78
N PHE E 369 21.60 -27.48 32.03
CA PHE E 369 21.81 -28.85 32.48
C PHE E 369 22.57 -28.80 33.81
N PRO E 370 21.93 -29.19 34.93
CA PRO E 370 22.70 -29.43 36.18
C PRO E 370 23.90 -30.40 35.99
N GLY E 371 25.09 -29.83 35.83
CA GLY E 371 26.34 -30.60 35.63
C GLY E 371 26.89 -30.72 34.21
N GLY E 372 26.38 -29.90 33.28
CA GLY E 372 26.79 -29.93 31.86
C GLY E 372 26.05 -30.98 31.03
N SER E 373 25.76 -30.66 29.76
CA SER E 373 24.97 -31.56 28.88
C SER E 373 25.72 -32.83 28.44
N GLY E 374 27.04 -32.74 28.25
CA GLY E 374 27.86 -33.93 27.99
C GLY E 374 27.67 -35.00 29.06
N THR E 375 27.69 -34.57 30.32
CA THR E 375 27.60 -35.47 31.48
C THR E 375 26.19 -36.05 31.69
N VAL E 376 25.16 -35.21 31.55
CA VAL E 376 23.76 -35.66 31.73
C VAL E 376 23.39 -36.70 30.65
N PHE E 377 23.72 -36.39 29.39
CA PHE E 377 23.51 -37.32 28.24
C PHE E 377 24.21 -38.66 28.52
N ALA E 378 25.45 -38.61 29.02
CA ALA E 378 26.21 -39.84 29.30
C ALA E 378 25.58 -40.68 30.42
N ARG E 379 25.17 -40.02 31.50
CA ARG E 379 24.49 -40.68 32.62
C ARG E 379 23.22 -41.40 32.15
N ASN E 380 22.35 -40.66 31.45
CA ASN E 380 21.09 -41.23 30.94
C ASN E 380 21.36 -42.40 30.03
N THR E 381 22.31 -42.21 29.12
CA THR E 381 22.70 -43.25 28.16
C THR E 381 23.25 -44.49 28.87
N ARG E 382 24.12 -44.29 29.86
CA ARG E 382 24.63 -45.41 30.66
C ARG E 382 23.51 -46.18 31.32
N ARG E 383 22.55 -45.47 31.90
CA ARG E 383 21.43 -46.14 32.57
C ARG E 383 20.67 -47.02 31.57
N ALA E 384 20.55 -46.55 30.32
CA ALA E 384 19.97 -47.37 29.27
C ALA E 384 20.86 -48.58 28.98
N ALA E 385 22.13 -48.33 28.77
CA ALA E 385 23.06 -49.39 28.35
C ALA E 385 23.22 -50.50 29.39
N GLU E 386 23.38 -50.11 30.65
CA GLU E 386 23.59 -51.08 31.73
C GLU E 386 22.38 -51.98 31.95
N VAL E 387 21.18 -51.46 31.68
CA VAL E 387 19.96 -52.21 31.89
C VAL E 387 19.66 -53.13 30.72
N TRP E 388 19.84 -52.65 29.51
CA TRP E 388 19.26 -53.30 28.32
C TRP E 388 20.23 -54.02 27.40
N MET E 389 21.47 -53.55 27.36
CA MET E 389 22.40 -53.94 26.31
C MET E 389 23.24 -55.20 26.60
N ASP E 390 23.12 -55.77 27.81
CA ASP E 390 23.95 -56.91 28.22
C ASP E 390 25.43 -56.57 27.97
N GLU E 391 26.21 -57.46 27.35
CA GLU E 391 27.66 -57.23 27.17
C GLU E 391 27.93 -56.23 26.04
N TYR E 392 26.94 -56.00 25.19
CA TYR E 392 27.09 -55.11 24.07
C TYR E 392 27.25 -53.67 24.53
N LYS E 393 26.98 -53.40 25.81
CA LYS E 393 27.35 -52.12 26.42
C LYS E 393 28.83 -51.77 26.24
N ASN E 394 29.69 -52.78 26.20
CA ASN E 394 31.12 -52.57 26.06
C ASN E 394 31.49 -51.93 24.71
N PHE E 395 30.69 -52.18 23.67
CA PHE E 395 30.88 -51.48 22.39
C PHE E 395 30.56 -50.00 22.51
N TYR E 396 29.54 -49.64 23.31
CA TYR E 396 29.27 -48.21 23.62
C TYR E 396 30.48 -47.58 24.32
N TYR E 397 30.98 -48.27 25.36
CA TYR E 397 32.14 -47.81 26.13
C TYR E 397 33.42 -47.76 25.27
N ALA E 398 33.57 -48.71 24.34
CA ALA E 398 34.65 -48.65 23.34
C ALA E 398 34.56 -47.42 22.43
N ALA E 399 33.36 -46.94 22.10
CA ALA E 399 33.20 -45.73 21.29
C ALA E 399 33.27 -44.45 22.10
N VAL E 400 32.87 -44.51 23.36
CA VAL E 400 32.88 -43.31 24.23
C VAL E 400 33.53 -43.73 25.55
N PRO E 401 34.87 -43.85 25.57
CA PRO E 401 35.51 -44.30 26.82
C PRO E 401 35.30 -43.33 27.98
N SER E 402 35.14 -42.03 27.70
CA SER E 402 34.82 -41.02 28.71
C SER E 402 33.60 -41.39 29.59
N ALA E 403 32.66 -42.13 29.01
CA ALA E 403 31.47 -42.57 29.72
C ALA E 403 31.70 -43.54 30.87
N ARG E 404 32.77 -44.35 30.85
CA ARG E 404 33.02 -45.29 31.98
C ARG E 404 33.19 -44.60 33.35
N ASN E 405 33.57 -43.31 33.32
CA ASN E 405 33.78 -42.50 34.53
C ASN E 405 32.59 -41.68 35.02
N VAL E 406 31.47 -41.68 34.28
CA VAL E 406 30.31 -40.91 34.68
C VAL E 406 29.45 -41.78 35.60
N PRO E 407 29.24 -41.35 36.86
CA PRO E 407 28.41 -42.18 37.74
C PRO E 407 26.95 -42.12 37.31
N TYR E 408 26.26 -43.23 37.44
CA TYR E 408 24.90 -43.34 36.91
C TYR E 408 23.76 -43.59 37.89
N GLY E 409 24.07 -43.91 39.15
CA GLY E 409 23.05 -44.12 40.18
C GLY E 409 22.54 -45.55 40.22
N ASN E 410 21.53 -45.76 41.07
CA ASN E 410 20.95 -47.07 41.29
C ASN E 410 20.04 -47.43 40.11
N ILE E 411 20.14 -48.67 39.61
CA ILE E 411 19.32 -49.11 38.47
C ILE E 411 18.50 -50.35 38.80
N GLN E 412 18.33 -50.63 40.09
CA GLN E 412 17.78 -51.89 40.53
C GLN E 412 16.32 -52.06 40.11
N SER E 413 15.51 -51.01 40.28
CA SER E 413 14.07 -51.08 39.91
C SER E 413 13.90 -51.40 38.41
N ARG E 414 14.77 -50.81 37.59
CA ARG E 414 14.80 -51.08 36.14
C ARG E 414 15.20 -52.50 35.81
N LEU E 415 16.26 -52.98 36.47
CA LEU E 415 16.69 -54.38 36.30
C LEU E 415 15.59 -55.39 36.64
N GLU E 416 14.87 -55.15 37.74
CA GLU E 416 13.77 -56.05 38.15
C GLU E 416 12.57 -55.93 37.23
N LEU E 417 12.33 -54.72 36.74
CA LEU E 417 11.34 -54.50 35.68
C LEU E 417 11.64 -55.38 34.47
N ARG E 418 12.90 -55.39 34.06
CA ARG E 418 13.29 -56.29 32.96
C ARG E 418 12.97 -57.77 33.26
N LYS E 419 13.25 -58.20 34.50
CA LYS E 419 13.02 -59.60 34.92
C LYS E 419 11.54 -59.89 34.93
N LYS E 420 10.79 -59.05 35.64
CA LYS E 420 9.32 -59.15 35.70
C LYS E 420 8.65 -59.32 34.33
N LEU E 421 9.14 -58.62 33.32
CA LEU E 421 8.55 -58.63 31.97
C LEU E 421 9.02 -59.74 31.03
N SER E 422 10.02 -60.54 31.41
CA SER E 422 10.52 -61.64 30.54
C SER E 422 11.07 -61.13 29.22
N CYS E 423 11.89 -60.09 29.31
CA CYS E 423 12.41 -59.43 28.12
C CYS E 423 13.53 -60.27 27.52
N LYS E 424 13.62 -60.25 26.20
CA LYS E 424 14.64 -61.00 25.45
C LYS E 424 15.98 -60.29 25.55
N PRO E 425 17.09 -61.00 25.28
CA PRO E 425 18.42 -60.38 25.43
C PRO E 425 18.75 -59.40 24.30
N PHE E 426 19.71 -58.51 24.54
CA PHE E 426 20.08 -57.54 23.52
C PHE E 426 20.54 -58.18 22.22
N LYS E 427 21.15 -59.34 22.32
CA LYS E 427 21.52 -60.14 21.15
C LYS E 427 20.32 -60.41 20.26
N TRP E 428 19.17 -60.75 20.87
CA TRP E 428 17.95 -60.95 20.10
C TRP E 428 17.54 -59.68 19.34
N TYR E 429 17.68 -58.53 20.01
CA TYR E 429 17.34 -57.21 19.43
C TYR E 429 18.17 -56.98 18.18
N LEU E 430 19.47 -57.24 18.30
CA LEU E 430 20.37 -57.03 17.19
C LEU E 430 20.05 -57.95 16.01
N GLU E 431 19.69 -59.21 16.28
CA GLU E 431 19.44 -60.15 15.18
C GLU E 431 18.11 -59.93 14.49
N ASN E 432 17.09 -59.57 15.27
CA ASN E 432 15.71 -59.52 14.77
C ASN E 432 15.16 -58.13 14.46
N VAL E 433 15.67 -57.12 15.15
CA VAL E 433 15.17 -55.74 15.03
C VAL E 433 16.14 -54.87 14.27
N TYR E 434 17.40 -54.88 14.67
CA TYR E 434 18.41 -54.02 14.02
C TYR E 434 19.63 -54.79 13.45
N PRO E 435 19.37 -55.75 12.53
CA PRO E 435 20.47 -56.56 11.97
C PRO E 435 21.47 -55.81 11.12
N GLU E 436 21.09 -54.63 10.61
CA GLU E 436 21.99 -53.87 9.74
C GLU E 436 22.96 -52.99 10.55
N LEU E 437 22.90 -53.05 11.88
CA LEU E 437 23.92 -52.43 12.72
C LEU E 437 25.18 -53.30 12.69
N ARG E 438 26.26 -52.72 12.18
CA ARG E 438 27.50 -53.43 11.99
C ARG E 438 28.17 -53.62 13.36
N VAL E 439 28.49 -54.85 13.66
CA VAL E 439 29.10 -55.23 14.92
C VAL E 439 30.62 -55.51 14.72
N PRO E 440 31.50 -54.85 15.52
CA PRO E 440 32.92 -55.11 15.34
C PRO E 440 33.27 -56.56 15.65
N ASP E 441 34.31 -57.09 15.00
CA ASP E 441 34.93 -58.30 15.57
C ASP E 441 35.50 -57.91 16.94
N HIS E 442 35.13 -58.62 18.00
CA HIS E 442 35.58 -58.30 19.36
C HIS E 442 37.12 -58.04 19.47
N GLN E 443 37.92 -58.73 18.65
CA GLN E 443 39.37 -58.62 18.65
C GLN E 443 39.98 -57.71 17.57
N ASP E 444 39.18 -56.99 16.79
CA ASP E 444 39.71 -55.95 15.89
C ASP E 444 40.50 -54.93 16.70
N ILE E 445 41.63 -54.48 16.15
CA ILE E 445 42.49 -53.53 16.82
C ILE E 445 41.97 -52.12 16.54
N ALA E 446 41.62 -51.85 15.28
CA ALA E 446 41.18 -50.52 14.87
C ALA E 446 40.13 -50.68 13.78
N PHE E 447 39.45 -49.59 13.43
CA PHE E 447 38.25 -49.71 12.61
C PHE E 447 37.81 -48.36 12.09
N GLY E 448 37.14 -48.39 10.93
CA GLY E 448 36.53 -47.21 10.37
C GLY E 448 37.26 -46.72 9.13
N ALA E 449 37.42 -45.41 9.03
CA ALA E 449 38.16 -44.81 7.95
C ALA E 449 39.62 -44.68 8.36
N LEU E 450 40.52 -44.65 7.41
CA LEU E 450 41.95 -44.49 7.68
C LEU E 450 42.30 -43.14 7.09
N GLN E 451 42.52 -42.15 7.95
CA GLN E 451 42.54 -40.74 7.54
C GLN E 451 43.94 -40.18 7.46
N GLN E 452 44.15 -39.34 6.47
CA GLN E 452 45.37 -38.56 6.34
C GLN E 452 44.92 -37.17 5.91
N GLY E 453 45.05 -36.21 6.81
CA GLY E 453 44.54 -34.84 6.57
C GLY E 453 43.04 -34.92 6.38
N THR E 454 42.55 -34.42 5.25
CA THR E 454 41.14 -34.53 4.89
C THR E 454 40.89 -35.70 3.94
N ASN E 455 41.94 -36.47 3.61
CA ASN E 455 41.85 -37.61 2.72
C ASN E 455 41.68 -38.91 3.51
N CYS E 456 41.08 -39.90 2.83
CA CYS E 456 40.80 -41.23 3.41
C CYS E 456 41.27 -42.36 2.48
N LEU E 457 41.89 -43.40 3.04
CA LEU E 457 42.24 -44.62 2.30
C LEU E 457 41.02 -45.12 1.54
N ASP E 458 41.16 -45.35 0.25
CA ASP E 458 40.04 -45.69 -0.61
C ASP E 458 40.43 -46.80 -1.60
N THR E 459 39.57 -47.81 -1.73
CA THR E 459 39.81 -48.86 -2.72
C THR E 459 39.73 -48.36 -4.16
N LEU E 460 39.13 -47.19 -4.38
CA LEU E 460 38.92 -46.68 -5.73
C LEU E 460 38.01 -47.59 -6.56
N GLY E 461 37.14 -48.35 -5.91
CA GLY E 461 36.32 -49.37 -6.59
C GLY E 461 37.08 -50.57 -7.14
N HIS E 462 38.35 -50.72 -6.75
CA HIS E 462 39.20 -51.77 -7.28
C HIS E 462 38.94 -53.05 -6.49
N PHE E 463 39.33 -54.18 -7.08
CA PHE E 463 39.20 -55.48 -6.46
C PHE E 463 40.57 -56.16 -6.41
N ALA E 464 40.63 -57.49 -6.29
CA ALA E 464 41.92 -58.14 -6.10
C ALA E 464 42.87 -57.83 -7.26
N ASP E 465 44.14 -57.66 -6.90
CA ASP E 465 45.22 -57.24 -7.80
C ASP E 465 45.14 -55.77 -8.22
N GLY E 466 44.27 -55.00 -7.58
CA GLY E 466 44.13 -53.59 -7.87
C GLY E 466 44.91 -52.74 -6.85
N VAL E 467 45.27 -51.55 -7.31
CA VAL E 467 45.89 -50.56 -6.47
C VAL E 467 44.84 -49.88 -5.60
N VAL E 468 45.35 -49.13 -4.65
CA VAL E 468 44.55 -48.49 -3.65
C VAL E 468 44.98 -47.01 -3.67
N GLY E 469 44.14 -46.15 -3.15
CA GLY E 469 44.41 -44.72 -3.18
C GLY E 469 43.76 -43.93 -2.06
N VAL E 470 43.52 -42.65 -2.35
CA VAL E 470 42.78 -41.77 -1.44
C VAL E 470 41.79 -40.93 -2.22
N TYR E 471 40.69 -40.61 -1.55
CA TYR E 471 39.77 -39.54 -1.95
C TYR E 471 39.45 -38.78 -0.67
N GLU E 472 38.83 -37.61 -0.82
CA GLU E 472 38.35 -36.84 0.34
C GLU E 472 37.40 -37.69 1.20
N CYS E 473 37.56 -37.62 2.52
CA CYS E 473 36.72 -38.41 3.45
C CYS E 473 35.28 -37.97 3.34
N HIS E 474 34.38 -38.93 3.14
CA HIS E 474 32.96 -38.64 3.06
C HIS E 474 32.16 -39.18 4.27
N ASN E 475 32.81 -39.87 5.21
CA ASN E 475 32.16 -40.41 6.44
C ASN E 475 30.91 -41.27 6.18
N ALA E 476 30.87 -41.89 5.01
CA ALA E 476 29.74 -42.67 4.53
C ALA E 476 30.08 -44.16 4.34
N GLY E 477 31.23 -44.62 4.85
CA GLY E 477 31.65 -46.01 4.69
C GLY E 477 32.03 -46.39 3.26
N GLY E 478 31.45 -47.46 2.71
CA GLY E 478 31.70 -47.93 1.35
C GLY E 478 33.16 -48.24 1.15
N ASN E 479 33.76 -47.64 0.13
CA ASN E 479 35.18 -47.87 -0.22
C ASN E 479 36.21 -47.25 0.75
N GLN E 480 35.74 -46.55 1.78
CA GLN E 480 36.62 -46.01 2.82
C GLN E 480 36.45 -46.75 4.17
N GLU E 481 35.75 -47.88 4.15
CA GLU E 481 35.63 -48.76 5.32
C GLU E 481 36.82 -49.73 5.39
N TRP E 482 37.52 -49.69 6.52
CA TRP E 482 38.64 -50.58 6.76
C TRP E 482 38.59 -51.06 8.17
N ALA E 483 39.38 -52.08 8.43
CA ALA E 483 39.62 -52.57 9.79
C ALA E 483 41.08 -52.97 9.90
N LEU E 484 41.63 -52.86 11.10
CA LEU E 484 42.91 -53.49 11.43
C LEU E 484 42.56 -54.68 12.30
N THR E 485 42.84 -55.88 11.82
CA THR E 485 42.34 -57.09 12.44
C THR E 485 43.24 -57.67 13.52
N LYS E 486 42.73 -58.67 14.26
CA LYS E 486 43.53 -59.53 15.17
C LYS E 486 44.75 -60.08 14.46
N GLU E 487 44.60 -60.41 13.19
CA GLU E 487 45.70 -60.95 12.35
C GLU E 487 46.66 -59.86 11.81
N LYS E 488 46.49 -58.60 12.22
CA LYS E 488 47.36 -57.48 11.82
C LYS E 488 47.20 -57.07 10.34
N SER E 489 46.08 -57.40 9.71
CA SER E 489 45.83 -57.02 8.33
C SER E 489 44.91 -55.81 8.24
N VAL E 490 45.07 -55.03 7.17
CA VAL E 490 44.24 -53.87 6.95
C VAL E 490 43.27 -54.29 5.87
N LYS E 491 42.05 -54.65 6.28
CA LYS E 491 41.09 -55.24 5.35
C LYS E 491 39.90 -54.36 5.01
N HIS E 492 39.45 -54.51 3.77
CA HIS E 492 38.17 -54.03 3.29
C HIS E 492 37.47 -55.29 2.74
N MET E 493 36.31 -55.63 3.30
CA MET E 493 35.61 -56.86 2.94
C MET E 493 36.52 -58.05 3.20
N ASP E 494 36.91 -58.81 2.16
CA ASP E 494 37.85 -59.93 2.31
C ASP E 494 39.15 -59.66 1.52
N LEU E 495 39.41 -58.37 1.22
CA LEU E 495 40.64 -57.96 0.59
C LEU E 495 41.53 -57.20 1.60
N CYS E 496 42.83 -57.36 1.44
CA CYS E 496 43.81 -56.91 2.42
C CYS E 496 44.90 -56.17 1.70
N LEU E 497 45.40 -55.11 2.32
CA LEU E 497 46.50 -54.37 1.75
C LEU E 497 47.71 -55.28 1.79
N THR E 498 48.33 -55.44 0.62
CA THR E 498 49.37 -56.46 0.44
C THR E 498 50.64 -55.83 -0.12
N VAL E 499 51.76 -56.08 0.59
CA VAL E 499 53.06 -55.63 0.13
C VAL E 499 53.61 -56.68 -0.86
N VAL E 500 53.43 -56.37 -2.12
CA VAL E 500 53.78 -57.25 -3.21
C VAL E 500 55.28 -57.25 -3.48
N ASP E 501 55.92 -56.12 -3.16
CA ASP E 501 57.30 -55.87 -3.52
C ASP E 501 57.82 -54.88 -2.47
N ARG E 502 58.96 -55.20 -1.86
CA ARG E 502 59.48 -54.42 -0.74
C ARG E 502 60.39 -53.28 -1.16
N ALA E 503 60.74 -53.20 -2.45
CA ALA E 503 61.54 -52.09 -2.94
C ALA E 503 60.77 -50.79 -2.66
N PRO E 504 61.43 -49.82 -2.00
CA PRO E 504 60.79 -48.53 -1.75
C PRO E 504 60.19 -47.94 -3.02
N GLY E 505 58.99 -47.38 -2.90
CA GLY E 505 58.27 -46.82 -4.03
C GLY E 505 57.35 -47.80 -4.74
N SER E 506 57.39 -49.07 -4.35
CA SER E 506 56.53 -50.09 -4.98
C SER E 506 55.08 -49.90 -4.57
N LEU E 507 54.18 -50.02 -5.53
CA LEU E 507 52.75 -49.93 -5.25
C LEU E 507 52.29 -51.09 -4.40
N ILE E 508 51.40 -50.83 -3.46
CA ILE E 508 50.74 -51.92 -2.75
C ILE E 508 49.48 -52.34 -3.51
N LYS E 509 49.01 -53.55 -3.19
CA LYS E 509 47.88 -54.12 -3.91
C LYS E 509 46.89 -54.74 -2.96
N LEU E 510 45.65 -54.72 -3.40
CA LEU E 510 44.57 -55.46 -2.78
C LEU E 510 44.68 -56.92 -3.19
N GLN E 511 44.70 -57.83 -2.20
CA GLN E 511 44.59 -59.25 -2.48
C GLN E 511 43.77 -59.92 -1.40
N GLY E 512 43.22 -61.10 -1.74
CA GLY E 512 42.42 -61.88 -0.81
C GLY E 512 43.17 -62.09 0.49
N CYS E 513 42.51 -61.86 1.62
CA CYS E 513 43.16 -62.01 2.92
C CYS E 513 43.50 -63.46 3.23
N ARG E 514 44.71 -63.67 3.75
CA ARG E 514 45.19 -64.95 4.29
C ARG E 514 45.90 -64.67 5.61
N GLU E 515 45.53 -65.38 6.68
CA GLU E 515 46.19 -65.23 8.01
C GLU E 515 47.69 -65.51 7.95
N ASP E 516 48.13 -66.47 7.12
CA ASP E 516 49.57 -66.84 7.02
C ASP E 516 50.49 -65.88 6.21
N ASP E 517 49.91 -65.00 5.40
CA ASP E 517 50.67 -64.17 4.44
C ASP E 517 51.34 -62.99 5.15
N SER E 518 52.65 -63.11 5.37
CA SER E 518 53.42 -62.06 6.05
C SER E 518 53.36 -60.73 5.30
N ARG E 519 53.14 -60.77 3.99
CA ARG E 519 53.06 -59.55 3.18
C ARG E 519 51.83 -58.66 3.47
N GLN E 520 50.90 -59.18 4.28
CA GLN E 520 49.68 -58.48 4.64
C GLN E 520 49.66 -57.97 6.08
N LYS E 521 50.80 -58.00 6.76
CA LYS E 521 50.88 -57.60 8.19
C LYS E 521 51.31 -56.15 8.37
N TRP E 522 50.56 -55.44 9.18
CA TRP E 522 50.76 -54.03 9.44
C TRP E 522 50.58 -53.75 10.92
N GLU E 523 51.22 -52.68 11.38
CA GLU E 523 51.15 -52.28 12.77
C GLU E 523 51.15 -50.78 12.87
N GLN E 524 50.39 -50.27 13.83
CA GLN E 524 50.37 -48.83 14.11
C GLN E 524 51.62 -48.48 14.90
N ILE E 525 52.21 -47.32 14.63
CA ILE E 525 53.38 -46.85 15.36
C ILE E 525 53.29 -45.35 15.61
N GLU E 526 54.21 -44.84 16.42
CA GLU E 526 54.34 -43.41 16.72
C GLU E 526 52.99 -42.85 17.20
N GLY E 527 52.45 -43.49 18.23
CA GLY E 527 51.18 -43.08 18.85
C GLY E 527 50.00 -43.19 17.91
N ASN E 528 49.86 -44.34 17.26
CA ASN E 528 48.79 -44.61 16.28
C ASN E 528 48.62 -43.54 15.19
N SER E 529 49.76 -43.03 14.69
CA SER E 529 49.79 -41.97 13.65
C SER E 529 50.33 -42.44 12.29
N LYS E 530 50.89 -43.67 12.22
CA LYS E 530 51.44 -44.22 10.97
C LYS E 530 51.16 -45.73 10.91
N LEU E 531 51.44 -46.32 9.73
CA LEU E 531 51.32 -47.76 9.52
C LEU E 531 52.56 -48.33 8.91
N ARG E 532 53.16 -49.24 9.65
CA ARG E 532 54.43 -49.85 9.26
C ARG E 532 54.12 -51.30 8.84
N HIS E 533 54.77 -51.74 7.79
CA HIS E 533 54.72 -53.14 7.40
C HIS E 533 55.59 -53.96 8.38
N VAL E 534 54.95 -54.91 9.07
CA VAL E 534 55.59 -55.67 10.16
C VAL E 534 56.82 -56.43 9.65
N GLY E 535 57.90 -56.34 10.43
CA GLY E 535 59.17 -56.98 10.09
C GLY E 535 59.91 -56.24 8.99
N SER E 536 59.69 -54.94 8.85
CA SER E 536 60.37 -54.15 7.84
C SER E 536 60.53 -52.74 8.38
N ASN E 537 61.20 -51.87 7.63
CA ASN E 537 61.18 -50.44 7.91
C ASN E 537 60.47 -49.70 6.78
N LEU E 538 59.38 -50.31 6.30
CA LEU E 538 58.53 -49.73 5.27
C LEU E 538 57.21 -49.24 5.87
N CYS E 539 56.76 -48.07 5.42
CA CYS E 539 55.55 -47.44 5.93
C CYS E 539 54.59 -47.13 4.78
N LEU E 540 53.29 -47.20 5.07
CA LEU E 540 52.29 -46.85 4.06
C LEU E 540 52.43 -45.40 3.68
N ASP E 541 52.42 -45.11 2.38
CA ASP E 541 52.74 -43.76 1.89
C ASP E 541 51.87 -43.32 0.71
N SER E 542 51.44 -42.06 0.70
CA SER E 542 50.51 -41.50 -0.31
C SER E 542 51.19 -40.65 -1.37
N ARG E 543 52.50 -40.52 -1.35
CA ARG E 543 53.14 -39.58 -2.30
C ARG E 543 52.87 -39.87 -3.78
N THR E 544 52.63 -41.14 -4.12
CA THR E 544 52.30 -41.56 -5.51
C THR E 544 50.80 -41.80 -5.72
N ALA E 545 49.98 -41.47 -4.74
CA ALA E 545 48.53 -41.79 -4.74
C ALA E 545 47.74 -41.38 -5.98
N LYS E 546 48.08 -40.23 -6.54
CA LYS E 546 47.36 -39.73 -7.74
C LYS E 546 48.13 -40.04 -9.01
N SER E 547 49.24 -40.76 -8.89
CA SER E 547 50.06 -41.14 -10.06
C SER E 547 50.43 -42.65 -10.03
N GLY E 548 49.48 -43.49 -9.63
CA GLY E 548 49.71 -44.94 -9.59
C GLY E 548 49.05 -45.64 -8.42
N GLY E 549 49.14 -45.03 -7.23
CA GLY E 549 48.47 -45.54 -6.02
C GLY E 549 49.35 -45.47 -4.80
N LEU E 550 48.83 -45.94 -3.67
CA LEU E 550 49.59 -45.97 -2.45
C LEU E 550 50.77 -46.91 -2.57
N SER E 551 51.82 -46.56 -1.85
CA SER E 551 53.06 -47.27 -1.96
C SER E 551 53.64 -47.55 -0.59
N VAL E 552 54.69 -48.33 -0.62
CA VAL E 552 55.44 -48.64 0.54
C VAL E 552 56.73 -47.80 0.36
N GLU E 553 57.12 -47.07 1.41
CA GLU E 553 58.34 -46.23 1.40
C GLU E 553 59.09 -46.42 2.70
N VAL E 554 60.35 -46.04 2.70
CA VAL E 554 61.13 -46.14 3.93
C VAL E 554 60.51 -45.18 4.98
N CYS E 555 60.32 -45.68 6.20
CA CYS E 555 59.65 -44.92 7.26
C CYS E 555 60.47 -43.69 7.58
N GLY E 556 59.80 -42.54 7.54
CA GLY E 556 60.44 -41.28 7.77
C GLY E 556 59.44 -40.20 8.12
N PRO E 557 59.93 -39.01 8.44
CA PRO E 557 59.11 -37.89 8.90
C PRO E 557 58.04 -37.27 7.96
N ALA E 558 57.76 -37.86 6.79
CA ALA E 558 56.88 -37.21 5.82
C ALA E 558 55.38 -37.22 6.20
N LEU E 559 54.67 -36.18 5.77
CA LEU E 559 53.20 -36.05 5.97
C LEU E 559 52.42 -37.13 5.23
N SER E 560 52.97 -37.56 4.08
CA SER E 560 52.39 -38.62 3.27
C SER E 560 52.40 -40.02 3.94
N GLN E 561 53.06 -40.18 5.09
CA GLN E 561 53.00 -41.42 5.87
C GLN E 561 52.16 -41.35 7.16
N GLN E 562 51.39 -40.26 7.33
CA GLN E 562 50.47 -40.11 8.48
C GLN E 562 49.12 -40.74 8.16
N TRP E 563 48.68 -41.67 9.01
CA TRP E 563 47.41 -42.37 8.88
C TRP E 563 46.84 -42.68 10.26
N LYS E 564 45.57 -42.36 10.47
CA LYS E 564 44.88 -42.60 11.73
C LYS E 564 43.51 -43.26 11.48
N PHE E 565 43.23 -44.34 12.18
CA PHE E 565 41.89 -44.92 12.17
C PHE E 565 40.93 -44.07 13.00
N THR E 566 39.70 -43.93 12.51
CA THR E 566 38.65 -43.10 13.11
C THR E 566 37.26 -43.76 12.91
N LYS F 75 19.93 19.91 25.85
CA LYS F 75 19.40 18.92 26.85
C LYS F 75 20.36 17.69 26.94
N VAL F 76 20.60 17.25 28.18
CA VAL F 76 21.73 16.37 28.54
C VAL F 76 21.21 14.99 28.94
N ARG F 77 21.83 13.92 28.45
CA ARG F 77 21.48 12.55 28.88
C ARG F 77 21.90 12.42 30.35
N TRP F 78 21.16 11.65 31.14
CA TRP F 78 21.40 11.67 32.57
C TRP F 78 22.84 11.29 32.96
N PRO F 79 23.46 10.32 32.27
CA PRO F 79 24.85 9.99 32.69
C PRO F 79 25.89 11.11 32.45
N ASP F 80 25.58 12.05 31.56
CA ASP F 80 26.44 13.21 31.28
C ASP F 80 26.16 14.38 32.22
N PHE F 81 25.24 14.23 33.16
CA PHE F 81 24.94 15.30 34.09
C PHE F 81 26.01 15.36 35.18
N ASN F 82 26.47 16.56 35.49
CA ASN F 82 27.55 16.75 36.45
C ASN F 82 26.96 16.84 37.85
N GLN F 83 26.91 15.67 38.50
CA GLN F 83 26.41 15.59 39.86
C GLN F 83 27.20 16.46 40.83
N GLU F 84 28.54 16.40 40.75
CA GLU F 84 29.38 17.11 41.74
C GLU F 84 29.11 18.62 41.67
N ALA F 85 28.97 19.16 40.46
CA ALA F 85 28.67 20.59 40.26
C ALA F 85 27.27 20.99 40.76
N TYR F 86 26.29 20.12 40.56
CA TYR F 86 24.92 20.36 41.02
C TYR F 86 24.84 20.32 42.56
N VAL F 87 25.35 19.24 43.16
CA VAL F 87 25.18 19.00 44.59
C VAL F 87 26.13 19.90 45.38
N GLY F 88 27.40 19.98 44.94
CA GLY F 88 28.41 20.88 45.50
C GLY F 88 27.96 22.31 45.48
N GLY F 89 28.28 23.06 46.52
CA GLY F 89 27.73 24.41 46.71
C GLY F 89 26.65 24.43 47.77
N THR F 90 25.72 23.45 47.74
CA THR F 90 24.74 23.24 48.84
C THR F 90 25.18 22.19 49.91
N MET F 91 26.44 21.75 49.89
CA MET F 91 26.91 20.68 50.80
C MET F 91 26.96 21.10 52.27
N VAL F 92 26.94 20.10 53.15
CA VAL F 92 26.98 20.36 54.60
C VAL F 92 28.39 20.85 54.92
N ARG F 93 28.46 22.08 55.44
CA ARG F 93 29.72 22.77 55.63
C ARG F 93 30.46 22.12 56.80
N SER F 94 31.77 21.94 56.67
CA SER F 94 32.64 21.40 57.73
C SER F 94 32.18 21.77 59.16
N GLY F 95 31.80 20.76 59.94
CA GLY F 95 31.34 20.95 61.33
C GLY F 95 29.88 21.30 61.61
N GLN F 96 29.06 21.52 60.58
CA GLN F 96 27.59 21.82 60.75
C GLN F 96 26.71 20.60 60.97
N ASP F 97 25.45 20.80 61.37
CA ASP F 97 24.52 19.67 61.71
C ASP F 97 23.98 19.05 60.41
N PRO F 98 24.31 17.78 60.13
CA PRO F 98 23.86 17.21 58.85
C PRO F 98 22.35 16.86 58.75
N TYR F 99 21.60 16.96 59.85
CA TYR F 99 20.15 16.68 59.90
C TYR F 99 19.20 17.91 59.82
N ALA F 100 19.73 19.12 60.08
CA ALA F 100 18.83 20.26 60.33
C ALA F 100 18.02 20.65 59.09
N ARG F 101 18.69 20.63 57.94
CA ARG F 101 18.12 21.10 56.68
C ARG F 101 16.96 20.20 56.18
N ASN F 102 17.16 18.88 56.22
CA ASN F 102 16.19 17.92 55.66
C ASN F 102 15.54 16.94 56.63
N LYS F 103 15.97 16.93 57.89
CA LYS F 103 15.56 15.90 58.87
C LYS F 103 15.88 14.47 58.39
N PHE F 104 16.90 14.39 57.54
CA PHE F 104 17.64 13.17 57.26
C PHE F 104 19.10 13.57 57.06
N ASN F 105 19.98 12.57 57.02
CA ASN F 105 21.41 12.83 57.03
C ASN F 105 21.89 13.26 55.65
N GLN F 106 22.05 14.56 55.46
CA GLN F 106 22.50 15.08 54.17
C GLN F 106 23.93 14.65 53.80
N VAL F 107 24.80 14.40 54.78
CA VAL F 107 26.17 14.01 54.45
C VAL F 107 26.15 12.64 53.79
N GLU F 108 25.38 11.72 54.36
CA GLU F 108 25.25 10.40 53.78
C GLU F 108 24.52 10.42 52.41
N SER F 109 23.51 11.26 52.25
CA SER F 109 22.86 11.42 50.95
C SER F 109 23.84 11.96 49.91
N ASP F 110 24.63 12.97 50.27
CA ASP F 110 25.56 13.61 49.32
C ASP F 110 26.74 12.70 48.88
N LYS F 111 27.14 11.74 49.71
CA LYS F 111 28.21 10.78 49.36
C LYS F 111 27.82 9.80 48.24
N LEU F 112 26.51 9.64 48.01
CA LEU F 112 26.02 8.65 47.07
C LEU F 112 26.11 9.08 45.63
N ARG F 113 26.47 8.14 44.76
CA ARG F 113 26.32 8.39 43.33
C ARG F 113 24.84 8.57 42.93
N MET F 114 24.64 9.39 41.92
CA MET F 114 23.29 9.69 41.46
C MET F 114 22.55 8.45 40.95
N ASP F 115 23.29 7.46 40.44
CA ASP F 115 22.71 6.20 40.02
C ASP F 115 23.17 5.02 40.89
N ARG F 116 23.39 5.25 42.18
CA ARG F 116 23.95 4.20 43.04
C ARG F 116 23.16 2.92 42.97
N ALA F 117 23.89 1.82 43.11
CA ALA F 117 23.35 0.51 43.07
C ALA F 117 22.55 0.29 44.34
N ILE F 118 21.44 -0.42 44.19
CA ILE F 118 20.60 -0.75 45.32
C ILE F 118 20.21 -2.19 45.19
N PRO F 119 19.97 -2.87 46.31
CA PRO F 119 19.61 -4.28 46.14
C PRO F 119 18.23 -4.47 45.48
N ASP F 120 18.12 -5.58 44.78
CA ASP F 120 16.88 -6.01 44.19
C ASP F 120 16.05 -6.71 45.28
N THR F 121 15.01 -6.01 45.74
CA THR F 121 14.19 -6.47 46.85
C THR F 121 12.93 -7.17 46.38
N ARG F 122 12.83 -7.41 45.08
CA ARG F 122 11.65 -8.06 44.51
C ARG F 122 11.68 -9.53 44.82
N HIS F 123 10.49 -10.10 44.96
CA HIS F 123 10.33 -11.56 45.02
C HIS F 123 10.98 -12.21 43.79
N ASP F 124 11.47 -13.42 43.98
CA ASP F 124 12.15 -14.17 42.93
C ASP F 124 11.36 -14.36 41.61
N GLN F 125 10.07 -14.66 41.69
CA GLN F 125 9.17 -14.66 40.54
C GLN F 125 9.14 -13.38 39.71
N CYS F 126 9.30 -12.22 40.34
CA CYS F 126 9.32 -10.96 39.60
C CYS F 126 10.54 -10.92 38.71
N GLN F 127 11.63 -11.43 39.21
CA GLN F 127 12.94 -11.31 38.55
C GLN F 127 13.01 -12.05 37.21
N ARG F 128 12.24 -13.14 37.08
CA ARG F 128 12.24 -13.99 35.88
C ARG F 128 11.17 -13.61 34.88
N LYS F 129 10.09 -13.00 35.34
CA LYS F 129 9.09 -12.39 34.48
C LYS F 129 9.75 -11.46 33.43
N GLN F 130 9.30 -11.59 32.19
CA GLN F 130 9.60 -10.61 31.14
C GLN F 130 8.37 -9.73 30.96
N TRP F 131 8.59 -8.41 30.96
CA TRP F 131 7.52 -7.44 31.12
C TRP F 131 7.06 -6.97 29.77
N ARG F 132 5.73 -6.83 29.65
CA ARG F 132 5.12 -6.16 28.55
C ARG F 132 5.79 -4.80 28.43
N VAL F 133 5.93 -4.41 27.18
CA VAL F 133 6.46 -3.13 26.81
C VAL F 133 5.41 -2.35 25.95
N ASP F 134 4.34 -3.03 25.55
CA ASP F 134 3.23 -2.41 24.79
C ASP F 134 2.21 -1.76 25.74
N LEU F 135 2.71 -0.71 26.41
CA LEU F 135 2.04 -0.09 27.56
C LEU F 135 1.98 1.37 27.29
N PRO F 136 0.98 2.05 27.87
CA PRO F 136 0.97 3.48 27.69
C PRO F 136 2.11 4.11 28.47
N ALA F 137 2.69 5.14 27.89
CA ALA F 137 3.68 5.96 28.52
C ALA F 137 3.09 6.77 29.67
N THR F 138 3.94 7.20 30.62
CA THR F 138 3.51 8.00 31.76
C THR F 138 4.21 9.33 31.84
N SER F 139 3.54 10.27 32.50
CA SER F 139 4.11 11.53 32.91
C SER F 139 4.36 11.39 34.38
N VAL F 140 5.62 11.50 34.77
CA VAL F 140 6.00 11.40 36.16
C VAL F 140 5.96 12.78 36.80
N VAL F 141 5.19 12.94 37.86
CA VAL F 141 5.12 14.21 38.58
C VAL F 141 5.80 14.10 39.93
N ILE F 142 6.76 14.96 40.16
CA ILE F 142 7.50 15.00 41.42
C ILE F 142 7.44 16.44 41.91
N THR F 143 6.79 16.66 43.03
CA THR F 143 6.75 17.98 43.63
C THR F 143 7.75 18.01 44.72
N PHE F 144 8.27 19.20 45.02
CA PHE F 144 9.25 19.34 46.09
C PHE F 144 9.32 20.76 46.64
N HIS F 145 9.64 20.82 47.93
CA HIS F 145 9.90 22.08 48.58
C HIS F 145 11.17 21.93 49.41
N ASN F 146 12.24 22.60 48.98
CA ASN F 146 13.53 22.57 49.68
C ASN F 146 14.04 21.15 49.88
N GLU F 147 14.05 20.38 48.80
CA GLU F 147 14.58 19.05 48.87
C GLU F 147 16.10 19.16 48.80
N ALA F 148 16.79 18.23 49.42
CA ALA F 148 18.23 18.07 49.21
C ALA F 148 18.51 17.73 47.77
N ARG F 149 19.44 18.45 47.18
CA ARG F 149 19.76 18.28 45.79
C ARG F 149 20.16 16.86 45.45
N SER F 150 20.95 16.23 46.31
CA SER F 150 21.42 14.88 45.97
C SER F 150 20.21 13.92 45.92
N ALA F 151 19.25 14.08 46.82
CA ALA F 151 18.10 13.18 46.88
C ALA F 151 17.17 13.40 45.66
N LEU F 152 17.01 14.65 45.27
CA LEU F 152 16.13 15.03 44.20
C LEU F 152 16.70 14.51 42.88
N LEU F 153 17.98 14.76 42.65
CA LEU F 153 18.67 14.24 41.45
C LEU F 153 18.58 12.73 41.36
N ARG F 154 18.81 12.07 42.48
CA ARG F 154 18.80 10.64 42.53
C ARG F 154 17.39 10.06 42.22
N THR F 155 16.37 10.73 42.69
CA THR F 155 15.00 10.38 42.32
C THR F 155 14.82 10.43 40.80
N VAL F 156 15.19 11.56 40.21
CA VAL F 156 15.06 11.77 38.78
C VAL F 156 15.88 10.73 38.03
N VAL F 157 17.15 10.50 38.43
CA VAL F 157 17.89 9.53 37.65
C VAL F 157 17.39 8.12 37.86
N SER F 158 16.91 7.78 39.05
CA SER F 158 16.37 6.43 39.21
C SER F 158 15.18 6.22 38.23
N VAL F 159 14.38 7.25 38.02
CA VAL F 159 13.28 7.13 37.05
C VAL F 159 13.84 6.89 35.63
N LEU F 160 14.81 7.71 35.25
CA LEU F 160 15.35 7.63 33.90
C LEU F 160 16.12 6.35 33.68
N LYS F 161 16.89 5.92 34.67
CA LYS F 161 17.70 4.75 34.48
C LYS F 161 16.91 3.46 34.54
N LYS F 162 15.87 3.39 35.39
CA LYS F 162 15.22 2.10 35.65
C LYS F 162 13.95 1.88 34.85
N SER F 163 13.56 2.84 34.02
CA SER F 163 12.30 2.76 33.29
C SER F 163 12.64 2.64 31.80
N PRO F 164 11.91 1.79 31.07
CA PRO F 164 12.08 1.80 29.60
C PRO F 164 11.86 3.20 29.04
N PRO F 165 12.81 3.72 28.26
CA PRO F 165 12.66 5.10 27.83
C PRO F 165 11.36 5.44 27.13
N HIS F 166 10.81 4.52 26.33
CA HIS F 166 9.57 4.85 25.58
C HIS F 166 8.33 4.99 26.49
N LEU F 167 8.41 4.50 27.73
CA LEU F 167 7.34 4.65 28.72
C LEU F 167 7.44 5.88 29.61
N ILE F 168 8.53 6.64 29.49
CA ILE F 168 8.63 7.91 30.16
C ILE F 168 8.46 9.01 29.14
N LYS F 169 7.27 9.57 29.10
CA LYS F 169 6.98 10.70 28.25
C LYS F 169 7.76 11.93 28.69
N GLU F 170 7.74 12.17 29.99
CA GLU F 170 8.33 13.35 30.60
C GLU F 170 8.39 13.17 32.12
N ILE F 171 9.21 13.98 32.77
CA ILE F 171 9.29 14.07 34.21
C ILE F 171 9.01 15.51 34.50
N ILE F 172 7.92 15.79 35.21
CA ILE F 172 7.54 17.15 35.54
C ILE F 172 7.89 17.37 36.97
N LEU F 173 8.79 18.30 37.21
CA LEU F 173 9.20 18.68 38.56
C LEU F 173 8.43 19.91 38.94
N VAL F 174 7.63 19.83 39.99
CA VAL F 174 6.92 21.01 40.47
C VAL F 174 7.64 21.60 41.65
N ASP F 175 8.37 22.68 41.41
CA ASP F 175 9.12 23.36 42.48
C ASP F 175 8.14 24.17 43.28
N ASP F 176 7.79 23.69 44.46
CA ASP F 176 6.83 24.38 45.29
C ASP F 176 7.50 25.44 46.13
N TYR F 177 7.93 26.51 45.47
CA TYR F 177 8.47 27.70 46.13
C TYR F 177 9.64 27.37 47.05
N SER F 178 10.61 26.62 46.52
CA SER F 178 11.86 26.34 47.23
C SER F 178 12.63 27.64 47.40
N ASN F 179 13.43 27.76 48.47
CA ASN F 179 14.22 28.99 48.71
C ASN F 179 15.05 29.31 47.48
N ASP F 180 15.72 28.30 46.92
CA ASP F 180 16.56 28.48 45.74
C ASP F 180 15.89 27.88 44.47
N PRO F 181 15.44 28.75 43.53
CA PRO F 181 14.86 28.22 42.29
C PRO F 181 15.81 27.37 41.44
N GLU F 182 17.10 27.46 41.67
CA GLU F 182 18.08 26.67 40.91
C GLU F 182 18.02 25.16 41.21
N ASP F 183 17.56 24.73 42.39
CA ASP F 183 17.45 23.30 42.72
C ASP F 183 16.70 22.61 41.58
N GLY F 184 15.56 23.19 41.21
CA GLY F 184 14.79 22.68 40.10
C GLY F 184 15.34 23.04 38.72
N ALA F 185 15.57 24.32 38.51
CA ALA F 185 15.97 24.82 37.17
C ALA F 185 17.19 24.12 36.60
N LEU F 186 18.19 23.83 37.42
CA LEU F 186 19.39 23.14 36.93
C LEU F 186 19.10 21.74 36.42
N LEU F 187 18.12 21.06 37.01
CA LEU F 187 17.68 19.73 36.54
C LEU F 187 16.89 19.77 35.22
N GLY F 188 16.37 20.94 34.86
CA GLY F 188 15.73 21.15 33.58
C GLY F 188 16.58 20.88 32.36
N LYS F 189 17.90 20.83 32.53
CA LYS F 189 18.78 20.50 31.41
C LYS F 189 18.77 19.01 31.11
N ILE F 190 18.31 18.18 32.06
CA ILE F 190 18.31 16.74 31.86
C ILE F 190 17.18 16.32 30.93
N GLU F 191 17.49 15.37 30.04
CA GLU F 191 16.54 14.75 29.12
C GLU F 191 15.20 14.48 29.83
N LYS F 192 14.13 14.89 29.16
CA LYS F 192 12.77 14.64 29.57
C LYS F 192 12.25 15.40 30.79
N VAL F 193 13.11 16.18 31.44
CA VAL F 193 12.73 16.91 32.63
C VAL F 193 12.20 18.29 32.29
N ARG F 194 11.01 18.61 32.78
CA ARG F 194 10.38 19.92 32.63
C ARG F 194 10.15 20.44 34.02
N VAL F 195 10.44 21.70 34.27
CA VAL F 195 10.20 22.24 35.60
C VAL F 195 9.21 23.38 35.62
N LEU F 196 8.35 23.31 36.61
CA LEU F 196 7.29 24.27 36.85
C LEU F 196 7.54 24.81 38.24
N ARG F 197 7.70 26.12 38.38
CA ARG F 197 7.93 26.73 39.68
C ARG F 197 6.65 27.45 40.15
N ASN F 198 6.19 27.13 41.36
CA ASN F 198 5.11 27.88 41.99
C ASN F 198 5.67 29.24 42.47
N ASP F 199 4.95 30.32 42.18
CA ASP F 199 5.32 31.68 42.58
C ASP F 199 5.19 31.94 44.07
N ARG F 200 4.41 31.10 44.74
CA ARG F 200 4.25 31.14 46.18
C ARG F 200 4.08 29.70 46.66
N ARG F 201 4.20 29.50 47.96
CA ARG F 201 4.00 28.17 48.55
C ARG F 201 2.56 27.71 48.35
N GLU F 202 2.39 26.54 47.76
CA GLU F 202 1.07 25.96 47.44
C GLU F 202 0.77 24.64 48.16
N GLY F 203 1.80 23.94 48.61
CA GLY F 203 1.62 22.61 49.21
C GLY F 203 1.56 21.49 48.18
N LEU F 204 1.60 20.27 48.70
CA LEU F 204 1.76 19.11 47.83
C LEU F 204 0.50 18.83 47.03
N MET F 205 -0.67 19.10 47.58
CA MET F 205 -1.93 18.79 46.89
C MET F 205 -2.09 19.66 45.66
N ARG F 206 -1.96 20.96 45.84
CA ARG F 206 -2.10 21.90 44.74
C ARG F 206 -0.93 21.76 43.74
N SER F 207 0.27 21.50 44.25
CA SER F 207 1.42 21.26 43.39
C SER F 207 1.23 20.04 42.50
N ARG F 208 0.68 18.95 43.03
CA ARG F 208 0.47 17.75 42.24
C ARG F 208 -0.53 18.00 41.13
N VAL F 209 -1.58 18.75 41.46
CA VAL F 209 -2.60 19.02 40.48
C VAL F 209 -2.02 19.88 39.35
N ARG F 210 -1.19 20.85 39.71
CA ARG F 210 -0.54 21.63 38.68
C ARG F 210 0.29 20.75 37.72
N GLY F 211 1.03 19.81 38.30
CA GLY F 211 1.80 18.89 37.49
C GLY F 211 0.92 18.01 36.62
N ALA F 212 -0.13 17.48 37.24
CA ALA F 212 -1.06 16.62 36.52
C ALA F 212 -1.72 17.37 35.36
N ASP F 213 -2.09 18.64 35.60
CA ASP F 213 -2.72 19.47 34.55
C ASP F 213 -1.76 19.74 33.38
N ALA F 214 -0.45 19.78 33.67
CA ALA F 214 0.52 19.97 32.61
C ALA F 214 0.91 18.69 31.89
N ALA F 215 0.53 17.53 32.42
CA ALA F 215 0.96 16.26 31.86
C ALA F 215 0.39 15.99 30.46
N GLN F 216 1.19 15.40 29.59
CA GLN F 216 0.81 15.09 28.22
C GLN F 216 0.42 13.64 28.01
N ALA F 217 0.87 12.75 28.88
CA ALA F 217 0.63 11.32 28.71
C ALA F 217 -0.74 10.92 29.22
N LYS F 218 -1.11 9.71 28.85
CA LYS F 218 -2.37 9.07 29.29
C LYS F 218 -2.37 8.73 30.78
N VAL F 219 -1.17 8.43 31.33
CA VAL F 219 -1.05 7.92 32.70
C VAL F 219 -0.14 8.79 33.57
N LEU F 220 -0.56 9.05 34.79
CA LEU F 220 0.21 9.84 35.74
C LEU F 220 0.92 8.91 36.70
N THR F 221 2.17 9.23 37.00
CA THR F 221 2.89 8.61 38.08
C THR F 221 3.29 9.71 39.06
N PHE F 222 2.95 9.59 40.34
CA PHE F 222 3.38 10.56 41.35
C PHE F 222 4.43 9.93 42.24
N LEU F 223 5.54 10.62 42.43
CA LEU F 223 6.61 10.19 43.32
C LEU F 223 7.00 11.33 44.21
N ASP F 224 7.46 11.04 45.40
CA ASP F 224 8.10 12.05 46.26
C ASP F 224 9.50 12.34 45.71
N SER F 225 10.10 13.42 46.18
CA SER F 225 11.39 13.89 45.73
C SER F 225 12.61 13.27 46.42
N HIS F 226 12.40 12.17 47.13
CA HIS F 226 13.49 11.42 47.77
C HIS F 226 13.13 9.95 47.69
N CYS F 227 13.01 9.46 46.45
CA CYS F 227 12.76 8.05 46.18
C CYS F 227 13.80 7.49 45.27
N GLU F 228 13.90 6.17 45.26
CA GLU F 228 14.78 5.48 44.33
C GLU F 228 14.04 4.29 43.79
N CYS F 229 13.75 4.35 42.51
CA CYS F 229 13.11 3.25 41.81
C CYS F 229 14.03 2.06 41.67
N ASN F 230 13.45 0.86 41.85
CA ASN F 230 14.17 -0.40 41.71
C ASN F 230 13.94 -1.01 40.32
N GLU F 231 14.54 -2.16 40.06
CA GLU F 231 14.47 -2.79 38.74
C GLU F 231 13.03 -3.06 38.32
N HIS F 232 12.70 -2.73 37.07
CA HIS F 232 11.39 -3.01 36.48
C HIS F 232 10.23 -2.60 37.42
N TRP F 233 10.37 -1.42 37.99
CA TRP F 233 9.34 -0.87 38.88
C TRP F 233 8.11 -0.43 38.12
N LEU F 234 8.29 0.04 36.90
CA LEU F 234 7.23 0.76 36.23
C LEU F 234 6.21 -0.16 35.50
N GLU F 235 6.72 -1.15 34.80
CA GLU F 235 5.89 -2.00 33.95
C GLU F 235 4.73 -2.68 34.72
N PRO F 236 5.03 -3.23 35.91
CA PRO F 236 3.94 -3.86 36.65
C PRO F 236 2.84 -2.88 37.03
N LEU F 237 3.17 -1.61 37.22
CA LEU F 237 2.16 -0.63 37.58
C LEU F 237 1.34 -0.27 36.36
N LEU F 238 2.02 0.02 35.25
CA LEU F 238 1.32 0.44 34.03
C LEU F 238 0.41 -0.67 33.48
N GLU F 239 0.88 -1.91 33.56
CA GLU F 239 0.09 -3.08 33.19
C GLU F 239 -1.30 -3.02 33.87
N ARG F 240 -1.34 -2.66 35.14
CA ARG F 240 -2.61 -2.67 35.86
C ARG F 240 -3.57 -1.63 35.35
N VAL F 241 -3.09 -0.42 35.13
CA VAL F 241 -3.99 0.66 34.76
C VAL F 241 -4.35 0.61 33.27
N ALA F 242 -3.47 0.05 32.46
CA ALA F 242 -3.76 -0.19 31.06
C ALA F 242 -4.91 -1.18 30.92
N GLU F 243 -4.92 -2.22 31.75
CA GLU F 243 -5.99 -3.23 31.75
C GLU F 243 -7.34 -2.71 32.34
N ASP F 244 -7.31 -1.82 33.32
CA ASP F 244 -8.52 -1.24 33.91
C ASP F 244 -8.17 0.12 34.48
N ARG F 245 -8.64 1.16 33.79
CA ARG F 245 -8.34 2.54 34.12
C ARG F 245 -8.85 3.03 35.49
N THR F 246 -9.67 2.25 36.18
CA THR F 246 -10.19 2.66 37.49
C THR F 246 -9.30 2.18 38.63
N ARG F 247 -8.24 1.43 38.32
CA ARG F 247 -7.28 1.04 39.33
C ARG F 247 -6.24 2.15 39.56
N VAL F 248 -6.08 2.49 40.82
CA VAL F 248 -5.02 3.37 41.29
C VAL F 248 -4.02 2.46 42.03
N VAL F 249 -2.77 2.45 41.58
CA VAL F 249 -1.86 1.43 41.99
C VAL F 249 -0.55 1.99 42.52
N SER F 250 0.03 1.23 43.45
CA SER F 250 1.18 1.64 44.24
C SER F 250 2.23 0.59 44.24
N PRO F 251 3.50 0.99 44.27
CA PRO F 251 4.52 -0.01 44.57
C PRO F 251 4.56 -0.33 46.03
N ILE F 252 5.25 -1.42 46.34
CA ILE F 252 5.76 -1.62 47.68
C ILE F 252 6.80 -0.57 47.90
N ILE F 253 6.69 0.12 49.02
CA ILE F 253 7.57 1.22 49.33
C ILE F 253 8.68 0.72 50.26
N ASP F 254 9.86 0.52 49.68
CA ASP F 254 11.04 0.13 50.47
C ASP F 254 11.53 1.33 51.29
N VAL F 255 12.35 1.05 52.29
CA VAL F 255 12.86 2.05 53.21
C VAL F 255 14.28 2.44 52.88
N ILE F 256 14.50 3.73 52.70
CA ILE F 256 15.83 4.27 52.63
C ILE F 256 16.06 4.89 54.01
N ASN F 257 17.01 4.34 54.75
CA ASN F 257 17.28 4.76 56.12
C ASN F 257 17.71 6.22 56.19
N MET F 258 17.00 7.00 56.98
CA MET F 258 17.32 8.44 57.13
C MET F 258 18.68 8.79 57.77
N ASP F 259 19.32 7.83 58.46
CA ASP F 259 20.63 8.08 59.06
C ASP F 259 21.78 7.69 58.15
N ASN F 260 21.71 6.48 57.58
CA ASN F 260 22.83 5.92 56.77
C ASN F 260 22.52 5.72 55.27
N PHE F 261 21.27 5.95 54.85
CA PHE F 261 20.84 5.84 53.44
C PHE F 261 20.91 4.44 52.86
N GLN F 262 20.96 3.43 53.68
CA GLN F 262 20.85 2.07 53.21
C GLN F 262 19.42 1.81 52.75
N TYR F 263 19.32 1.02 51.71
CA TYR F 263 18.09 0.68 51.05
C TYR F 263 17.70 -0.68 51.58
N VAL F 264 16.54 -0.73 52.21
CA VAL F 264 16.04 -1.89 52.93
C VAL F 264 14.69 -2.36 52.37
N GLY F 265 14.57 -3.63 52.06
CA GLY F 265 13.36 -4.20 51.54
C GLY F 265 12.23 -4.20 52.55
N ALA F 266 11.08 -3.70 52.16
CA ALA F 266 9.87 -3.76 53.01
C ALA F 266 9.17 -5.09 52.90
N SER F 267 8.25 -5.34 53.82
CA SER F 267 7.39 -6.49 53.74
C SER F 267 6.41 -6.32 52.59
N ALA F 268 6.15 -7.41 51.87
CA ALA F 268 5.08 -7.48 50.85
C ALA F 268 3.75 -7.95 51.39
N ASP F 269 3.68 -8.31 52.68
CA ASP F 269 2.48 -8.94 53.23
C ASP F 269 1.53 -7.97 53.96
N LEU F 270 1.63 -6.68 53.64
CA LEU F 270 0.88 -5.66 54.31
C LEU F 270 -0.16 -5.03 53.38
N LYS F 271 -1.17 -4.44 53.99
CA LYS F 271 -2.16 -3.60 53.38
C LYS F 271 -2.17 -2.33 54.20
N GLY F 272 -2.62 -1.26 53.60
CA GLY F 272 -2.82 -0.01 54.31
C GLY F 272 -4.11 -0.02 55.04
N GLY F 273 -4.20 0.84 56.05
CA GLY F 273 -5.41 0.90 56.89
C GLY F 273 -5.29 2.03 57.87
N PHE F 274 -6.16 2.03 58.86
CA PHE F 274 -6.21 3.14 59.83
C PHE F 274 -7.10 2.77 61.01
N ASP F 275 -6.87 3.43 62.13
CA ASP F 275 -7.76 3.34 63.29
C ASP F 275 -8.66 4.54 63.23
N TRP F 276 -9.61 4.62 64.16
CA TRP F 276 -10.60 5.69 64.14
C TRP F 276 -10.00 7.07 64.34
N ASN F 277 -8.79 7.17 64.85
CA ASN F 277 -8.06 8.43 64.84
C ASN F 277 -7.60 8.90 63.45
N LEU F 278 -7.88 8.09 62.42
CA LEU F 278 -7.58 8.39 61.02
C LEU F 278 -6.09 8.59 60.74
N VAL F 279 -5.26 7.85 61.49
CA VAL F 279 -3.83 7.88 61.31
C VAL F 279 -3.49 6.61 60.52
N PHE F 280 -2.81 6.82 59.37
CA PHE F 280 -2.44 5.72 58.50
C PHE F 280 -1.61 4.70 59.26
N LYS F 281 -1.88 3.41 59.03
CA LYS F 281 -1.06 2.35 59.58
C LYS F 281 -1.06 1.16 58.65
N TRP F 282 -0.01 0.35 58.80
CA TRP F 282 0.12 -0.88 58.05
C TRP F 282 -0.47 -2.01 58.88
N ASP F 283 -1.32 -2.83 58.26
CA ASP F 283 -1.93 -4.03 58.81
C ASP F 283 -1.28 -5.21 58.08
N TYR F 284 -1.14 -6.33 58.73
CA TYR F 284 -0.84 -7.60 58.05
C TYR F 284 -2.12 -7.99 57.34
N MET F 285 -2.01 -8.58 56.16
CA MET F 285 -3.13 -9.29 55.57
C MET F 285 -3.72 -10.29 56.53
N THR F 286 -5.00 -10.59 56.34
CA THR F 286 -5.66 -11.63 57.13
C THR F 286 -5.13 -12.99 56.74
N PRO F 287 -5.25 -13.99 57.64
CA PRO F 287 -4.89 -15.35 57.23
C PRO F 287 -5.61 -15.81 55.94
N GLU F 288 -6.87 -15.41 55.75
CA GLU F 288 -7.62 -15.82 54.54
C GLU F 288 -7.11 -15.11 53.27
N GLN F 289 -6.72 -13.82 53.40
CA GLN F 289 -6.07 -13.12 52.28
CA GLN F 289 -6.10 -13.13 52.29
C GLN F 289 -4.78 -13.82 51.89
N ARG F 290 -3.94 -14.16 52.88
CA ARG F 290 -2.67 -14.85 52.62
C ARG F 290 -2.87 -16.21 51.94
N ARG F 291 -3.82 -17.01 52.42
CA ARG F 291 -4.08 -18.33 51.81
C ARG F 291 -4.52 -18.20 50.34
N SER F 292 -5.37 -17.21 50.04
CA SER F 292 -5.87 -16.99 48.67
C SER F 292 -4.75 -16.58 47.68
N ARG F 293 -3.61 -16.18 48.20
CA ARG F 293 -2.48 -15.81 47.39
C ARG F 293 -1.40 -16.90 47.29
N GLN F 294 -1.54 -18.04 48.02
CA GLN F 294 -0.53 -19.11 48.00
C GLN F 294 -0.18 -19.56 46.56
N GLY F 295 -1.14 -19.51 45.64
CA GLY F 295 -0.93 -19.82 44.22
C GLY F 295 -0.19 -18.78 43.35
N ASN F 296 -0.27 -17.51 43.74
CA ASN F 296 0.46 -16.41 43.08
C ASN F 296 0.91 -15.35 44.09
N PRO F 297 2.07 -15.53 44.73
CA PRO F 297 2.47 -14.63 45.81
C PRO F 297 2.80 -13.16 45.42
N VAL F 298 2.87 -12.86 44.12
CA VAL F 298 3.12 -11.50 43.68
C VAL F 298 1.95 -10.88 42.98
N ALA F 299 0.76 -11.41 43.28
CA ALA F 299 -0.46 -10.84 42.72
C ALA F 299 -0.71 -9.49 43.36
N PRO F 300 -1.45 -8.63 42.67
CA PRO F 300 -1.95 -7.42 43.28
C PRO F 300 -2.62 -7.67 44.61
N ILE F 301 -2.49 -6.68 45.49
CA ILE F 301 -3.12 -6.68 46.79
C ILE F 301 -4.05 -5.48 46.81
N LYS F 302 -5.34 -5.71 46.95
CA LYS F 302 -6.30 -4.62 47.18
C LYS F 302 -6.11 -4.04 48.55
N THR F 303 -6.11 -2.73 48.64
CA THR F 303 -5.82 -2.05 49.91
C THR F 303 -6.85 -0.98 50.20
N PRO F 304 -7.32 -0.89 51.45
CA PRO F 304 -8.32 0.16 51.80
C PRO F 304 -7.76 1.54 51.70
N MET F 305 -6.45 1.65 51.83
CA MET F 305 -5.83 2.94 51.84
C MET F 305 -4.41 2.86 51.31
N ILE F 306 -3.98 3.88 50.56
CA ILE F 306 -2.59 3.94 50.10
C ILE F 306 -1.82 4.83 51.04
N ALA F 307 -0.51 4.60 51.14
CA ALA F 307 0.39 5.49 51.88
C ALA F 307 0.29 6.93 51.28
N GLY F 308 0.33 7.04 49.96
CA GLY F 308 -0.16 8.23 49.27
C GLY F 308 0.84 8.92 48.40
N GLY F 309 2.10 8.78 48.74
CA GLY F 309 3.13 9.52 47.96
C GLY F 309 3.38 8.94 46.57
N LEU F 310 3.31 7.62 46.45
CA LEU F 310 3.80 6.96 45.28
C LEU F 310 2.65 6.19 44.69
N PHE F 311 2.12 6.68 43.57
CA PHE F 311 1.10 5.94 42.87
C PHE F 311 0.96 6.29 41.42
N VAL F 312 0.26 5.43 40.71
CA VAL F 312 0.04 5.55 39.31
C VAL F 312 -1.46 5.51 39.08
N MET F 313 -1.93 6.39 38.21
CA MET F 313 -3.35 6.55 37.97
C MET F 313 -3.56 7.04 36.56
N ASP F 314 -4.56 6.49 35.86
CA ASP F 314 -4.98 7.03 34.56
C ASP F 314 -5.28 8.52 34.69
N LYS F 315 -4.72 9.33 33.78
CA LYS F 315 -4.82 10.78 33.91
C LYS F 315 -6.24 11.29 33.83
N PHE F 316 -7.02 10.68 32.93
CA PHE F 316 -8.39 11.13 32.74
C PHE F 316 -9.23 10.70 33.93
N TYR F 317 -8.96 9.51 34.45
CA TYR F 317 -9.61 9.05 35.68
C TYR F 317 -9.31 10.01 36.83
N PHE F 318 -8.06 10.41 36.97
CA PHE F 318 -7.69 11.39 37.99
C PHE F 318 -8.50 12.67 37.87
N GLU F 319 -8.63 13.18 36.64
CA GLU F 319 -9.40 14.41 36.37
C GLU F 319 -10.90 14.24 36.69
N GLU F 320 -11.45 13.15 36.18
CA GLU F 320 -12.86 12.83 36.33
C GLU F 320 -13.28 12.58 37.78
N LEU F 321 -12.40 11.96 38.59
CA LEU F 321 -12.69 11.77 40.01
C LEU F 321 -12.50 13.00 40.88
N GLY F 322 -12.00 14.11 40.35
CA GLY F 322 -11.87 15.35 41.13
C GLY F 322 -10.48 15.63 41.62
N LYS F 323 -9.46 15.08 40.92
CA LYS F 323 -8.09 15.48 41.15
C LYS F 323 -7.73 15.30 42.65
N TYR F 324 -7.33 16.36 43.34
CA TYR F 324 -7.31 16.44 44.80
C TYR F 324 -8.18 17.58 45.26
N ASP F 325 -8.56 17.55 46.53
CA ASP F 325 -9.25 18.65 47.21
C ASP F 325 -8.29 19.83 47.28
N MET F 326 -8.55 20.84 46.45
CA MET F 326 -7.66 21.99 46.29
C MET F 326 -7.51 22.89 47.51
N MET F 327 -8.35 22.70 48.53
CA MET F 327 -8.26 23.47 49.78
C MET F 327 -7.43 22.81 50.88
N MET F 328 -6.92 21.61 50.64
CA MET F 328 -5.97 21.00 51.60
C MET F 328 -4.63 21.72 51.48
N ASP F 329 -3.97 21.91 52.63
CA ASP F 329 -2.77 22.72 52.71
C ASP F 329 -1.54 21.91 53.13
N VAL F 330 -0.41 22.36 52.58
CA VAL F 330 0.94 21.77 52.72
C VAL F 330 1.10 20.23 52.72
N TRP F 331 0.53 19.53 53.71
CA TRP F 331 0.76 18.07 53.89
C TRP F 331 -0.33 17.43 54.77
N GLY F 332 -0.61 16.17 54.50
CA GLY F 332 -1.36 15.31 55.41
C GLY F 332 -2.79 15.21 54.97
N GLY F 333 -3.36 14.00 55.05
CA GLY F 333 -4.80 13.81 54.88
C GLY F 333 -5.30 13.57 53.46
N GLU F 334 -4.51 13.95 52.47
CA GLU F 334 -4.93 13.82 51.06
C GLU F 334 -4.99 12.34 50.65
N ASN F 335 -4.13 11.53 51.26
CA ASN F 335 -4.15 10.08 51.10
C ASN F 335 -5.46 9.43 51.64
N LEU F 336 -5.99 9.94 52.75
CA LEU F 336 -7.31 9.53 53.26
C LEU F 336 -8.36 9.82 52.22
N GLU F 337 -8.35 11.07 51.77
CA GLU F 337 -9.40 11.59 50.93
C GLU F 337 -9.45 10.87 49.60
N ILE F 338 -8.30 10.73 48.94
CA ILE F 338 -8.28 10.06 47.65
C ILE F 338 -8.62 8.58 47.80
N SER F 339 -8.22 7.96 48.89
CA SER F 339 -8.51 6.55 49.09
C SER F 339 -10.00 6.30 49.26
N PHE F 340 -10.65 7.10 50.11
CA PHE F 340 -12.10 6.98 50.29
C PHE F 340 -12.82 7.25 48.98
N ARG F 341 -12.42 8.33 48.32
CA ARG F 341 -13.04 8.76 47.09
C ARG F 341 -12.93 7.71 46.02
N VAL F 342 -11.75 7.16 45.83
CA VAL F 342 -11.57 6.16 44.78
C VAL F 342 -12.48 4.96 45.03
N TRP F 343 -12.48 4.48 46.27
CA TRP F 343 -13.22 3.27 46.58
C TRP F 343 -14.74 3.50 46.52
N GLN F 344 -15.20 4.56 47.17
CA GLN F 344 -16.61 4.86 47.25
C GLN F 344 -17.20 5.18 45.86
N CYS F 345 -16.38 5.78 44.99
CA CYS F 345 -16.87 6.22 43.68
C CYS F 345 -16.58 5.25 42.55
N GLY F 346 -16.25 4.00 42.83
CA GLY F 346 -16.26 2.95 41.80
C GLY F 346 -14.92 2.36 41.43
N GLY F 347 -13.82 2.98 41.88
CA GLY F 347 -12.47 2.49 41.57
C GLY F 347 -11.94 1.48 42.56
N SER F 348 -10.64 1.22 42.46
CA SER F 348 -9.93 0.39 43.42
C SER F 348 -8.50 0.89 43.65
N LEU F 349 -7.90 0.39 44.72
CA LEU F 349 -6.56 0.77 45.18
C LEU F 349 -5.80 -0.48 45.28
N GLU F 350 -4.58 -0.52 44.77
CA GLU F 350 -3.77 -1.74 44.80
C GLU F 350 -2.33 -1.46 45.20
N ILE F 351 -1.69 -2.47 45.77
CA ILE F 351 -0.26 -2.51 45.99
C ILE F 351 0.26 -3.64 45.11
N ILE F 352 1.34 -3.37 44.36
CA ILE F 352 1.81 -4.28 43.31
C ILE F 352 3.21 -4.77 43.73
N PRO F 353 3.30 -6.00 44.24
CA PRO F 353 4.55 -6.42 44.82
C PRO F 353 5.78 -6.43 43.92
N CYS F 354 5.58 -6.60 42.63
CA CYS F 354 6.72 -6.61 41.71
C CYS F 354 7.32 -5.20 41.48
N SER F 355 6.56 -4.17 41.88
CA SER F 355 7.03 -2.82 41.79
C SER F 355 7.61 -2.38 43.14
N ARG F 356 8.88 -2.00 43.13
CA ARG F 356 9.59 -1.61 44.33
C ARG F 356 10.21 -0.25 44.16
N VAL F 357 9.90 0.65 45.07
CA VAL F 357 10.51 1.98 45.09
C VAL F 357 10.88 2.33 46.54
N GLY F 358 12.12 2.76 46.74
CA GLY F 358 12.58 3.17 48.07
C GLY F 358 12.19 4.59 48.34
N HIS F 359 11.96 4.89 49.61
CA HIS F 359 11.57 6.24 50.05
C HIS F 359 12.30 6.53 51.36
N VAL F 360 12.78 7.76 51.48
CA VAL F 360 13.43 8.20 52.72
C VAL F 360 12.31 8.52 53.73
N PHE F 361 11.99 7.58 54.59
CA PHE F 361 11.08 7.84 55.68
C PHE F 361 11.80 8.67 56.74
N ARG F 362 11.11 9.68 57.23
CA ARG F 362 11.65 10.51 58.30
C ARG F 362 10.64 10.71 59.42
N LYS F 363 11.13 11.14 60.58
CA LYS F 363 10.31 11.24 61.80
C LYS F 363 9.69 12.63 61.95
N GLN F 364 10.32 13.67 61.39
CA GLN F 364 9.83 15.05 61.41
C GLN F 364 9.81 15.67 59.99
N HIS F 365 8.96 16.68 59.82
CA HIS F 365 8.96 17.50 58.60
C HIS F 365 10.06 18.58 58.69
N PRO F 366 10.87 18.78 57.62
CA PRO F 366 11.84 19.89 57.61
C PRO F 366 11.29 21.28 57.22
N TYR F 367 10.02 21.37 56.83
CA TYR F 367 9.46 22.59 56.22
C TYR F 367 8.35 23.26 57.07
N THR F 368 8.03 24.50 56.71
CA THR F 368 7.04 25.32 57.43
C THR F 368 5.60 24.85 57.17
N PHE F 369 4.75 25.03 58.17
CA PHE F 369 3.30 24.91 58.05
C PHE F 369 2.68 26.25 58.46
N PRO F 370 2.06 26.99 57.51
CA PRO F 370 1.19 28.11 57.89
C PRO F 370 0.09 27.73 58.93
N GLY F 371 0.36 28.00 60.20
CA GLY F 371 -0.55 27.72 61.32
C GLY F 371 -0.23 26.50 62.20
N GLY F 372 0.97 25.92 62.06
CA GLY F 372 1.37 24.71 62.81
C GLY F 372 0.93 23.40 62.16
N SER F 373 1.77 22.37 62.23
CA SER F 373 1.48 21.07 61.56
C SER F 373 0.34 20.26 62.21
N GLY F 374 0.21 20.34 63.53
CA GLY F 374 -0.92 19.74 64.24
C GLY F 374 -2.26 20.21 63.66
N THR F 375 -2.36 21.52 63.46
CA THR F 375 -3.59 22.17 62.96
C THR F 375 -3.88 21.88 61.48
N VAL F 376 -2.86 21.96 60.63
CA VAL F 376 -3.02 21.70 59.18
C VAL F 376 -3.45 20.25 58.93
N PHE F 377 -2.77 19.30 59.58
CA PHE F 377 -3.13 17.86 59.50
C PHE F 377 -4.59 17.64 59.92
N ALA F 378 -5.00 18.30 61.02
CA ALA F 378 -6.37 18.15 61.51
C ALA F 378 -7.42 18.71 60.53
N ARG F 379 -7.14 19.88 59.98
CA ARG F 379 -8.01 20.52 58.99
C ARG F 379 -8.19 19.62 57.76
N ASN F 380 -7.08 19.17 57.19
CA ASN F 380 -7.10 18.31 55.99
C ASN F 380 -7.88 17.04 56.31
N THR F 381 -7.61 16.43 57.46
CA THR F 381 -8.29 15.21 57.89
C THR F 381 -9.81 15.42 58.05
N ARG F 382 -10.17 16.52 58.70
CA ARG F 382 -11.60 16.88 58.83
C ARG F 382 -12.27 17.05 57.47
N ARG F 383 -11.60 17.70 56.54
CA ARG F 383 -12.17 17.87 55.20
C ARG F 383 -12.44 16.53 54.56
N ALA F 384 -11.55 15.56 54.80
CA ALA F 384 -11.80 14.18 54.35
C ALA F 384 -13.01 13.59 55.06
N ALA F 385 -13.02 13.70 56.38
CA ALA F 385 -14.06 13.05 57.18
C ALA F 385 -15.46 13.59 56.92
N GLU F 386 -15.57 14.92 56.85
CA GLU F 386 -16.88 15.56 56.65
C GLU F 386 -17.49 15.23 55.29
N VAL F 387 -16.63 15.04 54.29
CA VAL F 387 -17.11 14.78 52.95
C VAL F 387 -17.49 13.33 52.76
N TRP F 388 -16.65 12.42 53.28
CA TRP F 388 -16.70 11.01 52.87
C TRP F 388 -17.29 10.05 53.90
N MET F 389 -17.17 10.36 55.18
CA MET F 389 -17.41 9.39 56.25
C MET F 389 -18.86 9.30 56.75
N ASP F 390 -19.74 10.18 56.27
CA ASP F 390 -21.13 10.23 56.76
C ASP F 390 -21.12 10.32 58.31
N GLU F 391 -21.90 9.52 59.01
CA GLU F 391 -22.01 9.61 60.48
C GLU F 391 -20.78 9.02 61.18
N TYR F 392 -20.05 8.19 60.46
CA TYR F 392 -18.89 7.53 61.00
C TYR F 392 -17.80 8.52 61.32
N LYS F 393 -17.91 9.76 60.83
CA LYS F 393 -17.04 10.85 61.28
C LYS F 393 -17.03 11.01 62.81
N ASN F 394 -18.16 10.72 63.46
CA ASN F 394 -18.28 10.88 64.90
C ASN F 394 -17.34 9.93 65.67
N PHE F 395 -17.01 8.78 65.09
CA PHE F 395 -16.02 7.89 65.70
C PHE F 395 -14.62 8.51 65.62
N TYR F 396 -14.31 9.23 64.54
CA TYR F 396 -13.05 10.00 64.46
C TYR F 396 -13.01 11.05 65.56
N TYR F 397 -14.10 11.82 65.69
CA TYR F 397 -14.21 12.86 66.71
C TYR F 397 -14.21 12.29 68.13
N ALA F 398 -14.80 11.12 68.33
CA ALA F 398 -14.68 10.38 69.60
C ALA F 398 -13.24 10.00 69.95
N ALA F 399 -12.40 9.69 68.95
CA ALA F 399 -10.99 9.38 69.19
C ALA F 399 -10.10 10.61 69.28
N VAL F 400 -10.47 11.68 68.59
CA VAL F 400 -9.68 12.92 68.62
C VAL F 400 -10.66 14.08 68.87
N PRO F 401 -11.10 14.26 70.13
CA PRO F 401 -12.08 15.32 70.39
C PRO F 401 -11.54 16.72 70.09
N SER F 402 -10.24 16.93 70.22
CA SER F 402 -9.60 18.21 69.85
C SER F 402 -9.90 18.67 68.41
N ALA F 403 -10.15 17.71 67.52
CA ALA F 403 -10.48 18.01 66.14
C ALA F 403 -11.82 18.74 65.92
N ARG F 404 -12.81 18.57 66.81
CA ARG F 404 -14.11 19.29 66.62
C ARG F 404 -13.97 20.81 66.59
N ASN F 405 -12.88 21.34 67.17
CA ASN F 405 -12.62 22.79 67.25
C ASN F 405 -11.74 23.37 66.14
N VAL F 406 -11.21 22.53 65.23
CA VAL F 406 -10.37 23.03 64.15
C VAL F 406 -11.25 23.40 62.96
N PRO F 407 -11.28 24.69 62.57
CA PRO F 407 -12.14 25.04 61.43
C PRO F 407 -11.59 24.48 60.13
N TYR F 408 -12.48 24.06 59.25
CA TYR F 408 -12.07 23.36 58.04
C TYR F 408 -12.39 24.00 56.68
N GLY F 409 -13.18 25.06 56.68
CA GLY F 409 -13.50 25.78 55.43
C GLY F 409 -14.69 25.20 54.69
N ASN F 410 -14.94 25.75 53.51
CA ASN F 410 -16.09 25.36 52.69
C ASN F 410 -15.79 24.03 52.01
N ILE F 411 -16.76 23.11 52.03
CA ILE F 411 -16.58 21.79 51.42
C ILE F 411 -17.63 21.48 50.35
N GLN F 412 -18.29 22.53 49.87
CA GLN F 412 -19.47 22.36 49.03
C GLN F 412 -19.12 21.75 47.69
N SER F 413 -18.03 22.21 47.06
CA SER F 413 -17.62 21.66 45.74
C SER F 413 -17.32 20.16 45.83
N ARG F 414 -16.69 19.75 46.93
CA ARG F 414 -16.42 18.33 47.22
C ARG F 414 -17.68 17.52 47.44
N LEU F 415 -18.60 18.06 48.22
CA LEU F 415 -19.92 17.41 48.41
C LEU F 415 -20.67 17.20 47.11
N GLU F 416 -20.68 18.20 46.23
CA GLU F 416 -21.36 18.09 44.92
C GLU F 416 -20.64 17.14 43.99
N LEU F 417 -19.31 17.13 44.08
CA LEU F 417 -18.50 16.14 43.39
C LEU F 417 -18.95 14.73 43.78
N ARG F 418 -19.11 14.50 45.07
CA ARG F 418 -19.65 13.22 45.54
C ARG F 418 -21.02 12.87 44.92
N LYS F 419 -21.90 13.86 44.84
CA LYS F 419 -23.27 13.68 44.28
C LYS F 419 -23.16 13.37 42.81
N LYS F 420 -22.47 14.24 42.09
CA LYS F 420 -22.22 14.05 40.64
C LYS F 420 -21.74 12.64 40.27
N LEU F 421 -20.86 12.07 41.08
CA LEU F 421 -20.26 10.75 40.82
C LEU F 421 -21.04 9.53 41.28
N SER F 422 -22.12 9.70 42.03
CA SER F 422 -22.94 8.55 42.53
C SER F 422 -22.11 7.65 43.45
N CYS F 423 -21.39 8.27 44.36
CA CYS F 423 -20.52 7.54 45.24
C CYS F 423 -21.34 6.87 46.34
N LYS F 424 -20.88 5.67 46.74
CA LYS F 424 -21.58 4.86 47.72
C LYS F 424 -21.31 5.40 49.12
N PRO F 425 -22.16 5.04 50.10
CA PRO F 425 -21.97 5.59 51.45
C PRO F 425 -20.79 4.99 52.21
N PHE F 426 -20.31 5.67 53.24
CA PHE F 426 -19.16 5.16 54.00
C PHE F 426 -19.41 3.79 54.59
N LYS F 427 -20.67 3.53 54.95
CA LYS F 427 -21.07 2.21 55.42
C LYS F 427 -20.70 1.13 54.38
N TRP F 428 -20.95 1.40 53.11
CA TRP F 428 -20.56 0.48 52.05
C TRP F 428 -19.03 0.21 52.04
N TYR F 429 -18.26 1.28 52.24
CA TYR F 429 -16.79 1.21 52.27
C TYR F 429 -16.36 0.27 53.39
N LEU F 430 -16.95 0.44 54.56
CA LEU F 430 -16.62 -0.39 55.71
C LEU F 430 -16.98 -1.85 55.48
N GLU F 431 -18.10 -2.13 54.83
CA GLU F 431 -18.51 -3.54 54.66
C GLU F 431 -17.73 -4.24 53.56
N ASN F 432 -17.43 -3.53 52.49
CA ASN F 432 -16.87 -4.15 51.28
C ASN F 432 -15.37 -3.95 51.07
N VAL F 433 -14.81 -2.85 51.58
CA VAL F 433 -13.40 -2.50 51.37
C VAL F 433 -12.58 -2.75 52.63
N TYR F 434 -13.05 -2.22 53.77
CA TYR F 434 -12.30 -2.35 55.02
C TYR F 434 -13.11 -3.01 56.17
N PRO F 435 -13.58 -4.25 55.95
CA PRO F 435 -14.39 -4.93 56.97
C PRO F 435 -13.66 -5.28 58.26
N GLU F 436 -12.33 -5.33 58.23
CA GLU F 436 -11.57 -5.69 59.41
C GLU F 436 -11.34 -4.49 60.35
N LEU F 437 -11.82 -3.30 59.96
CA LEU F 437 -11.86 -2.16 60.88
C LEU F 437 -13.04 -2.35 61.82
N ARG F 438 -12.77 -2.50 63.10
CA ARG F 438 -13.83 -2.80 64.06
C ARG F 438 -14.66 -1.56 64.33
N VAL F 439 -15.95 -1.68 64.09
CA VAL F 439 -16.86 -0.55 64.09
C VAL F 439 -17.76 -0.66 65.33
N PRO F 440 -17.84 0.41 66.16
CA PRO F 440 -18.79 0.34 67.29
C PRO F 440 -20.22 0.19 66.84
N ASP F 441 -21.01 -0.51 67.65
CA ASP F 441 -22.46 -0.46 67.54
C ASP F 441 -22.90 0.99 67.76
N HIS F 442 -23.81 1.47 66.91
CA HIS F 442 -24.36 2.84 66.99
C HIS F 442 -24.74 3.31 68.42
N GLN F 443 -25.20 2.39 69.28
CA GLN F 443 -25.62 2.72 70.66
C GLN F 443 -24.58 2.46 71.78
N ASP F 444 -23.38 1.99 71.41
CA ASP F 444 -22.32 1.78 72.39
C ASP F 444 -21.97 3.10 73.06
N ILE F 445 -21.70 3.03 74.35
CA ILE F 445 -21.33 4.20 75.14
C ILE F 445 -19.84 4.45 74.99
N ALA F 446 -19.05 3.39 75.07
CA ALA F 446 -17.58 3.48 74.95
C ALA F 446 -17.07 2.27 74.20
N PHE F 447 -15.82 2.29 73.76
CA PHE F 447 -15.32 1.29 72.81
C PHE F 447 -13.82 1.29 72.72
N GLY F 448 -13.27 0.13 72.37
CA GLY F 448 -11.86 -0.01 72.05
C GLY F 448 -11.13 -0.83 73.08
N ALA F 449 -9.95 -0.38 73.47
CA ALA F 449 -9.21 -0.98 74.56
C ALA F 449 -9.63 -0.28 75.84
N LEU F 450 -9.48 -0.98 76.97
CA LEU F 450 -9.75 -0.39 78.27
C LEU F 450 -8.40 -0.32 78.96
N GLN F 451 -7.88 0.90 79.08
CA GLN F 451 -6.46 1.12 79.39
C GLN F 451 -6.26 1.52 80.84
N GLN F 452 -5.19 1.02 81.41
CA GLN F 452 -4.72 1.44 82.72
C GLN F 452 -3.22 1.54 82.59
N GLY F 453 -2.71 2.77 82.63
CA GLY F 453 -1.28 3.03 82.35
C GLY F 453 -0.97 2.57 80.95
N THR F 454 0.02 1.70 80.81
CA THR F 454 0.34 1.07 79.54
C THR F 454 -0.25 -0.32 79.41
N ASN F 455 -1.04 -0.73 80.41
CA ASN F 455 -1.73 -2.02 80.40
C ASN F 455 -3.16 -1.90 79.86
N CYS F 456 -3.65 -3.02 79.32
CA CYS F 456 -4.99 -3.11 78.71
C CYS F 456 -5.76 -4.32 79.26
N LEU F 457 -7.06 -4.11 79.54
CA LEU F 457 -7.95 -5.23 79.92
C LEU F 457 -7.83 -6.34 78.88
N ASP F 458 -7.61 -7.56 79.32
CA ASP F 458 -7.33 -8.68 78.43
C ASP F 458 -8.06 -9.94 78.89
N THR F 459 -8.72 -10.64 77.97
CA THR F 459 -9.36 -11.90 78.30
C THR F 459 -8.38 -12.99 78.67
N LEU F 460 -7.10 -12.83 78.33
CA LEU F 460 -6.10 -13.88 78.55
C LEU F 460 -6.42 -15.16 77.77
N GLY F 461 -7.13 -15.04 76.64
CA GLY F 461 -7.62 -16.20 75.89
C GLY F 461 -8.69 -17.02 76.58
N HIS F 462 -9.27 -16.51 77.67
CA HIS F 462 -10.25 -17.25 78.46
C HIS F 462 -11.62 -17.07 77.81
N PHE F 463 -12.52 -17.95 78.15
CA PHE F 463 -13.90 -17.93 77.68
C PHE F 463 -14.85 -17.91 78.86
N ALA F 464 -16.11 -18.30 78.70
CA ALA F 464 -17.06 -18.23 79.79
C ALA F 464 -16.58 -19.00 81.01
N ASP F 465 -16.84 -18.40 82.19
CA ASP F 465 -16.41 -18.89 83.50
C ASP F 465 -14.91 -18.69 83.75
N GLY F 466 -14.23 -17.94 82.87
CA GLY F 466 -12.83 -17.64 83.06
C GLY F 466 -12.64 -16.26 83.69
N VAL F 467 -11.48 -16.10 84.32
CA VAL F 467 -11.04 -14.83 84.84
C VAL F 467 -10.47 -13.98 83.71
N VAL F 468 -10.23 -12.73 84.03
CA VAL F 468 -9.81 -11.75 83.10
C VAL F 468 -8.58 -11.08 83.73
N GLY F 469 -7.79 -10.40 82.94
CA GLY F 469 -6.54 -9.80 83.41
C GLY F 469 -6.10 -8.58 82.61
N VAL F 470 -4.80 -8.33 82.64
CA VAL F 470 -4.16 -7.30 81.82
C VAL F 470 -2.88 -7.81 81.19
N TYR F 471 -2.57 -7.28 80.01
CA TYR F 471 -1.25 -7.37 79.39
C TYR F 471 -0.96 -5.98 78.84
N GLU F 472 0.28 -5.74 78.45
CA GLU F 472 0.65 -4.49 77.79
C GLU F 472 -0.19 -4.25 76.54
N CYS F 473 -0.68 -3.01 76.35
CA CYS F 473 -1.51 -2.66 75.20
C CYS F 473 -0.74 -2.83 73.91
N HIS F 474 -1.32 -3.57 72.97
CA HIS F 474 -0.70 -3.76 71.66
C HIS F 474 -1.47 -3.04 70.52
N ASN F 475 -2.59 -2.37 70.82
CA ASN F 475 -3.40 -1.64 69.82
C ASN F 475 -3.79 -2.43 68.55
N ALA F 476 -3.90 -3.74 68.72
CA ALA F 476 -4.14 -4.69 67.64
C ALA F 476 -5.47 -5.45 67.82
N GLY F 477 -6.35 -4.96 68.71
CA GLY F 477 -7.63 -5.62 68.96
C GLY F 477 -7.53 -6.96 69.66
N GLY F 478 -8.18 -7.99 69.10
CA GLY F 478 -8.12 -9.36 69.61
C GLY F 478 -8.69 -9.41 71.02
N ASN F 479 -7.91 -9.96 71.94
CA ASN F 479 -8.31 -10.09 73.35
C ASN F 479 -8.35 -8.80 74.18
N GLN F 480 -7.99 -7.67 73.57
CA GLN F 480 -8.08 -6.36 74.21
C GLN F 480 -9.19 -5.49 73.62
N GLU F 481 -10.05 -6.08 72.81
CA GLU F 481 -11.23 -5.40 72.27
C GLU F 481 -12.42 -5.47 73.25
N TRP F 482 -12.93 -4.31 73.65
CA TRP F 482 -14.07 -4.25 74.53
C TRP F 482 -14.99 -3.16 74.09
N ALA F 483 -16.19 -3.19 74.67
CA ALA F 483 -17.18 -2.15 74.47
C ALA F 483 -17.93 -1.97 75.78
N LEU F 484 -18.42 -0.75 76.01
CA LEU F 484 -19.40 -0.49 77.04
C LEU F 484 -20.69 -0.27 76.30
N THR F 485 -21.66 -1.15 76.52
CA THR F 485 -22.85 -1.20 75.69
C THR F 485 -23.99 -0.27 76.19
N LYS F 486 -25.02 -0.11 75.35
CA LYS F 486 -26.31 0.50 75.73
C LYS F 486 -26.86 -0.17 77.00
N GLU F 487 -26.67 -1.47 77.13
CA GLU F 487 -27.11 -2.25 78.30
C GLU F 487 -26.18 -2.14 79.52
N LYS F 488 -25.15 -1.28 79.47
CA LYS F 488 -24.23 -1.01 80.58
C LYS F 488 -23.27 -2.18 80.88
N SER F 489 -23.06 -3.09 79.92
CA SER F 489 -22.14 -4.21 80.09
C SER F 489 -20.80 -3.95 79.43
N VAL F 490 -19.75 -4.55 79.96
CA VAL F 490 -18.41 -4.41 79.39
C VAL F 490 -18.17 -5.72 78.66
N LYS F 491 -18.38 -5.72 77.33
CA LYS F 491 -18.34 -6.95 76.56
C LYS F 491 -17.15 -7.10 75.62
N HIS F 492 -16.74 -8.36 75.48
CA HIS F 492 -15.84 -8.83 74.44
C HIS F 492 -16.61 -9.94 73.72
N MET F 493 -16.82 -9.78 72.42
CA MET F 493 -17.65 -10.71 71.64
C MET F 493 -19.04 -10.76 72.27
N ASP F 494 -19.50 -11.91 72.78
CA ASP F 494 -20.76 -12.04 73.50
C ASP F 494 -20.52 -12.45 74.97
N LEU F 495 -19.33 -12.16 75.48
CA LEU F 495 -18.98 -12.37 76.88
C LEU F 495 -18.85 -11.04 77.62
N CYS F 496 -19.24 -11.03 78.88
CA CYS F 496 -19.42 -9.81 79.65
C CYS F 496 -18.75 -9.96 80.99
N LEU F 497 -18.15 -8.89 81.47
CA LEU F 497 -17.53 -8.88 82.79
C LEU F 497 -18.67 -9.00 83.80
N THR F 498 -18.55 -10.01 84.66
CA THR F 498 -19.65 -10.42 85.54
C THR F 498 -19.18 -10.46 87.00
N VAL F 499 -19.91 -9.74 87.85
CA VAL F 499 -19.64 -9.71 89.29
C VAL F 499 -20.34 -10.92 89.92
N VAL F 500 -19.57 -11.97 90.09
CA VAL F 500 -20.07 -13.24 90.58
C VAL F 500 -20.28 -13.19 92.10
N ASP F 501 -19.51 -12.35 92.77
CA ASP F 501 -19.47 -12.32 94.23
C ASP F 501 -19.07 -10.88 94.61
N ARG F 502 -19.86 -10.28 95.49
CA ARG F 502 -19.71 -8.85 95.82
C ARG F 502 -18.75 -8.60 96.96
N ALA F 503 -18.30 -9.66 97.65
CA ALA F 503 -17.29 -9.49 98.69
C ALA F 503 -16.05 -8.84 98.09
N PRO F 504 -15.58 -7.73 98.67
CA PRO F 504 -14.37 -7.10 98.15
C PRO F 504 -13.22 -8.06 98.00
N GLY F 505 -12.48 -7.96 96.91
CA GLY F 505 -11.39 -8.88 96.60
C GLY F 505 -11.79 -10.07 95.77
N SER F 506 -13.09 -10.24 95.53
CA SER F 506 -13.57 -11.37 94.73
C SER F 506 -13.21 -11.19 93.26
N LEU F 507 -12.77 -12.26 92.63
CA LEU F 507 -12.48 -12.26 91.21
C LEU F 507 -13.74 -12.05 90.38
N ILE F 508 -13.65 -11.27 89.32
CA ILE F 508 -14.75 -11.21 88.36
C ILE F 508 -14.57 -12.30 87.30
N LYS F 509 -15.64 -12.59 86.57
CA LYS F 509 -15.64 -13.64 85.58
C LYS F 509 -16.29 -13.19 84.29
N LEU F 510 -15.80 -13.78 83.21
CA LEU F 510 -16.43 -13.72 81.92
C LEU F 510 -17.62 -14.67 81.91
N GLN F 511 -18.80 -14.16 81.52
CA GLN F 511 -19.95 -15.00 81.27
C GLN F 511 -20.75 -14.45 80.09
N GLY F 512 -21.55 -15.31 79.48
CA GLY F 512 -22.42 -14.92 78.37
C GLY F 512 -23.24 -13.72 78.73
N CYS F 513 -23.30 -12.73 77.86
CA CYS F 513 -24.06 -11.49 78.13
C CYS F 513 -25.57 -11.77 78.17
N ARG F 514 -26.23 -11.19 79.17
CA ARG F 514 -27.69 -11.16 79.31
C ARG F 514 -28.10 -9.76 79.72
N GLU F 515 -29.07 -9.16 79.00
CA GLU F 515 -29.60 -7.81 79.34
C GLU F 515 -30.16 -7.74 80.77
N ASP F 516 -30.79 -8.82 81.25
CA ASP F 516 -31.43 -8.86 82.59
C ASP F 516 -30.48 -9.03 83.81
N ASP F 517 -29.24 -9.45 83.58
CA ASP F 517 -28.31 -9.79 84.65
C ASP F 517 -27.69 -8.55 85.29
N SER F 518 -28.19 -8.19 86.47
CA SER F 518 -27.68 -7.00 87.17
C SER F 518 -26.18 -7.12 87.51
N ARG F 519 -25.68 -8.36 87.61
CA ARG F 519 -24.27 -8.60 87.93
C ARG F 519 -23.29 -8.19 86.80
N GLN F 520 -23.83 -7.84 85.62
CA GLN F 520 -23.05 -7.43 84.48
C GLN F 520 -23.11 -5.94 84.18
N LYS F 521 -23.67 -5.13 85.09
CA LYS F 521 -23.84 -3.69 84.86
C LYS F 521 -22.72 -2.87 85.45
N TRP F 522 -22.19 -1.96 84.63
CA TRP F 522 -21.06 -1.12 84.96
C TRP F 522 -21.34 0.29 84.46
N GLU F 523 -20.68 1.24 85.12
CA GLU F 523 -20.82 2.64 84.76
C GLU F 523 -19.51 3.33 84.95
N GLN F 524 -19.24 4.28 84.05
CA GLN F 524 -18.03 5.10 84.14
C GLN F 524 -18.29 6.18 85.19
N ILE F 525 -17.27 6.51 85.98
CA ILE F 525 -17.37 7.57 86.97
C ILE F 525 -16.10 8.40 87.00
N GLU F 526 -16.15 9.51 87.75
CA GLU F 526 -14.99 10.37 87.98
C GLU F 526 -14.35 10.79 86.65
N GLY F 527 -15.20 11.35 85.77
CA GLY F 527 -14.76 11.84 84.46
C GLY F 527 -14.24 10.73 83.56
N ASN F 528 -15.02 9.66 83.44
CA ASN F 528 -14.67 8.49 82.61
C ASN F 528 -13.26 7.90 82.89
N SER F 529 -12.87 7.87 84.16
CA SER F 529 -11.55 7.37 84.59
C SER F 529 -11.60 6.06 85.40
N LYS F 530 -12.79 5.60 85.80
CA LYS F 530 -12.96 4.36 86.57
C LYS F 530 -14.22 3.64 86.12
N LEU F 531 -14.39 2.40 86.60
CA LEU F 531 -15.60 1.61 86.34
C LEU F 531 -16.17 1.05 87.63
N ARG F 532 -17.39 1.46 87.92
CA ARG F 532 -18.06 1.04 89.11
C ARG F 532 -19.17 0.06 88.74
N HIS F 533 -19.32 -0.98 89.55
CA HIS F 533 -20.43 -1.91 89.41
C HIS F 533 -21.72 -1.21 89.87
N VAL F 534 -22.69 -1.10 88.97
CA VAL F 534 -23.94 -0.35 89.20
C VAL F 534 -24.70 -0.90 90.40
N GLY F 535 -25.16 0.00 91.25
CA GLY F 535 -25.89 -0.35 92.47
C GLY F 535 -24.99 -0.91 93.56
N SER F 536 -23.72 -0.52 93.56
CA SER F 536 -22.78 -0.98 94.58
C SER F 536 -21.75 0.12 94.78
N ASN F 537 -20.83 -0.07 95.73
CA ASN F 537 -19.65 0.78 95.83
C ASN F 537 -18.40 -0.05 95.53
N LEU F 538 -18.52 -0.93 94.53
CA LEU F 538 -17.42 -1.75 94.05
C LEU F 538 -16.91 -1.23 92.71
N CYS F 539 -15.58 -1.23 92.56
CA CYS F 539 -14.93 -0.73 91.36
C CYS F 539 -14.03 -1.80 90.77
N LEU F 540 -13.89 -1.80 89.44
CA LEU F 540 -13.00 -2.75 88.78
C LEU F 540 -11.57 -2.48 89.20
N ASP F 541 -10.82 -3.52 89.58
CA ASP F 541 -9.50 -3.36 90.18
C ASP F 541 -8.48 -4.39 89.71
N SER F 542 -7.24 -3.96 89.47
CA SER F 542 -6.15 -4.82 88.92
C SER F 542 -5.15 -5.29 89.95
N ARG F 543 -5.34 -4.97 91.22
CA ARG F 543 -4.28 -5.33 92.19
C ARG F 543 -3.95 -6.83 92.27
N THR F 544 -4.93 -7.68 91.97
CA THR F 544 -4.71 -9.16 91.95
C THR F 544 -4.53 -9.73 90.53
N ALA F 545 -4.40 -8.87 89.54
CA ALA F 545 -4.36 -9.27 88.10
C ALA F 545 -3.39 -10.37 87.71
N LYS F 546 -2.21 -10.37 88.33
CA LYS F 546 -1.20 -11.40 87.99
C LYS F 546 -1.22 -12.53 89.01
N SER F 547 -2.15 -12.49 89.97
CA SER F 547 -2.24 -13.50 91.03
C SER F 547 -3.70 -13.99 91.24
N GLY F 548 -4.41 -14.17 90.15
CA GLY F 548 -5.82 -14.62 90.19
C GLY F 548 -6.64 -14.01 89.06
N GLY F 549 -6.55 -12.69 88.90
CA GLY F 549 -7.27 -11.95 87.89
C GLY F 549 -7.87 -10.66 88.43
N LEU F 550 -8.61 -9.95 87.56
CA LEU F 550 -9.23 -8.73 87.98
C LEU F 550 -10.30 -8.99 89.00
N SER F 551 -10.48 -8.00 89.87
CA SER F 551 -11.35 -8.15 91.00
C SER F 551 -12.23 -6.94 91.16
N VAL F 552 -13.15 -7.10 92.07
CA VAL F 552 -14.04 -6.05 92.45
C VAL F 552 -13.50 -5.65 93.85
N GLU F 553 -13.32 -4.35 94.05
CA GLU F 553 -12.81 -3.79 95.33
C GLU F 553 -13.62 -2.56 95.69
N VAL F 554 -13.57 -2.20 96.96
CA VAL F 554 -14.30 -1.00 97.38
C VAL F 554 -13.66 0.21 96.66
N CYS F 555 -14.53 1.08 96.08
CA CYS F 555 -14.06 2.21 95.30
C CYS F 555 -13.26 3.15 96.15
N GLY F 556 -12.06 3.46 95.68
CA GLY F 556 -11.15 4.30 96.39
C GLY F 556 -10.07 4.88 95.48
N PRO F 557 -9.24 5.76 96.02
CA PRO F 557 -8.22 6.48 95.24
C PRO F 557 -7.07 5.70 94.58
N ALA F 558 -7.09 4.36 94.56
CA ALA F 558 -5.94 3.59 94.05
C ALA F 558 -5.77 3.64 92.51
N LEU F 559 -4.51 3.56 92.08
CA LEU F 559 -4.16 3.52 90.63
C LEU F 559 -4.68 2.28 89.93
N SER F 560 -4.74 1.19 90.68
CA SER F 560 -5.28 -0.08 90.19
C SER F 560 -6.80 -0.05 89.84
N GLN F 561 -7.51 1.02 90.15
CA GLN F 561 -8.92 1.21 89.74
C GLN F 561 -9.12 2.24 88.62
N GLN F 562 -8.03 2.70 87.99
CA GLN F 562 -8.11 3.64 86.84
C GLN F 562 -8.25 2.85 85.54
N TRP F 563 -9.30 3.15 84.78
CA TRP F 563 -9.57 2.51 83.50
C TRP F 563 -10.22 3.52 82.57
N LYS F 564 -9.69 3.63 81.34
CA LYS F 564 -10.22 4.54 80.33
C LYS F 564 -10.38 3.80 79.00
N PHE F 565 -11.55 3.92 78.40
CA PHE F 565 -11.79 3.42 77.05
C PHE F 565 -11.12 4.37 76.04
N THR F 566 -10.56 3.82 74.96
CA THR F 566 -9.92 4.65 73.94
C THR F 566 -10.93 5.49 73.14
N LEU F 567 -12.17 5.01 72.95
CA LEU F 567 -13.26 5.86 72.43
C LEU F 567 -14.39 6.01 73.42
N ASN F 568 -14.81 7.25 73.66
CA ASN F 568 -15.99 7.58 74.45
C ASN F 568 -16.92 8.38 73.55
N LEU F 569 -18.15 7.91 73.41
CA LEU F 569 -19.12 8.59 72.54
C LEU F 569 -19.72 9.80 73.25
MN MN G . -20.82 6.10 3.68
N1 UDP H . -21.68 13.78 4.41
C2 UDP H . -21.40 15.15 4.64
N3 UDP H . -22.43 16.03 4.53
C4 UDP H . -23.71 15.65 4.24
C5 UDP H . -23.98 14.30 4.00
C6 UDP H . -22.94 13.38 4.09
O2 UDP H . -20.25 15.57 4.92
O4 UDP H . -24.65 16.48 4.18
C1' UDP H . -20.63 12.80 4.49
C2' UDP H . -20.93 11.65 5.44
O2' UDP H . -20.69 12.02 6.81
C3' UDP H . -20.00 10.59 4.82
C4' UDP H . -20.05 10.88 3.32
O4' UDP H . -20.48 12.23 3.19
O3' UDP H . -18.63 10.71 5.24
C5' UDP H . -20.95 9.97 2.46
O5' UDP H . -22.27 9.90 2.97
PA UDP H . -22.98 8.57 3.48
O1A UDP H . -24.08 9.13 4.32
O2A UDP H . -21.92 7.68 4.18
O3A UDP H . -23.57 7.99 2.13
PB UDP H . -23.24 6.48 1.72
O1B UDP H . -24.11 5.75 2.74
O2B UDP H . -23.71 6.55 0.32
O3B UDP H . -21.76 6.25 1.92
C1 EDO I . -14.67 -4.96 -5.97
O1 EDO I . -14.68 -5.49 -7.36
C2 EDO I . -15.93 -4.43 -5.24
O2 EDO I . -15.82 -3.19 -4.40
C1 EDO J . -22.03 8.12 -2.80
O1 EDO J . -20.76 8.84 -2.96
C2 EDO J . -23.22 8.99 -3.26
O2 EDO J . -23.31 10.32 -2.61
C1 EDO K . -19.59 3.97 -0.64
O1 EDO K . -19.18 4.83 -1.72
C2 EDO K . -21.05 4.24 -0.25
O2 EDO K . -22.03 3.40 -0.96
C1 EDO L . -56.95 -5.13 -10.72
O1 EDO L . -57.06 -6.34 -9.95
C2 EDO L . -55.99 -4.10 -10.11
O2 EDO L . -55.01 -4.67 -9.21
C1 EDO M . -30.69 6.40 -29.82
O1 EDO M . -31.70 5.40 -29.69
C2 EDO M . -31.03 7.57 -28.91
O2 EDO M . -31.86 7.14 -27.83
C1 LU2 N . -19.98 -3.27 -1.22
O1 LU2 N . -17.74 -3.42 -2.18
C2 LU2 N . -18.96 -3.88 -2.00
O2 LU2 N . -20.65 -6.66 -3.23
C3 LU2 N . -19.18 -5.02 -2.67
O3 LU2 N . -22.93 -6.39 -2.50
C4 LU2 N . -20.42 -5.52 -2.55
O4 LU2 N . -22.38 -3.27 -0.29
C5 LU2 N . -21.45 -4.95 -1.76
O5 LU2 N . -26.35 -2.22 3.12
C6 LU2 N . -21.27 -3.78 -1.07
O6 LU2 N . -28.50 -2.22 1.63
C7 LU2 N . -22.69 -5.51 -1.74
C8 LU2 N . -23.80 -4.96 -1.22
C9 LU2 N . -23.64 -3.89 -0.41
C10 LU2 N . -24.85 -3.43 0.13
C11 LU2 N . -24.97 -3.05 1.45
C12 LU2 N . -26.21 -2.64 1.88
C13 LU2 N . -27.33 -2.63 1.09
C14 LU2 N . -27.26 -3.04 -0.23
C15 LU2 N . -26.02 -3.44 -0.69
MN MN O . -34.90 -37.22 -34.58
N1 UDP P . -32.53 -44.59 -35.91
C2 UDP P . -32.09 -45.73 -36.61
N3 UDP P . -31.80 -46.85 -35.90
C4 UDP P . -31.93 -46.92 -34.55
C5 UDP P . -32.34 -45.79 -33.87
C6 UDP P . -32.64 -44.62 -34.56
O2 UDP P . -31.97 -45.70 -37.86
O4 UDP P . -31.67 -47.96 -33.91
C1' UDP P . -32.83 -43.38 -36.67
C2' UDP P . -34.18 -42.75 -36.28
O2' UDP P . -35.29 -43.36 -36.91
C3' UDP P . -33.89 -41.36 -36.75
C4' UDP P . -32.41 -41.15 -36.43
O4' UDP P . -31.80 -42.43 -36.47
O3' UDP P . -34.14 -41.25 -38.15
C5' UDP P . -32.16 -40.47 -35.06
O5' UDP P . -32.98 -41.03 -34.02
PA UDP P . -34.09 -40.16 -33.24
O1A UDP P . -34.92 -41.09 -32.40
O2A UDP P . -34.91 -39.31 -34.20
O3A UDP P . -33.02 -39.29 -32.38
PB UDP P . -33.37 -37.82 -31.84
O1B UDP P . -32.20 -37.48 -30.94
O2B UDP P . -33.36 -36.85 -33.01
O3B UDP P . -34.72 -38.10 -31.19
C1 EDO Q . -27.91 -38.52 -31.97
O1 EDO Q . -27.71 -37.63 -33.08
C2 EDO Q . -29.25 -38.19 -31.41
O2 EDO Q . -29.57 -36.81 -31.53
C1 LU2 R . -35.12 -27.25 -30.71
O1 LU2 R . -34.10 -25.77 -32.48
C2 LU2 R . -34.32 -26.17 -31.19
O2 LU2 R . -33.06 -24.92 -28.12
C3 LU2 R . -33.63 -25.40 -30.32
O3 LU2 R . -33.82 -26.54 -26.28
C4 LU2 R . -33.75 -25.70 -28.98
O4 LU2 R . -36.03 -28.63 -28.77
C5 LU2 R . -34.52 -26.77 -28.46
O5 LU2 R . -39.64 -32.08 -27.30
C6 LU2 R . -35.24 -27.58 -29.33
O6 LU2 R . -39.23 -32.40 -24.65
C7 LU2 R . -34.56 -27.05 -27.10
C8 LU2 R . -35.17 -28.13 -26.60
C9 LU2 R . -35.89 -28.97 -27.42
C10 LU2 R . -36.72 -29.90 -26.75
C11 LU2 R . -37.78 -30.53 -27.41
C12 LU2 R . -38.61 -31.40 -26.70
C13 LU2 R . -38.40 -31.59 -25.32
C14 LU2 R . -37.40 -30.96 -24.63
C15 LU2 R . -36.58 -30.12 -25.35
MN MN S . 24.75 15.12 -24.95
N1 UDP T . 26.54 22.45 -22.60
C2 UDP T . 26.81 23.53 -21.74
N3 UDP T . 27.35 24.62 -22.28
C4 UDP T . 27.64 24.67 -23.61
C5 UDP T . 27.38 23.61 -24.45
C6 UDP T . 26.82 22.49 -23.92
O2 UDP T . 26.57 23.47 -20.50
O4 UDP T . 28.15 25.66 -24.14
C1' UDP T . 25.94 21.24 -22.04
C2' UDP T . 24.77 20.66 -22.87
O2' UDP T . 23.49 21.34 -22.71
C3' UDP T . 24.89 19.19 -22.40
C4' UDP T . 26.41 18.97 -22.24
O4' UDP T . 26.94 20.27 -22.00
O3' UDP T . 24.25 18.85 -21.15
C5' UDP T . 27.15 18.34 -23.44
O5' UDP T . 26.68 18.93 -24.65
PA UDP T . 26.03 18.09 -25.84
O1A UDP T . 25.69 19.06 -26.95
O2A UDP T . 25.01 17.06 -25.28
O3A UDP T . 27.22 17.16 -26.35
PB UDP T . 26.96 15.79 -27.19
O1B UDP T . 26.64 14.63 -26.25
O2B UDP T . 28.33 15.67 -27.80
O3B UDP T . 25.89 16.21 -28.15
C1 EDO U . 30.40 32.48 -13.69
O1 EDO U . 30.35 32.94 -15.06
C2 EDO U . 29.69 33.46 -12.75
O2 EDO U . 30.61 33.93 -11.76
MN MN V . -6.71 50.04 0.64
N1 UDP W . -5.91 42.25 0.78
C2 UDP W . -6.19 40.87 0.63
N3 UDP W . -5.21 40.00 0.83
C4 UDP W . -3.97 40.40 1.18
C5 UDP W . -3.68 41.76 1.32
C6 UDP W . -4.68 42.69 1.11
O2 UDP W . -7.30 40.41 0.31
O4 UDP W . -3.06 39.57 1.36
C1' UDP W . -6.98 43.22 0.56
C2' UDP W . -7.08 44.29 1.71
O2' UDP W . -7.73 43.88 2.96
C3' UDP W . -7.73 45.42 0.93
C4' UDP W . -7.19 45.28 -0.50
O4' UDP W . -6.83 43.88 -0.73
O3' UDP W . -9.18 45.30 1.03
C5' UDP W . -6.02 46.21 -0.86
O5' UDP W . -4.94 46.14 0.07
PA UDP W . -4.55 47.50 0.81
O1A UDP W . -5.74 48.34 1.27
O2A UDP W . -3.49 47.14 1.80
O3A UDP W . -3.78 48.28 -0.35
PB UDP W . -3.71 49.88 -0.39
O1B UDP W . -3.14 50.15 1.01
O2B UDP W . -2.79 50.03 -1.60
O3B UDP W . -5.09 50.46 -0.58
C1 EDO X . -8.37 28.94 -2.13
O1 EDO X . -7.51 29.23 -0.96
C2 EDO X . -9.63 28.10 -1.76
O2 EDO X . -9.75 27.87 -0.33
C1 LU2 Y . -5.91 59.87 -3.12
O1 LU2 Y . -7.67 60.25 -4.80
C2 LU2 Y . -6.57 60.64 -4.09
O2 LU2 Y . -4.55 63.53 -3.99
C3 LU2 Y . -6.08 61.87 -4.36
O3 LU2 Y . -2.63 63.10 -2.23
C4 LU2 Y . -4.98 62.31 -3.68
O4 LU2 Y . -4.11 59.50 -1.43
C5 LU2 Y . -4.29 61.55 -2.70
O5 LU2 Y . -2.52 60.42 3.69
C6 LU2 Y . -4.77 60.29 -2.40
O6 LU2 Y . -0.52 58.53 3.78
C7 LU2 Y . -3.15 62.02 -2.03
C8 LU2 Y . -2.49 61.25 -1.14
C9 LU2 Y . -2.93 59.98 -0.90
C10 LU2 Y . -2.28 59.46 0.19
C11 LU2 Y . -2.66 60.11 1.37
C12 LU2 Y . -2.08 59.79 2.55
C13 LU2 Y . -1.07 58.82 2.58
C14 LU2 Y . -0.63 58.19 1.41
C15 LU2 Y . -1.23 58.52 0.19
MN MN Z . 12.35 -30.84 20.00
N1 UDP AA . 11.92 -30.14 27.88
C2 UDP AA . 11.36 -30.05 29.19
N3 UDP AA . 12.19 -29.96 30.24
C4 UDP AA . 13.51 -29.96 30.09
C5 UDP AA . 14.09 -30.06 28.84
C6 UDP AA . 13.25 -30.17 27.72
O2 UDP AA . 10.10 -30.02 29.38
O4 UDP AA . 14.22 -29.86 31.09
C1' UDP AA . 11.00 -30.25 26.75
C2' UDP AA . 11.23 -29.26 25.62
O2' UDP AA . 10.68 -27.94 25.87
C3' UDP AA . 10.55 -30.06 24.49
C4' UDP AA . 10.90 -31.52 24.80
O4' UDP AA . 11.06 -31.60 26.23
O3' UDP AA . 9.11 -29.90 24.46
C5' UDP AA . 12.14 -32.08 24.10
O5' UDP AA . 13.29 -31.26 24.20
PA UDP AA . 14.06 -30.61 22.93
O1A UDP AA . 14.93 -29.58 23.55
O2A UDP AA . 12.95 -30.18 21.96
O3A UDP AA . 14.79 -31.92 22.36
PB UDP AA . 15.03 -32.35 20.83
O1B UDP AA . 15.69 -31.09 20.32
O2B UDP AA . 15.95 -33.56 20.95
O3B UDP AA . 13.66 -32.65 20.19
C1 EDO BA . 14.49 -36.47 21.90
O1 EDO BA . 13.45 -37.19 22.63
C2 EDO BA . 15.87 -36.74 22.51
O2 EDO BA . 15.82 -36.88 23.96
MN MN CA . 8.14 11.48 51.51
N1 UDP DA . 6.01 18.90 49.46
C2 UDP DA . 5.56 19.97 48.66
N3 UDP DA . 5.12 21.07 49.27
C4 UDP DA . 5.11 21.17 50.60
C5 UDP DA . 5.53 20.14 51.40
C6 UDP DA . 5.97 19.00 50.80
O2 UDP DA . 5.57 19.90 47.40
O4 UDP DA . 4.68 22.19 51.19
C1' UDP DA . 6.53 17.68 48.80
C2' UDP DA . 7.85 17.10 49.42
O2' UDP DA . 9.14 17.74 49.13
C3' UDP DA . 7.76 15.65 48.94
C4' UDP DA . 6.24 15.35 48.89
O4' UDP DA . 5.56 16.62 48.79
O3' UDP DA . 8.41 15.47 47.66
C5' UDP DA . 5.71 14.63 50.14
O5' UDP DA . 6.19 15.24 51.34
PA UDP DA . 6.95 14.34 52.42
O1A UDP DA . 7.49 15.26 53.47
O2A UDP DA . 7.82 13.34 51.64
O3A UDP DA . 5.81 13.53 53.15
PB UDP DA . 6.20 12.15 53.84
O1B UDP DA . 7.28 12.67 54.80
O2B UDP DA . 4.86 11.79 54.44
O3B UDP DA . 6.55 11.10 52.77
C1 EDO EA . -22.34 4.44 82.00
O1 EDO EA . -20.95 4.77 81.87
C2 EDO EA . -22.59 3.05 81.42
O2 EDO EA . -23.73 2.40 81.98
#